data_8SXH
#
_entry.id   8SXH
#
_cell.length_a   1.00
_cell.length_b   1.00
_cell.length_c   1.00
_cell.angle_alpha   90.00
_cell.angle_beta   90.00
_cell.angle_gamma   90.00
#
_symmetry.space_group_name_H-M   'P 1'
#
loop_
_entity.id
_entity.type
_entity.pdbx_description
1 polymer 'Carboxyl-terminal protease'
2 polymer 'TPR repeat-containing protein PA4667'
3 polymer 'unidentified peptide'
#
loop_
_entity_poly.entity_id
_entity_poly.type
_entity_poly.pdbx_seq_one_letter_code
_entity_poly.pdbx_strand_id
1 'polypeptide(L)'
;GSHMSAPLPLDELRTFAEVLDRVKAAYVEPVDDKTLLENAIKGMLSNLDPHSAYLGPEDFAELQESTSGEFGGLGIEVGS
EDGFIKVVSPIDDTPAARAGIQPGDLIVQIDGKPTKGQSMTEAVDSMRGKAGSPITLTIVRDGGRPFDVELKRAIIKVKS
VKSQVLEPGYAYLRITQFQVNTGEEVVKALNQLRKDNKGRLKGLVLDLRNNPGGVLQSAVEVADAFLTKGLIVYTKGRIA
NSELRFSADPADPSDKVPLVVLINGGSAAAAEIVAGALQDQKRAILMGTDSFGKGSVQTVLPLNNDRALKLTTALYYTPN
GRSIQAQGIVPDIEVGRAKVTQERSSFEGFKEADLQGHLANGNGGADRPTGKRAAPSERPQDSDYQLSQALSLLKGLSVT
RGN
;
A,B,E,F,I,J
2 'polypeptide(L)'
;MEDTAVETKAKPEKYGSFSEDSLYSLLVAELAGQRNRFDIALSNYVVQAQKTRDPGVSERAFRIAEYLGADQEALDTSLL
WARSAPDNLDAQRAAAIQLARAGRYEESMVYMEKVLNGQGDTHFDFLALSAAETDPDTRAGLLQSFDHLLKKYPNNGQLL
FGKALLLQQDGRPDEALTLLEDNSASRHEVAPLLLRSRLLQSMKRSDEALPLLKAGIKEHPDDKRVRLAYARLLVEQNRL
DDAKAEFAGLVQQFPDDDDLRFSLALVCLEAQAWDEARIYLEELVERDSHVDAAHFNLGRLAEEQKDTARALDEYAQVGP
GNDFLPAQLRQTDVLLKAGRVDEAAQRLDKARSEQPDYAIQLYLIEAEALSNNDQQEKAWQAIQEGLKQYPEDLNLLYTR
SMLAEKRNDLAQMEKDLRFVIAREPDNAMALNALGYTLADRTTRYGEARELILKAHKLNPDDPAILDSMGWINYRQGKLA
DAERYLRQALQRYPDHEVAAHLGEVLWAQGRQGDARAIWREYLDKQPDSDVLRRTIKRLTGAETP
;
C,G,K
3 'polypeptide(L)' (UNK)(UNK)(UNK)(UNK)(UNK)(UNK)(UNK) D,H,L
#
# COMPACT_ATOMS: atom_id res chain seq x y z
N SER A 5 -59.41 40.18 -35.96
CA SER A 5 -59.22 40.37 -37.39
C SER A 5 -59.60 39.11 -38.16
N ALA A 6 -58.61 38.31 -38.54
CA ALA A 6 -58.88 37.09 -39.28
C ALA A 6 -59.63 36.10 -38.38
N PRO A 7 -60.56 35.32 -38.93
CA PRO A 7 -61.28 34.35 -38.10
C PRO A 7 -60.33 33.32 -37.50
N LEU A 8 -60.63 32.91 -36.28
CA LEU A 8 -59.82 31.91 -35.61
C LEU A 8 -59.87 30.60 -36.39
N PRO A 9 -58.80 29.79 -36.33
CA PRO A 9 -58.76 28.57 -37.13
C PRO A 9 -59.61 27.46 -36.54
N LEU A 10 -60.75 27.18 -37.17
CA LEU A 10 -61.64 26.15 -36.67
C LEU A 10 -61.03 24.76 -36.76
N ASP A 11 -60.08 24.54 -37.67
CA ASP A 11 -59.49 23.22 -37.82
C ASP A 11 -58.72 22.81 -36.57
N GLU A 12 -57.97 23.74 -35.98
CA GLU A 12 -57.22 23.41 -34.77
C GLU A 12 -58.15 23.06 -33.63
N LEU A 13 -59.21 23.85 -33.43
CA LEU A 13 -60.17 23.51 -32.39
C LEU A 13 -60.83 22.18 -32.68
N ARG A 14 -61.11 21.90 -33.95
CA ARG A 14 -61.72 20.63 -34.32
C ARG A 14 -60.82 19.45 -33.92
N THR A 15 -59.54 19.53 -34.30
CA THR A 15 -58.64 18.43 -33.96
C THR A 15 -58.44 18.33 -32.45
N PHE A 16 -58.39 19.46 -31.76
CA PHE A 16 -58.26 19.42 -30.30
C PHE A 16 -59.46 18.74 -29.67
N ALA A 17 -60.67 19.10 -30.11
CA ALA A 17 -61.87 18.50 -29.55
C ALA A 17 -61.91 17.00 -29.84
N GLU A 18 -61.55 16.61 -31.06
CA GLU A 18 -61.54 15.19 -31.39
C GLU A 18 -60.54 14.44 -30.52
N VAL A 19 -59.35 15.01 -30.33
CA VAL A 19 -58.32 14.35 -29.53
C VAL A 19 -58.79 14.19 -28.10
N LEU A 20 -59.39 15.24 -27.53
CA LEU A 20 -59.89 15.13 -26.16
C LEU A 20 -61.01 14.10 -26.07
N ASP A 21 -61.92 14.08 -27.05
CA ASP A 21 -63.04 13.15 -27.01
C ASP A 21 -62.55 11.71 -27.08
N ARG A 22 -61.55 11.44 -27.91
CA ARG A 22 -61.05 10.07 -28.00
C ARG A 22 -60.19 9.69 -26.81
N VAL A 23 -59.45 10.64 -26.24
CA VAL A 23 -58.63 10.34 -25.08
C VAL A 23 -59.50 10.05 -23.86
N LYS A 24 -60.59 10.79 -23.69
CA LYS A 24 -61.43 10.56 -22.52
C LYS A 24 -62.15 9.23 -22.58
N ALA A 25 -62.15 8.54 -23.72
CA ALA A 25 -62.78 7.23 -23.86
C ALA A 25 -61.77 6.10 -23.94
N ALA A 26 -60.81 6.16 -24.87
CA ALA A 26 -59.89 5.05 -25.06
C ALA A 26 -59.00 4.81 -23.85
N TYR A 27 -58.66 5.85 -23.11
CA TYR A 27 -57.77 5.70 -21.97
C TYR A 27 -58.31 4.63 -21.02
N VAL A 28 -57.41 4.10 -20.21
CA VAL A 28 -57.70 2.90 -19.42
C VAL A 28 -58.06 3.25 -17.98
N GLU A 29 -58.33 4.52 -17.71
CA GLU A 29 -58.74 4.96 -16.39
C GLU A 29 -59.84 5.99 -16.53
N PRO A 30 -60.67 6.17 -15.50
CA PRO A 30 -61.62 7.28 -15.50
C PRO A 30 -60.90 8.62 -15.39
N VAL A 31 -60.95 9.42 -16.45
CA VAL A 31 -60.29 10.72 -16.49
C VAL A 31 -61.37 11.80 -16.51
N ASP A 32 -61.33 12.67 -15.52
CA ASP A 32 -62.27 13.78 -15.45
C ASP A 32 -61.80 14.91 -16.36
N ASP A 33 -62.75 15.51 -17.09
CA ASP A 33 -62.39 16.52 -18.07
C ASP A 33 -61.57 17.64 -17.44
N LYS A 34 -61.78 17.90 -16.16
CA LYS A 34 -60.95 18.89 -15.47
C LYS A 34 -59.48 18.53 -15.59
N THR A 35 -59.15 17.26 -15.35
CA THR A 35 -57.75 16.84 -15.43
C THR A 35 -57.20 17.03 -16.82
N LEU A 36 -57.98 16.67 -17.85
CA LEU A 36 -57.50 16.81 -19.21
C LEU A 36 -57.25 18.28 -19.56
N LEU A 37 -58.16 19.17 -19.18
CA LEU A 37 -57.96 20.57 -19.49
C LEU A 37 -56.77 21.13 -18.73
N GLU A 38 -56.61 20.76 -17.46
CA GLU A 38 -55.45 21.25 -16.71
C GLU A 38 -54.15 20.79 -17.34
N ASN A 39 -54.07 19.51 -17.72
CA ASN A 39 -52.87 19.03 -18.37
C ASN A 39 -52.66 19.71 -19.72
N ALA A 40 -53.75 20.05 -20.42
CA ALA A 40 -53.60 20.80 -21.66
C ALA A 40 -52.98 22.16 -21.41
N ILE A 41 -53.40 22.84 -20.33
CA ILE A 41 -52.81 24.13 -20.00
C ILE A 41 -51.33 23.96 -19.72
N LYS A 42 -50.98 22.97 -18.89
CA LYS A 42 -49.58 22.74 -18.57
C LYS A 42 -48.79 22.45 -19.83
N GLY A 43 -49.39 21.73 -20.77
CA GLY A 43 -48.70 21.45 -22.02
C GLY A 43 -48.47 22.68 -22.87
N MET A 44 -49.50 23.52 -23.00
CA MET A 44 -49.33 24.73 -23.80
C MET A 44 -48.31 25.66 -23.18
N LEU A 45 -48.13 25.60 -21.87
CA LEU A 45 -47.17 26.50 -21.23
C LEU A 45 -45.75 25.94 -21.23
N SER A 46 -45.57 24.69 -20.81
CA SER A 46 -44.24 24.15 -20.56
C SER A 46 -43.48 23.76 -21.82
N ASN A 47 -44.12 23.80 -22.99
CA ASN A 47 -43.46 23.38 -24.23
C ASN A 47 -43.02 24.55 -25.10
N LEU A 48 -43.40 25.78 -24.77
CA LEU A 48 -43.03 26.92 -25.59
C LEU A 48 -41.56 27.28 -25.40
N ASP A 49 -41.19 27.65 -24.18
CA ASP A 49 -39.80 27.87 -23.81
C ASP A 49 -39.51 27.09 -22.54
N PRO A 50 -38.32 26.50 -22.42
CA PRO A 50 -38.08 25.59 -21.28
C PRO A 50 -38.35 26.21 -19.92
N HIS A 51 -37.98 27.48 -19.72
CA HIS A 51 -38.14 28.09 -18.41
C HIS A 51 -39.60 28.28 -18.06
N SER A 52 -40.40 28.77 -19.00
CA SER A 52 -41.80 29.02 -18.71
C SER A 52 -42.49 27.75 -18.27
N ALA A 53 -43.44 27.87 -17.35
CA ALA A 53 -44.15 26.70 -16.87
C ALA A 53 -45.35 27.13 -16.06
N TYR A 54 -46.43 26.36 -16.17
CA TYR A 54 -47.61 26.59 -15.35
C TYR A 54 -47.31 26.25 -13.89
N LEU A 55 -48.01 26.92 -12.99
CA LEU A 55 -47.87 26.69 -11.56
C LEU A 55 -49.21 26.28 -10.99
N GLY A 56 -49.22 25.18 -10.22
CA GLY A 56 -50.43 24.71 -9.60
C GLY A 56 -50.78 25.51 -8.36
N PRO A 57 -51.87 25.11 -7.71
CA PRO A 57 -52.27 25.81 -6.48
C PRO A 57 -51.26 25.67 -5.35
N GLU A 58 -50.37 24.68 -5.42
CA GLU A 58 -49.38 24.44 -4.37
C GLU A 58 -48.02 25.01 -4.72
N ASP A 59 -47.52 24.73 -5.93
CA ASP A 59 -46.18 25.16 -6.30
C ASP A 59 -46.03 26.68 -6.33
N PHE A 60 -47.14 27.42 -6.47
CA PHE A 60 -47.05 28.87 -6.41
C PHE A 60 -46.56 29.33 -5.04
N ALA A 61 -47.04 28.69 -3.98
CA ALA A 61 -46.52 28.97 -2.65
C ALA A 61 -45.03 28.64 -2.58
N GLU A 62 -44.61 27.57 -3.25
CA GLU A 62 -43.19 27.22 -3.27
C GLU A 62 -42.37 28.30 -3.94
N LEU A 63 -42.85 28.84 -5.07
CA LEU A 63 -42.13 29.92 -5.73
C LEU A 63 -42.08 31.16 -4.87
N GLN A 64 -43.20 31.50 -4.22
CA GLN A 64 -43.22 32.65 -3.32
C GLN A 64 -42.20 32.46 -2.20
N GLU A 65 -42.10 31.23 -1.68
CA GLU A 65 -41.09 30.93 -0.67
C GLU A 65 -39.68 31.14 -1.22
N SER A 66 -39.44 30.64 -2.43
CA SER A 66 -38.09 30.73 -3.00
C SER A 66 -37.67 32.17 -3.21
N THR A 67 -38.59 33.01 -3.70
CA THR A 67 -38.24 34.42 -3.89
C THR A 67 -37.97 35.09 -2.55
N SER A 68 -38.95 35.09 -1.65
CA SER A 68 -38.79 35.64 -0.31
C SER A 68 -39.36 34.62 0.67
N GLY A 69 -38.53 34.17 1.61
CA GLY A 69 -38.93 33.07 2.48
C GLY A 69 -40.08 33.41 3.40
N GLU A 70 -39.83 34.26 4.40
CA GLU A 70 -40.85 34.67 5.37
C GLU A 70 -41.78 33.51 5.72
N PHE A 71 -41.18 32.40 6.16
CA PHE A 71 -41.90 31.17 6.39
C PHE A 71 -41.76 30.72 7.84
N GLY A 72 -42.74 29.94 8.29
CA GLY A 72 -42.73 29.40 9.63
C GLY A 72 -41.79 28.22 9.76
N GLY A 73 -40.73 28.38 10.56
CA GLY A 73 -39.78 27.32 10.77
C GLY A 73 -39.03 27.51 12.07
N LEU A 74 -38.33 26.45 12.47
CA LEU A 74 -37.53 26.46 13.69
C LEU A 74 -36.15 27.04 13.49
N GLY A 75 -35.79 27.42 12.27
CA GLY A 75 -34.46 27.94 11.99
C GLY A 75 -33.38 26.90 12.17
N ILE A 76 -33.65 25.65 11.77
CA ILE A 76 -32.67 24.57 11.84
C ILE A 76 -32.62 23.90 10.47
N GLU A 77 -31.41 23.80 9.91
CA GLU A 77 -31.19 23.16 8.62
C GLU A 77 -30.57 21.79 8.84
N VAL A 78 -31.20 20.76 8.30
CA VAL A 78 -30.75 19.37 8.44
C VAL A 78 -30.32 18.86 7.09
N GLY A 79 -29.13 18.29 7.02
CA GLY A 79 -28.59 17.73 5.79
C GLY A 79 -28.46 16.23 5.91
N SER A 80 -28.76 15.53 4.81
CA SER A 80 -28.71 14.08 4.75
C SER A 80 -27.49 13.68 3.92
N GLU A 81 -26.46 13.19 4.61
CA GLU A 81 -25.24 12.73 3.95
C GLU A 81 -24.96 11.30 4.38
N ASP A 82 -24.70 10.42 3.41
CA ASP A 82 -24.45 9.01 3.66
C ASP A 82 -25.63 8.36 4.40
N GLY A 83 -26.84 8.83 4.13
CA GLY A 83 -28.01 8.28 4.77
C GLY A 83 -28.13 8.61 6.24
N PHE A 84 -27.47 9.68 6.71
CA PHE A 84 -27.48 10.06 8.10
C PHE A 84 -27.99 11.49 8.23
N ILE A 85 -28.80 11.74 9.26
CA ILE A 85 -29.39 13.04 9.51
C ILE A 85 -28.50 13.81 10.48
N LYS A 86 -28.16 15.05 10.13
CA LYS A 86 -27.32 15.88 10.97
C LYS A 86 -27.62 17.34 10.65
N VAL A 87 -27.23 18.22 11.57
CA VAL A 87 -27.47 19.65 11.47
C VAL A 87 -26.16 20.32 11.09
N VAL A 88 -26.15 21.00 9.94
CA VAL A 88 -24.95 21.74 9.54
C VAL A 88 -24.67 22.86 10.53
N SER A 89 -25.69 23.64 10.86
CA SER A 89 -25.57 24.70 11.86
C SER A 89 -26.95 25.29 12.13
N PRO A 90 -27.26 25.67 13.37
CA PRO A 90 -28.53 26.37 13.62
C PRO A 90 -28.57 27.70 12.85
N ILE A 91 -29.76 28.04 12.38
CA ILE A 91 -29.94 29.29 11.65
C ILE A 91 -29.98 30.44 12.65
N ASP A 92 -29.23 31.49 12.36
CA ASP A 92 -29.15 32.63 13.27
C ASP A 92 -30.51 33.33 13.37
N ASP A 93 -30.77 33.90 14.54
CA ASP A 93 -32.00 34.64 14.82
C ASP A 93 -33.22 33.73 14.69
N THR A 94 -33.20 32.64 15.44
CA THR A 94 -34.30 31.70 15.50
C THR A 94 -34.47 31.20 16.93
N PRO A 95 -35.68 30.80 17.32
CA PRO A 95 -35.85 30.26 18.68
C PRO A 95 -34.99 29.04 18.96
N ALA A 96 -34.69 28.23 17.94
CA ALA A 96 -33.89 27.03 18.15
C ALA A 96 -32.50 27.39 18.67
N ALA A 97 -31.88 28.43 18.12
CA ALA A 97 -30.56 28.83 18.58
C ALA A 97 -30.61 29.28 20.03
N ARG A 98 -31.63 30.07 20.39
CA ARG A 98 -31.78 30.49 21.78
C ARG A 98 -32.12 29.33 22.71
N ALA A 99 -32.63 28.23 22.16
CA ALA A 99 -32.96 27.05 22.95
C ALA A 99 -31.75 26.22 23.33
N GLY A 100 -30.57 26.55 22.81
CA GLY A 100 -29.35 25.83 23.11
C GLY A 100 -28.97 24.77 22.10
N ILE A 101 -29.71 24.64 20.99
CA ILE A 101 -29.37 23.67 19.97
C ILE A 101 -28.09 24.09 19.28
N GLN A 102 -27.15 23.15 19.17
CA GLN A 102 -25.83 23.39 18.60
C GLN A 102 -25.61 22.49 17.39
N PRO A 103 -24.66 22.84 16.52
CA PRO A 103 -24.40 22.00 15.34
C PRO A 103 -24.02 20.58 15.77
N GLY A 104 -24.46 19.61 14.97
CA GLY A 104 -24.19 18.21 15.23
C GLY A 104 -25.20 17.52 16.12
N ASP A 105 -26.19 18.26 16.66
CA ASP A 105 -27.21 17.63 17.47
C ASP A 105 -27.98 16.61 16.65
N LEU A 106 -28.18 15.42 17.22
CA LEU A 106 -28.83 14.31 16.54
C LEU A 106 -30.20 14.10 17.16
N ILE A 107 -31.24 14.36 16.38
CA ILE A 107 -32.61 14.12 16.82
C ILE A 107 -32.93 12.64 16.64
N VAL A 108 -33.31 11.98 17.72
CA VAL A 108 -33.60 10.56 17.65
C VAL A 108 -35.06 10.29 17.28
N GLN A 109 -35.97 11.20 17.63
CA GLN A 109 -37.37 11.06 17.24
C GLN A 109 -37.95 12.43 16.94
N ILE A 110 -38.73 12.50 15.87
CA ILE A 110 -39.37 13.73 15.42
C ILE A 110 -40.86 13.58 15.67
N ASP A 111 -41.36 14.20 16.74
CA ASP A 111 -42.76 14.11 17.12
C ASP A 111 -43.18 12.65 17.26
N GLY A 112 -42.30 11.84 17.84
CA GLY A 112 -42.53 10.43 18.00
C GLY A 112 -42.16 9.58 16.79
N LYS A 113 -41.68 10.20 15.71
CA LYS A 113 -41.30 9.46 14.52
C LYS A 113 -39.79 9.35 14.46
N PRO A 114 -39.21 8.15 14.60
CA PRO A 114 -37.74 8.05 14.55
C PRO A 114 -37.18 8.53 13.22
N THR A 115 -36.00 9.14 13.29
CA THR A 115 -35.35 9.65 12.09
C THR A 115 -34.96 8.53 11.12
N LYS A 116 -34.74 7.33 11.62
CA LYS A 116 -34.39 6.22 10.74
C LYS A 116 -35.55 5.92 9.79
N GLY A 117 -35.21 5.60 8.54
CA GLY A 117 -36.20 5.31 7.54
C GLY A 117 -36.90 6.52 6.97
N GLN A 118 -36.45 7.73 7.32
CA GLN A 118 -37.05 8.97 6.84
C GLN A 118 -36.13 9.63 5.83
N SER A 119 -36.68 9.96 4.66
CA SER A 119 -35.90 10.66 3.65
C SER A 119 -35.77 12.14 4.01
N MET A 120 -34.86 12.82 3.31
CA MET A 120 -34.63 14.23 3.58
C MET A 120 -35.89 15.06 3.34
N THR A 121 -36.63 14.75 2.28
CA THR A 121 -37.84 15.49 1.99
C THR A 121 -38.88 15.31 3.09
N GLU A 122 -39.02 14.09 3.60
CA GLU A 122 -39.98 13.85 4.68
C GLU A 122 -39.60 14.63 5.93
N ALA A 123 -38.32 14.62 6.29
CA ALA A 123 -37.88 15.37 7.46
C ALA A 123 -38.11 16.86 7.27
N VAL A 124 -37.81 17.38 6.08
CA VAL A 124 -38.00 18.81 5.83
C VAL A 124 -39.48 19.16 5.96
N ASP A 125 -40.35 18.34 5.37
CA ASP A 125 -41.78 18.61 5.45
C ASP A 125 -42.27 18.57 6.89
N SER A 126 -41.82 17.57 7.66
CA SER A 126 -42.26 17.45 9.05
C SER A 126 -41.79 18.65 9.86
N MET A 127 -40.53 19.05 9.69
CA MET A 127 -40.00 20.18 10.45
C MET A 127 -40.73 21.47 10.08
N ARG A 128 -40.95 21.69 8.79
CA ARG A 128 -41.61 22.92 8.34
C ARG A 128 -43.11 22.81 8.52
N GLY A 129 -43.73 23.96 8.77
CA GLY A 129 -45.17 24.01 8.96
C GLY A 129 -45.61 25.42 9.30
N LYS A 130 -46.92 25.55 9.50
CA LYS A 130 -47.48 26.85 9.83
C LYS A 130 -46.93 27.35 11.17
N ALA A 131 -46.71 28.67 11.25
CA ALA A 131 -46.19 29.26 12.47
C ALA A 131 -47.17 29.07 13.62
N GLY A 132 -46.62 28.84 14.82
CA GLY A 132 -47.42 28.67 16.01
C GLY A 132 -47.76 27.24 16.35
N SER A 133 -47.48 26.29 15.46
CA SER A 133 -47.79 24.90 15.73
C SER A 133 -46.72 24.30 16.65
N PRO A 134 -47.09 23.78 17.82
CA PRO A 134 -46.07 23.17 18.68
C PRO A 134 -45.51 21.90 18.07
N ILE A 135 -44.23 21.67 18.33
CA ILE A 135 -43.52 20.48 17.83
C ILE A 135 -42.59 19.98 18.93
N THR A 136 -42.64 18.67 19.18
CA THR A 136 -41.82 18.03 20.20
C THR A 136 -40.83 17.08 19.54
N LEU A 137 -39.56 17.22 19.90
CA LEU A 137 -38.49 16.42 19.30
C LEU A 137 -37.66 15.80 20.41
N THR A 138 -37.45 14.49 20.34
CA THR A 138 -36.57 13.79 21.27
C THR A 138 -35.18 13.72 20.67
N ILE A 139 -34.21 14.28 21.37
CA ILE A 139 -32.85 14.45 20.88
C ILE A 139 -31.88 13.85 21.88
N VAL A 140 -30.84 13.19 21.37
CA VAL A 140 -29.77 12.63 22.19
C VAL A 140 -28.47 13.33 21.79
N ARG A 141 -27.79 13.91 22.77
CA ARG A 141 -26.56 14.65 22.54
C ARG A 141 -25.39 13.89 23.16
N ASP A 142 -24.39 13.57 22.34
CA ASP A 142 -23.20 12.86 22.80
C ASP A 142 -23.58 11.55 23.48
N GLY A 143 -24.58 10.87 22.93
CA GLY A 143 -25.02 9.60 23.49
C GLY A 143 -25.54 9.70 24.91
N GLY A 144 -26.01 10.87 25.34
CA GLY A 144 -26.52 11.04 26.67
C GLY A 144 -27.99 10.65 26.77
N ARG A 145 -28.57 10.96 27.92
CA ARG A 145 -29.97 10.64 28.15
C ARG A 145 -30.83 11.44 27.18
N PRO A 146 -31.80 10.82 26.50
CA PRO A 146 -32.64 11.58 25.57
C PRO A 146 -33.41 12.68 26.29
N PHE A 147 -33.56 13.82 25.61
CA PHE A 147 -34.28 14.96 26.15
C PHE A 147 -35.28 15.46 25.12
N ASP A 148 -36.44 15.92 25.61
CA ASP A 148 -37.51 16.39 24.75
C ASP A 148 -37.46 17.91 24.66
N VAL A 149 -37.45 18.43 23.43
CA VAL A 149 -37.43 19.85 23.16
C VAL A 149 -38.74 20.23 22.48
N GLU A 150 -39.43 21.22 23.05
CA GLU A 150 -40.69 21.72 22.50
C GLU A 150 -40.45 23.08 21.89
N LEU A 151 -40.90 23.26 20.65
CA LEU A 151 -40.68 24.49 19.91
C LEU A 151 -41.98 24.93 19.25
N LYS A 152 -42.07 26.23 18.99
CA LYS A 152 -43.22 26.83 18.31
C LYS A 152 -42.73 27.41 16.98
N ARG A 153 -43.37 26.99 15.89
CA ARG A 153 -43.00 27.50 14.58
C ARG A 153 -43.25 29.01 14.52
N ALA A 154 -42.28 29.74 13.99
CA ALA A 154 -42.36 31.19 13.88
C ALA A 154 -41.77 31.63 12.56
N ILE A 155 -42.19 32.81 12.10
CA ILE A 155 -41.68 33.34 10.85
C ILE A 155 -40.20 33.63 10.99
N ILE A 156 -39.40 33.09 10.07
CA ILE A 156 -37.96 33.22 10.11
C ILE A 156 -37.47 33.68 8.73
N LYS A 157 -36.54 34.64 8.73
CA LYS A 157 -35.94 35.14 7.50
C LYS A 157 -34.64 34.39 7.25
N VAL A 158 -34.49 33.85 6.05
CA VAL A 158 -33.31 33.08 5.67
C VAL A 158 -32.25 34.03 5.13
N LYS A 159 -31.01 33.81 5.54
CA LYS A 159 -29.92 34.67 5.10
C LYS A 159 -29.75 34.62 3.59
N SER A 160 -29.48 35.79 3.00
CA SER A 160 -29.25 35.90 1.56
C SER A 160 -27.82 36.27 1.21
N VAL A 161 -27.14 37.05 2.04
CA VAL A 161 -25.78 37.50 1.79
C VAL A 161 -24.93 37.21 3.03
N LYS A 162 -23.76 36.63 2.81
CA LYS A 162 -22.81 36.37 3.89
C LYS A 162 -21.42 36.81 3.46
N SER A 163 -20.60 37.20 4.43
CA SER A 163 -19.27 37.70 4.17
C SER A 163 -18.32 37.28 5.29
N GLN A 164 -17.04 37.19 4.95
CA GLN A 164 -16.00 36.87 5.93
C GLN A 164 -14.67 37.34 5.38
N VAL A 165 -14.03 38.27 6.07
CA VAL A 165 -12.79 38.87 5.58
C VAL A 165 -11.67 37.85 5.69
N LEU A 166 -10.94 37.66 4.59
CA LEU A 166 -9.77 36.78 4.60
C LEU A 166 -8.51 37.47 5.10
N GLU A 167 -8.52 38.80 5.20
CA GLU A 167 -7.37 39.55 5.66
C GLU A 167 -7.77 41.02 5.85
N PRO A 168 -7.24 41.73 6.85
CA PRO A 168 -7.60 43.14 7.01
C PRO A 168 -7.34 43.93 5.73
N GLY A 169 -8.39 44.57 5.23
CA GLY A 169 -8.34 45.33 4.00
C GLY A 169 -8.96 44.63 2.82
N TYR A 170 -9.01 43.29 2.84
CA TYR A 170 -9.62 42.51 1.78
C TYR A 170 -10.83 41.77 2.34
N ALA A 171 -11.96 41.91 1.67
CA ALA A 171 -13.22 41.33 2.11
C ALA A 171 -13.78 40.41 1.04
N TYR A 172 -14.55 39.42 1.47
CA TYR A 172 -15.19 38.46 0.58
C TYR A 172 -16.68 38.48 0.83
N LEU A 173 -17.46 38.59 -0.23
CA LEU A 173 -18.91 38.65 -0.16
C LEU A 173 -19.50 37.51 -0.98
N ARG A 174 -20.61 36.95 -0.51
CA ARG A 174 -21.25 35.81 -1.14
C ARG A 174 -22.73 36.08 -1.26
N ILE A 175 -23.31 35.79 -2.42
CA ILE A 175 -24.76 35.89 -2.62
C ILE A 175 -25.27 34.53 -3.04
N THR A 176 -26.20 33.98 -2.25
CA THR A 176 -26.72 32.64 -2.53
C THR A 176 -27.80 32.68 -3.60
N GLN A 177 -28.91 33.37 -3.31
CA GLN A 177 -30.01 33.48 -4.26
C GLN A 177 -30.66 34.83 -4.07
N PHE A 178 -30.90 35.54 -5.17
CA PHE A 178 -31.47 36.86 -5.09
C PHE A 178 -32.88 36.78 -4.50
N GLN A 179 -33.21 37.76 -3.66
CA GLN A 179 -34.52 37.85 -3.03
C GLN A 179 -35.01 39.29 -3.10
N VAL A 180 -36.23 39.51 -2.63
CA VAL A 180 -36.81 40.86 -2.69
C VAL A 180 -35.99 41.83 -1.86
N ASN A 181 -35.57 41.41 -0.67
CA ASN A 181 -34.81 42.25 0.24
C ASN A 181 -33.31 42.14 0.06
N THR A 182 -32.86 41.40 -0.96
CA THR A 182 -31.41 41.19 -1.12
C THR A 182 -30.65 42.49 -1.26
N GLY A 183 -31.24 43.49 -1.89
CA GLY A 183 -30.56 44.77 -2.03
C GLY A 183 -30.29 45.42 -0.69
N GLU A 184 -31.30 45.46 0.18
CA GLU A 184 -31.11 46.03 1.51
C GLU A 184 -30.08 45.24 2.29
N GLU A 185 -30.10 43.90 2.18
CA GLU A 185 -29.13 43.08 2.88
C GLU A 185 -27.71 43.36 2.39
N VAL A 186 -27.55 43.55 1.08
CA VAL A 186 -26.22 43.87 0.54
C VAL A 186 -25.75 45.22 1.05
N VAL A 187 -26.65 46.21 1.07
CA VAL A 187 -26.28 47.53 1.57
C VAL A 187 -25.87 47.43 3.03
N LYS A 188 -26.64 46.67 3.83
CA LYS A 188 -26.30 46.51 5.24
C LYS A 188 -24.96 45.81 5.41
N ALA A 189 -24.69 44.80 4.59
CA ALA A 189 -23.42 44.09 4.68
C ALA A 189 -22.26 45.02 4.35
N LEU A 190 -22.40 45.86 3.32
CA LEU A 190 -21.35 46.81 3.00
C LEU A 190 -21.15 47.82 4.14
N ASN A 191 -22.25 48.30 4.73
CA ASN A 191 -22.13 49.24 5.83
C ASN A 191 -21.40 48.60 7.00
N GLN A 192 -21.76 47.36 7.34
CA GLN A 192 -21.09 46.67 8.44
C GLN A 192 -19.62 46.43 8.14
N LEU A 193 -19.31 46.09 6.89
CA LEU A 193 -17.92 45.90 6.51
C LEU A 193 -17.13 47.19 6.68
N ARG A 194 -17.71 48.30 6.24
CA ARG A 194 -17.05 49.59 6.42
C ARG A 194 -16.84 49.90 7.89
N LYS A 195 -17.87 49.65 8.72
CA LYS A 195 -17.76 49.94 10.14
C LYS A 195 -16.66 49.12 10.79
N ASP A 196 -16.60 47.82 10.48
CA ASP A 196 -15.61 46.96 11.12
C ASP A 196 -14.21 47.13 10.54
N ASN A 197 -14.10 47.69 9.33
CA ASN A 197 -12.80 47.94 8.71
C ASN A 197 -12.42 49.42 8.76
N LYS A 198 -12.93 50.15 9.76
CA LYS A 198 -12.62 51.56 9.96
C LYS A 198 -13.06 52.42 8.78
N GLY A 199 -13.97 51.91 7.94
CA GLY A 199 -14.46 52.64 6.81
C GLY A 199 -13.57 52.61 5.58
N ARG A 200 -12.43 51.93 5.65
CA ARG A 200 -11.52 51.82 4.51
C ARG A 200 -11.14 50.35 4.32
N LEU A 201 -11.36 49.85 3.11
CA LEU A 201 -11.06 48.46 2.77
C LEU A 201 -10.26 48.43 1.48
N LYS A 202 -9.18 47.65 1.47
CA LYS A 202 -8.31 47.61 0.30
C LYS A 202 -9.04 47.05 -0.91
N GLY A 203 -9.79 45.96 -0.73
CA GLY A 203 -10.43 45.33 -1.86
C GLY A 203 -11.60 44.46 -1.44
N LEU A 204 -12.48 44.20 -2.40
CA LEU A 204 -13.66 43.37 -2.19
C LEU A 204 -13.77 42.36 -3.32
N VAL A 205 -14.02 41.10 -2.97
CA VAL A 205 -14.28 40.04 -3.93
C VAL A 205 -15.73 39.63 -3.79
N LEU A 206 -16.35 39.29 -4.90
CA LEU A 206 -17.76 38.92 -4.95
C LEU A 206 -17.89 37.47 -5.40
N ASP A 207 -18.89 36.78 -4.85
CA ASP A 207 -19.10 35.37 -5.11
C ASP A 207 -20.56 35.18 -5.51
N LEU A 208 -20.79 35.06 -6.82
CA LEU A 208 -22.08 34.69 -7.38
C LEU A 208 -22.09 33.25 -7.86
N ARG A 209 -21.03 32.48 -7.60
CA ARG A 209 -20.94 31.14 -8.14
C ARG A 209 -22.13 30.31 -7.68
N ASN A 210 -22.74 29.59 -8.62
CA ASN A 210 -23.87 28.72 -8.35
C ASN A 210 -25.00 29.50 -7.66
N ASN A 211 -25.30 30.67 -8.21
CA ASN A 211 -26.43 31.48 -7.76
C ASN A 211 -27.49 31.49 -8.85
N PRO A 212 -28.56 30.69 -8.74
CA PRO A 212 -29.47 30.53 -9.87
C PRO A 212 -30.06 31.84 -10.37
N GLY A 213 -30.74 32.57 -9.50
CA GLY A 213 -31.35 33.83 -9.91
C GLY A 213 -32.41 34.27 -8.91
N GLY A 214 -33.22 35.22 -9.35
CA GLY A 214 -34.26 35.74 -8.49
C GLY A 214 -34.89 36.97 -9.11
N VAL A 215 -35.49 37.80 -8.24
CA VAL A 215 -36.20 38.99 -8.71
C VAL A 215 -35.23 39.92 -9.42
N LEU A 216 -35.63 40.40 -10.59
CA LEU A 216 -34.79 41.33 -11.34
C LEU A 216 -34.62 42.65 -10.59
N GLN A 217 -35.66 43.09 -9.89
CA GLN A 217 -35.58 44.36 -9.17
C GLN A 217 -34.42 44.37 -8.19
N SER A 218 -34.28 43.30 -7.39
CA SER A 218 -33.23 43.28 -6.39
C SER A 218 -31.85 43.17 -7.03
N ALA A 219 -31.75 42.45 -8.15
CA ALA A 219 -30.48 42.40 -8.86
C ALA A 219 -30.07 43.78 -9.32
N VAL A 220 -31.00 44.54 -9.90
CA VAL A 220 -30.68 45.90 -10.32
C VAL A 220 -30.36 46.77 -9.11
N GLU A 221 -31.04 46.52 -7.99
CA GLU A 221 -30.76 47.28 -6.77
C GLU A 221 -29.33 47.05 -6.31
N VAL A 222 -28.87 45.79 -6.35
CA VAL A 222 -27.49 45.49 -5.98
C VAL A 222 -26.53 46.15 -6.96
N ALA A 223 -26.82 46.06 -8.26
CA ALA A 223 -25.98 46.72 -9.24
C ALA A 223 -25.85 48.21 -8.93
N ASP A 224 -26.96 48.85 -8.55
CA ASP A 224 -26.90 50.25 -8.15
C ASP A 224 -26.06 50.43 -6.90
N ALA A 225 -26.20 49.50 -5.94
CA ALA A 225 -25.38 49.58 -4.73
C ALA A 225 -23.90 49.57 -5.06
N PHE A 226 -23.52 48.90 -6.14
CA PHE A 226 -22.11 48.89 -6.56
C PHE A 226 -21.81 49.99 -7.57
N LEU A 227 -22.49 49.98 -8.72
CA LEU A 227 -22.24 50.98 -9.74
C LEU A 227 -22.88 52.31 -9.36
N THR A 228 -22.34 53.39 -9.94
CA THR A 228 -22.79 54.74 -9.63
C THR A 228 -23.44 55.44 -10.82
N LYS A 229 -22.94 55.23 -12.03
CA LYS A 229 -23.45 55.92 -13.21
C LYS A 229 -23.63 54.92 -14.35
N GLY A 230 -24.50 55.29 -15.29
CA GLY A 230 -24.79 54.48 -16.45
C GLY A 230 -26.11 53.74 -16.31
N LEU A 231 -26.44 53.01 -17.38
CA LEU A 231 -27.65 52.21 -17.44
C LEU A 231 -27.30 50.75 -17.16
N ILE A 232 -27.96 50.17 -16.16
CA ILE A 232 -27.59 48.84 -15.69
C ILE A 232 -28.11 47.78 -16.64
N VAL A 233 -29.44 47.71 -16.81
CA VAL A 233 -30.06 46.70 -17.66
C VAL A 233 -31.37 47.24 -18.19
N TYR A 234 -31.67 46.90 -19.44
CA TYR A 234 -32.96 47.22 -20.05
C TYR A 234 -33.46 45.99 -20.78
N THR A 235 -34.78 45.79 -20.72
CA THR A 235 -35.42 44.61 -21.27
C THR A 235 -36.31 44.99 -22.45
N LYS A 236 -36.32 44.12 -23.46
CA LYS A 236 -37.16 44.26 -24.63
C LYS A 236 -38.06 43.03 -24.74
N GLY A 237 -39.32 43.26 -25.11
CA GLY A 237 -40.29 42.19 -25.25
C GLY A 237 -41.36 42.57 -26.25
N ARG A 238 -42.20 41.58 -26.57
CA ARG A 238 -43.24 41.80 -27.56
C ARG A 238 -44.23 42.87 -27.08
N ILE A 239 -44.59 42.82 -25.80
CA ILE A 239 -45.55 43.76 -25.24
C ILE A 239 -44.81 44.98 -24.73
N ALA A 240 -45.38 46.16 -24.97
CA ALA A 240 -44.72 47.40 -24.61
C ALA A 240 -44.50 47.51 -23.10
N ASN A 241 -45.48 47.06 -22.32
CA ASN A 241 -45.36 47.17 -20.86
C ASN A 241 -44.13 46.43 -20.35
N SER A 242 -43.77 45.30 -20.97
CA SER A 242 -42.61 44.55 -20.52
C SER A 242 -41.33 45.37 -20.62
N GLU A 243 -41.27 46.31 -21.55
CA GLU A 243 -40.08 47.13 -21.71
C GLU A 243 -39.86 47.99 -20.46
N LEU A 244 -38.61 48.05 -20.00
CA LEU A 244 -38.27 48.82 -18.82
C LEU A 244 -36.77 49.03 -18.77
N ARG A 245 -36.36 50.29 -18.65
CA ARG A 245 -34.94 50.65 -18.60
C ARG A 245 -34.57 51.00 -17.17
N PHE A 246 -33.49 50.39 -16.67
CA PHE A 246 -33.00 50.61 -15.32
C PHE A 246 -31.63 51.27 -15.39
N SER A 247 -31.45 52.31 -14.59
CA SER A 247 -30.17 53.02 -14.54
C SER A 247 -29.69 53.12 -13.10
N ALA A 248 -28.37 53.09 -12.94
CA ALA A 248 -27.79 53.19 -11.61
C ALA A 248 -27.89 54.61 -11.09
N ASP A 249 -28.43 54.77 -9.88
CA ASP A 249 -28.53 56.07 -9.26
C ASP A 249 -27.16 56.54 -8.75
N PRO A 250 -26.95 57.85 -8.67
CA PRO A 250 -25.64 58.34 -8.23
C PRO A 250 -25.25 57.89 -6.84
N ALA A 251 -26.22 57.62 -5.97
CA ALA A 251 -25.91 57.14 -4.63
C ALA A 251 -25.11 55.84 -4.71
N ASP A 252 -24.01 55.77 -3.96
CA ASP A 252 -23.14 54.61 -4.02
C ASP A 252 -22.34 54.46 -2.74
N PRO A 253 -22.55 53.39 -1.96
CA PRO A 253 -21.69 53.15 -0.79
C PRO A 253 -20.41 52.37 -1.08
N SER A 254 -20.24 51.86 -2.31
CA SER A 254 -19.07 51.05 -2.60
C SER A 254 -17.77 51.84 -2.49
N ASP A 255 -17.83 53.15 -2.70
CA ASP A 255 -16.65 54.02 -2.58
C ASP A 255 -15.58 53.67 -3.62
N LYS A 256 -16.00 53.17 -4.78
CA LYS A 256 -15.09 52.90 -5.89
C LYS A 256 -14.00 51.91 -5.49
N VAL A 257 -14.28 51.06 -4.51
CA VAL A 257 -13.30 50.05 -4.10
C VAL A 257 -13.09 49.07 -5.26
N PRO A 258 -11.88 48.56 -5.48
CA PRO A 258 -11.69 47.57 -6.53
C PRO A 258 -12.56 46.35 -6.28
N LEU A 259 -13.10 45.78 -7.36
CA LEU A 259 -14.13 44.76 -7.24
C LEU A 259 -13.91 43.67 -8.28
N VAL A 260 -13.76 42.44 -7.81
CA VAL A 260 -13.63 41.27 -8.66
C VAL A 260 -14.82 40.36 -8.39
N VAL A 261 -15.54 40.00 -9.43
CA VAL A 261 -16.73 39.17 -9.34
C VAL A 261 -16.42 37.81 -9.96
N LEU A 262 -16.82 36.75 -9.26
CA LEU A 262 -16.71 35.39 -9.77
C LEU A 262 -18.04 34.99 -10.39
N ILE A 263 -17.99 34.43 -11.60
CA ILE A 263 -19.17 33.88 -12.24
C ILE A 263 -18.88 32.44 -12.64
N ASN A 264 -19.57 31.51 -11.99
CA ASN A 264 -19.46 30.09 -12.31
C ASN A 264 -20.60 29.70 -13.25
N GLY A 265 -20.52 28.47 -13.77
CA GLY A 265 -21.54 28.00 -14.68
C GLY A 265 -22.93 28.05 -14.09
N GLY A 266 -23.04 27.97 -12.77
CA GLY A 266 -24.35 27.98 -12.14
C GLY A 266 -25.10 29.28 -12.32
N SER A 267 -24.41 30.41 -12.13
CA SER A 267 -25.05 31.72 -12.22
C SER A 267 -25.80 31.85 -13.54
N ALA A 268 -27.12 32.04 -13.46
CA ALA A 268 -27.97 31.95 -14.64
C ALA A 268 -28.65 33.27 -15.01
N ALA A 269 -29.44 33.86 -14.11
CA ALA A 269 -30.28 35.01 -14.49
C ALA A 269 -29.92 36.28 -13.74
N ALA A 270 -30.00 36.29 -12.41
CA ALA A 270 -29.75 37.51 -11.66
C ALA A 270 -28.26 37.75 -11.46
N ALA A 271 -27.52 36.72 -11.07
CA ALA A 271 -26.07 36.85 -11.00
C ALA A 271 -25.49 37.23 -12.34
N GLU A 272 -26.01 36.62 -13.42
CA GLU A 272 -25.48 36.93 -14.74
C GLU A 272 -25.74 38.38 -15.12
N ILE A 273 -26.91 38.91 -14.80
CA ILE A 273 -27.19 40.30 -15.16
C ILE A 273 -26.36 41.25 -14.32
N VAL A 274 -26.15 40.94 -13.04
CA VAL A 274 -25.28 41.78 -12.22
C VAL A 274 -23.87 41.77 -12.81
N ALA A 275 -23.37 40.60 -13.19
CA ALA A 275 -22.04 40.51 -13.78
C ALA A 275 -21.97 41.26 -15.09
N GLY A 276 -22.98 41.13 -15.94
CA GLY A 276 -22.99 41.85 -17.19
C GLY A 276 -23.01 43.36 -16.99
N ALA A 277 -23.78 43.83 -16.02
CA ALA A 277 -23.79 45.26 -15.72
C ALA A 277 -22.41 45.73 -15.24
N LEU A 278 -21.79 44.98 -14.33
CA LEU A 278 -20.50 45.40 -13.81
C LEU A 278 -19.38 45.26 -14.83
N GLN A 279 -19.56 44.43 -15.87
CA GLN A 279 -18.54 44.29 -16.89
C GLN A 279 -18.70 45.32 -18.00
N ASP A 280 -19.94 45.53 -18.46
CA ASP A 280 -20.18 46.52 -19.51
C ASP A 280 -19.68 47.89 -19.07
N GLN A 281 -20.10 48.35 -17.90
CA GLN A 281 -19.52 49.53 -17.28
C GLN A 281 -18.25 49.09 -16.56
N LYS A 282 -17.10 49.55 -17.04
CA LYS A 282 -15.82 48.98 -16.61
C LYS A 282 -15.57 49.40 -15.17
N ARG A 283 -16.17 48.64 -14.25
CA ARG A 283 -16.09 48.93 -12.83
C ARG A 283 -15.77 47.69 -12.00
N ALA A 284 -15.56 46.54 -12.63
CA ALA A 284 -15.19 45.32 -11.91
C ALA A 284 -14.56 44.36 -12.90
N ILE A 285 -13.93 43.32 -12.37
CA ILE A 285 -13.24 42.33 -13.19
C ILE A 285 -13.92 40.98 -12.97
N LEU A 286 -14.34 40.36 -14.07
CA LEU A 286 -15.07 39.09 -14.00
C LEU A 286 -14.10 37.93 -14.20
N MET A 287 -14.17 36.94 -13.31
CA MET A 287 -13.34 35.76 -13.41
C MET A 287 -14.17 34.52 -13.11
N GLY A 288 -13.70 33.39 -13.62
CA GLY A 288 -14.37 32.12 -13.47
C GLY A 288 -14.59 31.49 -14.81
N THR A 289 -15.59 30.61 -14.87
CA THR A 289 -15.95 29.91 -16.10
C THR A 289 -17.17 30.58 -16.74
N ASP A 290 -17.41 30.25 -18.00
CA ASP A 290 -18.53 30.83 -18.72
C ASP A 290 -19.83 30.57 -17.96
N SER A 291 -20.70 31.58 -17.93
CA SER A 291 -21.92 31.50 -17.17
C SER A 291 -22.97 30.68 -17.91
N PHE A 292 -24.14 30.53 -17.29
CA PHE A 292 -25.22 29.75 -17.90
C PHE A 292 -25.61 30.33 -19.25
N GLY A 293 -25.56 31.65 -19.38
CA GLY A 293 -25.96 32.31 -20.60
C GLY A 293 -27.44 32.22 -20.91
N LYS A 294 -28.29 32.36 -19.91
CA LYS A 294 -29.74 32.41 -20.10
C LYS A 294 -30.21 33.84 -19.91
N GLY A 295 -31.00 34.33 -20.85
CA GLY A 295 -31.60 35.64 -20.71
C GLY A 295 -33.11 35.58 -20.80
N SER A 296 -33.78 35.84 -19.69
CA SER A 296 -35.23 35.83 -19.68
C SER A 296 -35.77 36.46 -18.40
N VAL A 297 -36.63 37.45 -18.56
CA VAL A 297 -37.39 38.00 -17.44
C VAL A 297 -38.83 37.54 -17.60
N GLN A 298 -39.31 36.81 -16.60
CA GLN A 298 -40.61 36.14 -16.66
C GLN A 298 -41.56 36.77 -15.65
N THR A 299 -42.79 37.00 -16.07
CA THR A 299 -43.82 37.58 -15.24
C THR A 299 -44.72 36.48 -14.71
N VAL A 300 -44.98 36.47 -13.42
CA VAL A 300 -45.90 35.51 -12.80
C VAL A 300 -47.27 36.18 -12.79
N LEU A 301 -47.98 36.07 -13.91
CA LEU A 301 -49.28 36.73 -14.03
C LEU A 301 -50.27 36.09 -13.08
N PRO A 302 -50.91 36.86 -12.19
CA PRO A 302 -51.89 36.25 -11.29
C PRO A 302 -53.08 35.70 -12.04
N LEU A 303 -53.71 34.69 -11.46
CA LEU A 303 -54.83 34.01 -12.09
C LEU A 303 -55.75 33.48 -11.01
N ASN A 304 -56.96 33.13 -11.43
CA ASN A 304 -57.96 32.62 -10.50
C ASN A 304 -57.54 31.25 -9.96
N ASN A 305 -58.10 30.91 -8.80
CA ASN A 305 -57.90 29.62 -8.15
C ASN A 305 -56.47 29.41 -7.65
N ASP A 306 -55.71 30.50 -7.48
CA ASP A 306 -54.38 30.49 -6.88
C ASP A 306 -53.32 29.88 -7.78
N ARG A 307 -53.63 29.55 -9.03
CA ARG A 307 -52.67 28.95 -9.96
C ARG A 307 -52.26 30.04 -10.96
N ALA A 308 -51.16 30.71 -10.68
CA ALA A 308 -50.68 31.80 -11.52
C ALA A 308 -49.56 31.30 -12.42
N LEU A 309 -49.74 31.47 -13.73
CA LEU A 309 -48.76 30.97 -14.69
C LEU A 309 -47.51 31.84 -14.69
N LYS A 310 -46.45 31.30 -15.30
CA LYS A 310 -45.15 31.96 -15.38
C LYS A 310 -44.66 31.85 -16.81
N LEU A 311 -44.54 33.00 -17.48
CA LEU A 311 -44.17 33.04 -18.90
C LEU A 311 -42.96 33.94 -19.08
N THR A 312 -42.15 33.63 -20.10
CA THR A 312 -40.97 34.42 -20.41
C THR A 312 -41.40 35.73 -21.03
N THR A 313 -41.76 36.71 -20.19
CA THR A 313 -42.34 37.95 -20.68
C THR A 313 -41.41 38.63 -21.68
N ALA A 314 -40.14 38.79 -21.34
CA ALA A 314 -39.24 39.58 -22.17
C ALA A 314 -37.82 39.06 -22.03
N LEU A 315 -36.97 39.48 -22.96
CA LEU A 315 -35.53 39.27 -22.84
C LEU A 315 -34.89 40.56 -22.33
N TYR A 316 -33.65 40.46 -21.88
CA TYR A 316 -32.90 41.62 -21.44
C TYR A 316 -31.64 41.77 -22.28
N TYR A 317 -31.03 42.94 -22.18
CA TYR A 317 -29.78 43.22 -22.88
C TYR A 317 -28.79 43.83 -21.91
N THR A 318 -27.52 43.52 -22.11
CA THR A 318 -26.46 44.22 -21.40
C THR A 318 -26.36 45.65 -21.95
N PRO A 319 -25.84 46.58 -21.15
CA PRO A 319 -25.90 47.99 -21.57
C PRO A 319 -25.32 48.25 -22.94
N ASN A 320 -24.32 47.47 -23.36
CA ASN A 320 -23.71 47.65 -24.67
C ASN A 320 -24.59 47.11 -25.79
N GLY A 321 -25.64 46.37 -25.47
CA GLY A 321 -26.49 45.75 -26.47
C GLY A 321 -26.26 44.28 -26.68
N ARG A 322 -25.20 43.72 -26.10
CA ARG A 322 -24.95 42.30 -26.22
C ARG A 322 -26.07 41.50 -25.55
N SER A 323 -26.48 40.42 -26.19
CA SER A 323 -27.55 39.55 -25.69
C SER A 323 -26.93 38.35 -24.99
N ILE A 324 -27.17 38.24 -23.69
CA ILE A 324 -26.56 37.15 -22.92
C ILE A 324 -27.18 35.81 -23.30
N GLN A 325 -28.48 35.80 -23.58
CA GLN A 325 -29.20 34.55 -23.75
C GLN A 325 -28.54 33.68 -24.81
N ALA A 326 -28.34 32.40 -24.49
CA ALA A 326 -27.75 31.39 -25.35
C ALA A 326 -26.26 31.59 -25.57
N GLN A 327 -25.67 32.67 -25.05
CA GLN A 327 -24.25 32.96 -25.24
C GLN A 327 -23.47 33.02 -23.94
N GLY A 328 -23.97 33.75 -22.95
CA GLY A 328 -23.27 33.93 -21.70
C GLY A 328 -22.23 35.03 -21.79
N ILE A 329 -21.70 35.39 -20.63
CA ILE A 329 -20.70 36.45 -20.50
C ILE A 329 -19.36 35.78 -20.22
N VAL A 330 -18.45 35.87 -21.18
CA VAL A 330 -17.14 35.24 -21.05
C VAL A 330 -16.30 36.07 -20.08
N PRO A 331 -15.83 35.50 -18.99
CA PRO A 331 -14.99 36.28 -18.07
C PRO A 331 -13.64 36.60 -18.69
N ASP A 332 -13.09 37.75 -18.29
CA ASP A 332 -11.79 38.16 -18.81
C ASP A 332 -10.68 37.25 -18.29
N ILE A 333 -10.65 37.02 -16.97
CA ILE A 333 -9.55 36.28 -16.38
C ILE A 333 -9.54 34.83 -16.89
N GLU A 334 -10.69 34.19 -16.94
CA GLU A 334 -10.79 32.80 -17.39
C GLU A 334 -9.94 31.89 -16.51
N VAL A 335 -10.31 31.84 -15.23
CA VAL A 335 -9.62 31.01 -14.24
C VAL A 335 -10.52 29.82 -13.95
N GLY A 336 -10.07 28.64 -14.35
CA GLY A 336 -10.81 27.41 -14.13
C GLY A 336 -10.33 26.71 -12.86
N ARG A 337 -11.28 26.10 -12.16
CA ARG A 337 -10.95 25.44 -10.90
C ARG A 337 -9.92 24.34 -11.14
N ALA A 338 -8.91 24.30 -10.27
CA ALA A 338 -7.83 23.34 -10.39
C ALA A 338 -7.13 23.24 -9.04
N LYS A 339 -6.09 22.41 -8.98
CA LYS A 339 -5.31 22.21 -7.77
C LYS A 339 -3.94 22.83 -7.94
N VAL A 340 -3.52 23.61 -6.94
CA VAL A 340 -2.23 24.29 -6.95
C VAL A 340 -1.37 23.71 -5.83
N THR A 341 -0.17 23.27 -6.18
CA THR A 341 0.76 22.68 -5.23
C THR A 341 2.14 23.27 -5.42
N GLN A 342 2.88 23.40 -4.32
CA GLN A 342 4.22 23.96 -4.36
C GLN A 342 5.27 22.84 -4.37
N GLN A 381 -9.88 32.11 0.88
CA GLN A 381 -8.87 31.34 1.60
C GLN A 381 -8.04 30.50 0.64
N ASP A 382 -7.10 29.73 1.20
CA ASP A 382 -6.25 28.88 0.37
C ASP A 382 -7.00 27.65 -0.14
N SER A 383 -7.98 27.15 0.63
CA SER A 383 -8.70 25.94 0.22
C SER A 383 -9.45 26.16 -1.09
N ASP A 384 -10.10 27.32 -1.24
CA ASP A 384 -10.86 27.63 -2.44
C ASP A 384 -9.92 28.24 -3.46
N TYR A 385 -9.55 27.45 -4.47
CA TYR A 385 -8.57 27.93 -5.45
C TYR A 385 -9.08 29.17 -6.17
N GLN A 386 -10.35 29.17 -6.59
CA GLN A 386 -10.89 30.33 -7.25
C GLN A 386 -10.77 31.57 -6.38
N LEU A 387 -11.15 31.45 -5.11
CA LEU A 387 -11.08 32.60 -4.21
C LEU A 387 -9.64 32.97 -3.89
N SER A 388 -8.75 31.98 -3.82
CA SER A 388 -7.33 32.30 -3.60
C SER A 388 -6.78 33.11 -4.76
N GLN A 389 -7.10 32.72 -5.99
CA GLN A 389 -6.70 33.49 -7.15
C GLN A 389 -7.29 34.89 -7.10
N ALA A 390 -8.58 35.00 -6.75
CA ALA A 390 -9.21 36.32 -6.70
C ALA A 390 -8.51 37.21 -5.68
N LEU A 391 -8.22 36.66 -4.50
CA LEU A 391 -7.56 37.46 -3.46
C LEU A 391 -6.16 37.88 -3.89
N SER A 392 -5.41 36.96 -4.49
CA SER A 392 -4.06 37.30 -4.92
C SER A 392 -4.08 38.39 -5.98
N LEU A 393 -4.97 38.25 -6.97
CA LEU A 393 -5.07 39.27 -8.00
C LEU A 393 -5.47 40.60 -7.41
N LEU A 394 -6.43 40.61 -6.48
CA LEU A 394 -6.89 41.86 -5.92
C LEU A 394 -5.79 42.54 -5.11
N LYS A 395 -5.05 41.77 -4.31
CA LYS A 395 -3.98 42.38 -3.53
C LYS A 395 -2.87 42.90 -4.43
N GLY A 396 -2.51 42.15 -5.48
CA GLY A 396 -1.52 42.64 -6.41
C GLY A 396 -1.96 43.92 -7.09
N LEU A 397 -3.20 43.97 -7.55
CA LEU A 397 -3.69 45.16 -8.23
C LEU A 397 -3.87 46.33 -7.28
N SER A 398 -4.05 46.06 -5.98
CA SER A 398 -4.11 47.15 -5.01
C SER A 398 -2.71 47.71 -4.71
N VAL A 399 -1.71 46.83 -4.62
CA VAL A 399 -0.37 47.31 -4.33
C VAL A 399 0.26 48.00 -5.53
N THR A 400 -0.02 47.52 -6.75
CA THR A 400 0.65 48.08 -7.92
C THR A 400 0.31 49.56 -8.09
N ARG A 401 -0.94 49.93 -7.86
CA ARG A 401 -1.40 51.31 -8.02
C ARG A 401 -2.11 51.77 -6.76
N GLY A 402 -2.10 53.08 -6.54
CA GLY A 402 -2.75 53.63 -5.36
C GLY A 402 -2.12 53.17 -4.07
N ASN A 403 -0.80 53.11 -4.02
CA ASN A 403 -0.09 52.68 -2.81
C ASN A 403 1.37 53.12 -2.87
N SER B 5 -77.85 15.68 -15.64
CA SER B 5 -77.59 15.05 -14.36
C SER B 5 -76.54 15.83 -13.57
N ALA B 6 -75.45 16.19 -14.25
CA ALA B 6 -74.38 16.95 -13.64
C ALA B 6 -74.01 18.12 -14.55
N PRO B 7 -73.55 19.24 -13.98
CA PRO B 7 -73.19 20.39 -14.81
C PRO B 7 -71.93 20.13 -15.62
N LEU B 8 -71.84 20.79 -16.76
CA LEU B 8 -70.61 20.77 -17.54
C LEU B 8 -69.63 21.76 -16.95
N PRO B 9 -68.39 21.36 -16.64
CA PRO B 9 -67.45 22.31 -16.02
C PRO B 9 -67.01 23.38 -17.01
N LEU B 10 -67.94 24.27 -17.38
CA LEU B 10 -67.62 25.33 -18.33
C LEU B 10 -66.59 26.29 -17.78
N ASP B 11 -66.47 26.42 -16.45
CA ASP B 11 -65.46 27.30 -15.88
C ASP B 11 -64.06 26.87 -16.29
N GLU B 12 -63.82 25.55 -16.33
CA GLU B 12 -62.51 25.06 -16.76
C GLU B 12 -62.22 25.45 -18.20
N LEU B 13 -63.21 25.32 -19.08
CA LEU B 13 -63.01 25.71 -20.47
C LEU B 13 -62.76 27.21 -20.59
N ARG B 14 -63.50 28.01 -19.82
CA ARG B 14 -63.26 29.44 -19.82
C ARG B 14 -61.85 29.76 -19.36
N THR B 15 -61.38 29.06 -18.32
CA THR B 15 -60.02 29.26 -17.84
C THR B 15 -59.00 28.90 -18.91
N PHE B 16 -59.25 27.81 -19.64
CA PHE B 16 -58.33 27.43 -20.70
C PHE B 16 -58.29 28.49 -21.80
N ALA B 17 -59.46 29.00 -22.19
CA ALA B 17 -59.47 30.03 -23.22
C ALA B 17 -58.74 31.28 -22.75
N GLU B 18 -58.98 31.69 -21.50
CA GLU B 18 -58.29 32.84 -20.94
C GLU B 18 -56.78 32.63 -20.95
N VAL B 19 -56.33 31.45 -20.55
CA VAL B 19 -54.90 31.18 -20.51
C VAL B 19 -54.32 31.20 -21.92
N LEU B 20 -55.03 30.64 -22.89
CA LEU B 20 -54.53 30.67 -24.27
C LEU B 20 -54.37 32.10 -24.76
N ASP B 21 -55.39 32.94 -24.57
CA ASP B 21 -55.30 34.31 -25.04
C ASP B 21 -54.19 35.07 -24.33
N ARG B 22 -54.10 34.93 -23.01
CA ARG B 22 -53.07 35.63 -22.26
C ARG B 22 -51.68 35.20 -22.70
N VAL B 23 -51.49 33.90 -22.90
CA VAL B 23 -50.18 33.41 -23.33
C VAL B 23 -49.83 33.94 -24.71
N LYS B 24 -50.79 33.94 -25.63
CA LYS B 24 -50.50 34.49 -26.96
C LYS B 24 -50.18 35.98 -26.87
N ALA B 25 -50.82 36.70 -25.95
CA ALA B 25 -50.58 38.13 -25.85
C ALA B 25 -49.20 38.43 -25.24
N ALA B 26 -48.84 37.75 -24.15
CA ALA B 26 -47.68 38.12 -23.36
C ALA B 26 -46.41 37.40 -23.76
N TYR B 27 -46.45 36.50 -24.73
CA TYR B 27 -45.25 35.80 -25.16
C TYR B 27 -44.35 36.72 -25.98
N VAL B 28 -43.04 36.47 -25.90
CA VAL B 28 -42.07 37.34 -26.57
C VAL B 28 -42.19 37.22 -28.08
N GLU B 29 -42.27 36.00 -28.60
CA GLU B 29 -42.28 35.83 -30.04
C GLU B 29 -43.71 35.69 -30.55
N PRO B 30 -44.04 36.18 -31.74
CA PRO B 30 -45.37 35.91 -32.30
C PRO B 30 -45.59 34.40 -32.43
N VAL B 31 -46.63 33.91 -31.77
CA VAL B 31 -46.97 32.49 -31.78
C VAL B 31 -48.40 32.36 -32.30
N ASP B 32 -48.55 31.63 -33.41
CA ASP B 32 -49.87 31.35 -33.93
C ASP B 32 -50.58 30.33 -33.05
N ASP B 33 -51.89 30.49 -32.89
CA ASP B 33 -52.64 29.59 -32.01
C ASP B 33 -52.54 28.14 -32.48
N LYS B 34 -52.18 27.91 -33.74
CA LYS B 34 -51.86 26.56 -34.18
C LYS B 34 -50.82 25.93 -33.27
N THR B 35 -49.70 26.64 -33.06
CA THR B 35 -48.64 26.11 -32.20
C THR B 35 -49.13 25.92 -30.78
N LEU B 36 -49.92 26.87 -30.27
CA LEU B 36 -50.40 26.77 -28.89
C LEU B 36 -51.27 25.54 -28.70
N LEU B 37 -52.21 25.30 -29.62
CA LEU B 37 -53.08 24.15 -29.48
C LEU B 37 -52.32 22.85 -29.67
N GLU B 38 -51.38 22.82 -30.62
CA GLU B 38 -50.57 21.61 -30.79
C GLU B 38 -49.80 21.31 -29.51
N ASN B 39 -49.19 22.32 -28.91
CA ASN B 39 -48.44 22.09 -27.68
C ASN B 39 -49.36 21.72 -26.53
N ALA B 40 -50.57 22.27 -26.50
CA ALA B 40 -51.52 21.87 -25.48
C ALA B 40 -51.84 20.39 -25.58
N ILE B 41 -52.13 19.92 -26.79
CA ILE B 41 -52.45 18.49 -26.97
C ILE B 41 -51.24 17.64 -26.58
N LYS B 42 -50.06 18.02 -27.09
CA LYS B 42 -48.86 17.25 -26.82
C LYS B 42 -48.63 17.12 -25.32
N GLY B 43 -48.64 18.23 -24.60
CA GLY B 43 -48.38 18.19 -23.18
C GLY B 43 -49.48 17.48 -22.41
N MET B 44 -50.73 17.62 -22.84
CA MET B 44 -51.81 16.89 -22.18
C MET B 44 -51.53 15.40 -22.23
N LEU B 45 -51.25 14.89 -23.43
CA LEU B 45 -50.96 13.46 -23.54
C LEU B 45 -49.74 13.09 -22.72
N SER B 46 -48.67 13.88 -22.80
CA SER B 46 -47.44 13.52 -22.12
C SER B 46 -47.64 13.48 -20.62
N ASN B 47 -48.36 14.46 -20.06
CA ASN B 47 -48.54 14.50 -18.61
C ASN B 47 -49.49 13.42 -18.13
N LEU B 48 -50.54 13.15 -18.90
CA LEU B 48 -51.52 12.15 -18.45
C LEU B 48 -50.89 10.76 -18.38
N ASP B 49 -50.20 10.36 -19.44
CA ASP B 49 -49.61 9.02 -19.53
C ASP B 49 -48.20 9.09 -20.10
N PRO B 50 -47.17 8.76 -19.33
CA PRO B 50 -45.81 8.96 -19.84
C PRO B 50 -45.52 8.29 -21.17
N HIS B 51 -46.10 7.11 -21.42
CA HIS B 51 -45.80 6.38 -22.64
C HIS B 51 -46.48 6.98 -23.87
N SER B 52 -47.65 7.57 -23.71
CA SER B 52 -48.45 7.99 -24.85
C SER B 52 -47.80 9.18 -25.55
N ALA B 53 -48.32 9.51 -26.72
CA ALA B 53 -47.81 10.64 -27.49
C ALA B 53 -48.78 10.94 -28.64
N TYR B 54 -48.53 12.05 -29.31
CA TYR B 54 -49.35 12.51 -30.43
C TYR B 54 -48.48 12.52 -31.68
N LEU B 55 -48.70 11.54 -32.57
CA LEU B 55 -47.88 11.40 -33.77
C LEU B 55 -48.47 12.26 -34.87
N GLY B 56 -47.71 13.25 -35.33
CA GLY B 56 -48.16 14.13 -36.37
C GLY B 56 -48.32 13.42 -37.69
N PRO B 57 -48.89 14.10 -38.69
CA PRO B 57 -49.07 13.44 -40.00
C PRO B 57 -47.77 12.99 -40.62
N GLU B 58 -46.79 13.88 -40.70
CA GLU B 58 -45.47 13.49 -41.20
C GLU B 58 -44.84 12.43 -40.31
N ASP B 59 -44.97 12.59 -39.00
CA ASP B 59 -44.46 11.58 -38.08
C ASP B 59 -45.20 10.26 -38.25
N PHE B 60 -46.52 10.33 -38.46
CA PHE B 60 -47.28 9.11 -38.69
C PHE B 60 -46.78 8.39 -39.94
N ALA B 61 -46.53 9.14 -41.02
CA ALA B 61 -45.96 8.53 -42.21
C ALA B 61 -44.60 7.91 -41.90
N GLU B 62 -43.77 8.63 -41.15
CA GLU B 62 -42.50 8.07 -40.71
C GLU B 62 -42.70 6.92 -39.74
N LEU B 63 -43.80 6.93 -38.98
CA LEU B 63 -44.08 5.84 -38.06
C LEU B 63 -44.34 4.53 -38.82
N GLN B 64 -45.00 4.61 -39.97
CA GLN B 64 -45.37 3.40 -40.69
C GLN B 64 -44.15 2.60 -41.12
N GLU B 65 -43.11 3.27 -41.62
CA GLU B 65 -41.92 2.60 -42.10
C GLU B 65 -40.68 3.26 -41.53
N SER B 66 -39.66 2.45 -41.24
CA SER B 66 -38.40 2.97 -40.77
C SER B 66 -37.66 3.70 -41.89
N THR B 67 -36.84 4.68 -41.50
CA THR B 67 -36.14 5.48 -42.50
C THR B 67 -35.19 4.63 -43.33
N SER B 68 -34.44 3.73 -42.68
CA SER B 68 -33.45 2.91 -43.35
C SER B 68 -33.54 1.48 -42.85
N GLY B 69 -33.37 0.53 -43.76
CA GLY B 69 -33.41 -0.88 -43.37
C GLY B 69 -32.25 -1.26 -42.48
N GLU B 70 -31.06 -0.73 -42.78
CA GLU B 70 -29.87 -1.00 -41.99
C GLU B 70 -29.71 -0.04 -40.81
N PHE B 71 -30.76 0.71 -40.49
CA PHE B 71 -30.70 1.69 -39.42
C PHE B 71 -30.32 1.02 -38.10
N GLY B 72 -29.14 1.37 -37.56
CA GLY B 72 -28.69 0.77 -36.33
C GLY B 72 -29.31 1.41 -35.10
N GLY B 73 -29.21 0.69 -33.99
CA GLY B 73 -29.75 1.15 -32.73
C GLY B 73 -28.83 0.80 -31.58
N LEU B 74 -28.87 1.64 -30.54
CA LEU B 74 -28.00 1.43 -29.39
C LEU B 74 -28.33 0.11 -28.68
N GLY B 75 -29.62 -0.18 -28.50
CA GLY B 75 -30.08 -1.40 -27.88
C GLY B 75 -30.74 -1.20 -26.53
N ILE B 76 -30.52 -0.06 -25.87
CA ILE B 76 -31.15 0.20 -24.58
C ILE B 76 -32.65 0.43 -24.79
N GLU B 77 -33.46 -0.16 -23.92
CA GLU B 77 -34.90 0.05 -23.94
C GLU B 77 -35.30 0.77 -22.66
N VAL B 78 -35.96 1.93 -22.81
CA VAL B 78 -36.21 2.85 -21.72
C VAL B 78 -37.71 2.99 -21.51
N GLY B 79 -38.05 3.52 -20.33
CA GLY B 79 -39.42 3.80 -19.98
C GLY B 79 -39.50 4.93 -18.97
N SER B 80 -40.28 5.95 -19.28
CA SER B 80 -40.27 7.15 -18.46
C SER B 80 -40.69 6.83 -17.02
N GLU B 81 -40.02 7.48 -16.07
CA GLU B 81 -40.33 7.33 -14.66
C GLU B 81 -40.30 8.69 -13.99
N ASP B 82 -41.37 9.01 -13.26
CA ASP B 82 -41.50 10.27 -12.54
C ASP B 82 -41.01 11.45 -13.37
N GLY B 83 -41.33 11.47 -14.66
CA GLY B 83 -40.90 12.54 -15.53
C GLY B 83 -39.43 12.52 -15.86
N PHE B 84 -38.72 11.45 -15.55
CA PHE B 84 -37.29 11.34 -15.81
C PHE B 84 -37.02 10.00 -16.49
N ILE B 85 -36.27 10.03 -17.59
CA ILE B 85 -36.07 8.84 -18.38
C ILE B 85 -35.34 7.78 -17.56
N LYS B 86 -35.73 6.52 -17.74
CA LYS B 86 -35.17 5.39 -17.01
C LYS B 86 -34.87 4.26 -17.98
N VAL B 87 -33.75 3.58 -17.75
CA VAL B 87 -33.31 2.49 -18.61
C VAL B 87 -33.96 1.21 -18.09
N VAL B 88 -35.03 0.78 -18.76
CA VAL B 88 -35.71 -0.44 -18.32
C VAL B 88 -34.81 -1.64 -18.48
N SER B 89 -34.13 -1.74 -19.62
CA SER B 89 -33.32 -2.93 -19.84
C SER B 89 -32.29 -2.74 -20.96
N PRO B 90 -31.03 -3.10 -20.73
CA PRO B 90 -30.06 -3.21 -21.83
C PRO B 90 -30.17 -4.58 -22.49
N ILE B 91 -30.63 -4.61 -23.73
CA ILE B 91 -30.76 -5.87 -24.44
C ILE B 91 -29.39 -6.54 -24.54
N ASP B 92 -29.37 -7.85 -24.32
CA ASP B 92 -28.10 -8.57 -24.29
C ASP B 92 -27.44 -8.56 -25.66
N ASP B 93 -26.10 -8.59 -25.65
CA ASP B 93 -25.30 -8.67 -26.88
C ASP B 93 -25.47 -7.41 -27.73
N THR B 94 -25.27 -6.26 -27.10
CA THR B 94 -25.33 -4.98 -27.77
C THR B 94 -24.22 -4.10 -27.20
N PRO B 95 -23.76 -3.09 -27.96
CA PRO B 95 -22.67 -2.25 -27.44
C PRO B 95 -22.98 -1.62 -26.10
N ALA B 96 -24.23 -1.21 -25.88
CA ALA B 96 -24.59 -0.64 -24.59
C ALA B 96 -24.41 -1.67 -23.47
N ALA B 97 -24.76 -2.93 -23.74
CA ALA B 97 -24.61 -3.96 -22.73
C ALA B 97 -23.14 -4.14 -22.33
N ARG B 98 -22.24 -4.06 -23.31
CA ARG B 98 -20.82 -4.21 -23.00
C ARG B 98 -20.37 -3.19 -21.96
N ALA B 99 -20.89 -1.97 -22.04
CA ALA B 99 -20.60 -0.97 -21.03
C ALA B 99 -21.29 -1.34 -19.72
N GLY B 100 -21.14 -0.48 -18.72
CA GLY B 100 -21.70 -0.74 -17.42
C GLY B 100 -23.15 -0.31 -17.28
N ILE B 101 -23.91 -0.36 -18.38
CA ILE B 101 -25.31 0.00 -18.36
C ILE B 101 -26.09 -1.15 -17.76
N GLN B 102 -26.86 -0.86 -16.72
CA GLN B 102 -27.64 -1.85 -16.00
C GLN B 102 -29.07 -1.36 -15.83
N PRO B 103 -30.02 -2.27 -15.64
CA PRO B 103 -31.40 -1.83 -15.35
C PRO B 103 -31.45 -0.97 -14.10
N GLY B 104 -32.30 0.04 -14.13
CA GLY B 104 -32.36 1.04 -13.08
C GLY B 104 -31.51 2.26 -13.33
N ASP B 105 -30.67 2.24 -14.36
CA ASP B 105 -29.87 3.41 -14.71
C ASP B 105 -30.78 4.53 -15.21
N LEU B 106 -30.51 5.75 -14.72
CA LEU B 106 -31.28 6.92 -15.10
C LEU B 106 -30.45 7.76 -16.07
N ILE B 107 -31.02 8.06 -17.23
CA ILE B 107 -30.34 8.85 -18.25
C ILE B 107 -30.64 10.32 -18.00
N VAL B 108 -29.60 11.10 -17.73
CA VAL B 108 -29.76 12.54 -17.53
C VAL B 108 -29.63 13.30 -18.84
N GLN B 109 -28.59 13.00 -19.61
CA GLN B 109 -28.34 13.69 -20.88
C GLN B 109 -27.95 12.68 -21.93
N ILE B 110 -28.39 12.91 -23.16
CA ILE B 110 -28.02 12.11 -24.32
C ILE B 110 -27.44 13.05 -25.37
N ASP B 111 -26.29 12.66 -25.93
CA ASP B 111 -25.60 13.50 -26.91
C ASP B 111 -25.33 14.89 -26.35
N GLY B 112 -25.00 14.95 -25.06
CA GLY B 112 -24.79 16.23 -24.41
C GLY B 112 -26.01 17.12 -24.42
N LYS B 113 -27.20 16.54 -24.27
CA LYS B 113 -28.45 17.30 -24.30
C LYS B 113 -29.33 16.83 -23.16
N PRO B 114 -29.82 17.72 -22.29
CA PRO B 114 -30.75 17.29 -21.25
C PRO B 114 -32.01 16.68 -21.87
N THR B 115 -32.51 15.64 -21.21
CA THR B 115 -33.72 14.96 -21.64
C THR B 115 -34.82 14.98 -20.59
N LYS B 116 -34.66 15.79 -19.54
CA LYS B 116 -35.67 15.82 -18.48
C LYS B 116 -37.02 16.28 -19.02
N GLY B 117 -37.02 17.30 -19.87
CA GLY B 117 -38.26 17.82 -20.42
C GLY B 117 -38.75 17.15 -21.69
N GLN B 118 -37.96 16.24 -22.26
CA GLN B 118 -38.34 15.61 -23.52
C GLN B 118 -39.27 14.43 -23.27
N SER B 119 -39.98 14.03 -24.33
CA SER B 119 -40.87 12.89 -24.27
C SER B 119 -40.10 11.60 -24.52
N MET B 120 -40.67 10.50 -24.04
CA MET B 120 -40.00 9.21 -24.17
C MET B 120 -39.77 8.84 -25.63
N THR B 121 -40.79 9.06 -26.47
CA THR B 121 -40.64 8.75 -27.89
C THR B 121 -39.54 9.61 -28.52
N GLU B 122 -39.54 10.90 -28.21
CA GLU B 122 -38.52 11.79 -28.75
C GLU B 122 -37.13 11.41 -28.25
N ALA B 123 -37.03 11.06 -26.96
CA ALA B 123 -35.74 10.65 -26.42
C ALA B 123 -35.23 9.39 -27.10
N VAL B 124 -36.11 8.41 -27.30
CA VAL B 124 -35.72 7.18 -27.97
C VAL B 124 -35.28 7.47 -29.40
N ASP B 125 -36.02 8.32 -30.11
CA ASP B 125 -35.64 8.67 -31.47
C ASP B 125 -34.27 9.34 -31.49
N SER B 126 -34.03 10.26 -30.56
CA SER B 126 -32.73 10.93 -30.49
C SER B 126 -31.62 9.93 -30.21
N MET B 127 -31.89 8.93 -29.36
CA MET B 127 -30.89 7.92 -29.06
C MET B 127 -30.47 7.17 -30.31
N ARG B 128 -31.44 6.81 -31.14
CA ARG B 128 -31.13 6.07 -32.36
C ARG B 128 -30.29 6.92 -33.30
N GLY B 129 -29.45 6.25 -34.09
CA GLY B 129 -28.59 6.94 -35.03
C GLY B 129 -28.05 5.98 -36.07
N LYS B 130 -27.19 6.51 -36.92
CA LYS B 130 -26.57 5.70 -37.96
C LYS B 130 -25.66 4.64 -37.37
N ALA B 131 -25.58 3.50 -38.04
CA ALA B 131 -24.73 2.42 -37.59
C ALA B 131 -23.27 2.85 -37.56
N GLY B 132 -22.53 2.37 -36.56
CA GLY B 132 -21.13 2.74 -36.44
C GLY B 132 -20.91 4.21 -36.20
N SER B 133 -21.70 4.81 -35.32
CA SER B 133 -21.57 6.23 -35.01
C SER B 133 -21.41 6.41 -33.50
N PRO B 134 -20.53 7.32 -33.07
CA PRO B 134 -20.34 7.52 -31.63
C PRO B 134 -21.52 8.25 -31.01
N ILE B 135 -21.70 8.04 -29.70
CA ILE B 135 -22.75 8.70 -28.94
C ILE B 135 -22.31 8.75 -27.48
N THR B 136 -22.88 9.70 -26.74
CA THR B 136 -22.53 9.89 -25.33
C THR B 136 -23.79 9.96 -24.50
N LEU B 137 -23.72 9.42 -23.28
CA LEU B 137 -24.82 9.43 -22.34
C LEU B 137 -24.29 9.78 -20.97
N THR B 138 -25.18 10.32 -20.12
CA THR B 138 -24.88 10.57 -18.73
C THR B 138 -25.78 9.68 -17.87
N ILE B 139 -25.17 8.91 -16.99
CA ILE B 139 -25.87 7.88 -16.22
C ILE B 139 -25.74 8.20 -14.74
N VAL B 140 -26.82 7.99 -14.01
CA VAL B 140 -26.88 8.16 -12.56
C VAL B 140 -27.44 6.87 -11.97
N ARG B 141 -26.71 6.27 -11.04
CA ARG B 141 -27.13 5.02 -10.40
C ARG B 141 -27.31 5.28 -8.90
N ASP B 142 -28.51 4.95 -8.39
CA ASP B 142 -28.78 5.02 -6.96
C ASP B 142 -28.39 6.38 -6.39
N GLY B 143 -28.70 7.44 -7.14
CA GLY B 143 -28.34 8.77 -6.70
C GLY B 143 -26.85 9.02 -6.69
N GLY B 144 -26.09 8.30 -7.51
CA GLY B 144 -24.66 8.49 -7.58
C GLY B 144 -24.28 9.72 -8.36
N ARG B 145 -22.97 9.89 -8.55
CA ARG B 145 -22.47 11.02 -9.31
C ARG B 145 -22.73 10.80 -10.79
N PRO B 146 -23.45 11.70 -11.49
CA PRO B 146 -23.68 11.49 -12.92
C PRO B 146 -22.37 11.36 -13.67
N PHE B 147 -22.18 10.21 -14.32
CA PHE B 147 -20.94 9.93 -15.03
C PHE B 147 -21.24 9.72 -16.51
N ASP B 148 -20.29 10.12 -17.34
CA ASP B 148 -20.44 10.04 -18.79
C ASP B 148 -19.93 8.72 -19.31
N VAL B 149 -20.65 8.16 -20.27
CA VAL B 149 -20.29 6.92 -20.94
C VAL B 149 -20.45 7.12 -22.44
N GLU B 150 -19.43 6.72 -23.20
CA GLU B 150 -19.46 6.83 -24.65
C GLU B 150 -19.65 5.44 -25.25
N LEU B 151 -20.49 5.37 -26.28
CA LEU B 151 -20.82 4.11 -26.94
C LEU B 151 -20.73 4.29 -28.44
N LYS B 152 -20.65 3.16 -29.14
CA LYS B 152 -20.59 3.14 -30.61
C LYS B 152 -21.86 2.47 -31.12
N ARG B 153 -22.61 3.19 -31.96
CA ARG B 153 -23.83 2.65 -32.51
C ARG B 153 -23.52 1.49 -33.46
N ALA B 154 -24.41 0.51 -33.48
CA ALA B 154 -24.26 -0.64 -34.36
C ALA B 154 -25.62 -1.27 -34.59
N ILE B 155 -25.75 -1.96 -35.72
CA ILE B 155 -26.96 -2.72 -35.99
C ILE B 155 -27.06 -3.87 -35.00
N ILE B 156 -28.23 -4.02 -34.39
CA ILE B 156 -28.43 -4.98 -33.30
C ILE B 156 -29.05 -6.24 -33.87
N LYS B 157 -28.39 -7.38 -33.64
CA LYS B 157 -28.94 -8.69 -33.94
C LYS B 157 -29.21 -9.39 -32.63
N VAL B 158 -30.48 -9.77 -32.41
CA VAL B 158 -30.88 -10.30 -31.11
C VAL B 158 -30.28 -11.67 -30.87
N LYS B 159 -30.27 -12.52 -31.90
CA LYS B 159 -29.91 -13.94 -31.84
C LYS B 159 -31.05 -14.76 -31.27
N SER B 160 -32.14 -14.14 -30.82
CA SER B 160 -33.34 -14.84 -30.35
C SER B 160 -32.96 -15.69 -29.15
N VAL B 161 -33.10 -17.01 -29.20
CA VAL B 161 -32.92 -17.88 -28.03
C VAL B 161 -31.45 -18.25 -27.88
N LYS B 162 -31.10 -18.77 -26.71
CA LYS B 162 -29.75 -19.28 -26.45
C LYS B 162 -29.89 -20.51 -25.58
N SER B 163 -29.31 -21.62 -26.03
CA SER B 163 -29.48 -22.91 -25.36
C SER B 163 -28.13 -23.57 -25.11
N GLN B 164 -28.04 -24.28 -23.99
CA GLN B 164 -26.86 -25.07 -23.67
C GLN B 164 -27.28 -26.14 -22.65
N VAL B 165 -26.44 -27.15 -22.50
CA VAL B 165 -26.70 -28.25 -21.59
C VAL B 165 -25.80 -28.09 -20.38
N LEU B 166 -26.41 -28.00 -19.20
CA LEU B 166 -25.66 -27.81 -17.96
C LEU B 166 -25.30 -29.13 -17.30
N GLU B 167 -26.26 -30.03 -17.17
CA GLU B 167 -26.06 -31.33 -16.53
C GLU B 167 -26.83 -32.37 -17.32
N PRO B 168 -26.48 -33.66 -17.16
CA PRO B 168 -27.07 -34.71 -18.00
C PRO B 168 -28.57 -34.59 -18.21
N GLY B 169 -29.29 -34.03 -17.24
CA GLY B 169 -30.72 -33.88 -17.37
C GLY B 169 -31.23 -32.49 -17.01
N TYR B 170 -30.31 -31.54 -16.83
CA TYR B 170 -30.66 -30.18 -16.46
C TYR B 170 -30.17 -29.24 -17.55
N ALA B 171 -31.11 -28.61 -18.25
CA ALA B 171 -30.83 -27.73 -19.36
C ALA B 171 -31.12 -26.29 -18.99
N TYR B 172 -30.55 -25.37 -19.78
CA TYR B 172 -30.65 -23.93 -19.50
C TYR B 172 -30.93 -23.21 -20.81
N LEU B 173 -32.01 -22.45 -20.85
CA LEU B 173 -32.45 -21.77 -22.07
C LEU B 173 -32.74 -20.31 -21.72
N ARG B 174 -31.94 -19.40 -22.27
CA ARG B 174 -32.08 -17.98 -21.99
C ARG B 174 -32.76 -17.27 -23.16
N ILE B 175 -33.72 -16.40 -22.85
CA ILE B 175 -34.46 -15.65 -23.86
C ILE B 175 -33.93 -14.23 -23.83
N THR B 176 -33.15 -13.86 -24.84
CA THR B 176 -32.58 -12.52 -24.89
C THR B 176 -33.68 -11.48 -25.09
N GLN B 177 -34.54 -11.69 -26.08
CA GLN B 177 -35.59 -10.72 -26.38
C GLN B 177 -36.67 -11.42 -27.22
N PHE B 178 -37.91 -10.98 -27.03
CA PHE B 178 -39.06 -11.60 -27.69
C PHE B 178 -39.33 -10.90 -29.01
N GLN B 179 -38.67 -11.37 -30.07
CA GLN B 179 -38.97 -10.87 -31.40
C GLN B 179 -40.00 -11.78 -32.07
N VAL B 180 -40.21 -11.61 -33.36
CA VAL B 180 -41.28 -12.33 -34.04
C VAL B 180 -40.96 -13.82 -34.13
N ASN B 181 -39.73 -14.16 -34.53
CA ASN B 181 -39.42 -15.55 -34.85
C ASN B 181 -39.36 -16.41 -33.59
N THR B 182 -38.90 -15.84 -32.47
CA THR B 182 -38.62 -16.66 -31.29
C THR B 182 -39.83 -17.52 -30.91
N GLY B 183 -41.04 -17.01 -31.13
CA GLY B 183 -42.24 -17.73 -30.81
C GLY B 183 -42.20 -19.19 -31.18
N GLU B 184 -41.50 -19.52 -32.27
CA GLU B 184 -41.34 -20.91 -32.66
C GLU B 184 -39.94 -21.44 -32.37
N GLU B 185 -38.91 -20.60 -32.49
CA GLU B 185 -37.55 -21.11 -32.37
C GLU B 185 -37.33 -21.86 -31.07
N VAL B 186 -37.85 -21.32 -29.97
CA VAL B 186 -37.72 -21.99 -28.68
C VAL B 186 -38.03 -23.47 -28.82
N VAL B 187 -39.20 -23.79 -29.38
CA VAL B 187 -39.60 -25.19 -29.49
C VAL B 187 -38.53 -25.98 -30.20
N LYS B 188 -38.08 -25.48 -31.36
CA LYS B 188 -37.01 -26.16 -32.07
C LYS B 188 -35.82 -26.38 -31.15
N ALA B 189 -35.36 -25.31 -30.50
CA ALA B 189 -34.26 -25.45 -29.56
C ALA B 189 -34.59 -26.50 -28.52
N LEU B 190 -35.78 -26.42 -27.94
CA LEU B 190 -36.18 -27.41 -26.94
C LEU B 190 -36.05 -28.81 -27.51
N ASN B 191 -36.54 -29.02 -28.74
CA ASN B 191 -36.44 -30.34 -29.35
C ASN B 191 -35.01 -30.83 -29.30
N GLN B 192 -34.06 -29.98 -29.71
CA GLN B 192 -32.66 -30.39 -29.69
C GLN B 192 -32.27 -30.90 -28.31
N LEU B 193 -32.61 -30.14 -27.27
CA LEU B 193 -32.30 -30.59 -25.92
C LEU B 193 -32.98 -31.92 -25.64
N ARG B 194 -34.27 -32.03 -25.98
CA ARG B 194 -34.98 -33.28 -25.78
C ARG B 194 -34.31 -34.41 -26.56
N LYS B 195 -33.66 -34.09 -27.67
CA LYS B 195 -32.95 -35.10 -28.45
C LYS B 195 -31.64 -35.50 -27.80
N ASP B 196 -30.99 -34.56 -27.10
CA ASP B 196 -29.65 -34.79 -26.56
C ASP B 196 -29.66 -35.29 -25.12
N ASN B 197 -30.84 -35.57 -24.56
CA ASN B 197 -30.95 -36.06 -23.19
C ASN B 197 -31.93 -37.23 -23.13
N LYS B 198 -31.98 -38.05 -24.19
CA LYS B 198 -32.80 -39.25 -24.22
C LYS B 198 -34.28 -38.95 -24.02
N GLY B 199 -34.71 -37.76 -24.45
CA GLY B 199 -36.12 -37.42 -24.45
C GLY B 199 -36.65 -36.91 -23.13
N ARG B 200 -35.89 -37.02 -22.05
CA ARG B 200 -36.33 -36.59 -20.72
C ARG B 200 -35.29 -35.65 -20.14
N LEU B 201 -35.76 -34.54 -19.56
CA LEU B 201 -34.90 -33.58 -18.89
C LEU B 201 -35.23 -33.57 -17.41
N LYS B 202 -34.21 -33.70 -16.56
CA LYS B 202 -34.44 -33.62 -15.13
C LYS B 202 -35.01 -32.27 -14.74
N GLY B 203 -34.65 -31.23 -15.49
CA GLY B 203 -35.17 -29.90 -15.22
C GLY B 203 -34.69 -28.93 -16.28
N LEU B 204 -35.42 -27.84 -16.40
CA LEU B 204 -35.09 -26.78 -17.34
C LEU B 204 -35.13 -25.44 -16.63
N VAL B 205 -34.11 -24.63 -16.85
CA VAL B 205 -34.01 -23.30 -16.26
C VAL B 205 -34.21 -22.30 -17.38
N LEU B 206 -35.35 -21.62 -17.36
CA LEU B 206 -35.66 -20.59 -18.33
C LEU B 206 -35.14 -19.25 -17.79
N ASP B 207 -34.25 -18.63 -18.55
CA ASP B 207 -33.57 -17.41 -18.12
C ASP B 207 -34.24 -16.23 -18.83
N LEU B 208 -35.25 -15.67 -18.16
CA LEU B 208 -35.84 -14.39 -18.56
C LEU B 208 -35.26 -13.26 -17.72
N ARG B 209 -33.97 -13.01 -17.93
CA ARG B 209 -33.24 -12.02 -17.15
C ARG B 209 -32.72 -10.94 -18.09
N ASN B 210 -32.87 -9.68 -17.67
CA ASN B 210 -32.49 -8.54 -18.50
C ASN B 210 -33.10 -8.66 -19.89
N ASN B 211 -34.38 -9.00 -19.94
CA ASN B 211 -35.09 -9.21 -21.19
C ASN B 211 -36.11 -8.11 -21.40
N PRO B 212 -35.89 -7.16 -22.30
CA PRO B 212 -36.86 -6.08 -22.47
C PRO B 212 -38.26 -6.58 -22.80
N GLY B 213 -38.38 -7.32 -23.89
CA GLY B 213 -39.65 -7.85 -24.35
C GLY B 213 -39.89 -7.47 -25.79
N GLY B 214 -41.11 -7.74 -26.24
CA GLY B 214 -41.50 -7.42 -27.61
C GLY B 214 -42.89 -7.89 -27.95
N VAL B 215 -43.05 -8.46 -29.15
CA VAL B 215 -44.36 -8.90 -29.60
C VAL B 215 -44.94 -9.88 -28.61
N LEU B 216 -46.20 -9.66 -28.23
CA LEU B 216 -46.83 -10.53 -27.23
C LEU B 216 -47.12 -11.91 -27.78
N GLN B 217 -47.29 -12.04 -29.10
CA GLN B 217 -47.64 -13.34 -29.67
C GLN B 217 -46.54 -14.36 -29.43
N SER B 218 -45.29 -13.96 -29.61
CA SER B 218 -44.18 -14.86 -29.30
C SER B 218 -44.20 -15.26 -27.83
N ALA B 219 -44.54 -14.31 -26.96
CA ALA B 219 -44.65 -14.62 -25.54
C ALA B 219 -45.73 -15.68 -25.30
N VAL B 220 -46.86 -15.54 -25.98
CA VAL B 220 -47.94 -16.51 -25.82
C VAL B 220 -47.49 -17.89 -26.29
N GLU B 221 -46.81 -17.94 -27.44
CA GLU B 221 -46.35 -19.23 -27.95
C GLU B 221 -45.35 -19.87 -27.00
N VAL B 222 -44.43 -19.07 -26.45
CA VAL B 222 -43.47 -19.61 -25.49
C VAL B 222 -44.19 -20.13 -24.25
N ALA B 223 -45.15 -19.37 -23.73
CA ALA B 223 -45.89 -19.82 -22.56
C ALA B 223 -46.63 -21.12 -22.85
N ASP B 224 -47.16 -21.26 -24.06
CA ASP B 224 -47.84 -22.50 -24.43
C ASP B 224 -46.86 -23.65 -24.53
N ALA B 225 -45.62 -23.38 -24.94
CA ALA B 225 -44.64 -24.44 -25.06
C ALA B 225 -44.43 -25.20 -23.77
N PHE B 226 -44.70 -24.57 -22.62
CA PHE B 226 -44.58 -25.22 -21.32
C PHE B 226 -45.92 -25.40 -20.61
N LEU B 227 -46.99 -24.79 -21.10
CA LEU B 227 -48.31 -24.88 -20.49
C LEU B 227 -49.26 -25.57 -21.46
N THR B 228 -50.03 -26.53 -20.94
CA THR B 228 -50.94 -27.31 -21.78
C THR B 228 -52.33 -26.69 -21.83
N LYS B 229 -52.96 -26.55 -20.66
CA LYS B 229 -54.34 -26.08 -20.57
C LYS B 229 -54.40 -24.81 -19.74
N GLY B 230 -55.32 -23.92 -20.11
CA GLY B 230 -55.55 -22.70 -19.38
C GLY B 230 -55.29 -21.47 -20.26
N LEU B 231 -55.60 -20.32 -19.67
CA LEU B 231 -55.44 -19.04 -20.34
C LEU B 231 -54.12 -18.40 -19.92
N ILE B 232 -53.33 -17.97 -20.91
CA ILE B 232 -52.03 -17.39 -20.60
C ILE B 232 -52.19 -15.98 -20.04
N VAL B 233 -52.77 -15.09 -20.85
CA VAL B 233 -52.89 -13.68 -20.50
C VAL B 233 -54.15 -13.11 -21.13
N TYR B 234 -54.86 -12.27 -20.39
CA TYR B 234 -56.06 -11.61 -20.88
C TYR B 234 -55.98 -10.13 -20.57
N THR B 235 -56.34 -9.31 -21.54
CA THR B 235 -56.25 -7.86 -21.40
C THR B 235 -57.57 -7.30 -20.89
N LYS B 236 -57.49 -6.14 -20.21
CA LYS B 236 -58.65 -5.48 -19.61
C LYS B 236 -58.63 -4.02 -20.04
N GLY B 237 -59.23 -3.73 -21.19
CA GLY B 237 -59.29 -2.37 -21.73
C GLY B 237 -60.72 -1.87 -21.77
N ARG B 238 -60.88 -0.55 -21.65
CA ARG B 238 -62.22 0.01 -21.59
C ARG B 238 -62.99 -0.23 -22.88
N ILE B 239 -62.38 0.10 -24.02
CA ILE B 239 -63.08 -0.06 -25.29
C ILE B 239 -63.29 -1.54 -25.57
N ALA B 240 -64.39 -1.84 -26.26
CA ALA B 240 -64.78 -3.24 -26.49
C ALA B 240 -63.82 -3.96 -27.43
N ASN B 241 -63.10 -3.23 -28.29
CA ASN B 241 -62.24 -3.87 -29.27
C ASN B 241 -60.95 -4.41 -28.65
N SER B 242 -60.41 -3.71 -27.64
CA SER B 242 -59.11 -4.07 -27.10
C SER B 242 -59.12 -5.37 -26.30
N GLU B 243 -60.30 -5.93 -26.01
CA GLU B 243 -60.37 -7.15 -25.21
C GLU B 243 -59.71 -8.28 -25.96
N LEU B 244 -58.53 -8.70 -25.50
CA LEU B 244 -57.80 -9.81 -26.09
C LEU B 244 -57.74 -10.95 -25.08
N ARG B 245 -58.10 -12.14 -25.53
CA ARG B 245 -58.05 -13.35 -24.71
C ARG B 245 -57.13 -14.36 -25.38
N PHE B 246 -56.41 -15.13 -24.58
CA PHE B 246 -55.48 -16.12 -25.10
C PHE B 246 -55.61 -17.41 -24.29
N SER B 247 -55.43 -18.53 -24.99
CA SER B 247 -55.46 -19.85 -24.37
C SER B 247 -54.32 -20.68 -24.92
N ALA B 248 -53.88 -21.66 -24.13
CA ALA B 248 -52.74 -22.49 -24.47
C ALA B 248 -53.21 -23.85 -24.98
N ASP B 249 -52.66 -24.27 -26.11
CA ASP B 249 -52.99 -25.59 -26.64
C ASP B 249 -52.44 -26.67 -25.71
N PRO B 250 -53.14 -27.79 -25.55
CA PRO B 250 -52.60 -28.86 -24.69
C PRO B 250 -51.24 -29.37 -25.15
N ALA B 251 -50.96 -29.34 -26.45
CA ALA B 251 -49.69 -29.85 -26.95
C ALA B 251 -48.53 -29.08 -26.33
N ASP B 252 -47.48 -29.82 -25.96
CA ASP B 252 -46.28 -29.21 -25.39
C ASP B 252 -45.08 -30.11 -25.63
N PRO B 253 -44.09 -29.70 -26.43
CA PRO B 253 -42.87 -30.52 -26.57
C PRO B 253 -42.02 -30.56 -25.32
N SER B 254 -42.30 -29.73 -24.32
CA SER B 254 -41.52 -29.75 -23.08
C SER B 254 -41.67 -31.08 -22.36
N ASP B 255 -42.88 -31.65 -22.36
CA ASP B 255 -43.15 -32.92 -21.69
C ASP B 255 -43.02 -32.79 -20.18
N LYS B 256 -43.65 -31.76 -19.62
CA LYS B 256 -43.78 -31.61 -18.17
C LYS B 256 -42.42 -31.61 -17.47
N VAL B 257 -41.42 -31.05 -18.13
CA VAL B 257 -40.12 -30.88 -17.46
C VAL B 257 -40.26 -29.87 -16.34
N PRO B 258 -39.79 -30.15 -15.13
CA PRO B 258 -39.87 -29.14 -14.06
C PRO B 258 -39.13 -27.88 -14.47
N LEU B 259 -39.71 -26.74 -14.09
CA LEU B 259 -39.22 -25.43 -14.53
C LEU B 259 -38.95 -24.54 -13.33
N VAL B 260 -37.83 -23.85 -13.37
CA VAL B 260 -37.54 -22.74 -12.47
C VAL B 260 -37.07 -21.58 -13.33
N VAL B 261 -37.80 -20.48 -13.28
CA VAL B 261 -37.57 -19.33 -14.17
C VAL B 261 -36.91 -18.22 -13.36
N LEU B 262 -36.03 -17.47 -14.01
CA LEU B 262 -35.27 -16.41 -13.37
C LEU B 262 -35.77 -15.05 -13.84
N ILE B 263 -35.95 -14.14 -12.89
CA ILE B 263 -36.38 -12.77 -13.15
C ILE B 263 -35.36 -11.83 -12.55
N ASN B 264 -34.70 -11.04 -13.39
CA ASN B 264 -33.63 -10.14 -12.96
C ASN B 264 -34.13 -8.75 -12.59
N GLY B 265 -35.41 -8.47 -12.76
CA GLY B 265 -35.89 -7.11 -12.62
C GLY B 265 -35.69 -6.25 -13.84
N GLY B 266 -35.07 -6.79 -14.88
CA GLY B 266 -34.97 -6.12 -16.16
C GLY B 266 -35.89 -6.73 -17.18
N SER B 267 -36.92 -7.43 -16.70
CA SER B 267 -37.94 -8.05 -17.55
C SER B 267 -39.17 -7.15 -17.52
N ALA B 268 -39.51 -6.57 -18.67
CA ALA B 268 -40.52 -5.51 -18.71
C ALA B 268 -41.89 -5.97 -19.21
N ALA B 269 -41.96 -6.43 -20.47
CA ALA B 269 -43.27 -6.56 -21.14
C ALA B 269 -43.61 -8.00 -21.49
N ALA B 270 -42.79 -8.68 -22.28
CA ALA B 270 -43.10 -10.04 -22.70
C ALA B 270 -42.55 -11.07 -21.72
N ALA B 271 -41.30 -10.89 -21.28
CA ALA B 271 -40.74 -11.79 -20.28
C ALA B 271 -41.57 -11.75 -19.00
N GLU B 272 -41.99 -10.56 -18.59
CA GLU B 272 -42.74 -10.46 -17.35
C GLU B 272 -44.05 -11.22 -17.45
N ILE B 273 -44.75 -11.11 -18.59
CA ILE B 273 -46.03 -11.80 -18.72
C ILE B 273 -45.82 -13.30 -18.86
N VAL B 274 -44.76 -13.73 -19.54
CA VAL B 274 -44.48 -15.17 -19.62
C VAL B 274 -44.25 -15.72 -18.22
N ALA B 275 -43.42 -15.04 -17.43
CA ALA B 275 -43.18 -15.51 -16.07
C ALA B 275 -44.45 -15.50 -15.24
N GLY B 276 -45.27 -14.45 -15.38
CA GLY B 276 -46.51 -14.39 -14.63
C GLY B 276 -47.45 -15.53 -14.99
N ALA B 277 -47.60 -15.80 -16.28
CA ALA B 277 -48.47 -16.90 -16.70
C ALA B 277 -47.95 -18.23 -16.19
N LEU B 278 -46.64 -18.45 -16.27
CA LEU B 278 -46.09 -19.73 -15.80
C LEU B 278 -46.29 -19.89 -14.30
N GLN B 279 -46.09 -18.82 -13.53
CA GLN B 279 -46.24 -18.92 -12.09
C GLN B 279 -47.70 -19.08 -11.70
N ASP B 280 -48.61 -18.44 -12.44
CA ASP B 280 -50.01 -18.42 -12.03
C ASP B 280 -50.60 -19.82 -12.04
N GLN B 281 -50.31 -20.61 -13.05
CA GLN B 281 -50.88 -21.94 -13.18
C GLN B 281 -50.12 -23.00 -12.39
N LYS B 282 -49.28 -22.59 -11.44
CA LYS B 282 -48.47 -23.51 -10.64
C LYS B 282 -47.63 -24.43 -11.52
N ARG B 283 -47.34 -23.98 -12.74
CA ARG B 283 -46.55 -24.77 -13.69
C ARG B 283 -45.07 -24.77 -13.35
N ALA B 284 -44.60 -23.78 -12.60
CA ALA B 284 -43.19 -23.64 -12.28
C ALA B 284 -43.07 -22.71 -11.08
N ILE B 285 -41.84 -22.28 -10.80
CA ILE B 285 -41.58 -21.32 -9.73
C ILE B 285 -40.61 -20.27 -10.24
N LEU B 286 -40.72 -19.07 -9.67
CA LEU B 286 -39.87 -17.94 -10.03
C LEU B 286 -39.01 -17.58 -8.83
N MET B 287 -37.69 -17.56 -9.02
CA MET B 287 -36.77 -17.36 -7.90
C MET B 287 -35.77 -16.24 -8.13
N GLY B 288 -35.97 -15.40 -9.13
CA GLY B 288 -35.10 -14.26 -9.35
C GLY B 288 -35.44 -13.12 -8.41
N THR B 289 -35.30 -11.89 -8.92
CA THR B 289 -35.68 -10.70 -8.19
C THR B 289 -37.06 -10.22 -8.65
N ASP B 290 -37.56 -9.17 -8.02
CA ASP B 290 -38.84 -8.61 -8.42
C ASP B 290 -38.74 -8.04 -9.84
N SER B 291 -39.83 -8.14 -10.57
CA SER B 291 -39.84 -7.74 -11.97
C SER B 291 -39.96 -6.23 -12.07
N PHE B 292 -40.21 -5.72 -13.28
CA PHE B 292 -40.25 -4.29 -13.54
C PHE B 292 -41.64 -3.71 -13.31
N GLY B 293 -42.63 -4.22 -14.04
CA GLY B 293 -43.99 -3.72 -13.92
C GLY B 293 -44.42 -2.86 -15.08
N LYS B 294 -43.97 -3.21 -16.29
CA LYS B 294 -44.32 -2.49 -17.51
C LYS B 294 -45.23 -3.40 -18.33
N GLY B 295 -46.53 -3.18 -18.22
CA GLY B 295 -47.50 -4.04 -18.87
C GLY B 295 -48.44 -3.32 -19.82
N SER B 296 -48.49 -2.00 -19.73
CA SER B 296 -49.41 -1.25 -20.57
C SER B 296 -49.14 -1.53 -22.04
N VAL B 297 -50.21 -1.72 -22.80
CA VAL B 297 -50.12 -1.97 -24.24
C VAL B 297 -50.59 -0.71 -24.95
N GLN B 298 -49.71 -0.11 -25.73
CA GLN B 298 -50.00 1.15 -26.41
C GLN B 298 -50.44 0.87 -27.85
N THR B 299 -51.56 1.44 -28.23
CA THR B 299 -52.12 1.31 -29.57
C THR B 299 -52.11 2.65 -30.27
N VAL B 300 -52.05 2.61 -31.59
CA VAL B 300 -52.08 3.79 -32.44
C VAL B 300 -53.50 3.95 -32.96
N LEU B 301 -54.09 5.12 -32.71
CA LEU B 301 -55.44 5.42 -33.13
C LEU B 301 -55.40 6.47 -34.24
N PRO B 302 -55.78 6.15 -35.47
CA PRO B 302 -55.76 7.17 -36.52
C PRO B 302 -56.79 8.26 -36.26
N LEU B 303 -56.42 9.48 -36.58
CA LEU B 303 -57.25 10.66 -36.36
C LEU B 303 -57.92 11.06 -37.66
N ASN B 304 -58.78 12.08 -37.58
CA ASN B 304 -59.47 12.56 -38.77
C ASN B 304 -58.48 12.89 -39.88
N ASN B 305 -57.41 13.61 -39.53
CA ASN B 305 -56.32 13.84 -40.46
C ASN B 305 -55.32 12.69 -40.38
N ASP B 306 -54.26 12.76 -41.18
CA ASP B 306 -53.26 11.70 -41.18
C ASP B 306 -52.62 11.51 -39.82
N ARG B 307 -52.61 12.54 -38.98
CA ARG B 307 -52.06 12.42 -37.64
C ARG B 307 -52.83 11.34 -36.86
N ALA B 308 -52.27 10.96 -35.71
CA ALA B 308 -52.84 9.89 -34.92
C ALA B 308 -52.35 10.01 -33.48
N LEU B 309 -52.99 9.26 -32.60
CA LEU B 309 -52.60 9.18 -31.20
C LEU B 309 -51.90 7.86 -30.94
N LYS B 310 -51.11 7.83 -29.86
CA LYS B 310 -50.51 6.60 -29.35
C LYS B 310 -50.82 6.56 -27.85
N LEU B 311 -51.74 5.68 -27.46
CA LEU B 311 -52.29 5.70 -26.11
C LEU B 311 -52.32 4.31 -25.52
N THR B 312 -52.19 4.24 -24.21
CA THR B 312 -52.20 2.96 -23.50
C THR B 312 -53.61 2.42 -23.47
N THR B 313 -53.95 1.57 -24.44
CA THR B 313 -55.31 1.09 -24.57
C THR B 313 -55.68 0.06 -23.53
N ALA B 314 -54.72 -0.69 -23.01
CA ALA B 314 -55.01 -1.73 -22.03
C ALA B 314 -53.76 -2.05 -21.22
N LEU B 315 -53.98 -2.67 -20.06
CA LEU B 315 -52.90 -3.14 -19.21
C LEU B 315 -53.10 -4.63 -18.97
N TYR B 316 -52.04 -5.41 -19.19
CA TYR B 316 -52.16 -6.86 -19.21
C TYR B 316 -52.63 -7.38 -17.85
N TYR B 317 -52.91 -8.68 -17.81
CA TYR B 317 -53.34 -9.33 -16.59
C TYR B 317 -52.93 -10.79 -16.62
N THR B 318 -52.31 -11.26 -15.54
CA THR B 318 -52.09 -12.68 -15.39
C THR B 318 -53.41 -13.38 -15.05
N PRO B 319 -53.48 -14.69 -15.23
CA PRO B 319 -54.77 -15.39 -15.02
C PRO B 319 -55.33 -15.18 -13.62
N ASN B 320 -54.50 -14.86 -12.64
CA ASN B 320 -55.00 -14.50 -11.32
C ASN B 320 -55.54 -13.07 -11.36
N GLY B 321 -55.94 -12.57 -10.19
CA GLY B 321 -56.45 -11.22 -10.11
C GLY B 321 -55.40 -10.13 -10.11
N ARG B 322 -54.16 -10.45 -9.80
CA ARG B 322 -53.12 -9.42 -9.71
C ARG B 322 -52.84 -8.82 -11.07
N SER B 323 -52.68 -7.50 -11.08
CA SER B 323 -52.44 -6.75 -12.31
C SER B 323 -50.94 -6.63 -12.53
N ILE B 324 -50.46 -7.15 -13.66
CA ILE B 324 -49.04 -7.16 -13.96
C ILE B 324 -48.46 -5.76 -14.11
N GLN B 325 -49.31 -4.74 -14.19
CA GLN B 325 -48.80 -3.39 -14.46
C GLN B 325 -48.22 -2.74 -13.21
N ALA B 326 -49.05 -2.54 -12.18
CA ALA B 326 -48.59 -1.81 -10.99
C ALA B 326 -47.83 -2.72 -10.04
N GLN B 327 -48.44 -3.84 -9.65
CA GLN B 327 -47.79 -4.74 -8.71
C GLN B 327 -46.51 -5.32 -9.30
N GLY B 328 -46.52 -5.66 -10.57
CA GLY B 328 -45.41 -6.37 -11.17
C GLY B 328 -45.44 -7.84 -10.80
N ILE B 329 -44.34 -8.50 -11.10
CA ILE B 329 -44.17 -9.92 -10.80
C ILE B 329 -43.19 -10.04 -9.65
N VAL B 330 -43.63 -10.66 -8.57
CA VAL B 330 -42.82 -10.86 -7.37
C VAL B 330 -42.44 -12.34 -7.30
N PRO B 331 -41.16 -12.69 -7.31
CA PRO B 331 -40.79 -14.11 -7.29
C PRO B 331 -41.15 -14.77 -5.97
N ASP B 332 -41.35 -16.08 -6.03
CA ASP B 332 -41.61 -16.84 -4.81
C ASP B 332 -40.38 -16.90 -3.91
N ILE B 333 -39.19 -16.82 -4.49
CA ILE B 333 -37.94 -16.86 -3.76
C ILE B 333 -37.06 -15.73 -4.26
N GLU B 334 -36.35 -15.08 -3.34
CA GLU B 334 -35.50 -13.95 -3.66
C GLU B 334 -34.05 -14.32 -3.45
N VAL B 335 -33.23 -14.18 -4.49
CA VAL B 335 -31.80 -14.41 -4.40
C VAL B 335 -31.11 -13.35 -5.26
N GLY B 336 -30.48 -12.37 -4.61
CA GLY B 336 -29.90 -11.26 -5.35
C GLY B 336 -28.73 -11.70 -6.22
N ARG B 337 -28.49 -10.90 -7.26
CA ARG B 337 -27.40 -11.21 -8.17
C ARG B 337 -26.07 -11.23 -7.42
N ALA B 338 -25.19 -12.14 -7.82
CA ALA B 338 -23.88 -12.25 -7.20
C ALA B 338 -23.04 -13.20 -8.04
N LYS B 339 -21.72 -13.13 -7.83
CA LYS B 339 -20.78 -14.01 -8.51
C LYS B 339 -20.08 -14.89 -7.48
N VAL B 340 -19.94 -16.17 -7.81
CA VAL B 340 -19.30 -17.15 -6.95
C VAL B 340 -17.94 -17.46 -7.54
N THR B 341 -16.89 -17.21 -6.76
CA THR B 341 -15.51 -17.43 -7.19
C THR B 341 -15.05 -18.77 -6.65
N GLN B 342 -15.01 -19.78 -7.52
CA GLN B 342 -14.55 -21.10 -7.11
C GLN B 342 -13.08 -21.04 -6.69
N GLU B 343 -12.76 -21.71 -5.59
CA GLU B 343 -11.42 -21.72 -5.03
C GLU B 343 -10.84 -23.12 -5.10
N ARG B 344 -9.51 -23.19 -5.17
CA ARG B 344 -8.78 -24.45 -5.24
C ARG B 344 -8.03 -24.68 -3.94
N SER B 345 -7.74 -25.96 -3.68
CA SER B 345 -6.99 -26.38 -2.51
C SER B 345 -5.64 -26.94 -2.95
N SER B 346 -4.56 -26.38 -2.40
CA SER B 346 -3.23 -26.84 -2.78
C SER B 346 -3.02 -28.30 -2.42
N PHE B 347 -3.46 -28.71 -1.23
CA PHE B 347 -3.33 -30.08 -0.77
C PHE B 347 -4.72 -30.70 -0.68
N GLU B 348 -4.91 -31.84 -1.33
CA GLU B 348 -6.20 -32.52 -1.38
C GLU B 348 -6.12 -33.83 -0.62
N GLY B 349 -7.13 -34.09 0.20
CA GLY B 349 -7.16 -35.32 0.97
C GLY B 349 -7.11 -36.55 0.10
N PHE B 350 -6.13 -37.41 0.31
CA PHE B 350 -5.99 -38.62 -0.48
C PHE B 350 -7.22 -39.50 -0.32
N LYS B 351 -7.74 -39.99 -1.45
CA LYS B 351 -8.87 -40.89 -1.42
C LYS B 351 -8.40 -42.32 -1.16
N GLU B 352 -9.35 -43.20 -0.81
CA GLU B 352 -9.00 -44.55 -0.42
C GLU B 352 -8.25 -45.29 -1.53
N ALA B 353 -8.42 -44.86 -2.78
CA ALA B 353 -7.67 -45.48 -3.87
C ALA B 353 -6.19 -45.14 -3.82
N ASP B 354 -5.82 -44.07 -3.11
CA ASP B 354 -4.42 -43.67 -3.06
C ASP B 354 -3.59 -44.57 -2.15
N LEU B 355 -4.16 -44.99 -1.03
CA LEU B 355 -3.40 -45.81 -0.08
C LEU B 355 -2.88 -47.07 -0.76
N GLN B 356 -1.62 -47.40 -0.49
CA GLN B 356 -1.00 -48.55 -1.13
C GLN B 356 -1.78 -49.82 -0.82
N GLY B 357 -2.01 -50.63 -1.86
CA GLY B 357 -2.71 -51.89 -1.67
C GLY B 357 -4.14 -51.74 -1.22
N HIS B 358 -4.86 -50.78 -1.78
CA HIS B 358 -6.28 -50.62 -1.45
C HIS B 358 -7.08 -51.78 -2.01
N LEU B 359 -8.02 -52.27 -1.21
CA LEU B 359 -8.83 -53.40 -1.62
C LEU B 359 -9.71 -53.04 -2.82
N ALA B 360 -10.01 -54.03 -3.63
CA ALA B 360 -10.87 -53.83 -4.79
C ALA B 360 -12.32 -53.67 -4.36
N ASN B 361 -13.05 -52.80 -5.04
CA ASN B 361 -14.44 -52.55 -4.72
C ASN B 361 -15.28 -53.80 -4.97
N GLY B 362 -16.32 -53.98 -4.16
CA GLY B 362 -17.16 -55.15 -4.31
C GLY B 362 -17.77 -55.27 -5.68
N ASN B 363 -18.26 -54.15 -6.22
CA ASN B 363 -18.89 -54.18 -7.54
C ASN B 363 -17.89 -54.45 -8.65
N GLY B 364 -16.60 -54.20 -8.42
CA GLY B 364 -15.59 -54.44 -9.42
C GLY B 364 -15.42 -53.33 -10.43
N GLY B 365 -16.07 -52.19 -10.24
CA GLY B 365 -15.96 -51.10 -11.19
C GLY B 365 -14.62 -50.39 -11.11
N ALA B 366 -14.42 -49.47 -12.04
CA ALA B 366 -13.18 -48.72 -12.09
C ALA B 366 -13.02 -47.86 -10.85
N ASP B 367 -11.78 -47.74 -10.38
CA ASP B 367 -11.49 -46.97 -9.19
C ASP B 367 -11.49 -45.47 -9.52
N ARG B 368 -11.50 -44.66 -8.46
CA ARG B 368 -11.51 -43.20 -8.59
C ARG B 368 -10.24 -42.62 -7.97
N PRO B 369 -9.22 -42.32 -8.77
CA PRO B 369 -8.00 -41.73 -8.21
C PRO B 369 -8.17 -40.25 -7.94
N THR B 370 -7.17 -39.67 -7.28
CA THR B 370 -7.17 -38.25 -6.92
C THR B 370 -6.54 -37.39 -8.01
N GLY B 371 -7.01 -37.56 -9.24
CA GLY B 371 -6.47 -36.77 -10.33
C GLY B 371 -6.83 -35.30 -10.21
N LYS B 372 -5.92 -34.46 -10.69
CA LYS B 372 -6.15 -33.02 -10.66
C LYS B 372 -7.29 -32.65 -11.61
N ARG B 373 -8.14 -31.72 -11.16
CA ARG B 373 -9.30 -31.28 -11.91
C ARG B 373 -9.07 -29.87 -12.42
N ALA B 374 -9.29 -29.67 -13.73
CA ALA B 374 -9.17 -28.35 -14.33
C ALA B 374 -10.11 -28.33 -15.53
N ALA B 375 -11.29 -27.73 -15.35
CA ALA B 375 -12.28 -27.70 -16.42
C ALA B 375 -11.76 -26.83 -17.56
N PRO B 376 -11.75 -27.33 -18.80
CA PRO B 376 -11.28 -26.49 -19.91
C PRO B 376 -12.10 -25.22 -20.07
N SER B 377 -13.41 -25.30 -19.83
CA SER B 377 -14.29 -24.14 -19.90
C SER B 377 -15.17 -24.12 -18.66
N GLU B 378 -15.26 -22.96 -18.01
CA GLU B 378 -16.07 -22.84 -16.81
C GLU B 378 -17.54 -22.99 -17.17
N ARG B 379 -18.23 -23.86 -16.42
CA ARG B 379 -19.66 -24.03 -16.65
C ARG B 379 -20.41 -22.75 -16.24
N PRO B 380 -21.48 -22.39 -16.94
CA PRO B 380 -22.19 -21.15 -16.60
C PRO B 380 -22.68 -21.11 -15.16
N GLN B 381 -23.12 -22.25 -14.62
CA GLN B 381 -23.68 -22.27 -13.28
C GLN B 381 -22.69 -21.72 -12.25
N ASP B 382 -21.39 -21.95 -12.45
CA ASP B 382 -20.40 -21.48 -11.50
C ASP B 382 -20.26 -19.96 -11.52
N SER B 383 -20.71 -19.29 -12.59
CA SER B 383 -20.46 -17.86 -12.73
C SER B 383 -21.47 -17.03 -11.94
N ASP B 384 -22.75 -17.15 -12.28
CA ASP B 384 -23.79 -16.31 -11.70
C ASP B 384 -24.48 -17.05 -10.55
N TYR B 385 -24.64 -16.35 -9.43
CA TYR B 385 -25.18 -16.98 -8.23
C TYR B 385 -26.61 -17.48 -8.46
N GLN B 386 -27.43 -16.69 -9.15
CA GLN B 386 -28.83 -17.06 -9.31
C GLN B 386 -28.97 -18.36 -10.10
N LEU B 387 -28.20 -18.51 -11.17
CA LEU B 387 -28.28 -19.75 -11.95
C LEU B 387 -27.85 -20.95 -11.12
N SER B 388 -26.79 -20.78 -10.33
CA SER B 388 -26.35 -21.88 -9.47
C SER B 388 -27.44 -22.26 -8.48
N GLN B 389 -28.06 -21.26 -7.85
CA GLN B 389 -29.12 -21.56 -6.89
C GLN B 389 -30.27 -22.29 -7.56
N ALA B 390 -30.69 -21.83 -8.74
CA ALA B 390 -31.79 -22.49 -9.43
C ALA B 390 -31.44 -23.92 -9.81
N LEU B 391 -30.22 -24.14 -10.30
CA LEU B 391 -29.83 -25.48 -10.70
C LEU B 391 -29.78 -26.41 -9.50
N SER B 392 -29.23 -25.95 -8.38
CA SER B 392 -29.18 -26.78 -7.19
C SER B 392 -30.59 -27.06 -6.67
N LEU B 393 -31.48 -26.07 -6.73
CA LEU B 393 -32.85 -26.30 -6.29
C LEU B 393 -33.54 -27.34 -7.16
N LEU B 394 -33.33 -27.27 -8.47
CA LEU B 394 -33.89 -28.29 -9.35
C LEU B 394 -33.36 -29.67 -8.99
N LYS B 395 -32.04 -29.77 -8.79
CA LYS B 395 -31.46 -31.06 -8.46
C LYS B 395 -32.07 -31.62 -7.18
N GLY B 396 -32.16 -30.78 -6.15
CA GLY B 396 -32.71 -31.23 -4.89
C GLY B 396 -34.16 -31.65 -5.01
N LEU B 397 -34.96 -30.87 -5.72
CA LEU B 397 -36.37 -31.20 -5.87
C LEU B 397 -36.54 -32.52 -6.62
N SER B 398 -35.78 -32.71 -7.69
CA SER B 398 -35.88 -33.95 -8.45
C SER B 398 -35.46 -35.13 -7.60
N VAL B 399 -34.37 -34.99 -6.84
CA VAL B 399 -33.90 -36.11 -6.03
C VAL B 399 -34.90 -36.46 -4.95
N THR B 400 -35.36 -35.47 -4.19
CA THR B 400 -36.24 -35.77 -3.06
C THR B 400 -37.60 -36.26 -3.52
N ARG B 401 -38.13 -35.70 -4.61
CA ARG B 401 -39.43 -36.10 -5.11
C ARG B 401 -39.44 -37.56 -5.55
N GLY B 402 -38.27 -38.14 -5.83
CA GLY B 402 -38.21 -39.52 -6.26
C GLY B 402 -38.75 -39.74 -7.65
N ASN B 403 -38.69 -38.74 -8.52
CA ASN B 403 -39.21 -38.83 -9.87
C ASN B 403 -40.70 -39.17 -9.85
N LYS C 14 -70.18 14.33 -10.43
CA LYS C 14 -70.02 15.71 -9.99
C LYS C 14 -70.03 16.66 -11.20
N TYR C 15 -69.25 16.32 -12.21
CA TYR C 15 -69.14 17.11 -13.43
C TYR C 15 -69.54 16.24 -14.62
N GLY C 16 -70.37 16.80 -15.51
CA GLY C 16 -70.74 16.09 -16.71
C GLY C 16 -69.59 16.02 -17.70
N SER C 17 -69.74 15.12 -18.66
CA SER C 17 -68.75 14.94 -19.71
C SER C 17 -69.05 15.88 -20.88
N PHE C 18 -68.00 16.48 -21.43
CA PHE C 18 -68.14 17.37 -22.57
C PHE C 18 -68.26 16.53 -23.85
N SER C 19 -69.41 16.62 -24.51
CA SER C 19 -69.54 15.99 -25.82
C SER C 19 -68.66 16.70 -26.84
N GLU C 20 -68.13 15.92 -27.78
CA GLU C 20 -67.12 16.45 -28.71
C GLU C 20 -67.61 17.70 -29.42
N ASP C 21 -68.79 17.61 -30.05
CA ASP C 21 -69.29 18.76 -30.79
C ASP C 21 -69.55 19.94 -29.85
N SER C 22 -70.16 19.67 -28.68
CA SER C 22 -70.40 20.74 -27.73
C SER C 22 -69.10 21.34 -27.23
N LEU C 23 -68.09 20.50 -26.98
CA LEU C 23 -66.80 21.00 -26.53
C LEU C 23 -66.20 21.94 -27.56
N TYR C 24 -66.20 21.52 -28.83
CA TYR C 24 -65.64 22.37 -29.88
C TYR C 24 -66.42 23.66 -30.00
N SER C 25 -67.75 23.58 -29.94
CA SER C 25 -68.57 24.78 -30.05
C SER C 25 -68.28 25.75 -28.93
N LEU C 26 -68.15 25.26 -27.70
CA LEU C 26 -67.88 26.16 -26.58
C LEU C 26 -66.48 26.73 -26.67
N LEU C 27 -65.50 25.94 -27.12
CA LEU C 27 -64.16 26.48 -27.34
C LEU C 27 -64.20 27.65 -28.31
N VAL C 28 -64.82 27.44 -29.48
CA VAL C 28 -64.86 28.51 -30.47
C VAL C 28 -65.64 29.70 -29.93
N ALA C 29 -66.70 29.44 -29.16
CA ALA C 29 -67.49 30.54 -28.62
C ALA C 29 -66.66 31.40 -27.67
N GLU C 30 -65.96 30.75 -26.73
CA GLU C 30 -65.17 31.51 -25.77
C GLU C 30 -64.05 32.27 -26.47
N LEU C 31 -63.36 31.62 -27.41
CA LEU C 31 -62.27 32.31 -28.09
C LEU C 31 -62.79 33.49 -28.90
N ALA C 32 -63.91 33.31 -29.61
CA ALA C 32 -64.48 34.40 -30.38
C ALA C 32 -64.89 35.54 -29.46
N GLY C 33 -65.51 35.23 -28.32
CA GLY C 33 -65.85 36.27 -27.36
C GLY C 33 -64.61 37.02 -26.90
N GLN C 34 -63.49 36.32 -26.79
CA GLN C 34 -62.23 37.00 -26.52
C GLN C 34 -61.86 37.93 -27.67
N ARG C 35 -62.01 37.48 -28.90
CA ARG C 35 -61.63 38.31 -30.05
C ARG C 35 -62.58 39.48 -30.29
N ASN C 36 -63.58 39.68 -29.45
CA ASN C 36 -64.56 40.76 -29.53
C ASN C 36 -65.66 40.46 -30.55
N ARG C 37 -65.59 39.35 -31.27
CA ARG C 37 -66.66 38.98 -32.21
C ARG C 37 -67.78 38.31 -31.42
N PHE C 38 -68.43 39.12 -30.58
CA PHE C 38 -69.43 38.59 -29.65
C PHE C 38 -70.62 37.97 -30.36
N ASP C 39 -70.85 38.29 -31.63
CA ASP C 39 -72.00 37.73 -32.33
C ASP C 39 -71.90 36.21 -32.43
N ILE C 40 -70.76 35.72 -32.92
CA ILE C 40 -70.58 34.28 -33.03
C ILE C 40 -70.63 33.62 -31.67
N ALA C 41 -70.02 34.26 -30.67
CA ALA C 41 -70.04 33.72 -29.32
C ALA C 41 -71.46 33.56 -28.82
N LEU C 42 -72.29 34.59 -28.99
CA LEU C 42 -73.66 34.53 -28.51
C LEU C 42 -74.45 33.45 -29.25
N SER C 43 -74.30 33.39 -30.58
CA SER C 43 -75.02 32.39 -31.35
C SER C 43 -74.65 30.98 -30.91
N ASN C 44 -73.34 30.72 -30.79
CA ASN C 44 -72.89 29.40 -30.38
C ASN C 44 -73.37 29.08 -28.96
N TYR C 45 -73.31 30.06 -28.06
CA TYR C 45 -73.75 29.82 -26.70
C TYR C 45 -75.22 29.46 -26.63
N VAL C 46 -76.07 30.21 -27.36
CA VAL C 46 -77.50 29.92 -27.30
C VAL C 46 -77.79 28.56 -27.94
N VAL C 47 -77.15 28.27 -29.08
CA VAL C 47 -77.39 26.98 -29.72
C VAL C 47 -76.98 25.84 -28.79
N GLN C 48 -75.82 25.97 -28.16
CA GLN C 48 -75.32 24.91 -27.29
C GLN C 48 -76.20 24.78 -26.05
N ALA C 49 -76.67 25.89 -25.50
CA ALA C 49 -77.57 25.82 -24.35
C ALA C 49 -78.85 25.09 -24.71
N GLN C 50 -79.41 25.38 -25.88
CA GLN C 50 -80.59 24.65 -26.33
C GLN C 50 -80.28 23.17 -26.50
N LYS C 51 -79.12 22.85 -27.08
CA LYS C 51 -78.81 21.45 -27.38
C LYS C 51 -78.51 20.66 -26.11
N THR C 52 -77.98 21.31 -25.08
CA THR C 52 -77.48 20.61 -23.91
C THR C 52 -78.35 20.81 -22.67
N ARG C 53 -79.23 21.80 -22.66
CA ARG C 53 -80.08 22.10 -21.50
C ARG C 53 -79.30 21.98 -20.20
N ASP C 54 -78.06 22.49 -20.20
CA ASP C 54 -77.20 22.47 -19.01
C ASP C 54 -77.32 23.80 -18.27
N PRO C 55 -77.66 23.80 -16.98
CA PRO C 55 -77.85 25.09 -16.29
C PRO C 55 -76.69 26.06 -16.41
N GLY C 56 -75.45 25.59 -16.27
CA GLY C 56 -74.33 26.51 -16.34
C GLY C 56 -74.19 27.16 -17.70
N VAL C 57 -74.25 26.34 -18.75
CA VAL C 57 -74.13 26.87 -20.11
C VAL C 57 -75.28 27.82 -20.41
N SER C 58 -76.50 27.45 -20.00
CA SER C 58 -77.65 28.31 -20.25
C SER C 58 -77.51 29.64 -19.53
N GLU C 59 -77.03 29.62 -18.28
CA GLU C 59 -76.83 30.86 -17.55
C GLU C 59 -75.77 31.73 -18.21
N ARG C 60 -74.67 31.12 -18.66
CA ARG C 60 -73.64 31.89 -19.35
C ARG C 60 -74.20 32.52 -20.62
N ALA C 61 -74.99 31.75 -21.39
CA ALA C 61 -75.58 32.29 -22.61
C ALA C 61 -76.54 33.43 -22.28
N PHE C 62 -77.31 33.29 -21.21
CA PHE C 62 -78.23 34.35 -20.81
C PHE C 62 -77.49 35.62 -20.45
N ARG C 63 -76.38 35.49 -19.70
CA ARG C 63 -75.59 36.67 -19.36
C ARG C 63 -75.00 37.31 -20.60
N ILE C 64 -74.51 36.49 -21.55
CA ILE C 64 -73.96 37.05 -22.78
C ILE C 64 -75.04 37.79 -23.56
N ALA C 65 -76.24 37.21 -23.64
CA ALA C 65 -77.33 37.88 -24.34
C ALA C 65 -77.70 39.19 -23.67
N GLU C 66 -77.74 39.19 -22.33
CA GLU C 66 -78.04 40.43 -21.61
C GLU C 66 -76.99 41.49 -21.92
N TYR C 67 -75.72 41.10 -21.95
CA TYR C 67 -74.67 42.07 -22.29
C TYR C 67 -74.86 42.59 -23.71
N LEU C 68 -75.21 41.71 -24.65
CA LEU C 68 -75.41 42.14 -26.03
C LEU C 68 -76.69 42.95 -26.21
N GLY C 69 -77.61 42.88 -25.24
CA GLY C 69 -78.85 43.62 -25.33
C GLY C 69 -79.95 42.95 -26.12
N ALA C 70 -79.68 41.78 -26.70
CA ALA C 70 -80.72 41.07 -27.45
C ALA C 70 -81.85 40.65 -26.52
N ASP C 71 -83.07 40.61 -27.06
CA ASP C 71 -84.25 40.31 -26.28
C ASP C 71 -84.75 38.89 -26.53
N GLN C 72 -85.05 38.54 -27.78
CA GLN C 72 -85.60 37.21 -28.05
C GLN C 72 -84.64 36.12 -27.63
N GLU C 73 -83.34 36.30 -27.91
CA GLU C 73 -82.34 35.36 -27.41
C GLU C 73 -82.33 35.37 -25.89
N ALA C 74 -82.47 36.56 -25.28
CA ALA C 74 -82.53 36.63 -23.83
C ALA C 74 -83.74 35.88 -23.29
N LEU C 75 -84.90 36.03 -23.93
CA LEU C 75 -86.09 35.30 -23.49
C LEU C 75 -85.86 33.80 -23.59
N ASP C 76 -85.31 33.34 -24.71
CA ASP C 76 -85.09 31.92 -24.89
C ASP C 76 -84.13 31.38 -23.85
N THR C 77 -83.03 32.10 -23.61
CA THR C 77 -82.04 31.65 -22.64
C THR C 77 -82.62 31.63 -21.23
N SER C 78 -83.41 32.65 -20.87
CA SER C 78 -84.02 32.68 -19.55
C SER C 78 -84.99 31.52 -19.37
N LEU C 79 -85.81 31.25 -20.38
CA LEU C 79 -86.74 30.12 -20.28
C LEU C 79 -85.98 28.81 -20.15
N LEU C 80 -84.91 28.64 -20.95
CA LEU C 80 -84.13 27.41 -20.87
C LEU C 80 -83.49 27.26 -19.49
N TRP C 81 -82.94 28.33 -18.94
CA TRP C 81 -82.32 28.27 -17.63
C TRP C 81 -83.35 27.94 -16.55
N ALA C 82 -84.53 28.57 -16.62
CA ALA C 82 -85.56 28.29 -15.64
C ALA C 82 -86.02 26.84 -15.71
N ARG C 83 -86.28 26.34 -16.91
CA ARG C 83 -86.73 24.96 -17.06
C ARG C 83 -85.66 23.98 -16.62
N SER C 84 -84.40 24.26 -16.96
CA SER C 84 -83.32 23.36 -16.59
C SER C 84 -82.94 23.49 -15.11
N ALA C 85 -83.05 24.69 -14.54
CA ALA C 85 -82.69 24.94 -13.15
C ALA C 85 -83.84 25.66 -12.46
N PRO C 86 -84.98 24.99 -12.31
CA PRO C 86 -86.09 25.61 -11.56
C PRO C 86 -85.75 25.88 -10.11
N ASP C 87 -84.87 25.08 -9.49
CA ASP C 87 -84.58 25.24 -8.08
C ASP C 87 -83.95 26.60 -7.79
N ASN C 88 -83.01 27.03 -8.62
CA ASN C 88 -82.33 28.30 -8.38
C ASN C 88 -83.32 29.46 -8.45
N LEU C 89 -83.27 30.32 -7.43
CA LEU C 89 -84.18 31.47 -7.38
C LEU C 89 -83.78 32.54 -8.39
N ASP C 90 -82.48 32.64 -8.69
CA ASP C 90 -82.05 33.61 -9.70
C ASP C 90 -82.68 33.30 -11.04
N ALA C 91 -82.72 32.02 -11.42
CA ALA C 91 -83.38 31.64 -12.66
C ALA C 91 -84.85 32.02 -12.64
N GLN C 92 -85.53 31.78 -11.52
CA GLN C 92 -86.95 32.14 -11.43
C GLN C 92 -87.14 33.64 -11.62
N ARG C 93 -86.32 34.45 -10.94
CA ARG C 93 -86.45 35.90 -11.06
C ARG C 93 -86.17 36.35 -12.49
N ALA C 94 -85.13 35.81 -13.12
CA ALA C 94 -84.78 36.20 -14.48
C ALA C 94 -85.91 35.84 -15.44
N ALA C 95 -86.44 34.63 -15.32
CA ALA C 95 -87.54 34.21 -16.18
C ALA C 95 -88.78 35.08 -15.95
N ALA C 96 -89.07 35.39 -14.68
CA ALA C 96 -90.24 36.22 -14.38
C ALA C 96 -90.11 37.59 -15.03
N ILE C 97 -88.95 38.23 -14.89
CA ILE C 97 -88.78 39.56 -15.47
C ILE C 97 -88.83 39.48 -17.00
N GLN C 98 -88.20 38.46 -17.58
CA GLN C 98 -88.19 38.34 -19.04
C GLN C 98 -89.60 38.14 -19.58
N LEU C 99 -90.39 37.30 -18.91
CA LEU C 99 -91.74 37.03 -19.38
C LEU C 99 -92.68 38.20 -19.11
N ALA C 100 -92.46 38.93 -18.02
CA ALA C 100 -93.21 40.16 -17.79
C ALA C 100 -92.94 41.18 -18.89
N ARG C 101 -91.68 41.27 -19.33
CA ARG C 101 -91.38 42.08 -20.50
C ARG C 101 -92.07 41.53 -21.73
N ALA C 102 -92.11 40.22 -21.88
CA ALA C 102 -92.77 39.61 -23.04
C ALA C 102 -94.26 39.89 -23.02
N GLY C 103 -94.92 39.63 -21.89
CA GLY C 103 -96.34 39.89 -21.76
C GLY C 103 -97.10 38.82 -21.00
N ARG C 104 -96.51 37.64 -20.86
CA ARG C 104 -97.14 36.53 -20.15
C ARG C 104 -96.83 36.63 -18.66
N TYR C 105 -97.85 36.44 -17.83
CA TYR C 105 -97.73 36.61 -16.39
C TYR C 105 -97.98 35.35 -15.58
N GLU C 106 -98.76 34.40 -16.09
CA GLU C 106 -99.10 33.23 -15.28
C GLU C 106 -97.84 32.45 -14.88
N GLU C 107 -96.94 32.22 -15.84
CA GLU C 107 -95.66 31.60 -15.47
C GLU C 107 -94.82 32.55 -14.63
N SER C 108 -94.91 33.85 -14.90
CA SER C 108 -94.28 34.82 -14.00
C SER C 108 -94.89 34.74 -12.61
N MET C 109 -96.21 34.52 -12.54
CA MET C 109 -96.86 34.36 -11.24
C MET C 109 -96.32 33.14 -10.51
N VAL C 110 -96.14 32.03 -11.23
CA VAL C 110 -95.59 30.83 -10.60
C VAL C 110 -94.17 31.09 -10.12
N TYR C 111 -93.37 31.80 -10.93
CA TYR C 111 -92.02 32.12 -10.51
C TYR C 111 -92.01 33.00 -9.27
N MET C 112 -92.91 33.99 -9.21
CA MET C 112 -93.01 34.82 -8.02
C MET C 112 -93.43 33.99 -6.80
N GLU C 113 -94.34 33.04 -7.00
CA GLU C 113 -94.72 32.16 -5.89
C GLU C 113 -93.53 31.34 -5.41
N LYS C 114 -92.72 30.82 -6.34
CA LYS C 114 -91.52 30.09 -5.95
C LYS C 114 -90.56 30.98 -5.18
N VAL C 115 -90.39 32.23 -5.62
CA VAL C 115 -89.54 33.17 -4.91
C VAL C 115 -90.07 33.40 -3.51
N LEU C 116 -91.39 33.55 -3.38
CA LEU C 116 -92.01 33.73 -2.06
C LEU C 116 -91.72 32.53 -1.17
N ASN C 117 -91.80 31.32 -1.72
CA ASN C 117 -91.46 30.14 -0.94
C ASN C 117 -90.06 30.26 -0.36
N GLY C 118 -89.12 30.81 -1.13
CA GLY C 118 -87.80 31.13 -0.63
C GLY C 118 -87.76 32.50 0.00
N GLN C 119 -86.54 32.90 0.41
CA GLN C 119 -86.33 34.19 1.04
C GLN C 119 -86.09 35.23 -0.05
N GLY C 120 -87.19 35.67 -0.68
CA GLY C 120 -87.11 36.66 -1.73
C GLY C 120 -88.33 37.57 -1.70
N ASP C 121 -88.20 38.68 -2.42
CA ASP C 121 -89.27 39.67 -2.50
C ASP C 121 -90.55 39.05 -3.05
N UNK D 1 -45.96 40.39 -9.30
CA UNK D 1 -45.73 40.58 -10.72
C UNK D 1 -44.26 40.87 -11.01
N UNK D 2 -43.45 40.97 -9.96
CA UNK D 2 -42.03 41.24 -10.15
C UNK D 2 -41.41 40.14 -11.00
N UNK D 3 -40.64 40.55 -12.01
CA UNK D 3 -40.08 39.59 -12.96
C UNK D 3 -39.20 38.59 -12.24
N UNK D 4 -39.57 37.31 -12.30
CA UNK D 4 -38.81 36.23 -11.70
C UNK D 4 -38.10 35.45 -12.79
N UNK D 5 -36.77 35.37 -12.69
CA UNK D 5 -35.96 34.72 -13.71
C UNK D 5 -35.26 33.46 -13.19
N UNK D 6 -35.66 32.96 -12.03
CA UNK D 6 -35.02 31.77 -11.47
C UNK D 6 -35.24 30.57 -12.37
N UNK D 7 -34.22 29.72 -12.47
CA UNK D 7 -34.29 28.52 -13.29
C UNK D 7 -35.03 27.41 -12.53
N SER E 5 -5.72 -79.73 5.67
CA SER E 5 -5.73 -80.53 4.45
C SER E 5 -4.34 -80.57 3.82
N ALA E 6 -3.98 -79.52 3.09
CA ALA E 6 -2.68 -79.47 2.45
C ALA E 6 -1.57 -79.38 3.49
N PRO E 7 -0.40 -79.93 3.21
CA PRO E 7 0.70 -79.85 4.17
C PRO E 7 1.17 -78.42 4.37
N LEU E 8 1.70 -78.16 5.56
CA LEU E 8 2.18 -76.83 5.86
C LEU E 8 3.34 -76.49 4.94
N PRO E 9 3.50 -75.22 4.54
CA PRO E 9 4.64 -74.85 3.69
C PRO E 9 5.91 -74.76 4.50
N LEU E 10 6.77 -75.76 4.37
CA LEU E 10 8.00 -75.78 5.17
C LEU E 10 9.01 -74.77 4.64
N ASP E 11 8.97 -74.46 3.34
CA ASP E 11 9.92 -73.49 2.80
C ASP E 11 9.71 -72.11 3.41
N GLU E 12 8.46 -71.69 3.56
CA GLU E 12 8.19 -70.37 4.11
C GLU E 12 8.62 -70.29 5.57
N LEU E 13 8.27 -71.31 6.36
CA LEU E 13 8.72 -71.35 7.75
C LEU E 13 10.24 -71.34 7.81
N ARG E 14 10.89 -72.08 6.91
CA ARG E 14 12.34 -72.17 6.91
C ARG E 14 12.96 -70.80 6.64
N THR E 15 12.46 -70.09 5.62
CA THR E 15 13.01 -68.78 5.32
C THR E 15 12.75 -67.80 6.45
N PHE E 16 11.57 -67.88 7.07
CA PHE E 16 11.29 -67.01 8.20
C PHE E 16 12.26 -67.27 9.35
N ALA E 17 12.48 -68.54 9.67
CA ALA E 17 13.40 -68.86 10.76
C ALA E 17 14.81 -68.41 10.43
N GLU E 18 15.25 -68.61 9.18
CA GLU E 18 16.58 -68.16 8.79
C GLU E 18 16.70 -66.65 8.92
N VAL E 19 15.68 -65.92 8.46
CA VAL E 19 15.74 -64.45 8.53
C VAL E 19 15.80 -63.99 9.99
N LEU E 20 14.99 -64.59 10.85
CA LEU E 20 15.03 -64.20 12.26
C LEU E 20 16.38 -64.52 12.88
N ASP E 21 16.92 -65.71 12.60
CA ASP E 21 18.21 -66.08 13.16
C ASP E 21 19.31 -65.14 12.70
N ARG E 22 19.28 -64.75 11.43
CA ARG E 22 20.34 -63.89 10.93
C ARG E 22 20.18 -62.46 11.43
N VAL E 23 18.94 -62.00 11.59
CA VAL E 23 18.72 -60.64 12.08
C VAL E 23 19.10 -60.53 13.54
N LYS E 24 18.82 -61.56 14.34
CA LYS E 24 19.14 -61.45 15.76
C LYS E 24 20.64 -61.43 16.01
N ALA E 25 21.47 -61.73 15.01
CA ALA E 25 22.92 -61.70 15.14
C ALA E 25 23.54 -60.52 14.41
N ALA E 26 23.26 -60.35 13.12
CA ALA E 26 23.91 -59.30 12.34
C ALA E 26 23.56 -57.92 12.83
N TYR E 27 22.37 -57.73 13.40
CA TYR E 27 21.96 -56.42 13.85
C TYR E 27 22.99 -55.83 14.81
N VAL E 28 22.92 -54.51 14.98
CA VAL E 28 23.94 -53.76 15.70
C VAL E 28 23.52 -53.42 17.13
N GLU E 29 22.46 -54.03 17.63
CA GLU E 29 22.02 -53.81 19.00
C GLU E 29 21.51 -55.13 19.57
N PRO E 30 21.53 -55.28 20.89
CA PRO E 30 20.89 -56.46 21.49
C PRO E 30 19.39 -56.43 21.27
N VAL E 31 18.89 -57.44 20.58
CA VAL E 31 17.47 -57.56 20.25
C VAL E 31 16.93 -58.78 20.97
N ASP E 32 15.92 -58.57 21.81
CA ASP E 32 15.26 -59.66 22.50
C ASP E 32 14.25 -60.31 21.57
N ASP E 33 14.26 -61.65 21.51
CA ASP E 33 13.43 -62.34 20.55
C ASP E 33 11.96 -61.94 20.68
N LYS E 34 11.54 -61.57 21.88
CA LYS E 34 10.17 -61.06 22.05
C LYS E 34 9.94 -59.87 21.12
N THR E 35 10.90 -58.95 21.06
CA THR E 35 10.74 -57.78 20.20
C THR E 35 10.62 -58.19 18.73
N LEU E 36 11.46 -59.13 18.30
CA LEU E 36 11.42 -59.56 16.90
C LEU E 36 10.08 -60.20 16.57
N LEU E 37 9.57 -61.06 17.45
CA LEU E 37 8.29 -61.69 17.17
C LEU E 37 7.15 -60.68 17.17
N GLU E 38 7.16 -59.74 18.11
CA GLU E 38 6.13 -58.71 18.13
C GLU E 38 6.15 -57.89 16.86
N ASN E 39 7.33 -57.47 16.41
CA ASN E 39 7.41 -56.73 15.17
C ASN E 39 6.98 -57.58 13.99
N ALA E 40 7.23 -58.90 14.03
CA ALA E 40 6.75 -59.76 12.98
C ALA E 40 5.22 -59.76 12.94
N ILE E 41 4.59 -59.79 14.11
CA ILE E 41 3.13 -59.73 14.16
C ILE E 41 2.63 -58.43 13.55
N LYS E 42 3.23 -57.31 13.99
CA LYS E 42 2.81 -56.02 13.44
C LYS E 42 3.00 -55.97 11.95
N GLY E 43 4.06 -56.61 11.44
CA GLY E 43 4.27 -56.64 10.00
C GLY E 43 3.22 -57.45 9.27
N MET E 44 2.91 -58.64 9.79
CA MET E 44 1.91 -59.47 9.13
C MET E 44 0.55 -58.80 9.14
N LEU E 45 0.29 -57.94 10.11
CA LEU E 45 -1.01 -57.29 10.16
C LEU E 45 -1.06 -56.00 9.34
N SER E 46 -0.15 -55.07 9.59
CA SER E 46 -0.25 -53.73 9.01
C SER E 46 -0.04 -53.72 7.51
N ASN E 47 0.60 -54.73 6.94
CA ASN E 47 0.93 -54.72 5.52
C ASN E 47 -0.14 -55.35 4.64
N LEU E 48 -1.17 -55.95 5.22
CA LEU E 48 -2.19 -56.62 4.41
C LEU E 48 -3.14 -55.60 3.77
N ASP E 49 -3.84 -54.84 4.59
CA ASP E 49 -4.66 -53.72 4.13
C ASP E 49 -4.32 -52.49 4.95
N PRO E 50 -4.37 -51.31 4.34
CA PRO E 50 -3.88 -50.12 5.07
C PRO E 50 -4.55 -49.89 6.42
N HIS E 51 -5.86 -50.14 6.51
CA HIS E 51 -6.56 -49.83 7.76
C HIS E 51 -6.20 -50.81 8.86
N SER E 52 -6.17 -52.10 8.55
CA SER E 52 -5.89 -53.10 9.58
C SER E 52 -4.54 -52.83 10.22
N ALA E 53 -4.46 -53.10 11.52
CA ALA E 53 -3.21 -52.86 12.23
C ALA E 53 -3.29 -53.51 13.61
N TYR E 54 -2.16 -54.05 14.05
CA TYR E 54 -2.04 -54.57 15.40
C TYR E 54 -2.12 -53.42 16.41
N LEU E 55 -2.60 -53.73 17.61
CA LEU E 55 -2.69 -52.76 18.69
C LEU E 55 -1.93 -53.29 19.89
N GLY E 56 -1.07 -52.45 20.47
CA GLY E 56 -0.30 -52.82 21.62
C GLY E 56 -1.12 -52.73 22.89
N PRO E 57 -0.45 -52.96 24.02
CA PRO E 57 -1.16 -52.87 25.31
C PRO E 57 -1.65 -51.47 25.63
N GLU E 58 -1.11 -50.46 24.96
CA GLU E 58 -1.48 -49.07 25.21
C GLU E 58 -2.49 -48.55 24.20
N ASP E 59 -2.21 -48.73 22.90
CA ASP E 59 -3.09 -48.18 21.87
C ASP E 59 -4.49 -48.74 21.94
N PHE E 60 -4.67 -49.92 22.53
CA PHE E 60 -6.02 -50.46 22.68
C PHE E 60 -6.86 -49.55 23.58
N ALA E 61 -6.27 -49.05 24.66
CA ALA E 61 -6.96 -48.09 25.50
C ALA E 61 -7.30 -46.82 24.71
N GLU E 62 -6.39 -46.40 23.82
CA GLU E 62 -6.65 -45.23 23.00
C GLU E 62 -7.85 -45.46 22.08
N LEU E 63 -7.93 -46.65 21.46
CA LEU E 63 -9.06 -46.95 20.60
C LEU E 63 -10.35 -47.01 21.41
N GLN E 64 -10.31 -47.62 22.59
CA GLN E 64 -11.49 -47.65 23.44
C GLN E 64 -11.93 -46.24 23.80
N GLU E 65 -10.97 -45.35 24.06
CA GLU E 65 -11.29 -43.95 24.32
C GLU E 65 -11.95 -43.31 23.12
N SER E 66 -11.39 -43.52 21.93
CA SER E 66 -11.91 -42.88 20.73
C SER E 66 -13.34 -43.35 20.44
N THR E 67 -13.61 -44.63 20.59
CA THR E 67 -14.97 -45.13 20.38
C THR E 67 -15.93 -44.50 21.38
N SER E 68 -15.69 -44.73 22.67
CA SER E 68 -16.48 -44.13 23.73
C SER E 68 -15.52 -43.59 24.78
N GLY E 69 -15.61 -42.29 25.04
CA GLY E 69 -14.63 -41.64 25.90
C GLY E 69 -14.65 -42.13 27.33
N GLU E 70 -15.68 -41.75 28.08
CA GLU E 70 -15.84 -42.15 29.48
C GLU E 70 -14.49 -42.15 30.20
N PHE E 71 -13.79 -41.03 30.11
CA PHE E 71 -12.43 -40.90 30.61
C PHE E 71 -12.36 -39.87 31.73
N GLY E 72 -11.36 -40.02 32.58
CA GLY E 72 -11.13 -39.10 33.67
C GLY E 72 -10.44 -37.83 33.21
N GLY E 73 -11.18 -36.71 33.27
CA GLY E 73 -10.63 -35.43 32.86
C GLY E 73 -11.34 -34.28 33.54
N LEU E 74 -10.74 -33.11 33.42
CA LEU E 74 -11.28 -31.89 34.00
C LEU E 74 -12.32 -31.23 33.10
N GLY E 75 -12.56 -31.76 31.91
CA GLY E 75 -13.49 -31.14 30.98
C GLY E 75 -13.02 -29.80 30.47
N ILE E 76 -11.73 -29.68 30.17
CA ILE E 76 -11.16 -28.45 29.63
C ILE E 76 -10.39 -28.81 28.37
N GLU E 77 -10.66 -28.11 27.29
CA GLU E 77 -10.00 -28.32 26.00
C GLU E 77 -9.01 -27.19 25.78
N VAL E 78 -7.74 -27.53 25.58
CA VAL E 78 -6.67 -26.57 25.39
C VAL E 78 -6.13 -26.73 23.98
N GLY E 79 -6.05 -25.63 23.25
CA GLY E 79 -5.54 -25.61 21.88
C GLY E 79 -4.25 -24.81 21.81
N SER E 80 -3.29 -25.33 21.03
CA SER E 80 -2.00 -24.70 20.84
C SER E 80 -1.96 -24.07 19.46
N GLU E 81 -2.05 -22.74 19.40
CA GLU E 81 -1.99 -22.01 18.15
C GLU E 81 -0.89 -20.96 18.25
N ASP E 82 -0.03 -20.91 17.23
CA ASP E 82 1.11 -19.99 17.21
C ASP E 82 2.02 -20.20 18.42
N GLY E 83 2.09 -21.43 18.92
CA GLY E 83 2.92 -21.71 20.07
C GLY E 83 2.38 -21.20 21.38
N PHE E 84 1.11 -20.83 21.43
CA PHE E 84 0.49 -20.28 22.63
C PHE E 84 -0.62 -21.21 23.11
N ILE E 85 -0.70 -21.39 24.42
CA ILE E 85 -1.70 -22.26 25.03
C ILE E 85 -2.91 -21.43 25.42
N LYS E 86 -4.09 -21.88 25.04
CA LYS E 86 -5.33 -21.17 25.34
C LYS E 86 -6.48 -22.17 25.33
N VAL E 87 -7.59 -21.76 25.93
CA VAL E 87 -8.78 -22.59 26.08
C VAL E 87 -9.85 -22.07 25.13
N VAL E 88 -10.30 -22.91 24.20
CA VAL E 88 -11.39 -22.52 23.32
C VAL E 88 -12.67 -22.31 24.13
N SER E 89 -13.00 -23.27 25.00
CA SER E 89 -14.15 -23.16 25.87
C SER E 89 -14.16 -24.32 26.87
N PRO E 90 -14.57 -24.12 28.11
CA PRO E 90 -14.70 -25.25 29.03
C PRO E 90 -15.74 -26.24 28.52
N ILE E 91 -15.47 -27.52 28.76
CA ILE E 91 -16.40 -28.57 28.35
C ILE E 91 -17.60 -28.56 29.28
N ASP E 92 -18.80 -28.61 28.71
CA ASP E 92 -20.01 -28.57 29.51
C ASP E 92 -20.13 -29.82 30.37
N ASP E 93 -20.77 -29.65 31.53
CA ASP E 93 -21.01 -30.75 32.47
C ASP E 93 -19.68 -31.33 32.97
N THR E 94 -18.85 -30.45 33.52
CA THR E 94 -17.57 -30.84 34.11
C THR E 94 -17.34 -30.01 35.35
N PRO E 95 -16.56 -30.52 36.31
CA PRO E 95 -16.25 -29.71 37.51
C PRO E 95 -15.56 -28.40 37.18
N ALA E 96 -14.76 -28.36 36.11
CA ALA E 96 -14.05 -27.13 35.76
C ALA E 96 -15.03 -26.00 35.46
N ALA E 97 -16.10 -26.30 34.72
CA ALA E 97 -17.10 -25.28 34.43
C ALA E 97 -17.76 -24.76 35.71
N ARG E 98 -18.10 -25.66 36.62
CA ARG E 98 -18.67 -25.25 37.90
C ARG E 98 -17.66 -24.50 38.76
N ALA E 99 -16.37 -24.64 38.46
CA ALA E 99 -15.33 -23.96 39.22
C ALA E 99 -15.12 -22.52 38.78
N GLY E 100 -15.86 -22.03 37.79
CA GLY E 100 -15.75 -20.67 37.33
C GLY E 100 -14.76 -20.46 36.20
N ILE E 101 -14.10 -21.51 35.73
CA ILE E 101 -13.16 -21.37 34.62
C ILE E 101 -13.93 -20.95 33.37
N GLN E 102 -13.43 -19.93 32.69
CA GLN E 102 -14.07 -19.36 31.52
C GLN E 102 -13.14 -19.45 30.32
N PRO E 103 -13.66 -19.36 29.10
CA PRO E 103 -12.79 -19.42 27.91
C PRO E 103 -11.75 -18.32 27.94
N GLY E 104 -10.56 -18.65 27.44
CA GLY E 104 -9.45 -17.71 27.41
C GLY E 104 -8.58 -17.69 28.65
N ASP E 105 -8.95 -18.43 29.69
CA ASP E 105 -8.12 -18.49 30.89
C ASP E 105 -6.75 -19.04 30.55
N LEU E 106 -5.71 -18.37 31.04
CA LEU E 106 -4.33 -18.72 30.74
C LEU E 106 -3.70 -19.33 31.98
N ILE E 107 -3.36 -20.61 31.92
CA ILE E 107 -2.69 -21.29 33.02
C ILE E 107 -1.21 -21.01 32.93
N VAL E 108 -0.65 -20.40 33.99
CA VAL E 108 0.76 -20.05 33.98
C VAL E 108 1.63 -21.21 34.44
N GLN E 109 1.11 -22.09 35.30
CA GLN E 109 1.87 -23.25 35.77
C GLN E 109 0.93 -24.44 35.91
N ILE E 110 1.38 -25.59 35.43
CA ILE E 110 0.61 -26.83 35.50
C ILE E 110 1.31 -27.72 36.52
N ASP E 111 0.73 -27.81 37.71
CA ASP E 111 1.31 -28.60 38.79
C ASP E 111 2.75 -28.20 39.06
N GLY E 112 3.02 -26.90 38.99
CA GLY E 112 4.36 -26.38 39.15
C GLY E 112 5.18 -26.35 37.88
N LYS E 113 4.65 -26.84 36.76
CA LYS E 113 5.39 -26.87 35.51
C LYS E 113 4.90 -25.74 34.62
N PRO E 114 5.74 -24.73 34.32
CA PRO E 114 5.27 -23.64 33.46
C PRO E 114 4.83 -24.13 32.10
N THR E 115 3.79 -23.48 31.56
CA THR E 115 3.29 -23.86 30.24
C THR E 115 4.31 -23.58 29.13
N LYS E 116 5.23 -22.65 29.35
CA LYS E 116 6.25 -22.38 28.35
C LYS E 116 7.14 -23.59 28.15
N GLY E 117 7.52 -23.86 26.90
CA GLY E 117 8.34 -25.00 26.58
C GLY E 117 7.63 -26.32 26.60
N GLN E 118 6.31 -26.33 26.72
CA GLN E 118 5.51 -27.55 26.76
C GLN E 118 4.75 -27.69 25.45
N SER E 119 4.86 -28.86 24.82
CA SER E 119 4.12 -29.12 23.61
C SER E 119 2.67 -29.45 23.94
N MET E 120 1.83 -29.44 22.90
CA MET E 120 0.41 -29.72 23.11
C MET E 120 0.21 -31.13 23.65
N THR E 121 0.95 -32.11 23.13
CA THR E 121 0.80 -33.47 23.61
C THR E 121 1.20 -33.59 25.08
N GLU E 122 2.27 -32.91 25.49
CA GLU E 122 2.68 -32.96 26.89
C GLU E 122 1.61 -32.36 27.80
N ALA E 123 1.05 -31.22 27.39
CA ALA E 123 0.00 -30.60 28.19
C ALA E 123 -1.22 -31.50 28.29
N VAL E 124 -1.60 -32.13 27.17
CA VAL E 124 -2.76 -33.02 27.18
C VAL E 124 -2.51 -34.20 28.11
N ASP E 125 -1.32 -34.80 28.03
CA ASP E 125 -1.02 -35.93 28.89
C ASP E 125 -1.02 -35.51 30.37
N SER E 126 -0.44 -34.35 30.68
CA SER E 126 -0.41 -33.89 32.06
C SER E 126 -1.82 -33.65 32.58
N MET E 127 -2.66 -32.99 31.78
CA MET E 127 -4.02 -32.70 32.22
C MET E 127 -4.82 -33.98 32.39
N ARG E 128 -4.70 -34.91 31.46
CA ARG E 128 -5.44 -36.15 31.53
C ARG E 128 -4.79 -37.12 32.50
N GLY E 129 -5.61 -37.94 33.14
CA GLY E 129 -5.11 -38.91 34.10
C GLY E 129 -6.27 -39.68 34.71
N LYS E 130 -5.90 -40.59 35.62
CA LYS E 130 -6.91 -41.40 36.29
C LYS E 130 -7.83 -40.51 37.11
N ALA E 131 -9.11 -40.89 37.15
CA ALA E 131 -10.09 -40.12 37.91
C ALA E 131 -9.75 -40.13 39.39
N GLY E 132 -9.99 -39.01 40.06
CA GLY E 132 -9.75 -38.89 41.48
C GLY E 132 -8.38 -38.35 41.85
N SER E 133 -7.47 -38.22 40.91
CA SER E 133 -6.13 -37.73 41.20
C SER E 133 -6.17 -36.21 41.31
N PRO E 134 -5.79 -35.61 42.45
CA PRO E 134 -5.82 -34.15 42.56
C PRO E 134 -4.78 -33.52 41.65
N ILE E 135 -5.12 -32.34 41.13
CA ILE E 135 -4.25 -31.57 40.26
C ILE E 135 -4.37 -30.10 40.64
N THR E 136 -3.22 -29.43 40.77
CA THR E 136 -3.16 -28.03 41.13
C THR E 136 -2.58 -27.22 39.97
N LEU E 137 -3.27 -26.16 39.59
CA LEU E 137 -2.88 -25.33 38.45
C LEU E 137 -2.86 -23.87 38.88
N THR E 138 -1.75 -23.19 38.62
CA THR E 138 -1.64 -21.75 38.87
C THR E 138 -2.02 -21.01 37.60
N ILE E 139 -3.06 -20.19 37.69
CA ILE E 139 -3.66 -19.51 36.55
C ILE E 139 -3.68 -18.01 36.81
N VAL E 140 -3.40 -17.24 35.77
CA VAL E 140 -3.48 -15.78 35.80
C VAL E 140 -4.54 -15.35 34.82
N ARG E 141 -5.53 -14.58 35.29
CA ARG E 141 -6.63 -14.11 34.47
C ARG E 141 -6.52 -12.60 34.29
N ASP E 142 -6.50 -12.16 33.03
CA ASP E 142 -6.42 -10.74 32.71
C ASP E 142 -5.23 -10.09 33.40
N GLY E 143 -4.12 -10.82 33.45
CA GLY E 143 -2.91 -10.29 34.05
C GLY E 143 -3.05 -9.97 35.53
N GLY E 144 -3.99 -10.61 36.22
CA GLY E 144 -4.20 -10.37 37.62
C GLY E 144 -3.27 -11.22 38.49
N ARG E 145 -3.55 -11.18 39.79
CA ARG E 145 -2.74 -11.95 40.73
C ARG E 145 -2.92 -13.44 40.45
N PRO E 146 -1.85 -14.23 40.37
CA PRO E 146 -2.02 -15.66 40.12
C PRO E 146 -2.83 -16.33 41.23
N PHE E 147 -3.66 -17.29 40.83
CA PHE E 147 -4.49 -18.04 41.77
C PHE E 147 -4.35 -19.53 41.49
N ASP E 148 -4.39 -20.31 42.56
CA ASP E 148 -4.22 -21.76 42.48
C ASP E 148 -5.58 -22.44 42.50
N VAL E 149 -5.84 -23.29 41.51
CA VAL E 149 -7.08 -24.03 41.38
C VAL E 149 -6.77 -25.50 41.55
N GLU E 150 -7.47 -26.16 42.47
CA GLU E 150 -7.32 -27.59 42.72
C GLU E 150 -8.54 -28.32 42.18
N LEU E 151 -8.31 -29.37 41.41
CA LEU E 151 -9.36 -30.12 40.75
C LEU E 151 -9.13 -31.61 40.94
N LYS E 152 -10.22 -32.37 40.86
CA LYS E 152 -10.18 -33.83 40.96
C LYS E 152 -10.66 -34.41 39.64
N ARG E 153 -9.84 -35.26 39.04
CA ARG E 153 -10.22 -35.88 37.78
C ARG E 153 -11.45 -36.75 37.98
N ALA E 154 -12.41 -36.64 37.06
CA ALA E 154 -13.65 -37.39 37.13
C ALA E 154 -14.04 -37.83 35.72
N ILE E 155 -14.85 -38.89 35.67
CA ILE E 155 -15.29 -39.42 34.39
C ILE E 155 -16.20 -38.41 33.72
N ILE E 156 -15.84 -38.00 32.51
CA ILE E 156 -16.57 -36.98 31.77
C ILE E 156 -16.95 -37.53 30.40
N LYS E 157 -18.21 -37.37 30.03
CA LYS E 157 -18.70 -37.79 28.72
C LYS E 157 -18.48 -36.66 27.72
N VAL E 158 -17.83 -36.98 26.61
CA VAL E 158 -17.52 -36.01 25.57
C VAL E 158 -18.71 -35.90 24.62
N LYS E 159 -19.04 -34.67 24.25
CA LYS E 159 -20.16 -34.45 23.34
C LYS E 159 -19.89 -35.08 21.98
N SER E 160 -20.93 -35.67 21.40
CA SER E 160 -20.85 -36.29 20.08
C SER E 160 -21.68 -35.58 19.03
N VAL E 161 -22.78 -34.94 19.42
CA VAL E 161 -23.69 -34.27 18.49
C VAL E 161 -24.00 -32.89 19.03
N LYS E 162 -23.94 -31.88 18.16
CA LYS E 162 -24.29 -30.51 18.51
C LYS E 162 -25.17 -29.93 17.42
N SER E 163 -26.00 -28.96 17.82
CA SER E 163 -26.94 -28.34 16.89
C SER E 163 -27.14 -26.87 17.26
N GLN E 164 -27.53 -26.08 16.26
CA GLN E 164 -27.82 -24.66 16.48
C GLN E 164 -28.66 -24.18 15.31
N VAL E 165 -29.86 -23.68 15.59
CA VAL E 165 -30.79 -23.29 14.55
C VAL E 165 -30.34 -21.97 13.94
N LEU E 166 -30.25 -21.93 12.61
CA LEU E 166 -29.91 -20.70 11.92
C LEU E 166 -31.13 -19.80 11.71
N GLU E 167 -32.33 -20.33 11.88
CA GLU E 167 -33.56 -19.57 11.71
C GLU E 167 -34.73 -20.42 12.17
N PRO E 168 -35.77 -19.83 12.78
CA PRO E 168 -36.92 -20.63 13.21
C PRO E 168 -37.50 -21.48 12.09
N GLY E 169 -37.65 -22.77 12.34
CA GLY E 169 -38.11 -23.71 11.34
C GLY E 169 -37.00 -24.46 10.62
N TYR E 170 -35.79 -23.92 10.59
CA TYR E 170 -34.65 -24.56 9.96
C TYR E 170 -33.61 -24.85 11.04
N ALA E 171 -33.17 -26.09 11.12
CA ALA E 171 -32.22 -26.54 12.13
C ALA E 171 -30.98 -27.10 11.46
N TYR E 172 -29.86 -27.02 12.17
CA TYR E 172 -28.57 -27.54 11.70
C TYR E 172 -28.03 -28.50 12.74
N LEU E 173 -27.63 -29.69 12.29
CA LEU E 173 -27.13 -30.74 13.16
C LEU E 173 -25.73 -31.12 12.71
N ARG E 174 -24.87 -31.45 13.68
CA ARG E 174 -23.48 -31.77 13.42
C ARG E 174 -23.11 -33.04 14.16
N ILE E 175 -22.38 -33.93 13.48
CA ILE E 175 -21.86 -35.14 14.10
C ILE E 175 -20.35 -35.14 13.93
N THR E 176 -19.63 -35.17 15.05
CA THR E 176 -18.17 -35.11 15.00
C THR E 176 -17.57 -36.48 14.71
N GLN E 177 -17.78 -37.43 15.61
CA GLN E 177 -17.26 -38.78 15.44
C GLN E 177 -18.24 -39.75 16.06
N PHE E 178 -18.59 -40.80 15.32
CA PHE E 178 -19.56 -41.76 15.80
C PHE E 178 -19.05 -42.44 17.05
N GLN E 179 -19.94 -42.63 18.02
CA GLN E 179 -19.63 -43.29 19.28
C GLN E 179 -20.74 -44.28 19.61
N VAL E 180 -20.52 -45.06 20.68
CA VAL E 180 -21.50 -46.07 21.07
C VAL E 180 -22.83 -45.42 21.42
N ASN E 181 -22.80 -44.30 22.12
CA ASN E 181 -24.00 -43.59 22.54
C ASN E 181 -24.48 -42.57 21.52
N THR E 182 -23.85 -42.49 20.35
CA THR E 182 -24.19 -41.46 19.39
C THR E 182 -25.66 -41.55 18.98
N GLY E 183 -26.20 -42.76 18.89
CA GLY E 183 -27.59 -42.90 18.50
C GLY E 183 -28.53 -42.27 19.51
N GLU E 184 -28.31 -42.56 20.80
CA GLU E 184 -29.14 -41.97 21.84
C GLU E 184 -28.98 -40.45 21.86
N GLU E 185 -27.76 -39.96 21.65
CA GLU E 185 -27.53 -38.52 21.62
C GLU E 185 -28.28 -37.87 20.47
N VAL E 186 -28.28 -38.51 19.30
CA VAL E 186 -29.01 -37.98 18.15
C VAL E 186 -30.50 -37.96 18.43
N VAL E 187 -31.03 -39.04 19.03
CA VAL E 187 -32.45 -39.08 19.36
C VAL E 187 -32.79 -37.95 20.32
N LYS E 188 -31.95 -37.77 21.35
CA LYS E 188 -32.20 -36.71 22.32
C LYS E 188 -32.14 -35.33 21.67
N ALA E 189 -31.18 -35.14 20.76
CA ALA E 189 -31.08 -33.85 20.08
C ALA E 189 -32.32 -33.58 19.24
N LEU E 190 -32.82 -34.59 18.53
CA LEU E 190 -34.04 -34.40 17.75
C LEU E 190 -35.23 -34.09 18.66
N ASN E 191 -35.33 -34.79 19.79
CA ASN E 191 -36.43 -34.53 20.71
C ASN E 191 -36.36 -33.10 21.25
N GLN E 192 -35.17 -32.66 21.62
CA GLN E 192 -35.01 -31.29 22.14
C GLN E 192 -35.33 -30.27 21.05
N LEU E 193 -34.91 -30.53 19.82
CA LEU E 193 -35.23 -29.63 18.72
C LEU E 193 -36.73 -29.52 18.53
N ARG E 194 -37.42 -30.65 18.56
CA ARG E 194 -38.88 -30.62 18.44
C ARG E 194 -39.51 -29.85 19.58
N LYS E 195 -39.03 -30.06 20.81
CA LYS E 195 -39.58 -29.37 21.96
C LYS E 195 -39.40 -27.86 21.82
N ASP E 196 -38.20 -27.41 21.47
CA ASP E 196 -37.95 -25.99 21.39
C ASP E 196 -38.57 -25.34 20.15
N ASN E 197 -38.89 -26.13 19.12
CA ASN E 197 -39.53 -25.61 17.92
C ASN E 197 -41.01 -25.97 17.86
N LYS E 198 -41.64 -26.15 19.02
CA LYS E 198 -43.06 -26.45 19.12
C LYS E 198 -43.43 -27.77 18.44
N GLY E 199 -42.44 -28.63 18.19
CA GLY E 199 -42.67 -29.90 17.56
C GLY E 199 -42.79 -29.88 16.05
N ARG E 200 -42.68 -28.70 15.43
CA ARG E 200 -42.75 -28.58 13.99
C ARG E 200 -41.56 -27.76 13.51
N LEU E 201 -40.80 -28.32 12.57
CA LEU E 201 -39.63 -27.68 12.00
C LEU E 201 -39.68 -27.76 10.49
N LYS E 202 -39.40 -26.64 9.83
CA LYS E 202 -39.49 -26.59 8.38
C LYS E 202 -38.48 -27.53 7.73
N GLY E 203 -37.23 -27.51 8.21
CA GLY E 203 -36.20 -28.31 7.59
C GLY E 203 -35.03 -28.56 8.52
N LEU E 204 -34.27 -29.59 8.19
CA LEU E 204 -33.09 -29.98 8.94
C LEU E 204 -31.93 -30.21 7.98
N VAL E 205 -30.76 -29.66 8.32
CA VAL E 205 -29.53 -29.90 7.57
C VAL E 205 -28.61 -30.71 8.46
N LEU E 206 -27.85 -31.62 7.85
CA LEU E 206 -26.94 -32.51 8.56
C LEU E 206 -25.51 -32.20 8.16
N ASP E 207 -24.60 -32.37 9.10
CA ASP E 207 -23.18 -32.05 8.90
C ASP E 207 -22.35 -33.25 9.35
N LEU E 208 -21.91 -34.04 8.38
CA LEU E 208 -20.94 -35.09 8.59
C LEU E 208 -19.56 -34.71 8.06
N ARG E 209 -19.38 -33.47 7.65
CA ARG E 209 -18.11 -33.07 7.05
C ARG E 209 -16.96 -33.35 8.01
N ASN E 210 -15.90 -33.96 7.50
CA ASN E 210 -14.72 -34.29 8.30
C ASN E 210 -15.10 -35.10 9.53
N ASN E 211 -15.96 -36.10 9.33
CA ASN E 211 -16.32 -37.04 10.39
C ASN E 211 -15.71 -38.39 10.06
N PRO E 212 -14.59 -38.78 10.70
CA PRO E 212 -13.88 -39.98 10.25
C PRO E 212 -14.73 -41.24 10.27
N GLY E 213 -15.28 -41.59 11.43
CA GLY E 213 -16.09 -42.78 11.52
C GLY E 213 -16.23 -43.22 12.96
N GLY E 214 -16.62 -44.48 13.13
CA GLY E 214 -16.82 -45.03 14.45
C GLY E 214 -17.57 -46.35 14.37
N VAL E 215 -18.22 -46.68 15.49
CA VAL E 215 -18.91 -47.97 15.59
C VAL E 215 -20.01 -48.03 14.55
N LEU E 216 -20.05 -49.14 13.81
CA LEU E 216 -21.08 -49.33 12.79
C LEU E 216 -22.47 -49.39 13.41
N GLN E 217 -22.59 -49.96 14.61
CA GLN E 217 -23.89 -50.10 15.25
C GLN E 217 -24.55 -48.74 15.44
N SER E 218 -23.79 -47.76 15.93
CA SER E 218 -24.38 -46.44 16.17
C SER E 218 -24.73 -45.74 14.86
N ALA E 219 -23.92 -45.95 13.82
CA ALA E 219 -24.26 -45.38 12.52
C ALA E 219 -25.59 -45.94 12.02
N VAL E 220 -25.78 -47.25 12.13
CA VAL E 220 -27.05 -47.83 11.72
C VAL E 220 -28.17 -47.33 12.61
N GLU E 221 -27.88 -47.13 13.90
CA GLU E 221 -28.90 -46.61 14.80
C GLU E 221 -29.36 -45.23 14.38
N VAL E 222 -28.41 -44.36 14.00
CA VAL E 222 -28.77 -43.03 13.52
C VAL E 222 -29.57 -43.13 12.23
N ALA E 223 -29.13 -43.99 11.30
CA ALA E 223 -29.89 -44.18 10.07
C ALA E 223 -31.33 -44.57 10.38
N ASP E 224 -31.52 -45.46 11.36
CA ASP E 224 -32.87 -45.83 11.78
C ASP E 224 -33.60 -44.63 12.37
N ALA E 225 -32.89 -43.81 13.15
CA ALA E 225 -33.50 -42.62 13.72
C ALA E 225 -34.06 -41.72 12.63
N PHE E 226 -33.38 -41.66 11.48
CA PHE E 226 -33.90 -40.86 10.36
C PHE E 226 -34.81 -41.67 9.45
N LEU E 227 -34.32 -42.77 8.89
CA LEU E 227 -35.12 -43.58 7.98
C LEU E 227 -36.17 -44.37 8.75
N THR E 228 -37.23 -44.75 8.05
CA THR E 228 -38.33 -45.50 8.62
C THR E 228 -38.48 -46.91 8.07
N LYS E 229 -38.25 -47.11 6.78
CA LYS E 229 -38.47 -48.39 6.13
C LYS E 229 -37.29 -48.73 5.22
N GLY E 230 -37.14 -50.01 4.94
CA GLY E 230 -36.10 -50.51 4.07
C GLY E 230 -34.89 -51.03 4.82
N LEU E 231 -33.92 -51.50 4.05
CA LEU E 231 -32.69 -52.06 4.61
C LEU E 231 -31.59 -51.00 4.56
N ILE E 232 -31.01 -50.70 5.71
CA ILE E 232 -30.08 -49.58 5.82
C ILE E 232 -28.75 -49.92 5.18
N VAL E 233 -28.07 -50.96 5.68
CA VAL E 233 -26.78 -51.37 5.13
C VAL E 233 -26.49 -52.78 5.62
N TYR E 234 -25.94 -53.59 4.72
CA TYR E 234 -25.60 -54.96 5.02
C TYR E 234 -24.17 -55.24 4.57
N THR E 235 -23.49 -56.13 5.29
CA THR E 235 -22.08 -56.41 5.10
C THR E 235 -21.88 -57.84 4.62
N LYS E 236 -20.91 -58.02 3.73
CA LYS E 236 -20.49 -59.32 3.24
C LYS E 236 -19.02 -59.51 3.56
N GLY E 237 -18.67 -60.73 3.98
CA GLY E 237 -17.31 -61.05 4.33
C GLY E 237 -17.02 -62.53 4.09
N ARG E 238 -15.75 -62.88 4.17
CA ARG E 238 -15.34 -64.26 3.92
C ARG E 238 -15.97 -65.20 4.94
N ILE E 239 -15.97 -64.81 6.20
CA ILE E 239 -16.52 -65.65 7.26
C ILE E 239 -18.02 -65.37 7.38
N ALA E 240 -18.79 -66.44 7.60
CA ALA E 240 -20.24 -66.31 7.64
C ALA E 240 -20.69 -65.38 8.76
N ASN E 241 -20.05 -65.48 9.93
CA ASN E 241 -20.47 -64.68 11.08
C ASN E 241 -20.38 -63.18 10.77
N SER E 242 -19.41 -62.78 9.93
CA SER E 242 -19.25 -61.36 9.63
C SER E 242 -20.47 -60.80 8.91
N GLU E 243 -21.19 -61.65 8.16
CA GLU E 243 -22.37 -61.18 7.45
C GLU E 243 -23.44 -60.74 8.42
N LEU E 244 -24.09 -59.62 8.11
CA LEU E 244 -25.12 -59.07 8.99
C LEU E 244 -25.94 -58.05 8.20
N ARG E 245 -27.25 -58.23 8.19
CA ARG E 245 -28.16 -57.32 7.50
C ARG E 245 -28.88 -56.45 8.52
N PHE E 246 -28.86 -55.15 8.30
CA PHE E 246 -29.50 -54.18 9.18
C PHE E 246 -30.64 -53.50 8.43
N SER E 247 -31.80 -53.40 9.06
CA SER E 247 -32.95 -52.77 8.46
C SER E 247 -33.50 -51.70 9.40
N ALA E 248 -34.00 -50.62 8.83
CA ALA E 248 -34.57 -49.54 9.62
C ALA E 248 -35.91 -49.96 10.21
N ASP E 249 -36.08 -49.76 11.50
CA ASP E 249 -37.33 -50.08 12.18
C ASP E 249 -38.38 -49.01 11.87
N PRO E 250 -39.66 -49.37 11.92
CA PRO E 250 -40.70 -48.38 11.59
C PRO E 250 -40.71 -47.18 12.52
N ALA E 251 -40.22 -47.33 13.75
CA ALA E 251 -40.15 -46.19 14.65
C ALA E 251 -39.32 -45.08 14.05
N ASP E 252 -39.84 -43.85 14.10
CA ASP E 252 -39.17 -42.73 13.45
C ASP E 252 -39.57 -41.41 14.10
N PRO E 253 -38.64 -40.70 14.76
CA PRO E 253 -38.97 -39.36 15.27
C PRO E 253 -38.75 -38.22 14.29
N SER E 254 -38.09 -38.47 13.15
CA SER E 254 -37.79 -37.38 12.22
C SER E 254 -39.04 -36.75 11.61
N ASP E 255 -40.15 -37.48 11.58
CA ASP E 255 -41.41 -36.94 11.07
C ASP E 255 -41.33 -36.57 9.58
N LYS E 256 -40.51 -37.30 8.82
CA LYS E 256 -40.40 -37.10 7.38
C LYS E 256 -40.01 -35.67 7.03
N VAL E 257 -39.30 -35.00 7.92
CA VAL E 257 -38.86 -33.62 7.65
C VAL E 257 -37.87 -33.63 6.50
N PRO E 258 -37.88 -32.64 5.62
CA PRO E 258 -36.86 -32.60 4.55
C PRO E 258 -35.47 -32.56 5.15
N LEU E 259 -34.53 -33.22 4.47
CA LEU E 259 -33.21 -33.44 5.03
C LEU E 259 -32.14 -33.38 3.97
N VAL E 260 -31.15 -32.51 4.18
CA VAL E 260 -29.98 -32.40 3.32
C VAL E 260 -28.76 -32.74 4.16
N VAL E 261 -27.95 -33.68 3.65
CA VAL E 261 -26.76 -34.16 4.34
C VAL E 261 -25.55 -33.69 3.55
N LEU E 262 -24.57 -33.14 4.27
CA LEU E 262 -23.30 -32.76 3.68
C LEU E 262 -22.30 -33.88 3.87
N ILE E 263 -21.61 -34.26 2.80
CA ILE E 263 -20.54 -35.24 2.86
C ILE E 263 -19.28 -34.62 2.28
N ASN E 264 -18.29 -34.40 3.12
CA ASN E 264 -17.00 -33.85 2.72
C ASN E 264 -16.01 -34.98 2.48
N GLY E 265 -14.82 -34.62 2.01
CA GLY E 265 -13.80 -35.62 1.76
C GLY E 265 -13.44 -36.41 3.00
N GLY E 266 -13.58 -35.79 4.18
CA GLY E 266 -13.21 -36.47 5.40
C GLY E 266 -14.10 -37.67 5.74
N SER E 267 -15.41 -37.52 5.57
CA SER E 267 -16.35 -38.57 5.93
C SER E 267 -15.95 -39.88 5.26
N ALA E 268 -15.58 -40.88 6.05
CA ALA E 268 -14.93 -42.08 5.53
C ALA E 268 -15.73 -43.36 5.74
N ALA E 269 -16.05 -43.72 6.97
CA ALA E 269 -16.54 -45.06 7.28
C ALA E 269 -17.98 -45.05 7.77
N ALA E 270 -18.29 -44.33 8.85
CA ALA E 270 -19.64 -44.34 9.38
C ALA E 270 -20.50 -43.23 8.76
N ALA E 271 -19.93 -42.03 8.65
CA ALA E 271 -20.63 -40.96 7.97
C ALA E 271 -21.04 -41.38 6.56
N GLU E 272 -20.14 -42.09 5.86
CA GLU E 272 -20.50 -42.58 4.54
C GLU E 272 -21.58 -43.64 4.61
N ILE E 273 -21.63 -44.44 5.68
CA ILE E 273 -22.70 -45.42 5.81
C ILE E 273 -24.04 -44.70 5.93
N VAL E 274 -24.11 -43.68 6.79
CA VAL E 274 -25.35 -42.93 6.93
C VAL E 274 -25.73 -42.26 5.61
N ALA E 275 -24.75 -41.66 4.94
CA ALA E 275 -25.02 -40.96 3.70
C ALA E 275 -25.54 -41.92 2.62
N GLY E 276 -24.87 -43.07 2.47
CA GLY E 276 -25.32 -44.03 1.49
C GLY E 276 -26.70 -44.57 1.81
N ALA E 277 -26.97 -44.84 3.09
CA ALA E 277 -28.29 -45.33 3.47
C ALA E 277 -29.36 -44.32 3.11
N LEU E 278 -29.15 -43.04 3.48
CA LEU E 278 -30.16 -42.03 3.18
C LEU E 278 -30.33 -41.84 1.68
N GLN E 279 -29.22 -41.79 0.93
CA GLN E 279 -29.33 -41.51 -0.51
C GLN E 279 -29.98 -42.67 -1.24
N ASP E 280 -29.66 -43.91 -0.86
CA ASP E 280 -30.20 -45.05 -1.58
C ASP E 280 -31.71 -45.15 -1.45
N GLN E 281 -32.26 -44.65 -0.35
CA GLN E 281 -33.70 -44.73 -0.10
C GLN E 281 -34.45 -43.52 -0.61
N LYS E 282 -33.78 -42.57 -1.27
CA LYS E 282 -34.42 -41.35 -1.74
C LYS E 282 -35.13 -40.64 -0.59
N ARG E 283 -34.44 -40.57 0.55
CA ARG E 283 -34.99 -39.99 1.77
C ARG E 283 -34.33 -38.68 2.15
N ALA E 284 -33.19 -38.33 1.54
CA ALA E 284 -32.51 -37.08 1.81
C ALA E 284 -31.72 -36.70 0.57
N ILE E 285 -31.13 -35.51 0.59
CA ILE E 285 -30.36 -34.99 -0.53
C ILE E 285 -28.91 -34.81 -0.08
N LEU E 286 -27.98 -35.42 -0.81
CA LEU E 286 -26.57 -35.36 -0.46
C LEU E 286 -25.88 -34.25 -1.24
N MET E 287 -25.10 -33.44 -0.53
CA MET E 287 -24.36 -32.36 -1.16
C MET E 287 -22.96 -32.28 -0.56
N GLY E 288 -22.04 -31.70 -1.32
CA GLY E 288 -20.67 -31.54 -0.91
C GLY E 288 -19.75 -32.10 -1.97
N THR E 289 -18.56 -32.50 -1.53
CA THR E 289 -17.56 -33.09 -2.41
C THR E 289 -17.53 -34.60 -2.23
N ASP E 290 -16.90 -35.28 -3.19
CA ASP E 290 -16.82 -36.74 -3.14
C ASP E 290 -16.21 -37.19 -1.82
N SER E 291 -16.80 -38.22 -1.23
CA SER E 291 -16.39 -38.67 0.09
C SER E 291 -15.13 -39.52 -0.01
N PHE E 292 -14.63 -39.95 1.15
CA PHE E 292 -13.41 -40.76 1.18
C PHE E 292 -13.57 -42.03 0.36
N GLY E 293 -14.76 -42.63 0.40
CA GLY E 293 -15.01 -43.86 -0.33
C GLY E 293 -14.26 -45.06 0.19
N LYS E 294 -14.15 -45.21 1.51
CA LYS E 294 -13.55 -46.40 2.11
C LYS E 294 -14.67 -47.32 2.58
N GLY E 295 -14.58 -48.59 2.18
CA GLY E 295 -15.52 -49.58 2.65
C GLY E 295 -14.83 -50.65 3.46
N SER E 296 -15.07 -50.65 4.77
CA SER E 296 -14.45 -51.64 5.62
C SER E 296 -15.12 -51.66 6.99
N VAL E 297 -15.58 -52.83 7.42
CA VAL E 297 -16.08 -53.05 8.76
C VAL E 297 -15.10 -53.99 9.46
N GLN E 298 -14.50 -53.49 10.54
CA GLN E 298 -13.42 -54.19 11.21
C GLN E 298 -13.87 -54.59 12.61
N THR E 299 -13.37 -55.73 13.07
CA THR E 299 -13.63 -56.23 14.41
C THR E 299 -12.32 -56.26 15.17
N VAL E 300 -12.33 -55.75 16.40
CA VAL E 300 -11.13 -55.75 17.25
C VAL E 300 -11.20 -57.04 18.08
N LEU E 301 -10.66 -58.11 17.51
CA LEU E 301 -10.72 -59.41 18.17
C LEU E 301 -9.91 -59.36 19.46
N PRO E 302 -10.49 -59.73 20.59
CA PRO E 302 -9.71 -59.71 21.84
C PRO E 302 -8.61 -60.75 21.82
N LEU E 303 -7.55 -60.47 22.57
CA LEU E 303 -6.38 -61.35 22.62
C LEU E 303 -5.74 -61.21 23.98
N ASN E 304 -4.86 -62.16 24.29
CA ASN E 304 -4.18 -62.17 25.57
C ASN E 304 -3.24 -60.98 25.69
N ASN E 305 -2.92 -60.62 26.94
CA ASN E 305 -1.98 -59.57 27.27
C ASN E 305 -2.47 -58.19 26.87
N ASP E 306 -3.77 -58.01 26.69
CA ASP E 306 -4.42 -56.72 26.46
C ASP E 306 -4.18 -56.17 25.05
N ARG E 307 -3.42 -56.86 24.21
CA ARG E 307 -3.12 -56.39 22.86
C ARG E 307 -4.07 -57.09 21.89
N ALA E 308 -5.14 -56.41 21.53
CA ALA E 308 -6.17 -56.97 20.64
C ALA E 308 -6.00 -56.41 19.25
N LEU E 309 -5.86 -57.29 18.26
CA LEU E 309 -5.63 -56.87 16.89
C LEU E 309 -6.92 -56.35 16.26
N LYS E 310 -6.77 -55.67 15.13
CA LYS E 310 -7.88 -55.07 14.41
C LYS E 310 -7.74 -55.43 12.94
N LEU E 311 -8.71 -56.15 12.41
CA LEU E 311 -8.65 -56.67 11.04
C LEU E 311 -9.89 -56.23 10.26
N THR E 312 -9.71 -56.05 8.96
CA THR E 312 -10.81 -55.67 8.07
C THR E 312 -11.70 -56.89 7.88
N THR E 313 -12.58 -57.11 8.85
CA THR E 313 -13.37 -58.33 8.88
C THR E 313 -14.19 -58.49 7.60
N ALA E 314 -14.90 -57.45 7.20
CA ALA E 314 -15.82 -57.56 6.07
C ALA E 314 -15.95 -56.23 5.35
N LEU E 315 -16.59 -56.26 4.20
CA LEU E 315 -16.97 -55.05 3.48
C LEU E 315 -18.47 -54.85 3.64
N TYR E 316 -18.92 -53.63 3.35
CA TYR E 316 -20.35 -53.32 3.39
C TYR E 316 -20.81 -52.93 2.00
N TYR E 317 -22.13 -52.90 1.82
CA TYR E 317 -22.73 -52.49 0.58
C TYR E 317 -23.85 -51.49 0.87
N THR E 318 -24.04 -50.56 -0.06
CA THR E 318 -25.21 -49.71 -0.01
C THR E 318 -26.44 -50.53 -0.38
N PRO E 319 -27.62 -50.11 0.07
CA PRO E 319 -28.81 -50.97 -0.14
C PRO E 319 -29.01 -51.40 -1.58
N ASN E 320 -28.67 -50.55 -2.54
CA ASN E 320 -28.82 -50.89 -3.95
C ASN E 320 -27.80 -51.90 -4.42
N GLY E 321 -26.77 -52.18 -3.61
CA GLY E 321 -25.71 -53.10 -4.00
C GLY E 321 -24.43 -52.43 -4.43
N ARG E 322 -24.43 -51.11 -4.59
CA ARG E 322 -23.21 -50.40 -4.94
C ARG E 322 -22.17 -50.53 -3.83
N SER E 323 -20.91 -50.71 -4.22
CA SER E 323 -19.81 -50.86 -3.29
C SER E 323 -19.09 -49.52 -3.15
N ILE E 324 -19.14 -48.95 -1.94
CA ILE E 324 -18.55 -47.63 -1.73
C ILE E 324 -17.04 -47.69 -1.80
N GLN E 325 -16.45 -48.80 -1.37
CA GLN E 325 -14.99 -48.87 -1.22
C GLN E 325 -14.30 -48.51 -2.52
N ALA E 326 -13.29 -47.64 -2.41
CA ALA E 326 -12.45 -47.19 -3.51
C ALA E 326 -13.18 -46.29 -4.50
N GLN E 327 -14.49 -46.07 -4.32
CA GLN E 327 -15.27 -45.23 -5.23
C GLN E 327 -15.84 -44.01 -4.53
N GLY E 328 -16.53 -44.20 -3.42
CA GLY E 328 -17.20 -43.11 -2.74
C GLY E 328 -18.59 -42.85 -3.32
N ILE E 329 -19.36 -42.08 -2.56
CA ILE E 329 -20.74 -41.75 -2.93
C ILE E 329 -20.74 -40.34 -3.47
N VAL E 330 -20.94 -40.20 -4.77
CA VAL E 330 -20.92 -38.90 -5.43
C VAL E 330 -22.15 -38.11 -5.00
N PRO E 331 -21.99 -36.92 -4.43
CA PRO E 331 -23.16 -36.15 -4.03
C PRO E 331 -23.94 -35.65 -5.24
N ASP E 332 -25.26 -35.51 -5.05
CA ASP E 332 -26.11 -35.04 -6.13
C ASP E 332 -25.85 -33.57 -6.45
N ILE E 333 -25.83 -32.73 -5.41
CA ILE E 333 -25.75 -31.28 -5.64
C ILE E 333 -24.37 -30.91 -6.18
N GLU E 334 -23.31 -31.51 -5.64
CA GLU E 334 -21.95 -31.21 -6.06
C GLU E 334 -21.63 -29.73 -5.85
N VAL E 335 -21.67 -29.32 -4.58
CA VAL E 335 -21.39 -27.94 -4.20
C VAL E 335 -20.00 -27.93 -3.55
N GLY E 336 -19.05 -27.30 -4.22
CA GLY E 336 -17.68 -27.20 -3.73
C GLY E 336 -17.47 -25.90 -2.99
N ARG E 337 -16.68 -25.97 -1.92
CA ARG E 337 -16.44 -24.78 -1.10
C ARG E 337 -15.83 -23.68 -1.94
N ALA E 338 -16.35 -22.47 -1.77
CA ALA E 338 -15.91 -21.31 -2.55
C ALA E 338 -16.37 -20.05 -1.82
N LYS E 339 -16.04 -18.91 -2.39
CA LYS E 339 -16.38 -17.61 -1.83
C LYS E 339 -17.46 -16.96 -2.68
N VAL E 340 -18.52 -16.48 -2.02
CA VAL E 340 -19.64 -15.83 -2.68
C VAL E 340 -19.68 -14.37 -2.25
N THR E 341 -19.73 -13.47 -3.23
CA THR E 341 -19.76 -12.04 -2.95
C THR E 341 -20.77 -11.37 -3.88
N GLN E 342 -21.41 -10.33 -3.36
CA GLN E 342 -22.41 -9.59 -4.12
C GLN E 342 -21.79 -8.35 -4.78
N GLN E 381 -24.98 -20.73 8.56
CA GLN E 381 -24.83 -19.28 8.57
C GLN E 381 -24.20 -18.78 7.27
N ASP E 382 -24.10 -17.46 7.14
CA ASP E 382 -23.51 -16.88 5.94
C ASP E 382 -22.02 -17.17 5.84
N SER E 383 -21.32 -17.25 6.98
CA SER E 383 -19.87 -17.46 6.94
C SER E 383 -19.53 -18.79 6.28
N ASP E 384 -20.26 -19.85 6.62
CA ASP E 384 -20.03 -21.17 6.07
C ASP E 384 -20.76 -21.29 4.74
N TYR E 385 -20.01 -21.18 3.64
CA TYR E 385 -20.65 -21.18 2.33
C TYR E 385 -21.41 -22.46 2.08
N GLN E 386 -20.84 -23.61 2.43
CA GLN E 386 -21.54 -24.87 2.23
C GLN E 386 -22.86 -24.88 3.00
N LEU E 387 -22.82 -24.46 4.26
CA LEU E 387 -24.04 -24.44 5.06
C LEU E 387 -25.01 -23.38 4.56
N SER E 388 -24.50 -22.26 4.07
CA SER E 388 -25.41 -21.25 3.50
C SER E 388 -26.14 -21.82 2.29
N GLN E 389 -25.43 -22.52 1.41
CA GLN E 389 -26.06 -23.16 0.28
C GLN E 389 -27.09 -24.19 0.72
N ALA E 390 -26.73 -25.00 1.72
CA ALA E 390 -27.67 -26.01 2.20
C ALA E 390 -28.94 -25.37 2.74
N LEU E 391 -28.79 -24.31 3.54
CA LEU E 391 -29.95 -23.64 4.11
C LEU E 391 -30.81 -23.01 3.02
N SER E 392 -30.18 -22.36 2.04
CA SER E 392 -30.94 -21.73 0.97
C SER E 392 -31.72 -22.78 0.17
N LEU E 393 -31.06 -23.88 -0.18
CA LEU E 393 -31.73 -24.93 -0.92
C LEU E 393 -32.88 -25.51 -0.11
N LEU E 394 -32.66 -25.74 1.18
CA LEU E 394 -33.72 -26.32 2.00
C LEU E 394 -34.91 -25.40 2.12
N LYS E 395 -34.67 -24.10 2.34
CA LYS E 395 -35.80 -23.17 2.44
C LYS E 395 -36.53 -23.06 1.12
N GLY E 396 -35.80 -23.01 0.01
CA GLY E 396 -36.47 -22.98 -1.29
C GLY E 396 -37.32 -24.21 -1.52
N LEU E 397 -36.79 -25.39 -1.22
CA LEU E 397 -37.53 -26.61 -1.43
C LEU E 397 -38.69 -26.75 -0.46
N SER E 398 -38.61 -26.09 0.70
CA SER E 398 -39.74 -26.10 1.62
C SER E 398 -40.84 -25.15 1.17
N VAL E 399 -40.47 -24.01 0.57
CA VAL E 399 -41.50 -23.06 0.14
C VAL E 399 -42.14 -23.49 -1.17
N THR E 400 -41.40 -24.15 -2.06
CA THR E 400 -41.96 -24.51 -3.36
C THR E 400 -43.13 -25.48 -3.21
N ARG E 401 -43.02 -26.43 -2.28
CA ARG E 401 -44.07 -27.42 -2.06
C ARG E 401 -44.42 -27.46 -0.58
N GLY E 402 -45.63 -27.91 -0.29
CA GLY E 402 -46.08 -27.99 1.09
C GLY E 402 -46.15 -26.64 1.77
N ASN E 403 -46.64 -25.63 1.07
CA ASN E 403 -46.77 -24.29 1.64
C ASN E 403 -47.69 -23.42 0.79
N SER F 5 19.87 -72.17 30.92
CA SER F 5 20.15 -71.06 31.82
C SER F 5 18.91 -70.18 31.99
N ALA F 6 18.26 -69.87 30.88
CA ALA F 6 17.06 -69.05 30.86
C ALA F 6 15.98 -69.74 30.05
N PRO F 7 14.71 -69.53 30.40
CA PRO F 7 13.63 -70.18 29.65
C PRO F 7 13.50 -69.62 28.24
N LEU F 8 13.03 -70.47 27.35
CA LEU F 8 12.74 -70.02 25.99
C LEU F 8 11.35 -69.39 25.94
N PRO F 9 11.21 -68.15 25.46
CA PRO F 9 9.88 -67.54 25.45
C PRO F 9 8.96 -68.19 24.43
N LEU F 10 8.54 -69.43 24.72
CA LEU F 10 7.69 -70.16 23.80
C LEU F 10 6.30 -69.54 23.71
N ASP F 11 5.84 -68.87 24.77
CA ASP F 11 4.54 -68.23 24.71
C ASP F 11 4.48 -67.20 23.59
N GLU F 12 5.59 -66.51 23.33
CA GLU F 12 5.60 -65.54 22.24
C GLU F 12 5.35 -66.22 20.91
N LEU F 13 6.01 -67.36 20.65
CA LEU F 13 5.78 -68.07 19.40
C LEU F 13 4.36 -68.63 19.34
N ARG F 14 3.83 -69.08 20.46
CA ARG F 14 2.44 -69.53 20.48
C ARG F 14 1.51 -68.39 20.10
N THR F 15 1.74 -67.21 20.66
CA THR F 15 0.92 -66.05 20.31
C THR F 15 1.05 -65.71 18.84
N PHE F 16 2.26 -65.80 18.30
CA PHE F 16 2.45 -65.51 16.87
C PHE F 16 1.66 -66.50 16.01
N ALA F 17 1.73 -67.78 16.35
CA ALA F 17 0.97 -68.77 15.56
C ALA F 17 -0.53 -68.52 15.68
N GLU F 18 -1.01 -68.23 16.89
CA GLU F 18 -2.41 -67.91 17.08
C GLU F 18 -2.81 -66.73 16.20
N VAL F 19 -1.99 -65.68 16.20
CA VAL F 19 -2.31 -64.49 15.41
C VAL F 19 -2.34 -64.83 13.93
N LEU F 20 -1.38 -65.63 13.47
CA LEU F 20 -1.34 -65.99 12.05
C LEU F 20 -2.61 -66.73 11.65
N ASP F 21 -2.99 -67.75 12.42
CA ASP F 21 -4.17 -68.53 12.06
C ASP F 21 -5.42 -67.66 12.13
N ARG F 22 -5.56 -66.86 13.17
CA ARG F 22 -6.74 -66.01 13.30
C ARG F 22 -6.84 -65.03 12.15
N VAL F 23 -5.71 -64.42 11.75
CA VAL F 23 -5.73 -63.47 10.65
C VAL F 23 -6.13 -64.16 9.36
N LYS F 24 -5.51 -65.31 9.07
CA LYS F 24 -5.87 -65.99 7.84
C LYS F 24 -7.32 -66.47 7.87
N ALA F 25 -7.90 -66.64 9.04
CA ALA F 25 -9.30 -67.05 9.12
C ALA F 25 -10.25 -65.88 8.88
N ALA F 26 -10.03 -64.77 9.58
CA ALA F 26 -10.99 -63.67 9.59
C ALA F 26 -10.78 -62.66 8.47
N TYR F 27 -9.68 -62.75 7.72
CA TYR F 27 -9.45 -61.81 6.64
C TYR F 27 -10.47 -62.01 5.52
N VAL F 28 -10.78 -60.92 4.82
CA VAL F 28 -11.84 -60.96 3.81
C VAL F 28 -11.40 -61.79 2.61
N GLU F 29 -10.18 -61.59 2.14
CA GLU F 29 -9.76 -62.28 0.92
C GLU F 29 -8.98 -63.54 1.27
N PRO F 30 -9.10 -64.62 0.49
CA PRO F 30 -8.23 -65.78 0.72
C PRO F 30 -6.77 -65.39 0.57
N VAL F 31 -6.03 -65.48 1.68
CA VAL F 31 -4.61 -65.14 1.70
C VAL F 31 -3.83 -66.40 2.05
N ASP F 32 -2.93 -66.79 1.16
CA ASP F 32 -2.05 -67.92 1.44
C ASP F 32 -1.04 -67.52 2.51
N ASP F 33 -0.71 -68.48 3.39
CA ASP F 33 0.21 -68.18 4.47
C ASP F 33 1.57 -67.74 3.95
N LYS F 34 1.89 -68.03 2.69
CA LYS F 34 3.09 -67.47 2.09
C LYS F 34 3.09 -65.95 2.21
N THR F 35 1.97 -65.32 1.81
CA THR F 35 1.89 -63.87 1.91
C THR F 35 2.00 -63.40 3.36
N LEU F 36 1.35 -64.13 4.28
CA LEU F 36 1.40 -63.73 5.68
C LEU F 36 2.81 -63.76 6.22
N LEU F 37 3.56 -64.82 5.94
CA LEU F 37 4.92 -64.91 6.45
C LEU F 37 5.83 -63.88 5.77
N GLU F 38 5.64 -63.66 4.46
CA GLU F 38 6.44 -62.63 3.80
C GLU F 38 6.19 -61.27 4.43
N ASN F 39 4.93 -60.94 4.70
CA ASN F 39 4.63 -59.65 5.31
C ASN F 39 5.14 -59.60 6.75
N ALA F 40 5.11 -60.71 7.47
CA ALA F 40 5.69 -60.72 8.81
C ALA F 40 7.17 -60.37 8.75
N ILE F 41 7.92 -61.00 7.85
CA ILE F 41 9.34 -60.71 7.74
C ILE F 41 9.54 -59.24 7.37
N LYS F 42 8.81 -58.78 6.35
CA LYS F 42 8.98 -57.42 5.87
C LYS F 42 8.75 -56.42 6.98
N GLY F 43 7.62 -56.53 7.67
CA GLY F 43 7.31 -55.58 8.72
C GLY F 43 8.24 -55.70 9.91
N MET F 44 8.67 -56.91 10.25
CA MET F 44 9.64 -57.06 11.33
C MET F 44 10.89 -56.26 11.04
N LEU F 45 11.46 -56.45 9.85
CA LEU F 45 12.66 -55.71 9.49
C LEU F 45 12.39 -54.21 9.48
N SER F 46 11.28 -53.80 8.86
CA SER F 46 11.02 -52.37 8.73
C SER F 46 10.83 -51.70 10.07
N ASN F 47 10.09 -52.33 10.99
CA ASN F 47 9.86 -51.73 12.29
C ASN F 47 11.12 -51.71 13.13
N LEU F 48 11.92 -52.78 13.05
CA LEU F 48 13.12 -52.83 13.88
C LEU F 48 14.10 -51.73 13.49
N ASP F 49 14.34 -51.55 12.19
CA ASP F 49 15.29 -50.57 11.70
C ASP F 49 14.77 -49.86 10.48
N PRO F 50 14.54 -48.54 10.53
CA PRO F 50 13.89 -47.87 9.39
C PRO F 50 14.60 -48.09 8.06
N HIS F 51 15.93 -48.17 8.06
CA HIS F 51 16.67 -48.27 6.80
C HIS F 51 16.59 -49.66 6.20
N SER F 52 16.57 -50.69 7.03
CA SER F 52 16.74 -52.06 6.53
C SER F 52 15.52 -52.48 5.72
N ALA F 53 15.67 -53.58 4.98
CA ALA F 53 14.57 -54.10 4.19
C ALA F 53 14.94 -55.46 3.62
N TYR F 54 13.93 -56.32 3.48
CA TYR F 54 14.10 -57.66 2.95
C TYR F 54 13.94 -57.61 1.43
N LEU F 55 15.04 -57.80 0.71
CA LEU F 55 15.03 -57.72 -0.75
C LEU F 55 14.73 -59.11 -1.31
N GLY F 56 13.65 -59.19 -2.09
CA GLY F 56 13.23 -60.46 -2.66
C GLY F 56 14.19 -60.96 -3.71
N PRO F 57 13.99 -62.19 -4.17
CA PRO F 57 14.90 -62.74 -5.19
C PRO F 57 14.90 -61.93 -6.48
N GLU F 58 13.72 -61.67 -7.04
CA GLU F 58 13.65 -60.83 -8.23
C GLU F 58 14.16 -59.43 -7.94
N ASP F 59 13.81 -58.88 -6.77
CA ASP F 59 14.33 -57.58 -6.39
C ASP F 59 15.84 -57.62 -6.22
N PHE F 60 16.36 -58.70 -5.64
CA PHE F 60 17.80 -58.85 -5.50
C PHE F 60 18.49 -58.85 -6.86
N ALA F 61 17.92 -59.57 -7.83
CA ALA F 61 18.47 -59.55 -9.18
C ALA F 61 18.41 -58.13 -9.75
N GLU F 62 17.29 -57.44 -9.54
CA GLU F 62 17.20 -56.04 -9.94
C GLU F 62 18.16 -55.17 -9.14
N LEU F 63 18.43 -55.55 -7.89
CA LEU F 63 19.36 -54.79 -7.06
C LEU F 63 20.78 -54.85 -7.61
N GLN F 64 21.16 -55.98 -8.22
CA GLN F 64 22.53 -56.15 -8.68
C GLN F 64 22.88 -55.13 -9.75
N GLU F 65 21.98 -54.89 -10.71
CA GLU F 65 22.23 -53.96 -11.80
C GLU F 65 21.05 -53.03 -11.98
N SER F 66 21.34 -51.80 -12.38
CA SER F 66 20.29 -50.83 -12.68
C SER F 66 19.59 -51.20 -13.98
N THR F 67 18.31 -50.87 -14.06
CA THR F 67 17.51 -51.24 -15.23
C THR F 67 18.05 -50.57 -16.49
N SER F 68 18.39 -49.28 -16.41
CA SER F 68 18.86 -48.53 -17.56
C SER F 68 20.07 -47.68 -17.17
N GLY F 69 21.04 -47.63 -18.06
CA GLY F 69 22.22 -46.82 -17.80
C GLY F 69 21.91 -45.33 -17.76
N GLU F 70 21.06 -44.87 -18.68
CA GLU F 70 20.65 -43.47 -18.73
C GLU F 70 19.51 -43.15 -17.77
N PHE F 71 19.16 -44.09 -16.88
CA PHE F 71 18.07 -43.87 -15.96
C PHE F 71 18.30 -42.61 -15.13
N GLY F 72 17.27 -41.77 -15.03
CA GLY F 72 17.37 -40.51 -14.35
C GLY F 72 16.83 -40.57 -12.93
N GLY F 73 17.30 -39.62 -12.11
CA GLY F 73 16.88 -39.55 -10.73
C GLY F 73 16.63 -38.11 -10.33
N LEU F 74 15.69 -37.94 -9.40
CA LEU F 74 15.33 -36.59 -8.96
C LEU F 74 16.50 -35.89 -8.31
N GLY F 75 17.25 -36.60 -7.45
CA GLY F 75 18.42 -36.06 -6.78
C GLY F 75 18.26 -35.91 -5.29
N ILE F 76 17.02 -35.92 -4.78
CA ILE F 76 16.81 -35.80 -3.33
C ILE F 76 17.21 -37.12 -2.66
N GLU F 77 17.91 -37.01 -1.54
CA GLU F 77 18.28 -38.16 -0.73
C GLU F 77 17.55 -38.09 0.59
N VAL F 78 16.78 -39.14 0.90
CA VAL F 78 15.85 -39.14 2.01
C VAL F 78 16.27 -40.20 3.01
N GLY F 79 15.74 -40.07 4.23
CA GLY F 79 15.99 -41.02 5.28
C GLY F 79 14.83 -41.06 6.26
N SER F 80 14.29 -42.25 6.52
CA SER F 80 13.09 -42.36 7.32
C SER F 80 13.29 -41.75 8.70
N GLU F 81 12.27 -41.04 9.17
CA GLU F 81 12.29 -40.45 10.51
C GLU F 81 10.93 -40.66 11.15
N ASP F 82 10.93 -41.18 12.38
CA ASP F 82 9.71 -41.45 13.13
C ASP F 82 8.62 -42.05 12.27
N GLY F 83 8.99 -42.98 11.38
CA GLY F 83 8.01 -43.59 10.50
C GLY F 83 7.50 -42.69 9.40
N PHE F 84 8.13 -41.54 9.17
CA PHE F 84 7.69 -40.58 8.17
C PHE F 84 8.89 -40.14 7.36
N ILE F 85 8.77 -40.17 6.03
CA ILE F 85 9.90 -39.89 5.16
C ILE F 85 10.40 -38.47 5.39
N LYS F 86 11.72 -38.30 5.38
CA LYS F 86 12.36 -37.01 5.60
C LYS F 86 13.43 -36.80 4.55
N VAL F 87 13.46 -35.59 3.98
CA VAL F 87 14.43 -35.24 2.94
C VAL F 87 15.73 -34.87 3.64
N VAL F 88 16.69 -35.81 3.67
CA VAL F 88 17.96 -35.54 4.33
C VAL F 88 18.71 -34.44 3.60
N SER F 89 18.79 -34.54 2.28
CA SER F 89 19.60 -33.58 1.55
C SER F 89 19.23 -33.47 0.08
N PRO F 90 19.02 -32.27 -0.44
CA PRO F 90 18.94 -32.08 -1.89
C PRO F 90 20.34 -31.92 -2.48
N ILE F 91 20.76 -32.91 -3.28
CA ILE F 91 22.08 -32.83 -3.89
C ILE F 91 22.14 -31.59 -4.78
N ASP F 92 23.26 -30.88 -4.71
CA ASP F 92 23.41 -29.63 -5.45
C ASP F 92 23.37 -29.88 -6.95
N ASP F 93 22.87 -28.89 -7.69
CA ASP F 93 22.84 -28.92 -9.15
C ASP F 93 21.93 -30.03 -9.66
N THR F 94 20.70 -30.06 -9.15
CA THR F 94 19.69 -31.00 -9.59
C THR F 94 18.35 -30.27 -9.65
N PRO F 95 17.40 -30.76 -10.45
CA PRO F 95 16.12 -30.05 -10.54
C PRO F 95 15.44 -29.84 -9.21
N ALA F 96 15.53 -30.83 -8.30
CA ALA F 96 14.92 -30.65 -6.99
C ALA F 96 15.58 -29.51 -6.23
N ALA F 97 16.91 -29.36 -6.37
CA ALA F 97 17.60 -28.28 -5.69
C ALA F 97 17.10 -26.92 -6.18
N ARG F 98 16.82 -26.80 -7.47
CA ARG F 98 16.34 -25.53 -8.01
C ARG F 98 15.05 -25.10 -7.31
N ALA F 99 14.16 -26.04 -7.05
CA ALA F 99 12.96 -25.75 -6.29
C ALA F 99 13.33 -25.44 -4.83
N GLY F 100 12.31 -25.14 -4.03
CA GLY F 100 12.54 -24.77 -2.64
C GLY F 100 12.70 -25.95 -1.72
N ILE F 101 13.27 -27.05 -2.22
CA ILE F 101 13.50 -28.23 -1.39
C ILE F 101 14.74 -27.98 -0.54
N GLN F 102 14.59 -28.09 0.77
CA GLN F 102 15.65 -27.83 1.73
C GLN F 102 15.76 -28.99 2.70
N PRO F 103 16.91 -29.17 3.34
CA PRO F 103 17.03 -30.21 4.36
C PRO F 103 16.03 -30.00 5.47
N GLY F 104 15.50 -31.11 5.99
CA GLY F 104 14.42 -31.06 6.96
C GLY F 104 13.04 -31.09 6.37
N ASP F 105 12.91 -30.97 5.05
CA ASP F 105 11.61 -31.07 4.41
C ASP F 105 11.04 -32.47 4.57
N LEU F 106 9.76 -32.55 4.94
CA LEU F 106 9.08 -33.83 5.13
C LEU F 106 8.20 -34.10 3.92
N ILE F 107 8.39 -35.25 3.30
CA ILE F 107 7.59 -35.64 2.14
C ILE F 107 6.36 -36.39 2.63
N VAL F 108 5.18 -35.85 2.33
CA VAL F 108 3.94 -36.49 2.71
C VAL F 108 3.44 -37.41 1.60
N GLN F 109 3.41 -36.91 0.36
CA GLN F 109 2.91 -37.67 -0.77
C GLN F 109 3.85 -37.49 -1.95
N ILE F 110 4.04 -38.58 -2.70
CA ILE F 110 4.83 -38.58 -3.92
C ILE F 110 3.94 -39.10 -5.05
N ASP F 111 3.92 -38.38 -6.16
CA ASP F 111 3.07 -38.75 -7.30
C ASP F 111 1.61 -38.88 -6.86
N GLY F 112 1.18 -37.99 -5.97
CA GLY F 112 -0.17 -38.05 -5.46
C GLY F 112 -0.49 -39.33 -4.73
N LYS F 113 0.48 -39.88 -4.01
CA LYS F 113 0.31 -41.13 -3.29
C LYS F 113 0.88 -40.96 -1.88
N PRO F 114 0.12 -41.27 -0.83
CA PRO F 114 0.69 -41.21 0.52
C PRO F 114 1.85 -42.16 0.66
N THR F 115 2.88 -41.72 1.39
CA THR F 115 4.07 -42.52 1.63
C THR F 115 4.27 -42.84 3.11
N LYS F 116 3.28 -42.52 3.96
CA LYS F 116 3.45 -42.75 5.39
C LYS F 116 3.61 -44.24 5.70
N GLY F 117 2.83 -45.09 5.04
CA GLY F 117 2.81 -46.50 5.34
C GLY F 117 3.75 -47.39 4.56
N GLN F 118 4.62 -46.82 3.72
CA GLN F 118 5.50 -47.62 2.89
C GLN F 118 6.95 -47.48 3.37
N SER F 119 7.79 -48.40 2.89
CA SER F 119 9.18 -48.44 3.30
C SER F 119 10.00 -47.39 2.56
N MET F 120 11.15 -47.06 3.15
CA MET F 120 12.01 -46.04 2.56
C MET F 120 12.51 -46.47 1.18
N THR F 121 12.88 -47.74 1.04
CA THR F 121 13.36 -48.23 -0.26
C THR F 121 12.27 -48.11 -1.32
N GLU F 122 11.04 -48.50 -0.97
CA GLU F 122 9.94 -48.38 -1.92
C GLU F 122 9.67 -46.92 -2.27
N ALA F 123 9.73 -46.03 -1.29
CA ALA F 123 9.51 -44.62 -1.56
C ALA F 123 10.59 -44.07 -2.50
N VAL F 124 11.84 -44.44 -2.26
CA VAL F 124 12.92 -43.98 -3.14
C VAL F 124 12.73 -44.52 -4.55
N ASP F 125 12.36 -45.80 -4.67
CA ASP F 125 12.13 -46.38 -5.99
C ASP F 125 11.00 -45.66 -6.71
N SER F 126 9.92 -45.36 -5.99
CA SER F 126 8.81 -44.62 -6.60
C SER F 126 9.25 -43.22 -7.02
N MET F 127 10.13 -42.60 -6.24
CA MET F 127 10.63 -41.27 -6.61
C MET F 127 11.37 -41.32 -7.94
N ARG F 128 12.19 -42.34 -8.15
CA ARG F 128 12.93 -42.46 -9.39
C ARG F 128 11.98 -42.67 -10.57
N GLY F 129 12.42 -42.21 -11.74
CA GLY F 129 11.61 -42.35 -12.94
C GLY F 129 12.44 -42.08 -14.17
N LYS F 130 11.77 -42.12 -15.31
CA LYS F 130 12.43 -41.88 -16.59
C LYS F 130 12.92 -40.43 -16.67
N ALA F 131 14.03 -40.25 -17.38
CA ALA F 131 14.60 -38.92 -17.55
C ALA F 131 13.62 -38.01 -18.27
N GLY F 132 13.59 -36.75 -17.86
CA GLY F 132 12.68 -35.79 -18.50
C GLY F 132 11.22 -36.13 -18.30
N SER F 133 10.84 -36.55 -17.09
CA SER F 133 9.47 -36.90 -16.80
C SER F 133 8.95 -36.06 -15.63
N PRO F 134 7.71 -35.56 -15.70
CA PRO F 134 7.17 -34.76 -14.60
C PRO F 134 6.87 -35.63 -13.38
N ILE F 135 6.89 -34.99 -12.22
CA ILE F 135 6.57 -35.64 -10.96
C ILE F 135 6.09 -34.58 -9.98
N THR F 136 5.34 -35.01 -8.97
CA THR F 136 4.79 -34.11 -7.97
C THR F 136 5.09 -34.62 -6.58
N LEU F 137 5.26 -33.68 -5.65
CA LEU F 137 5.55 -34.00 -4.25
C LEU F 137 4.75 -33.06 -3.37
N THR F 138 4.50 -33.50 -2.14
CA THR F 138 3.90 -32.66 -1.11
C THR F 138 4.91 -32.47 0.01
N ILE F 139 5.18 -31.22 0.35
CA ILE F 139 6.25 -30.87 1.28
C ILE F 139 5.64 -30.16 2.48
N VAL F 140 6.17 -30.48 3.66
CA VAL F 140 5.79 -29.85 4.92
C VAL F 140 7.05 -29.39 5.62
N ARG F 141 7.11 -28.11 5.97
CA ARG F 141 8.26 -27.52 6.63
C ARG F 141 7.85 -27.00 8.00
N ASP F 142 8.52 -27.46 9.04
CA ASP F 142 8.31 -26.95 10.39
C ASP F 142 6.83 -26.96 10.76
N GLY F 143 6.14 -28.04 10.40
CA GLY F 143 4.72 -28.10 10.67
C GLY F 143 3.88 -27.11 9.90
N GLY F 144 4.37 -26.66 8.75
CA GLY F 144 3.63 -25.73 7.93
C GLY F 144 2.51 -26.39 7.17
N ARG F 145 1.87 -25.60 6.32
CA ARG F 145 0.78 -26.12 5.51
C ARG F 145 1.36 -26.97 4.38
N PRO F 146 0.99 -28.24 4.26
CA PRO F 146 1.53 -29.06 3.17
C PRO F 146 1.25 -28.43 1.82
N PHE F 147 2.30 -28.24 1.03
CA PHE F 147 2.18 -27.59 -0.26
C PHE F 147 2.76 -28.48 -1.35
N ASP F 148 2.17 -28.39 -2.54
CA ASP F 148 2.56 -29.22 -3.65
C ASP F 148 3.65 -28.54 -4.48
N VAL F 149 4.61 -29.32 -4.92
CA VAL F 149 5.70 -28.86 -5.77
C VAL F 149 5.86 -29.85 -6.91
N GLU F 150 5.96 -29.34 -8.13
CA GLU F 150 6.15 -30.15 -9.31
C GLU F 150 7.58 -30.02 -9.81
N LEU F 151 8.17 -31.14 -10.21
CA LEU F 151 9.55 -31.19 -10.66
C LEU F 151 9.63 -31.98 -11.96
N LYS F 152 10.75 -31.80 -12.66
CA LYS F 152 11.02 -32.51 -13.91
C LYS F 152 12.22 -33.41 -13.68
N ARG F 153 12.02 -34.71 -13.91
CA ARG F 153 13.10 -35.66 -13.75
C ARG F 153 14.19 -35.43 -14.79
N ALA F 154 15.44 -35.67 -14.39
CA ALA F 154 16.56 -35.52 -15.31
C ALA F 154 17.72 -36.37 -14.80
N ILE F 155 18.61 -36.73 -15.72
CA ILE F 155 19.83 -37.44 -15.35
C ILE F 155 20.71 -36.50 -14.54
N ILE F 156 21.19 -36.98 -13.40
CA ILE F 156 21.93 -36.16 -12.45
C ILE F 156 23.41 -36.36 -12.68
N LYS F 157 24.13 -35.27 -12.91
CA LYS F 157 25.59 -35.27 -12.98
C LYS F 157 26.10 -34.51 -11.77
N VAL F 158 26.94 -35.18 -10.97
CA VAL F 158 27.37 -34.60 -9.70
C VAL F 158 28.29 -33.40 -9.93
N LYS F 159 29.21 -33.51 -10.88
CA LYS F 159 30.28 -32.56 -11.16
C LYS F 159 31.41 -32.72 -10.14
N SER F 160 31.28 -33.62 -9.16
CA SER F 160 32.33 -33.91 -8.18
C SER F 160 32.63 -32.64 -7.41
N VAL F 161 33.88 -32.18 -7.35
CA VAL F 161 34.25 -31.06 -6.50
C VAL F 161 34.12 -29.76 -7.28
N LYS F 162 34.06 -28.65 -6.55
CA LYS F 162 34.03 -27.31 -7.13
C LYS F 162 35.05 -26.46 -6.41
N SER F 163 35.89 -25.76 -7.19
CA SER F 163 37.00 -24.99 -6.64
C SER F 163 37.03 -23.59 -7.22
N GLN F 164 37.47 -22.65 -6.41
CA GLN F 164 37.67 -21.26 -6.84
C GLN F 164 38.59 -20.58 -5.85
N VAL F 165 39.13 -19.43 -6.27
CA VAL F 165 40.04 -18.65 -5.45
C VAL F 165 39.28 -17.44 -4.91
N LEU F 166 39.27 -17.31 -3.59
CA LEU F 166 38.55 -16.22 -2.95
C LEU F 166 39.45 -15.02 -2.66
N GLU F 167 40.63 -15.26 -2.12
CA GLU F 167 41.57 -14.20 -1.79
C GLU F 167 42.97 -14.68 -2.12
N PRO F 168 43.94 -13.76 -2.25
CA PRO F 168 45.28 -14.15 -2.72
C PRO F 168 45.84 -15.41 -2.08
N GLY F 169 45.43 -15.69 -0.85
CA GLY F 169 45.92 -16.87 -0.16
C GLY F 169 44.84 -17.69 0.50
N TYR F 170 43.58 -17.35 0.25
CA TYR F 170 42.44 -18.04 0.84
C TYR F 170 41.61 -18.67 -0.26
N ALA F 171 41.48 -20.00 -0.22
CA ALA F 171 40.77 -20.76 -1.25
C ALA F 171 39.54 -21.42 -0.64
N TYR F 172 38.62 -21.82 -1.51
CA TYR F 172 37.34 -22.38 -1.10
C TYR F 172 37.00 -23.56 -1.99
N LEU F 173 36.86 -24.74 -1.39
CA LEU F 173 36.63 -25.97 -2.13
C LEU F 173 35.39 -26.64 -1.57
N ARG F 174 34.37 -26.81 -2.41
CA ARG F 174 33.11 -27.40 -1.99
C ARG F 174 32.99 -28.82 -2.51
N ILE F 175 32.45 -29.71 -1.69
CA ILE F 175 32.26 -31.11 -2.04
C ILE F 175 30.76 -31.34 -2.15
N THR F 176 30.25 -31.33 -3.39
CA THR F 176 28.81 -31.50 -3.59
C THR F 176 28.36 -32.89 -3.13
N GLN F 177 29.09 -33.93 -3.54
CA GLN F 177 28.71 -35.29 -3.20
C GLN F 177 29.93 -36.19 -3.32
N PHE F 178 29.93 -37.28 -2.57
CA PHE F 178 31.06 -38.19 -2.49
C PHE F 178 30.81 -39.40 -3.38
N GLN F 179 31.14 -39.27 -4.66
CA GLN F 179 31.08 -40.40 -5.57
C GLN F 179 32.44 -41.10 -5.59
N VAL F 180 32.63 -42.01 -6.55
CA VAL F 180 33.84 -42.82 -6.57
C VAL F 180 35.06 -41.97 -6.92
N ASN F 181 34.94 -41.12 -7.95
CA ASN F 181 36.12 -40.44 -8.47
C ASN F 181 36.63 -39.36 -7.52
N THR F 182 35.72 -38.70 -6.80
CA THR F 182 36.12 -37.53 -6.02
C THR F 182 37.31 -37.83 -5.12
N GLY F 183 37.39 -39.05 -4.62
CA GLY F 183 38.49 -39.47 -3.76
C GLY F 183 39.83 -38.94 -4.19
N GLU F 184 40.06 -38.87 -5.51
CA GLU F 184 41.31 -38.33 -6.04
C GLU F 184 41.17 -36.92 -6.57
N GLU F 185 40.00 -36.57 -7.12
CA GLU F 185 39.86 -35.28 -7.80
C GLU F 185 40.27 -34.14 -6.88
N VAL F 186 39.83 -34.18 -5.62
CA VAL F 186 40.17 -33.15 -4.65
C VAL F 186 41.65 -32.84 -4.76
N VAL F 187 42.48 -33.86 -4.63
CA VAL F 187 43.93 -33.63 -4.63
C VAL F 187 44.33 -32.88 -5.89
N LYS F 188 43.90 -33.38 -7.05
CA LYS F 188 44.18 -32.67 -8.29
C LYS F 188 43.73 -31.23 -8.20
N ALA F 189 42.47 -31.01 -7.82
CA ALA F 189 41.98 -29.65 -7.64
C ALA F 189 42.89 -28.89 -6.68
N LEU F 190 43.20 -29.49 -5.54
CA LEU F 190 44.07 -28.83 -4.58
C LEU F 190 45.37 -28.41 -5.24
N ASN F 191 45.97 -29.32 -6.02
CA ASN F 191 47.21 -28.98 -6.70
C ASN F 191 47.06 -27.69 -7.48
N GLN F 192 45.99 -27.58 -8.27
CA GLN F 192 45.77 -26.36 -9.03
C GLN F 192 45.83 -25.14 -8.14
N LEU F 193 45.10 -25.18 -7.02
CA LEU F 193 45.13 -24.06 -6.09
C LEU F 193 46.55 -23.83 -5.58
N ARG F 194 47.22 -24.90 -5.17
CA ARG F 194 48.60 -24.77 -4.73
C ARG F 194 49.49 -24.19 -5.83
N LYS F 195 49.14 -24.44 -7.09
CA LYS F 195 49.90 -23.89 -8.19
C LYS F 195 49.60 -22.41 -8.40
N ASP F 196 48.38 -21.97 -8.10
CA ASP F 196 47.96 -20.61 -8.41
C ASP F 196 48.15 -19.65 -7.25
N ASN F 197 48.77 -20.08 -6.15
CA ASN F 197 49.02 -19.23 -5.00
C ASN F 197 50.45 -19.41 -4.49
N LYS F 198 51.38 -19.64 -5.40
CA LYS F 198 52.80 -19.74 -5.07
C LYS F 198 53.08 -20.85 -4.07
N GLY F 199 52.28 -21.92 -4.11
CA GLY F 199 52.53 -23.10 -3.31
C GLY F 199 52.04 -23.03 -1.88
N ARG F 200 51.62 -21.86 -1.41
CA ARG F 200 51.15 -21.69 -0.04
C ARG F 200 49.78 -21.03 -0.06
N LEU F 201 48.89 -21.53 0.80
CA LEU F 201 47.56 -20.98 0.95
C LEU F 201 47.41 -20.46 2.38
N LYS F 202 46.89 -19.24 2.53
CA LYS F 202 46.65 -18.71 3.86
C LYS F 202 45.59 -19.53 4.59
N GLY F 203 44.63 -20.07 3.85
CA GLY F 203 43.58 -20.88 4.45
C GLY F 203 42.63 -21.47 3.43
N LEU F 204 42.28 -22.74 3.60
CA LEU F 204 41.35 -23.43 2.73
C LEU F 204 40.05 -23.66 3.48
N VAL F 205 38.94 -23.27 2.87
CA VAL F 205 37.62 -23.46 3.44
C VAL F 205 36.97 -24.62 2.70
N LEU F 206 36.82 -25.75 3.40
CA LEU F 206 36.14 -26.91 2.85
C LEU F 206 34.64 -26.76 3.09
N ASP F 207 33.86 -26.87 2.02
CA ASP F 207 32.42 -26.66 2.08
C ASP F 207 31.75 -28.03 1.95
N LEU F 208 31.51 -28.66 3.10
CA LEU F 208 30.66 -29.84 3.18
C LEU F 208 29.28 -29.41 3.66
N ARG F 209 28.56 -28.73 2.77
CA ARG F 209 27.24 -28.18 3.08
C ARG F 209 26.23 -28.76 2.09
N ASN F 210 25.10 -29.20 2.62
CA ASN F 210 24.06 -29.83 1.80
C ASN F 210 24.65 -30.97 0.99
N ASN F 211 25.50 -31.77 1.62
CA ASN F 211 26.19 -32.87 0.97
C ASN F 211 25.60 -34.19 1.44
N PRO F 212 24.85 -34.91 0.61
CA PRO F 212 24.26 -36.17 1.08
C PRO F 212 25.31 -37.15 1.59
N GLY F 213 26.25 -37.52 0.72
CA GLY F 213 27.28 -38.48 1.02
C GLY F 213 27.36 -39.54 -0.05
N GLY F 214 28.13 -40.58 0.23
CA GLY F 214 28.28 -41.68 -0.72
C GLY F 214 29.31 -42.69 -0.29
N VAL F 215 30.11 -43.18 -1.25
CA VAL F 215 31.10 -44.19 -0.94
C VAL F 215 32.04 -43.67 0.14
N LEU F 216 32.29 -44.50 1.16
CA LEU F 216 33.12 -44.06 2.27
C LEU F 216 34.59 -43.96 1.88
N GLN F 217 35.03 -44.75 0.89
CA GLN F 217 36.45 -44.74 0.55
C GLN F 217 36.90 -43.38 0.04
N SER F 218 36.07 -42.74 -0.78
CA SER F 218 36.39 -41.39 -1.21
C SER F 218 36.48 -40.45 -0.02
N ALA F 219 35.60 -40.64 0.96
CA ALA F 219 35.67 -39.83 2.17
C ALA F 219 37.00 -40.03 2.89
N VAL F 220 37.45 -41.28 2.98
CA VAL F 220 38.72 -41.56 3.63
C VAL F 220 39.86 -40.88 2.88
N GLU F 221 39.85 -40.97 1.55
CA GLU F 221 40.92 -40.35 0.78
C GLU F 221 40.92 -38.84 0.97
N VAL F 222 39.73 -38.22 0.96
CA VAL F 222 39.66 -36.78 1.17
C VAL F 222 40.19 -36.42 2.55
N ALA F 223 39.80 -37.17 3.58
CA ALA F 223 40.29 -36.90 4.93
C ALA F 223 41.80 -37.02 4.99
N ASP F 224 42.35 -38.02 4.30
CA ASP F 224 43.81 -38.18 4.28
C ASP F 224 44.48 -37.02 3.56
N ALA F 225 43.82 -36.45 2.56
CA ALA F 225 44.41 -35.33 1.83
C ALA F 225 44.76 -34.16 2.75
N PHE F 226 44.09 -34.03 3.90
CA PHE F 226 44.39 -32.99 4.86
C PHE F 226 44.96 -33.51 6.17
N LEU F 227 44.94 -34.83 6.40
CA LEU F 227 45.44 -35.42 7.63
C LEU F 227 46.62 -36.34 7.30
N THR F 228 47.68 -36.23 8.09
CA THR F 228 48.90 -37.00 7.85
C THR F 228 48.90 -38.32 8.62
N LYS F 229 48.82 -38.24 9.95
CA LYS F 229 48.93 -39.40 10.81
C LYS F 229 47.68 -39.53 11.67
N GLY F 230 47.21 -40.77 11.80
CA GLY F 230 46.05 -41.07 12.63
C GLY F 230 45.02 -41.89 11.89
N LEU F 231 44.04 -42.36 12.65
CA LEU F 231 42.95 -43.16 12.14
C LEU F 231 41.78 -42.24 11.81
N ILE F 232 41.27 -42.35 10.59
CA ILE F 232 40.17 -41.48 10.17
C ILE F 232 38.86 -41.92 10.83
N VAL F 233 38.44 -43.15 10.55
CA VAL F 233 37.14 -43.64 11.01
C VAL F 233 37.24 -45.15 11.18
N TYR F 234 36.62 -45.66 12.25
CA TYR F 234 36.60 -47.09 12.54
C TYR F 234 35.19 -47.50 12.91
N THR F 235 34.76 -48.66 12.40
CA THR F 235 33.41 -49.14 12.59
C THR F 235 33.34 -50.10 13.77
N LYS F 236 32.16 -50.17 14.39
CA LYS F 236 31.92 -51.01 15.57
C LYS F 236 30.67 -51.85 15.31
N GLY F 237 30.85 -53.00 14.68
CA GLY F 237 29.75 -53.89 14.35
C GLY F 237 29.84 -55.19 15.14
N ARG F 238 28.69 -55.79 15.42
CA ARG F 238 28.67 -56.99 16.25
C ARG F 238 29.43 -58.13 15.58
N ILE F 239 29.14 -58.40 14.31
CA ILE F 239 29.80 -59.49 13.62
C ILE F 239 31.28 -59.16 13.42
N ALA F 240 32.11 -60.20 13.38
CA ALA F 240 33.55 -60.01 13.32
C ALA F 240 34.03 -59.49 11.97
N ASN F 241 33.26 -59.71 10.91
CA ASN F 241 33.70 -59.31 9.58
C ASN F 241 33.56 -57.81 9.34
N SER F 242 32.55 -57.18 9.94
CA SER F 242 32.26 -55.78 9.66
C SER F 242 33.30 -54.83 10.24
N GLU F 243 34.21 -55.30 11.08
CA GLU F 243 35.20 -54.42 11.70
C GLU F 243 36.11 -53.84 10.64
N LEU F 244 35.94 -52.56 10.33
CA LEU F 244 36.76 -51.85 9.37
C LEU F 244 37.57 -50.78 10.09
N ARG F 245 38.88 -50.81 9.88
CA ARG F 245 39.78 -49.82 10.45
C ARG F 245 40.45 -49.06 9.30
N PHE F 246 40.69 -47.77 9.50
CA PHE F 246 41.28 -46.93 8.48
C PHE F 246 42.33 -46.02 9.09
N SER F 247 43.37 -45.73 8.32
CA SER F 247 44.44 -44.85 8.73
C SER F 247 44.85 -43.97 7.56
N ALA F 248 45.39 -42.81 7.88
CA ALA F 248 45.77 -41.82 6.88
C ALA F 248 47.27 -41.84 6.65
N ASP F 249 47.66 -41.85 5.38
CA ASP F 249 49.08 -41.79 5.05
C ASP F 249 49.65 -40.43 5.44
N PRO F 250 50.91 -40.39 5.89
CA PRO F 250 51.50 -39.08 6.24
C PRO F 250 51.51 -38.09 5.08
N ALA F 251 51.61 -38.57 3.84
CA ALA F 251 51.66 -37.67 2.70
C ALA F 251 50.40 -36.82 2.63
N ASP F 252 50.57 -35.54 2.30
CA ASP F 252 49.44 -34.63 2.16
C ASP F 252 49.81 -33.49 1.22
N PRO F 253 49.19 -33.39 0.04
CA PRO F 253 49.45 -32.22 -0.82
C PRO F 253 48.92 -30.92 -0.25
N SER F 254 48.09 -30.96 0.78
CA SER F 254 47.56 -29.73 1.37
C SER F 254 48.66 -28.87 1.98
N ASP F 255 49.67 -29.52 2.56
CA ASP F 255 50.79 -28.81 3.19
C ASP F 255 50.35 -28.02 4.42
N LYS F 256 49.50 -28.64 5.25
CA LYS F 256 49.12 -28.08 6.53
C LYS F 256 48.44 -26.72 6.39
N VAL F 257 47.72 -26.51 5.30
CA VAL F 257 46.95 -25.26 5.15
C VAL F 257 45.86 -25.24 6.23
N PRO F 258 45.68 -24.14 6.95
CA PRO F 258 44.60 -24.10 7.95
C PRO F 258 43.25 -24.34 7.29
N LEU F 259 42.40 -25.08 7.99
CA LEU F 259 41.11 -25.51 7.47
C LEU F 259 40.00 -25.04 8.38
N VAL F 260 38.88 -24.65 7.77
CA VAL F 260 37.65 -24.32 8.50
C VAL F 260 36.51 -24.90 7.68
N VAL F 261 35.99 -26.05 8.10
CA VAL F 261 35.03 -26.82 7.34
C VAL F 261 33.62 -26.41 7.77
N LEU F 262 32.75 -26.21 6.79
CA LEU F 262 31.38 -25.79 7.03
C LEU F 262 30.44 -26.98 7.01
N ILE F 263 29.56 -27.05 8.01
CA ILE F 263 28.57 -28.12 8.14
C ILE F 263 27.20 -27.46 8.14
N ASN F 264 26.42 -27.72 7.10
CA ASN F 264 25.12 -27.07 6.91
C ASN F 264 23.97 -27.79 7.60
N GLY F 265 24.22 -28.97 8.19
CA GLY F 265 23.14 -29.79 8.69
C GLY F 265 22.49 -30.66 7.65
N GLY F 266 22.92 -30.56 6.39
CA GLY F 266 22.48 -31.47 5.35
C GLY F 266 23.57 -32.45 4.99
N SER F 267 24.53 -32.63 5.89
CA SER F 267 25.63 -33.56 5.69
C SER F 267 25.29 -34.84 6.47
N ALA F 268 25.09 -35.94 5.74
CA ALA F 268 24.53 -37.14 6.34
C ALA F 268 25.57 -38.23 6.62
N ALA F 269 26.23 -38.75 5.58
CA ALA F 269 26.94 -40.03 5.71
C ALA F 269 28.44 -39.88 5.52
N ALA F 270 28.91 -39.38 4.38
CA ALA F 270 30.32 -39.26 4.12
C ALA F 270 30.88 -37.92 4.54
N ALA F 271 30.17 -36.84 4.21
CA ALA F 271 30.61 -35.51 4.64
C ALA F 271 30.66 -35.42 6.16
N GLU F 272 29.67 -36.01 6.84
CA GLU F 272 29.65 -35.93 8.29
C GLU F 272 30.88 -36.63 8.88
N ILE F 273 31.24 -37.79 8.35
CA ILE F 273 32.42 -38.49 8.88
C ILE F 273 33.70 -37.76 8.52
N VAL F 274 33.78 -37.16 7.34
CA VAL F 274 34.97 -36.38 7.00
C VAL F 274 35.14 -35.24 7.98
N ALA F 275 34.06 -34.50 8.24
CA ALA F 275 34.14 -33.40 9.19
C ALA F 275 34.49 -33.90 10.58
N GLY F 276 33.91 -35.03 11.00
CA GLY F 276 34.23 -35.57 12.31
C GLY F 276 35.69 -35.95 12.44
N ALA F 277 36.23 -36.62 11.41
CA ALA F 277 37.63 -37.01 11.45
C ALA F 277 38.54 -35.79 11.48
N LEU F 278 38.24 -34.77 10.67
CA LEU F 278 39.07 -33.58 10.66
C LEU F 278 39.03 -32.86 12.00
N GLN F 279 37.85 -32.79 12.63
CA GLN F 279 37.73 -32.10 13.91
C GLN F 279 38.41 -32.89 15.02
N ASP F 280 38.30 -34.22 14.99
CA ASP F 280 38.77 -35.03 16.10
C ASP F 280 40.26 -34.88 16.33
N GLN F 281 41.04 -34.86 15.25
CA GLN F 281 42.49 -34.75 15.36
C GLN F 281 42.98 -33.32 15.52
N LYS F 282 42.10 -32.39 15.87
CA LYS F 282 42.47 -30.98 16.03
C LYS F 282 43.12 -30.43 14.76
N ARG F 283 42.85 -31.06 13.62
CA ARG F 283 43.41 -30.63 12.35
C ARG F 283 42.75 -29.37 11.81
N ALA F 284 41.53 -29.08 12.22
CA ALA F 284 40.78 -27.92 11.74
C ALA F 284 39.70 -27.60 12.76
N ILE F 285 38.75 -26.74 12.36
CA ILE F 285 37.60 -26.42 13.18
C ILE F 285 36.36 -26.46 12.31
N LEU F 286 35.21 -26.67 12.94
CA LEU F 286 33.93 -26.72 12.27
C LEU F 286 33.06 -25.60 12.82
N MET F 287 32.50 -24.78 11.92
CA MET F 287 31.74 -23.62 12.34
C MET F 287 30.39 -23.50 11.66
N GLY F 288 29.91 -24.55 10.99
CA GLY F 288 28.59 -24.52 10.42
C GLY F 288 27.52 -24.78 11.46
N THR F 289 26.47 -25.51 11.08
CA THR F 289 25.42 -25.93 12.00
C THR F 289 25.60 -27.40 12.36
N ASP F 290 24.79 -27.85 13.31
CA ASP F 290 24.85 -29.25 13.73
C ASP F 290 24.53 -30.16 12.55
N SER F 291 25.22 -31.30 12.49
CA SER F 291 25.11 -32.19 11.36
C SER F 291 23.82 -33.00 11.46
N PHE F 292 23.66 -34.00 10.59
CA PHE F 292 22.43 -34.78 10.52
C PHE F 292 22.43 -35.94 11.51
N GLY F 293 23.40 -36.84 11.39
CA GLY F 293 23.48 -37.98 12.28
C GLY F 293 23.08 -39.28 11.63
N LYS F 294 23.38 -39.42 10.34
CA LYS F 294 23.10 -40.64 9.57
C LYS F 294 24.42 -41.33 9.30
N GLY F 295 24.75 -42.32 10.13
CA GLY F 295 26.03 -42.98 10.04
C GLY F 295 25.97 -44.48 9.83
N SER F 296 24.81 -45.07 10.05
CA SER F 296 24.68 -46.52 9.94
C SER F 296 25.10 -46.98 8.55
N VAL F 297 25.87 -48.07 8.51
CA VAL F 297 26.30 -48.67 7.25
C VAL F 297 25.46 -49.91 7.02
N GLN F 298 24.73 -49.93 5.91
CA GLN F 298 23.82 -51.02 5.60
C GLN F 298 24.48 -51.95 4.59
N THR F 299 24.45 -53.25 4.89
CA THR F 299 25.04 -54.28 4.05
C THR F 299 23.96 -55.22 3.55
N VAL F 300 24.21 -55.79 2.38
CA VAL F 300 23.32 -56.78 1.77
C VAL F 300 23.84 -58.16 2.16
N LEU F 301 22.97 -58.95 2.78
CA LEU F 301 23.32 -60.28 3.25
C LEU F 301 22.59 -61.33 2.42
N PRO F 302 23.28 -62.14 1.62
CA PRO F 302 22.57 -63.16 0.82
C PRO F 302 21.96 -64.23 1.73
N LEU F 303 20.82 -64.75 1.29
CA LEU F 303 20.06 -65.73 2.04
C LEU F 303 20.18 -67.10 1.36
N ASN F 304 19.55 -68.11 1.95
CA ASN F 304 19.59 -69.45 1.38
C ASN F 304 19.10 -69.43 -0.06
N ASN F 305 17.96 -68.78 -0.31
CA ASN F 305 17.48 -68.56 -1.65
C ASN F 305 18.10 -67.29 -2.22
N ASP F 306 17.76 -66.96 -3.46
CA ASP F 306 18.31 -65.76 -4.08
C ASP F 306 17.96 -64.49 -3.31
N ARG F 307 16.88 -64.51 -2.54
CA ARG F 307 16.52 -63.37 -1.71
C ARG F 307 17.65 -63.03 -0.75
N ALA F 308 17.56 -61.86 -0.13
CA ALA F 308 18.61 -61.37 0.75
C ALA F 308 18.03 -60.32 1.68
N LEU F 309 18.83 -59.94 2.67
CA LEU F 309 18.48 -58.87 3.59
C LEU F 309 19.32 -57.65 3.30
N LYS F 310 18.86 -56.50 3.77
CA LYS F 310 19.64 -55.26 3.80
C LYS F 310 19.53 -54.71 5.20
N LEU F 311 20.61 -54.83 5.97
CA LEU F 311 20.57 -54.56 7.40
C LEU F 311 21.73 -53.68 7.81
N THR F 312 21.52 -52.87 8.84
CA THR F 312 22.56 -51.98 9.35
C THR F 312 23.60 -52.81 10.08
N THR F 313 24.67 -53.17 9.38
CA THR F 313 25.68 -54.04 9.98
C THR F 313 26.53 -53.32 11.01
N ALA F 314 26.74 -52.01 10.85
CA ALA F 314 27.59 -51.27 11.77
C ALA F 314 27.23 -49.79 11.73
N LEU F 315 27.66 -49.08 12.76
CA LEU F 315 27.50 -47.64 12.84
C LEU F 315 28.87 -47.01 13.05
N TYR F 316 29.18 -45.98 12.26
CA TYR F 316 30.53 -45.45 12.21
C TYR F 316 30.93 -44.87 13.56
N TYR F 317 32.18 -44.42 13.63
CA TYR F 317 32.71 -43.81 14.84
C TYR F 317 33.87 -42.88 14.46
N THR F 318 33.83 -41.66 14.96
CA THR F 318 34.98 -40.78 14.85
C THR F 318 36.07 -41.26 15.79
N PRO F 319 37.32 -40.86 15.57
CA PRO F 319 38.43 -41.39 16.39
C PRO F 319 38.24 -41.17 17.86
N ASN F 320 37.45 -40.19 18.26
CA ASN F 320 37.10 -39.99 19.66
C ASN F 320 36.09 -41.05 20.09
N GLY F 321 35.62 -40.95 21.33
CA GLY F 321 34.65 -41.89 21.85
C GLY F 321 33.21 -41.61 21.48
N ARG F 322 32.94 -40.55 20.73
CA ARG F 322 31.57 -40.19 20.39
C ARG F 322 31.11 -40.90 19.13
N SER F 323 29.86 -41.36 19.16
CA SER F 323 29.28 -42.11 18.05
C SER F 323 28.63 -41.13 17.07
N ILE F 324 29.11 -41.14 15.82
CA ILE F 324 28.60 -40.23 14.81
C ILE F 324 27.13 -40.46 14.48
N GLN F 325 26.55 -41.57 14.94
CA GLN F 325 25.20 -41.91 14.53
C GLN F 325 24.14 -41.14 15.32
N ALA F 326 24.10 -41.33 16.64
CA ALA F 326 23.06 -40.71 17.44
C ALA F 326 23.38 -39.27 17.76
N GLN F 327 24.57 -39.00 18.30
CA GLN F 327 24.94 -37.64 18.67
C GLN F 327 25.04 -36.75 17.44
N GLY F 328 25.54 -37.28 16.33
CA GLY F 328 25.84 -36.46 15.18
C GLY F 328 27.12 -35.68 15.40
N ILE F 329 27.36 -34.73 14.51
CA ILE F 329 28.52 -33.85 14.57
C ILE F 329 28.03 -32.46 14.94
N VAL F 330 28.56 -31.92 16.03
CA VAL F 330 28.21 -30.60 16.53
C VAL F 330 29.38 -29.67 16.29
N PRO F 331 29.21 -28.56 15.58
CA PRO F 331 30.34 -27.67 15.30
C PRO F 331 30.83 -26.98 16.56
N ASP F 332 32.10 -26.58 16.52
CA ASP F 332 32.66 -25.82 17.63
C ASP F 332 32.08 -24.41 17.70
N ILE F 333 31.62 -23.88 16.57
CA ILE F 333 31.02 -22.56 16.50
C ILE F 333 29.73 -22.68 15.68
N GLU F 334 28.68 -22.00 16.14
CA GLU F 334 27.38 -22.05 15.49
C GLU F 334 27.10 -20.70 14.85
N VAL F 335 26.83 -20.70 13.54
CA VAL F 335 26.45 -19.50 12.81
C VAL F 335 25.41 -19.90 11.78
N GLY F 336 24.16 -19.48 12.00
CA GLY F 336 23.09 -19.89 11.13
C GLY F 336 23.21 -19.30 9.74
N ARG F 337 22.57 -19.98 8.79
CA ARG F 337 22.58 -19.52 7.41
C ARG F 337 21.90 -18.15 7.32
N ALA F 338 22.41 -17.34 6.40
CA ALA F 338 21.86 -16.00 6.18
C ALA F 338 22.54 -15.42 4.95
N LYS F 339 21.95 -14.34 4.44
CA LYS F 339 22.49 -13.62 3.29
C LYS F 339 22.82 -12.19 3.70
N VAL F 340 23.96 -11.70 3.23
CA VAL F 340 24.42 -10.35 3.52
C VAL F 340 24.22 -9.51 2.27
N THR F 341 23.43 -8.45 2.39
CA THR F 341 23.13 -7.56 1.27
C THR F 341 24.07 -6.36 1.35
N GLN F 342 25.12 -6.38 0.53
CA GLN F 342 26.06 -5.28 0.51
C GLN F 342 25.36 -4.00 0.05
N GLU F 343 25.63 -2.91 0.76
CA GLU F 343 25.01 -1.62 0.50
C GLU F 343 26.05 -0.64 -0.01
N ARG F 344 25.57 0.36 -0.77
CA ARG F 344 26.42 1.39 -1.35
C ARG F 344 26.12 2.73 -0.71
N SER F 345 27.12 3.61 -0.71
CA SER F 345 27.00 4.96 -0.17
C SER F 345 27.06 5.94 -1.32
N SER F 346 26.03 6.80 -1.43
CA SER F 346 26.00 7.77 -2.53
C SER F 346 27.17 8.74 -2.45
N PHE F 347 27.47 9.22 -1.24
CA PHE F 347 28.57 10.14 -1.02
C PHE F 347 29.65 9.45 -0.21
N GLU F 348 30.88 9.45 -0.72
CA GLU F 348 32.01 8.79 -0.08
C GLU F 348 33.01 9.82 0.39
N GLY F 349 33.52 9.64 1.61
CA GLY F 349 34.50 10.56 2.16
C GLY F 349 35.74 10.66 1.30
N PHE F 350 36.06 11.86 0.87
CA PHE F 350 37.24 12.06 0.03
C PHE F 350 38.49 11.64 0.77
N LYS F 351 39.34 10.86 0.08
CA LYS F 351 40.61 10.45 0.66
C LYS F 351 41.65 11.56 0.51
N GLU F 352 42.75 11.41 1.24
CA GLU F 352 43.76 12.46 1.26
C GLU F 352 44.32 12.74 -0.13
N ALA F 353 44.21 11.77 -1.04
CA ALA F 353 44.66 12.02 -2.42
C ALA F 353 43.74 12.99 -3.15
N ASP F 354 42.51 13.18 -2.68
CA ASP F 354 41.59 14.07 -3.36
C ASP F 354 41.91 15.54 -3.11
N LEU F 355 42.31 15.89 -1.90
CA LEU F 355 42.58 17.28 -1.58
C LEU F 355 43.64 17.84 -2.52
N GLN F 356 43.41 19.07 -3.00
CA GLN F 356 44.31 19.68 -3.96
C GLN F 356 45.72 19.78 -3.37
N GLY F 357 46.71 19.42 -4.18
CA GLY F 357 48.09 19.51 -3.74
C GLY F 357 48.43 18.62 -2.57
N HIS F 358 47.92 17.39 -2.56
CA HIS F 358 48.27 16.45 -1.51
C HIS F 358 49.74 16.07 -1.60
N LEU F 359 50.42 16.06 -0.47
CA LEU F 359 51.84 15.75 -0.45
C LEU F 359 52.08 14.32 -0.93
N ALA F 360 53.21 14.13 -1.60
CA ALA F 360 53.58 12.79 -2.06
C ALA F 360 53.91 11.89 -0.88
N ASN F 361 53.53 10.62 -0.99
CA ASN F 361 53.79 9.67 0.08
C ASN F 361 55.30 9.47 0.25
N GLY F 362 55.70 9.18 1.50
CA GLY F 362 57.11 9.01 1.77
C GLY F 362 57.74 7.90 0.96
N ASN F 363 57.04 6.79 0.81
CA ASN F 363 57.58 5.66 0.06
C ASN F 363 57.63 5.93 -1.44
N GLY F 364 56.87 6.90 -1.94
CA GLY F 364 56.87 7.21 -3.34
C GLY F 364 55.99 6.33 -4.20
N GLY F 365 55.19 5.45 -3.60
CA GLY F 365 54.35 4.56 -4.37
C GLY F 365 53.16 5.27 -4.99
N ALA F 366 52.43 4.53 -5.81
CA ALA F 366 51.27 5.09 -6.49
C ALA F 366 50.19 5.48 -5.47
N ASP F 367 49.51 6.58 -5.74
CA ASP F 367 48.47 7.07 -4.84
C ASP F 367 47.19 6.25 -5.00
N ARG F 368 46.28 6.45 -4.06
CA ARG F 368 45.00 5.73 -4.05
C ARG F 368 43.85 6.72 -4.18
N PRO F 369 43.32 6.95 -5.38
CA PRO F 369 42.19 7.87 -5.53
C PRO F 369 40.88 7.23 -5.11
N THR F 370 39.84 8.06 -5.06
CA THR F 370 38.51 7.60 -4.65
C THR F 370 37.69 7.13 -5.84
N GLY F 371 38.25 6.23 -6.63
CA GLY F 371 37.54 5.71 -7.78
C GLY F 371 36.34 4.88 -7.38
N LYS F 372 35.30 4.94 -8.21
CA LYS F 372 34.09 4.16 -7.95
C LYS F 372 34.39 2.67 -8.09
N ARG F 373 33.85 1.89 -7.16
CA ARG F 373 34.06 0.44 -7.12
C ARG F 373 32.79 -0.27 -7.56
N ALA F 374 32.94 -1.20 -8.51
CA ALA F 374 31.82 -2.01 -8.98
C ALA F 374 32.39 -3.34 -9.45
N ALA F 375 32.30 -4.35 -8.61
CA ALA F 375 32.85 -5.66 -8.96
C ALA F 375 32.08 -6.25 -10.14
N PRO F 376 32.77 -6.67 -11.21
CA PRO F 376 32.02 -7.26 -12.34
C PRO F 376 31.21 -8.48 -11.94
N SER F 377 31.73 -9.29 -11.03
CA SER F 377 31.03 -10.46 -10.51
C SER F 377 31.14 -10.47 -8.99
N GLU F 378 30.03 -10.73 -8.33
CA GLU F 378 30.02 -10.76 -6.87
C GLU F 378 30.80 -11.96 -6.36
N ARG F 379 31.71 -11.72 -5.44
CA ARG F 379 32.48 -12.81 -4.84
C ARG F 379 31.56 -13.68 -3.99
N PRO F 380 31.78 -15.00 -3.94
CA PRO F 380 30.88 -15.85 -3.16
C PRO F 380 30.79 -15.47 -1.70
N GLN F 381 31.89 -15.00 -1.10
CA GLN F 381 31.87 -14.68 0.32
C GLN F 381 30.80 -13.66 0.67
N ASP F 382 30.56 -12.69 -0.22
CA ASP F 382 29.54 -11.69 0.03
C ASP F 382 28.13 -12.27 0.04
N SER F 383 27.93 -13.44 -0.57
CA SER F 383 26.58 -13.97 -0.75
C SER F 383 26.06 -14.62 0.53
N ASP F 384 26.74 -15.66 1.00
CA ASP F 384 26.26 -16.46 2.12
C ASP F 384 27.00 -16.06 3.40
N TYR F 385 26.23 -15.90 4.48
CA TYR F 385 26.81 -15.41 5.73
C TYR F 385 27.86 -16.36 6.28
N GLN F 386 27.60 -17.67 6.22
CA GLN F 386 28.51 -18.64 6.82
C GLN F 386 29.89 -18.58 6.16
N LEU F 387 29.92 -18.52 4.83
CA LEU F 387 31.20 -18.48 4.13
C LEU F 387 31.96 -17.21 4.49
N SER F 388 31.26 -16.08 4.57
CA SER F 388 31.92 -14.84 4.97
C SER F 388 32.50 -14.95 6.37
N GLN F 389 31.73 -15.53 7.31
CA GLN F 389 32.23 -15.68 8.67
C GLN F 389 33.49 -16.54 8.69
N ALA F 390 33.46 -17.66 7.97
CA ALA F 390 34.62 -18.54 7.95
C ALA F 390 35.82 -17.85 7.33
N LEU F 391 35.63 -17.12 6.23
CA LEU F 391 36.74 -16.46 5.58
C LEU F 391 37.35 -15.40 6.49
N SER F 392 36.50 -14.61 7.15
CA SER F 392 37.01 -13.59 8.07
C SER F 392 37.74 -14.22 9.24
N LEU F 393 37.21 -15.33 9.77
CA LEU F 393 37.89 -16.01 10.87
C LEU F 393 39.26 -16.51 10.44
N LEU F 394 39.35 -17.08 9.24
CA LEU F 394 40.65 -17.52 8.73
C LEU F 394 41.61 -16.35 8.63
N LYS F 395 41.14 -15.22 8.06
CA LYS F 395 42.02 -14.07 7.91
C LYS F 395 42.51 -13.59 9.27
N GLY F 396 41.62 -13.49 10.24
CA GLY F 396 42.02 -13.03 11.56
C GLY F 396 43.00 -13.97 12.22
N LEU F 397 42.75 -15.28 12.14
CA LEU F 397 43.65 -16.24 12.76
C LEU F 397 45.02 -16.17 12.12
N SER F 398 45.08 -16.11 10.79
CA SER F 398 46.37 -16.04 10.11
C SER F 398 47.11 -14.77 10.49
N VAL F 399 46.41 -13.64 10.56
CA VAL F 399 47.08 -12.38 10.86
C VAL F 399 47.61 -12.39 12.29
N THR F 400 46.77 -12.76 13.26
CA THR F 400 47.18 -12.66 14.65
C THR F 400 48.23 -13.70 15.00
N ARG F 401 48.13 -14.90 14.43
CA ARG F 401 49.10 -15.94 14.72
C ARG F 401 50.50 -15.56 14.26
N GLY F 402 50.61 -14.61 13.34
CA GLY F 402 51.91 -14.22 12.83
C GLY F 402 52.59 -15.29 12.01
N ASN F 403 51.82 -16.09 11.27
CA ASN F 403 52.39 -17.18 10.47
C ASN F 403 53.21 -18.13 11.34
N LYS G 14 16.56 -62.83 31.27
CA LYS G 14 15.16 -63.14 31.56
C LYS G 14 14.64 -64.23 30.63
N TYR G 15 14.74 -63.99 29.33
CA TYR G 15 14.28 -64.92 28.31
C TYR G 15 15.49 -65.41 27.51
N GLY G 16 15.57 -66.72 27.31
CA GLY G 16 16.61 -67.26 26.48
C GLY G 16 16.38 -66.98 25.00
N SER G 17 17.44 -67.14 24.21
CA SER G 17 17.38 -66.90 22.79
C SER G 17 16.97 -68.17 22.06
N PHE G 18 16.10 -68.01 21.06
CA PHE G 18 15.66 -69.13 20.25
C PHE G 18 16.75 -69.49 19.23
N SER G 19 17.13 -70.76 19.20
CA SER G 19 18.04 -71.24 18.18
C SER G 19 17.28 -71.46 16.87
N GLU G 20 17.98 -71.27 15.76
CA GLU G 20 17.32 -71.26 14.46
C GLU G 20 16.52 -72.54 14.23
N ASP G 21 17.17 -73.69 14.37
CA ASP G 21 16.47 -74.95 14.14
C ASP G 21 15.35 -75.14 15.13
N SER G 22 15.60 -74.85 16.41
CA SER G 22 14.55 -74.97 17.42
C SER G 22 13.40 -74.02 17.13
N LEU G 23 13.71 -72.79 16.73
CA LEU G 23 12.66 -71.83 16.40
C LEU G 23 11.79 -72.37 15.27
N TYR G 24 12.41 -72.85 14.19
CA TYR G 24 11.63 -73.36 13.07
C TYR G 24 10.79 -74.56 13.49
N SER G 25 11.38 -75.47 14.27
CA SER G 25 10.66 -76.68 14.67
C SER G 25 9.45 -76.32 15.53
N LEU G 26 9.63 -75.43 16.51
CA LEU G 26 8.50 -75.07 17.36
C LEU G 26 7.45 -74.31 16.58
N LEU G 27 7.86 -73.45 15.65
CA LEU G 27 6.89 -72.70 14.86
C LEU G 27 6.03 -73.65 14.03
N VAL G 28 6.67 -74.60 13.33
CA VAL G 28 5.91 -75.55 12.53
C VAL G 28 5.06 -76.43 13.43
N ALA G 29 5.56 -76.77 14.62
CA ALA G 29 4.76 -77.58 15.54
C ALA G 29 3.49 -76.86 15.95
N GLU G 30 3.61 -75.58 16.31
CA GLU G 30 2.43 -74.82 16.70
C GLU G 30 1.45 -74.71 15.54
N LEU G 31 1.95 -74.41 14.34
CA LEU G 31 1.05 -74.30 13.20
C LEU G 31 0.35 -75.63 12.93
N ALA G 32 1.10 -76.75 12.98
CA ALA G 32 0.48 -78.05 12.76
C ALA G 32 -0.58 -78.34 13.81
N GLY G 33 -0.28 -78.04 15.07
CA GLY G 33 -1.28 -78.22 16.11
C GLY G 33 -2.53 -77.41 15.83
N GLN G 34 -2.35 -76.21 15.27
CA GLN G 34 -3.51 -75.41 14.85
C GLN G 34 -4.30 -76.13 13.76
N ARG G 35 -3.60 -76.67 12.77
CA ARG G 35 -4.27 -77.27 11.62
C ARG G 35 -4.86 -78.64 11.91
N ASN G 36 -4.90 -79.06 13.17
CA ASN G 36 -5.48 -80.32 13.63
C ASN G 36 -4.59 -81.52 13.33
N ARG G 37 -3.47 -81.34 12.62
CA ARG G 37 -2.53 -82.44 12.39
C ARG G 37 -1.65 -82.60 13.62
N PHE G 38 -2.29 -83.02 14.71
CA PHE G 38 -1.61 -83.03 16.00
C PHE G 38 -0.42 -83.99 16.03
N ASP G 39 -0.35 -84.96 15.12
CA ASP G 39 0.75 -85.91 15.15
C ASP G 39 2.10 -85.22 14.93
N ILE G 40 2.19 -84.41 13.87
CA ILE G 40 3.43 -83.71 13.59
C ILE G 40 3.77 -82.77 14.72
N ALA G 41 2.77 -82.07 15.25
CA ALA G 41 3.01 -81.14 16.34
C ALA G 41 3.59 -81.87 17.55
N LEU G 42 3.00 -83.02 17.91
CA LEU G 42 3.47 -83.75 19.06
C LEU G 42 4.88 -84.27 18.86
N SER G 43 5.17 -84.82 17.67
CA SER G 43 6.51 -85.34 17.41
C SER G 43 7.54 -84.23 17.48
N ASN G 44 7.26 -83.10 16.83
CA ASN G 44 8.20 -81.98 16.86
C ASN G 44 8.39 -81.45 18.26
N TYR G 45 7.29 -81.36 19.03
CA TYR G 45 7.39 -80.86 20.40
C TYR G 45 8.26 -81.76 21.25
N VAL G 46 8.06 -83.08 21.16
CA VAL G 46 8.86 -83.98 22.00
C VAL G 46 10.32 -83.94 21.57
N VAL G 47 10.59 -83.95 20.26
CA VAL G 47 11.97 -83.92 19.79
C VAL G 47 12.65 -82.64 20.27
N GLN G 48 11.97 -81.50 20.14
CA GLN G 48 12.58 -80.24 20.52
C GLN G 48 12.72 -80.11 22.03
N ALA G 49 11.80 -80.69 22.80
CA ALA G 49 11.95 -80.69 24.24
C ALA G 49 13.18 -81.50 24.65
N GLN G 50 13.38 -82.66 24.02
CA GLN G 50 14.60 -83.42 24.29
C GLN G 50 15.84 -82.63 23.91
N LYS G 51 15.80 -81.95 22.75
CA LYS G 51 16.97 -81.23 22.27
C LYS G 51 17.30 -80.04 23.18
N THR G 52 16.28 -79.33 23.66
CA THR G 52 16.47 -78.07 24.35
C THR G 52 16.43 -78.19 25.87
N ARG G 53 15.88 -79.26 26.41
CA ARG G 53 15.77 -79.46 27.85
C ARG G 53 15.32 -78.18 28.55
N ASP G 54 14.29 -77.53 27.98
CA ASP G 54 13.80 -76.28 28.53
C ASP G 54 12.50 -76.50 29.31
N PRO G 55 12.27 -75.77 30.39
CA PRO G 55 11.04 -76.02 31.19
C PRO G 55 9.76 -75.80 30.41
N GLY G 56 9.57 -74.61 29.84
CA GLY G 56 8.30 -74.29 29.20
C GLY G 56 8.00 -75.20 28.02
N VAL G 57 9.01 -75.43 27.17
CA VAL G 57 8.79 -76.29 26.00
C VAL G 57 8.45 -77.69 26.45
N SER G 58 9.16 -78.21 27.46
CA SER G 58 8.89 -79.55 27.95
C SER G 58 7.47 -79.65 28.50
N GLU G 59 7.04 -78.64 29.27
CA GLU G 59 5.70 -78.67 29.84
C GLU G 59 4.65 -78.64 28.74
N ARG G 60 4.85 -77.78 27.73
CA ARG G 60 3.90 -77.73 26.62
C ARG G 60 3.84 -79.06 25.89
N ALA G 61 4.99 -79.67 25.64
CA ALA G 61 5.00 -80.97 24.98
C ALA G 61 4.29 -82.02 25.82
N PHE G 62 4.49 -81.99 27.13
CA PHE G 62 3.82 -82.94 28.01
C PHE G 62 2.31 -82.77 27.96
N ARG G 63 1.84 -81.52 27.99
CA ARG G 63 0.41 -81.28 27.92
C ARG G 63 -0.15 -81.75 26.57
N ILE G 64 0.57 -81.49 25.48
CA ILE G 64 0.11 -81.94 24.17
C ILE G 64 0.04 -83.46 24.13
N ALA G 65 1.04 -84.14 24.69
CA ALA G 65 1.02 -85.59 24.71
C ALA G 65 -0.14 -86.11 25.53
N GLU G 66 -0.42 -85.48 26.68
CA GLU G 66 -1.56 -85.90 27.49
C GLU G 66 -2.86 -85.73 26.71
N TYR G 67 -3.01 -84.61 26.00
CA TYR G 67 -4.21 -84.41 25.20
C TYR G 67 -4.33 -85.47 24.11
N LEU G 68 -3.22 -85.81 23.47
CA LEU G 68 -3.24 -86.84 22.43
C LEU G 68 -3.49 -88.23 23.01
N GLY G 69 -3.30 -88.40 24.31
CA GLY G 69 -3.48 -89.69 24.95
C GLY G 69 -2.28 -90.60 24.86
N ALA G 70 -1.20 -90.18 24.20
CA ALA G 70 -0.01 -91.01 24.13
C ALA G 70 0.63 -91.14 25.51
N ASP G 71 1.33 -92.26 25.71
CA ASP G 71 1.92 -92.58 27.01
C ASP G 71 3.44 -92.49 26.99
N GLN G 72 4.10 -93.22 26.09
CA GLN G 72 5.57 -93.22 26.09
C GLN G 72 6.11 -91.81 25.86
N GLU G 73 5.52 -91.08 24.91
CA GLU G 73 5.89 -89.68 24.74
C GLU G 73 5.55 -88.89 25.99
N ALA G 74 4.40 -89.17 26.60
CA ALA G 74 4.03 -88.49 27.83
C ALA G 74 5.03 -88.79 28.94
N LEU G 75 5.44 -90.06 29.07
CA LEU G 75 6.41 -90.41 30.10
C LEU G 75 7.73 -89.67 29.87
N ASP G 76 8.20 -89.66 28.62
CA ASP G 76 9.46 -88.99 28.32
C ASP G 76 9.37 -87.49 28.61
N THR G 77 8.27 -86.87 28.20
CA THR G 77 8.11 -85.43 28.43
C THR G 77 8.03 -85.13 29.92
N SER G 78 7.32 -85.96 30.68
CA SER G 78 7.22 -85.73 32.11
C SER G 78 8.59 -85.86 32.77
N LEU G 79 9.36 -86.87 32.40
CA LEU G 79 10.69 -87.03 32.97
C LEU G 79 11.58 -85.83 32.61
N LEU G 80 11.52 -85.38 31.36
CA LEU G 80 12.32 -84.25 30.94
C LEU G 80 11.92 -82.99 31.71
N TRP G 81 10.62 -82.76 31.86
CA TRP G 81 10.16 -81.59 32.60
C TRP G 81 10.61 -81.63 34.06
N ALA G 82 10.48 -82.81 34.69
CA ALA G 82 10.88 -82.93 36.09
C ALA G 82 12.37 -82.68 36.24
N ARG G 83 13.18 -83.28 35.37
CA ARG G 83 14.64 -83.11 35.46
C ARG G 83 15.03 -81.66 35.19
N SER G 84 14.38 -81.02 34.22
CA SER G 84 14.72 -79.65 33.88
C SER G 84 14.16 -78.65 34.88
N ALA G 85 12.99 -78.93 35.45
CA ALA G 85 12.32 -78.03 36.39
C ALA G 85 11.93 -78.82 37.64
N PRO G 86 12.91 -79.32 38.38
CA PRO G 86 12.58 -80.02 39.64
C PRO G 86 11.93 -79.11 40.67
N ASP G 87 12.17 -77.80 40.60
CA ASP G 87 11.63 -76.89 41.59
C ASP G 87 10.10 -76.89 41.56
N ASN G 88 9.51 -76.85 40.37
CA ASN G 88 8.07 -76.78 40.27
C ASN G 88 7.42 -78.03 40.84
N LEU G 89 6.42 -77.83 41.71
CA LEU G 89 5.73 -78.97 42.32
C LEU G 89 4.82 -79.67 41.30
N ASP G 90 4.28 -78.93 40.34
CA ASP G 90 3.48 -79.55 39.30
C ASP G 90 4.28 -80.57 38.52
N ALA G 91 5.53 -80.24 38.18
CA ALA G 91 6.40 -81.19 37.51
C ALA G 91 6.61 -82.43 38.36
N GLN G 92 6.84 -82.24 39.66
CA GLN G 92 7.06 -83.39 40.54
C GLN G 92 5.83 -84.30 40.57
N ARG G 93 4.64 -83.70 40.69
CA ARG G 93 3.42 -84.51 40.73
C ARG G 93 3.21 -85.24 39.40
N ALA G 94 3.43 -84.55 38.29
CA ALA G 94 3.23 -85.17 36.98
C ALA G 94 4.19 -86.34 36.79
N ALA G 95 5.47 -86.14 37.11
CA ALA G 95 6.45 -87.21 37.00
C ALA G 95 6.10 -88.36 37.92
N ALA G 96 5.66 -88.06 39.15
CA ALA G 96 5.32 -89.11 40.08
C ALA G 96 4.19 -89.97 39.54
N ILE G 97 3.13 -89.34 39.05
CA ILE G 97 2.00 -90.12 38.53
C ILE G 97 2.43 -90.91 37.29
N GLN G 98 3.20 -90.28 36.40
CA GLN G 98 3.59 -90.95 35.16
C GLN G 98 4.45 -92.18 35.45
N LEU G 99 5.42 -92.05 36.36
CA LEU G 99 6.32 -93.15 36.65
C LEU G 99 5.71 -94.15 37.63
N ALA G 100 4.65 -93.78 38.35
CA ALA G 100 3.88 -94.78 39.08
C ALA G 100 3.06 -95.61 38.12
N ARG G 101 2.52 -94.99 37.07
CA ARG G 101 1.91 -95.77 35.99
C ARG G 101 2.94 -96.67 35.32
N ALA G 102 4.15 -96.14 35.10
CA ALA G 102 5.19 -96.93 34.45
C ALA G 102 5.55 -98.16 35.27
N GLY G 103 5.73 -97.97 36.58
CA GLY G 103 6.03 -99.09 37.46
C GLY G 103 7.15 -98.84 38.45
N ARG G 104 7.86 -97.72 38.29
CA ARG G 104 8.96 -97.36 39.18
C ARG G 104 8.45 -96.39 40.23
N TYR G 105 8.77 -96.66 41.51
CA TYR G 105 8.25 -95.89 42.62
C TYR G 105 9.30 -95.12 43.40
N GLU G 106 10.57 -95.53 43.36
CA GLU G 106 11.58 -94.88 44.19
C GLU G 106 11.70 -93.40 43.82
N GLU G 107 11.79 -93.09 42.52
CA GLU G 107 11.79 -91.69 42.13
C GLU G 107 10.44 -91.06 42.36
N SER G 108 9.35 -91.83 42.25
CA SER G 108 8.05 -91.33 42.66
C SER G 108 8.04 -91.02 44.15
N MET G 109 8.72 -91.86 44.95
CA MET G 109 8.83 -91.58 46.38
C MET G 109 9.59 -90.28 46.63
N VAL G 110 10.67 -90.04 45.87
CA VAL G 110 11.41 -88.79 46.02
C VAL G 110 10.52 -87.61 45.63
N TYR G 111 9.75 -87.76 44.56
CA TYR G 111 8.85 -86.68 44.15
C TYR G 111 7.79 -86.42 45.22
N MET G 112 7.25 -87.47 45.83
CA MET G 112 6.29 -87.29 46.91
C MET G 112 6.94 -86.61 48.12
N GLU G 113 8.20 -86.94 48.41
CA GLU G 113 8.91 -86.24 49.48
C GLU G 113 9.06 -84.76 49.17
N LYS G 114 9.40 -84.44 47.91
CA LYS G 114 9.49 -83.04 47.51
C LYS G 114 8.15 -82.33 47.66
N VAL G 115 7.06 -83.00 47.28
CA VAL G 115 5.73 -82.42 47.45
C VAL G 115 5.46 -82.18 48.92
N LEU G 116 5.82 -83.14 49.78
CA LEU G 116 5.63 -82.97 51.22
C LEU G 116 6.43 -81.78 51.73
N ASN G 117 7.61 -81.53 51.16
CA ASN G 117 8.37 -80.35 51.55
C ASN G 117 7.57 -79.09 51.30
N GLY G 118 6.87 -79.03 50.17
CA GLY G 118 5.95 -77.94 49.89
C GLY G 118 4.57 -78.20 50.47
N GLN G 119 3.64 -77.31 50.13
CA GLN G 119 2.26 -77.41 50.60
C GLN G 119 1.46 -78.23 49.60
N GLY G 120 1.57 -79.55 49.72
CA GLY G 120 0.87 -80.46 48.85
C GLY G 120 0.50 -81.74 49.56
N ASP G 121 -0.35 -82.52 48.91
CA ASP G 121 -0.81 -83.79 49.47
C ASP G 121 0.37 -84.74 49.70
N UNK H 1 -15.93 -56.24 21.51
CA UNK H 1 -15.87 -56.74 20.13
C UNK H 1 -16.69 -55.87 19.19
N UNK H 2 -17.07 -54.67 19.65
CA UNK H 2 -17.86 -53.77 18.83
C UNK H 2 -17.11 -53.42 17.56
N UNK H 3 -17.80 -53.50 16.42
CA UNK H 3 -17.16 -53.27 15.14
C UNK H 3 -16.70 -51.83 15.05
N UNK H 4 -15.39 -51.62 15.07
CA UNK H 4 -14.78 -50.30 15.03
C UNK H 4 -14.28 -50.02 13.62
N UNK H 5 -14.61 -48.85 13.08
CA UNK H 5 -14.22 -48.47 11.73
C UNK H 5 -13.39 -47.18 11.71
N UNK H 6 -12.91 -46.72 12.86
CA UNK H 6 -12.11 -45.50 12.89
C UNK H 6 -10.82 -45.68 12.11
N UNK H 7 -10.39 -44.62 11.42
CA UNK H 7 -9.16 -44.66 10.64
C UNK H 7 -7.94 -44.62 11.55
N SER I 5 73.17 33.45 1.85
CA SER I 5 73.97 33.03 0.70
C SER I 5 73.48 33.71 -0.57
N ALA I 6 72.47 33.13 -1.21
CA ALA I 6 71.95 33.70 -2.44
C ALA I 6 71.28 35.05 -2.14
N PRO I 7 71.36 36.00 -3.05
CA PRO I 7 70.72 37.30 -2.81
C PRO I 7 69.21 37.17 -2.75
N LEU I 8 68.60 38.08 -2.00
CA LEU I 8 67.14 38.05 -1.89
C LEU I 8 66.52 38.29 -3.26
N PRO I 9 65.42 37.63 -3.59
CA PRO I 9 64.80 37.83 -4.91
C PRO I 9 64.03 39.13 -4.95
N LEU I 10 64.59 40.13 -5.62
CA LEU I 10 63.96 41.44 -5.67
C LEU I 10 62.74 41.44 -6.60
N ASP I 11 62.72 40.56 -7.59
CA ASP I 11 61.58 40.53 -8.52
C ASP I 11 60.30 40.12 -7.80
N GLU I 12 60.38 39.11 -6.94
CA GLU I 12 59.19 38.66 -6.22
C GLU I 12 58.68 39.74 -5.27
N LEU I 13 59.58 40.37 -4.52
CA LEU I 13 59.15 41.47 -3.66
C LEU I 13 58.56 42.60 -4.50
N ARG I 14 59.15 42.87 -5.67
CA ARG I 14 58.64 43.93 -6.53
C ARG I 14 57.20 43.63 -6.96
N THR I 15 56.95 42.42 -7.44
CA THR I 15 55.61 42.09 -7.88
C THR I 15 54.64 42.08 -6.71
N PHE I 16 55.08 41.62 -5.54
CA PHE I 16 54.20 41.64 -4.37
C PHE I 16 53.83 43.07 -4.00
N ALA I 17 54.81 43.97 -3.95
CA ALA I 17 54.52 45.35 -3.61
C ALA I 17 53.60 45.99 -4.66
N GLU I 18 53.85 45.71 -5.94
CA GLU I 18 52.98 46.25 -6.97
C GLU I 18 51.55 45.75 -6.81
N VAL I 19 51.39 44.46 -6.54
CA VAL I 19 50.06 43.89 -6.40
C VAL I 19 49.35 44.51 -5.21
N LEU I 20 50.04 44.66 -4.08
CA LEU I 20 49.41 45.26 -2.92
C LEU I 20 49.04 46.72 -3.19
N ASP I 21 49.93 47.47 -3.85
CA ASP I 21 49.64 48.87 -4.14
C ASP I 21 48.44 49.01 -5.06
N ARG I 22 48.33 48.14 -6.07
CA ARG I 22 47.20 48.21 -6.97
C ARG I 22 45.90 47.76 -6.29
N VAL I 23 45.98 46.75 -5.42
CA VAL I 23 44.79 46.28 -4.73
C VAL I 23 44.26 47.33 -3.77
N LYS I 24 45.16 47.99 -3.02
CA LYS I 24 44.69 48.96 -2.05
C LYS I 24 44.05 50.19 -2.71
N ALA I 25 44.19 50.35 -4.01
CA ALA I 25 43.59 51.47 -4.73
C ALA I 25 42.37 51.05 -5.54
N ALA I 26 42.50 50.05 -6.41
CA ALA I 26 41.41 49.67 -7.30
C ALA I 26 40.24 49.03 -6.57
N TYR I 27 40.48 48.45 -5.40
CA TYR I 27 39.40 47.76 -4.70
C TYR I 27 38.29 48.73 -4.35
N VAL I 28 37.06 48.24 -4.39
CA VAL I 28 35.88 49.10 -4.22
C VAL I 28 35.82 49.66 -2.80
N GLU I 29 35.99 48.79 -1.82
CA GLU I 29 35.87 49.27 -0.44
C GLU I 29 37.22 49.73 0.08
N PRO I 30 37.25 50.65 1.04
CA PRO I 30 38.52 50.96 1.70
C PRO I 30 39.08 49.73 2.40
N VAL I 31 40.39 49.55 2.30
CA VAL I 31 41.08 48.40 2.87
C VAL I 31 42.25 48.90 3.69
N ASP I 32 42.30 48.49 4.95
CA ASP I 32 43.42 48.83 5.82
C ASP I 32 44.57 47.87 5.57
N ASP I 33 45.78 48.41 5.41
CA ASP I 33 46.91 47.58 5.01
C ASP I 33 47.11 46.41 5.96
N LYS I 34 46.73 46.58 7.22
CA LYS I 34 46.78 45.45 8.15
C LYS I 34 45.98 44.27 7.61
N THR I 35 44.77 44.54 7.09
CA THR I 35 43.94 43.47 6.57
C THR I 35 44.62 42.79 5.39
N LEU I 36 45.21 43.57 4.49
CA LEU I 36 45.87 42.97 3.33
C LEU I 36 47.04 42.10 3.75
N LEU I 37 47.85 42.57 4.70
CA LEU I 37 48.98 41.75 5.14
C LEU I 37 48.51 40.47 5.83
N GLU I 38 47.49 40.58 6.68
CA GLU I 38 46.97 39.39 7.35
C GLU I 38 46.45 38.38 6.33
N ASN I 39 45.70 38.84 5.33
CA ASN I 39 45.21 37.92 4.31
C ASN I 39 46.36 37.35 3.51
N ALA I 40 47.43 38.12 3.31
CA ALA I 40 48.60 37.57 2.63
C ALA I 40 49.22 36.43 3.45
N ILE I 41 49.28 36.59 4.77
CA ILE I 41 49.81 35.53 5.61
C ILE I 41 48.95 34.29 5.49
N LYS I 42 47.63 34.47 5.58
CA LYS I 42 46.72 33.33 5.47
C LYS I 42 46.88 32.65 4.12
N GLY I 43 47.13 33.44 3.08
CA GLY I 43 47.35 32.86 1.76
C GLY I 43 48.62 32.05 1.68
N MET I 44 49.72 32.60 2.21
CA MET I 44 50.98 31.88 2.14
C MET I 44 50.91 30.58 2.94
N LEU I 45 50.05 30.54 3.96
CA LEU I 45 49.96 29.32 4.76
C LEU I 45 48.99 28.31 4.16
N SER I 46 47.73 28.70 3.96
CA SER I 46 46.68 27.73 3.62
C SER I 46 46.88 27.11 2.24
N ASN I 47 47.67 27.72 1.37
CA ASN I 47 47.81 27.23 0.00
C ASN I 47 48.97 26.28 -0.20
N LEU I 48 49.77 26.02 0.84
CA LEU I 48 50.93 25.14 0.68
C LEU I 48 50.51 23.67 0.75
N ASP I 49 49.98 23.25 1.89
CA ASP I 49 49.39 21.94 2.05
C ASP I 49 48.01 22.10 2.66
N PRO I 50 47.03 21.28 2.24
CA PRO I 50 45.64 21.54 2.69
C PRO I 50 45.48 21.62 4.19
N HIS I 51 46.17 20.77 4.95
CA HIS I 51 45.96 20.75 6.39
C HIS I 51 46.50 22.02 7.05
N SER I 52 47.69 22.45 6.65
CA SER I 52 48.30 23.62 7.28
C SER I 52 47.40 24.82 7.09
N ALA I 53 47.38 25.70 8.09
CA ALA I 53 46.55 26.90 8.00
C ALA I 53 46.90 27.85 9.14
N TYR I 54 46.84 29.14 8.84
CA TYR I 54 46.99 30.16 9.87
C TYR I 54 45.82 30.10 10.84
N LEU I 55 46.08 30.52 12.07
CA LEU I 55 45.05 30.58 13.11
C LEU I 55 44.98 32.01 13.64
N GLY I 56 43.76 32.54 13.71
CA GLY I 56 43.55 33.88 14.21
C GLY I 56 43.61 33.92 15.72
N PRO I 57 43.37 35.12 16.26
CA PRO I 57 43.39 35.27 17.73
C PRO I 57 42.30 34.46 18.41
N GLU I 58 41.26 34.07 17.68
CA GLU I 58 40.13 33.33 18.24
C GLU I 58 40.23 31.83 17.97
N ASP I 59 40.54 31.44 16.73
CA ASP I 59 40.55 30.03 16.38
C ASP I 59 41.60 29.25 17.15
N PHE I 60 42.64 29.91 17.65
CA PHE I 60 43.62 29.21 18.48
C PHE I 60 42.98 28.68 19.75
N ALA I 61 42.11 29.47 20.36
CA ALA I 61 41.35 28.98 21.52
C ALA I 61 40.49 27.78 21.12
N GLU I 62 39.90 27.82 19.92
CA GLU I 62 39.11 26.69 19.47
C GLU I 62 39.95 25.43 19.33
N LEU I 63 41.15 25.56 18.77
CA LEU I 63 42.02 24.39 18.64
C LEU I 63 42.45 23.87 20.01
N GLN I 64 42.78 24.78 20.93
CA GLN I 64 43.11 24.35 22.28
C GLN I 64 41.94 23.61 22.92
N GLU I 65 40.72 24.10 22.69
CA GLU I 65 39.53 23.41 23.19
C GLU I 65 39.43 22.01 22.58
N SER I 66 39.63 21.91 21.27
CA SER I 66 39.48 20.62 20.60
C SER I 66 40.49 19.60 21.11
N THR I 67 41.73 20.03 21.33
CA THR I 67 42.74 19.11 21.85
C THR I 67 42.41 18.70 23.27
N SER I 68 42.33 19.68 24.19
CA SER I 68 41.95 19.43 25.57
C SER I 68 40.87 20.45 25.94
N GLY I 69 39.71 19.96 26.36
CA GLY I 69 38.58 20.84 26.58
C GLY I 69 38.78 21.82 27.71
N GLU I 70 38.76 21.34 28.95
CA GLU I 70 38.97 22.17 30.14
C GLU I 70 38.30 23.53 29.98
N PHE I 71 37.01 23.51 29.68
CA PHE I 71 36.26 24.70 29.34
C PHE I 71 35.06 24.87 30.28
N GLY I 72 34.63 26.11 30.42
CA GLY I 72 33.48 26.43 31.24
C GLY I 72 32.18 26.10 30.55
N GLY I 73 31.40 25.19 31.13
CA GLY I 73 30.13 24.81 30.56
C GLY I 73 29.24 24.16 31.61
N LEU I 74 27.97 24.02 31.24
CA LEU I 74 26.97 23.40 32.10
C LEU I 74 26.97 21.89 32.00
N GLY I 75 27.79 21.31 31.14
CA GLY I 75 27.79 19.86 30.94
C GLY I 75 26.49 19.35 30.36
N ILE I 76 25.91 20.07 29.41
CA ILE I 76 24.69 19.65 28.74
C ILE I 76 24.92 19.75 27.24
N GLU I 77 24.65 18.66 26.52
CA GLU I 77 24.79 18.61 25.07
C GLU I 77 23.41 18.66 24.44
N VAL I 78 23.21 19.61 23.53
CA VAL I 78 21.92 19.81 22.87
C VAL I 78 22.11 19.57 21.39
N GLY I 79 21.26 18.73 20.81
CA GLY I 79 21.30 18.42 19.39
C GLY I 79 20.07 18.96 18.69
N SER I 80 20.27 19.47 17.48
CA SER I 80 19.20 20.05 16.67
C SER I 80 18.88 19.07 15.55
N GLU I 81 17.72 18.42 15.64
CA GLU I 81 17.26 17.49 14.62
C GLU I 81 15.87 17.91 14.16
N ASP I 82 15.68 17.99 12.85
CA ASP I 82 14.40 18.41 12.27
C ASP I 82 13.99 19.79 12.76
N GLY I 83 14.97 20.64 13.05
CA GLY I 83 14.69 21.98 13.53
C GLY I 83 14.24 22.07 14.97
N PHE I 84 14.34 20.98 15.73
CA PHE I 84 13.91 20.94 17.11
C PHE I 84 15.11 20.79 18.04
N ILE I 85 15.07 21.50 19.17
CA ILE I 85 16.15 21.48 20.14
C ILE I 85 15.82 20.45 21.22
N LYS I 86 16.78 19.58 21.52
CA LYS I 86 16.60 18.55 22.53
C LYS I 86 17.95 18.16 23.09
N VAL I 87 17.93 17.54 24.27
CA VAL I 87 19.13 17.13 24.97
C VAL I 87 19.34 15.65 24.74
N VAL I 88 20.47 15.29 24.12
CA VAL I 88 20.78 13.88 23.91
C VAL I 88 20.96 13.18 25.25
N SER I 89 21.75 13.77 26.14
CA SER I 89 21.94 13.25 27.49
C SER I 89 22.76 14.25 28.30
N PRO I 90 22.47 14.42 29.59
CA PRO I 90 23.34 15.26 30.42
C PRO I 90 24.75 14.68 30.48
N ILE I 91 25.74 15.56 30.51
CA ILE I 91 27.14 15.14 30.59
C ILE I 91 27.44 14.74 32.03
N ASP I 92 28.05 13.57 32.19
CA ASP I 92 28.35 13.07 33.52
C ASP I 92 29.36 13.97 34.23
N ASP I 93 29.23 14.04 35.55
CA ASP I 93 30.13 14.83 36.39
C ASP I 93 30.06 16.32 36.03
N THR I 94 28.84 16.85 36.08
CA THR I 94 28.59 18.26 35.84
C THR I 94 27.51 18.75 36.79
N PRO I 95 27.50 20.05 37.11
CA PRO I 95 26.44 20.57 37.99
C PRO I 95 25.04 20.35 37.43
N ALA I 96 24.87 20.35 36.11
CA ALA I 96 23.56 20.16 35.53
C ALA I 96 22.97 18.81 35.90
N ALA I 97 23.79 17.75 35.86
CA ALA I 97 23.30 16.43 36.23
C ALA I 97 22.87 16.40 37.69
N ARG I 98 23.66 17.00 38.58
CA ARG I 98 23.29 17.07 39.98
C ARG I 98 22.06 17.95 40.21
N ALA I 99 21.75 18.84 39.27
CA ALA I 99 20.58 19.70 39.40
C ALA I 99 19.28 19.00 39.05
N GLY I 100 19.34 17.75 38.58
CA GLY I 100 18.15 17.01 38.24
C GLY I 100 17.76 17.04 36.78
N ILE I 101 18.57 17.67 35.92
CA ILE I 101 18.26 17.71 34.49
C ILE I 101 18.42 16.31 33.92
N GLN I 102 17.41 15.87 33.17
CA GLN I 102 17.37 14.54 32.59
C GLN I 102 17.27 14.62 31.07
N PRO I 103 17.60 13.55 30.37
CA PRO I 103 17.51 13.58 28.90
C PRO I 103 16.08 13.89 28.45
N GLY I 104 15.98 14.64 27.35
CA GLY I 104 14.70 15.03 26.81
C GLY I 104 14.13 16.31 27.36
N ASP I 105 14.77 16.91 28.36
CA ASP I 105 14.30 18.17 28.90
C ASP I 105 14.29 19.24 27.80
N LEU I 106 13.19 19.97 27.70
CA LEU I 106 13.00 20.98 26.66
C LEU I 106 13.06 22.36 27.30
N ILE I 107 14.11 23.12 26.97
CA ILE I 107 14.25 24.48 27.47
C ILE I 107 13.41 25.39 26.59
N VAL I 108 12.46 26.09 27.21
CA VAL I 108 11.57 26.96 26.44
C VAL I 108 12.17 28.35 26.25
N GLN I 109 13.00 28.81 27.18
CA GLN I 109 13.68 30.10 27.04
C GLN I 109 15.09 30.00 27.62
N ILE I 110 16.04 30.58 26.90
CA ILE I 110 17.44 30.59 27.30
C ILE I 110 17.78 32.02 27.68
N ASP I 111 17.88 32.29 28.99
CA ASP I 111 18.16 33.62 29.50
C ASP I 111 17.18 34.64 28.93
N GLY I 112 15.91 34.24 28.85
CA GLY I 112 14.88 35.08 28.30
C GLY I 112 14.75 35.01 26.79
N LYS I 113 15.59 34.22 26.12
CA LYS I 113 15.54 34.11 24.67
C LYS I 113 14.88 32.79 24.29
N PRO I 114 13.68 32.80 23.69
CA PRO I 114 13.04 31.53 23.33
C PRO I 114 13.89 30.72 22.36
N THR I 115 13.85 29.40 22.51
CA THR I 115 14.62 28.52 21.65
C THR I 115 14.15 28.59 20.20
N LYS I 116 12.91 29.03 19.96
CA LYS I 116 12.42 29.14 18.60
C LYS I 116 13.21 30.21 17.84
N GLY I 117 13.49 29.93 16.57
CA GLY I 117 14.23 30.87 15.75
C GLY I 117 15.71 30.95 16.03
N GLN I 118 16.23 30.04 16.86
CA GLN I 118 17.65 30.02 17.22
C GLN I 118 18.31 28.82 16.58
N SER I 119 19.41 29.06 15.87
CA SER I 119 20.17 27.98 15.25
C SER I 119 21.00 27.24 16.30
N MET I 120 21.51 26.07 15.91
CA MET I 120 22.31 25.28 16.82
C MET I 120 23.55 26.03 17.28
N THR I 121 24.22 26.73 16.37
CA THR I 121 25.41 27.48 16.73
C THR I 121 25.10 28.57 17.74
N GLU I 122 23.98 29.28 17.55
CA GLU I 122 23.61 30.32 18.50
C GLU I 122 23.33 29.74 19.88
N ALA I 123 22.62 28.63 19.94
CA ALA I 123 22.34 27.99 21.22
C ALA I 123 23.63 27.53 21.89
N VAL I 124 24.54 26.94 21.13
CA VAL I 124 25.81 26.49 21.69
C VAL I 124 26.60 27.67 22.24
N ASP I 125 26.67 28.77 21.49
CA ASP I 125 27.40 29.93 21.95
C ASP I 125 26.78 30.50 23.20
N SER I 126 25.45 30.60 23.25
CA SER I 126 24.79 31.14 24.44
C SER I 126 25.04 30.26 25.65
N MET I 127 24.91 28.94 25.49
CA MET I 127 25.12 28.04 26.61
C MET I 127 26.56 28.10 27.11
N ARG I 128 27.53 28.13 26.19
CA ARG I 128 28.93 28.15 26.57
C ARG I 128 29.36 29.57 26.94
N GLY I 129 30.31 29.65 27.86
CA GLY I 129 30.81 30.94 28.30
C GLY I 129 31.85 30.75 29.38
N LYS I 130 32.36 31.88 29.86
CA LYS I 130 33.37 31.85 30.91
C LYS I 130 32.79 31.23 32.19
N ALA I 131 33.62 30.48 32.89
CA ALA I 131 33.18 29.83 34.11
C ALA I 131 32.80 30.88 35.17
N GLY I 132 31.77 30.58 35.94
CA GLY I 132 31.30 31.44 36.99
C GLY I 132 30.20 32.41 36.60
N SER I 133 29.89 32.53 35.31
CA SER I 133 28.85 33.43 34.87
C SER I 133 27.48 32.79 35.10
N PRO I 134 26.60 33.40 35.88
CA PRO I 134 25.27 32.79 36.09
C PRO I 134 24.45 32.79 34.83
N ILE I 135 23.62 31.76 34.68
CA ILE I 135 22.75 31.59 33.53
C ILE I 135 21.40 31.08 34.02
N THR I 136 20.33 31.70 33.55
CA THR I 136 18.96 31.34 33.92
C THR I 136 18.23 30.79 32.71
N LEU I 137 17.62 29.63 32.85
CA LEU I 137 16.92 28.95 31.76
C LEU I 137 15.53 28.56 32.21
N THR I 138 14.52 28.94 31.42
CA THR I 138 13.15 28.53 31.68
C THR I 138 12.88 27.25 30.89
N ILE I 139 12.52 26.19 31.61
CA ILE I 139 12.37 24.86 31.04
C ILE I 139 10.98 24.33 31.38
N VAL I 140 10.37 23.62 30.44
CA VAL I 140 9.09 22.95 30.63
C VAL I 140 9.31 21.46 30.43
N ARG I 141 8.91 20.67 31.42
CA ARG I 141 9.08 19.22 31.40
C ARG I 141 7.71 18.56 31.29
N ASP I 142 7.54 17.74 30.26
CA ASP I 142 6.28 17.01 30.04
C ASP I 142 5.10 17.99 30.00
N GLY I 143 5.31 19.14 29.37
CA GLY I 143 4.26 20.12 29.26
C GLY I 143 3.75 20.66 30.58
N GLY I 144 4.57 20.60 31.62
CA GLY I 144 4.17 21.09 32.93
C GLY I 144 4.41 22.58 33.07
N ARG I 145 4.24 23.05 34.30
CA ARG I 145 4.44 24.47 34.58
C ARG I 145 5.90 24.83 34.35
N PRO I 146 6.20 25.92 33.63
CA PRO I 146 7.60 26.28 33.41
C PRO I 146 8.32 26.54 34.72
N PHE I 147 9.59 26.15 34.78
CA PHE I 147 10.42 26.35 35.96
C PHE I 147 11.75 26.96 35.54
N ASP I 148 12.28 27.83 36.38
CA ASP I 148 13.53 28.54 36.11
C ASP I 148 14.67 27.84 36.83
N VAL I 149 15.72 27.52 36.08
CA VAL I 149 16.91 26.86 36.61
C VAL I 149 18.08 27.81 36.45
N GLU I 150 18.78 28.07 37.56
CA GLU I 150 19.95 28.93 37.59
C GLU I 150 21.20 28.08 37.75
N LEU I 151 22.17 28.29 36.89
CA LEU I 151 23.40 27.50 36.87
C LEU I 151 24.61 28.41 36.79
N LYS I 152 25.75 27.91 37.27
CA LYS I 152 27.01 28.63 37.22
C LYS I 152 27.97 27.85 36.33
N ARG I 153 28.51 28.51 35.32
CA ARG I 153 29.46 27.85 34.43
C ARG I 153 30.71 27.44 35.21
N ALA I 154 31.15 26.20 34.98
CA ALA I 154 32.32 25.66 35.66
C ALA I 154 33.12 24.83 34.67
N ILE I 155 34.41 24.65 34.99
CA ILE I 155 35.28 23.86 34.13
C ILE I 155 34.80 22.42 34.12
N ILE I 156 34.61 21.88 32.92
CA ILE I 156 34.10 20.52 32.75
C ILE I 156 34.98 19.79 31.76
N LYS I 157 35.31 18.54 32.08
CA LYS I 157 36.09 17.68 31.21
C LYS I 157 35.15 16.81 30.38
N VAL I 158 35.35 16.80 29.07
CA VAL I 158 34.51 16.04 28.15
C VAL I 158 35.09 14.64 28.00
N LYS I 159 34.21 13.65 27.99
CA LYS I 159 34.64 12.26 27.89
C LYS I 159 35.35 12.02 26.56
N SER I 160 36.41 11.20 26.62
CA SER I 160 37.17 10.83 25.43
C SER I 160 37.07 9.36 25.09
N VAL I 161 36.89 8.48 26.08
CA VAL I 161 36.82 7.04 25.87
C VAL I 161 35.60 6.50 26.60
N LYS I 162 34.83 5.66 25.92
CA LYS I 162 33.67 5.01 26.50
C LYS I 162 33.69 3.52 26.14
N SER I 163 33.11 2.70 27.01
CA SER I 163 33.10 1.26 26.82
C SER I 163 31.80 0.68 27.34
N GLN I 164 31.41 -0.47 26.77
CA GLN I 164 30.23 -1.19 27.22
C GLN I 164 30.34 -2.62 26.74
N VAL I 165 30.38 -3.58 27.67
CA VAL I 165 30.60 -4.97 27.34
C VAL I 165 29.33 -5.53 26.70
N LEU I 166 29.49 -6.17 25.54
CA LEU I 166 28.37 -6.84 24.88
C LEU I 166 28.12 -8.23 25.42
N GLU I 167 29.06 -8.78 26.20
CA GLU I 167 28.92 -10.12 26.78
C GLU I 167 30.04 -10.35 27.76
N PRO I 168 29.81 -11.05 28.88
CA PRO I 168 30.91 -11.30 29.83
C PRO I 168 32.14 -11.91 29.17
N GLY I 169 33.28 -11.24 29.31
CA GLY I 169 34.52 -11.68 28.71
C GLY I 169 34.87 -10.96 27.41
N TYR I 170 33.89 -10.34 26.76
CA TYR I 170 34.12 -9.57 25.55
C TYR I 170 33.78 -8.12 25.83
N ALA I 171 34.72 -7.22 25.54
CA ALA I 171 34.58 -5.81 25.84
C ALA I 171 34.71 -4.99 24.55
N TYR I 172 34.04 -3.84 24.54
CA TYR I 172 34.07 -2.94 23.40
C TYR I 172 34.52 -1.56 23.88
N LEU I 173 35.52 -1.00 23.20
CA LEU I 173 36.08 0.29 23.56
C LEU I 173 35.90 1.25 22.39
N ARG I 174 35.69 2.53 22.70
CA ARG I 174 35.44 3.55 21.70
C ARG I 174 36.32 4.75 22.02
N ILE I 175 36.96 5.32 20.99
CA ILE I 175 37.73 6.54 21.14
C ILE I 175 37.17 7.57 20.17
N THR I 176 36.69 8.69 20.71
CA THR I 176 36.06 9.70 19.88
C THR I 176 37.10 10.59 19.20
N GLN I 177 37.89 11.31 19.99
CA GLN I 177 38.92 12.18 19.46
C GLN I 177 40.08 12.20 20.44
N PHE I 178 41.29 12.01 19.94
CA PHE I 178 42.45 11.98 20.82
C PHE I 178 42.61 13.30 21.53
N GLN I 179 42.98 13.24 22.81
CA GLN I 179 43.19 14.41 23.63
C GLN I 179 44.49 14.24 24.41
N VAL I 180 44.89 15.29 25.12
CA VAL I 180 46.15 15.24 25.87
C VAL I 180 46.11 14.14 26.92
N ASN I 181 44.98 14.00 27.61
CA ASN I 181 44.83 13.02 28.68
C ASN I 181 44.25 11.71 28.19
N THR I 182 44.09 11.53 26.87
CA THR I 182 43.43 10.34 26.37
C THR I 182 44.14 9.06 26.81
N GLY I 183 45.48 9.11 26.91
CA GLY I 183 46.21 7.93 27.33
C GLY I 183 45.85 7.50 28.74
N GLU I 184 45.80 8.46 29.67
CA GLU I 184 45.42 8.14 31.03
C GLU I 184 43.99 7.62 31.09
N GLU I 185 43.10 8.20 30.29
CA GLU I 185 41.71 7.74 30.28
C GLU I 185 41.62 6.31 29.75
N VAL I 186 42.41 5.97 28.73
CA VAL I 186 42.41 4.61 28.21
C VAL I 186 42.94 3.64 29.26
N VAL I 187 44.02 4.02 29.95
CA VAL I 187 44.56 3.17 31.00
C VAL I 187 43.52 2.95 32.09
N LYS I 188 42.84 4.02 32.50
CA LYS I 188 41.81 3.91 33.53
C LYS I 188 40.66 3.01 33.05
N ALA I 189 40.26 3.15 31.79
CA ALA I 189 39.19 2.32 31.27
C ALA I 189 39.58 0.84 31.28
N LEU I 190 40.81 0.54 30.88
CA LEU I 190 41.27 -0.85 30.92
C LEU I 190 41.30 -1.37 32.35
N ASN I 191 41.78 -0.55 33.29
CA ASN I 191 41.81 -0.98 34.69
C ASN I 191 40.40 -1.27 35.19
N GLN I 192 39.45 -0.39 34.89
CA GLN I 192 38.07 -0.60 35.34
C GLN I 192 37.48 -1.83 34.69
N LEU I 193 37.78 -2.06 33.41
CA LEU I 193 37.29 -3.26 32.74
C LEU I 193 37.83 -4.52 33.41
N ARG I 194 39.12 -4.52 33.74
CA ARG I 194 39.70 -5.67 34.44
C ARG I 194 39.04 -5.86 35.80
N LYS I 195 38.83 -4.77 36.53
CA LYS I 195 38.22 -4.87 37.86
C LYS I 195 36.82 -5.47 37.77
N ASP I 196 36.00 -4.96 36.84
CA ASP I 196 34.62 -5.41 36.75
C ASP I 196 34.49 -6.80 36.14
N ASN I 197 35.48 -7.23 35.34
CA ASN I 197 35.46 -8.55 34.73
C ASN I 197 36.42 -9.52 35.43
N LYS I 198 36.67 -9.29 36.72
CA LYS I 198 37.49 -10.15 37.55
C LYS I 198 38.93 -10.22 37.07
N GLY I 199 39.35 -9.27 36.23
CA GLY I 199 40.72 -9.20 35.76
C GLY I 199 41.04 -10.12 34.60
N ARG I 200 40.07 -10.89 34.11
CA ARG I 200 40.27 -11.78 32.98
C ARG I 200 39.16 -11.55 31.97
N LEU I 201 39.52 -11.13 30.77
CA LEU I 201 38.57 -10.82 29.70
C LEU I 201 38.93 -11.62 28.47
N LYS I 202 37.93 -12.26 27.87
CA LYS I 202 38.19 -13.11 26.71
C LYS I 202 38.73 -12.30 25.54
N GLY I 203 38.11 -11.16 25.24
CA GLY I 203 38.52 -10.39 24.09
C GLY I 203 38.13 -8.94 24.19
N LEU I 204 38.82 -8.11 23.42
CA LEU I 204 38.58 -6.67 23.35
C LEU I 204 38.47 -6.25 21.90
N VAL I 205 37.50 -5.38 21.62
CA VAL I 205 37.34 -4.77 20.30
C VAL I 205 37.53 -3.27 20.47
N LEU I 206 38.20 -2.65 19.50
CA LEU I 206 38.49 -1.23 19.52
C LEU I 206 37.69 -0.53 18.44
N ASP I 207 37.29 0.71 18.72
CA ASP I 207 36.48 1.49 17.79
C ASP I 207 37.14 2.85 17.62
N LEU I 208 37.86 3.00 16.50
CA LEU I 208 38.39 4.28 16.06
C LEU I 208 37.60 4.85 14.90
N ARG I 209 36.48 4.24 14.53
CA ARG I 209 35.73 4.69 13.38
C ARG I 209 35.34 6.16 13.54
N ASN I 210 35.57 6.94 12.48
CA ASN I 210 35.23 8.36 12.48
C ASN I 210 35.87 9.08 13.65
N ASN I 211 37.16 8.80 13.88
CA ASN I 211 37.95 9.50 14.88
C ASN I 211 39.00 10.35 14.17
N PRO I 212 38.79 11.66 14.03
CA PRO I 212 39.68 12.46 13.17
C PRO I 212 41.15 12.36 13.56
N GLY I 213 41.47 12.74 14.78
CA GLY I 213 42.85 12.70 15.22
C GLY I 213 43.07 13.59 16.44
N GLY I 214 44.33 13.91 16.68
CA GLY I 214 44.68 14.75 17.82
C GLY I 214 46.16 14.74 18.10
N VAL I 215 46.50 14.96 19.37
CA VAL I 215 47.90 15.04 19.76
C VAL I 215 48.58 13.71 19.49
N LEU I 216 49.76 13.76 18.88
CA LEU I 216 50.52 12.55 18.60
C LEU I 216 50.96 11.87 19.89
N GLN I 217 51.29 12.66 20.92
CA GLN I 217 51.79 12.09 22.16
C GLN I 217 50.78 11.12 22.77
N SER I 218 49.51 11.53 22.84
CA SER I 218 48.50 10.68 23.45
C SER I 218 48.24 9.43 22.62
N ALA I 219 48.29 9.55 21.29
CA ALA I 219 48.13 8.37 20.45
C ALA I 219 49.25 7.38 20.70
N VAL I 220 50.49 7.86 20.78
CA VAL I 220 51.60 6.95 21.07
C VAL I 220 51.46 6.38 22.47
N GLU I 221 50.94 7.16 23.41
CA GLU I 221 50.73 6.65 24.76
C GLU I 221 49.72 5.51 24.76
N VAL I 222 48.62 5.66 24.01
CA VAL I 222 47.64 4.58 23.90
C VAL I 222 48.27 3.35 23.26
N ALA I 223 49.03 3.56 22.18
CA ALA I 223 49.71 2.43 21.55
C ALA I 223 50.60 1.71 22.55
N ASP I 224 51.32 2.47 23.38
CA ASP I 224 52.14 1.86 24.42
C ASP I 224 51.28 1.11 25.43
N ALA I 225 50.11 1.64 25.75
CA ALA I 225 49.21 0.97 26.67
C ALA I 225 48.82 -0.41 26.14
N PHE I 226 48.48 -0.48 24.85
CA PHE I 226 48.15 -1.78 24.27
C PHE I 226 49.39 -2.61 23.98
N LEU I 227 50.45 -1.99 23.49
CA LEU I 227 51.64 -2.70 23.04
C LEU I 227 52.66 -2.80 24.16
N THR I 228 53.62 -3.71 23.98
CA THR I 228 54.64 -3.97 24.99
C THR I 228 56.05 -3.74 24.46
N LYS I 229 56.36 -4.18 23.24
CA LYS I 229 57.71 -4.11 22.71
C LYS I 229 57.68 -3.59 21.28
N GLY I 230 58.83 -3.07 20.85
CA GLY I 230 58.99 -2.56 19.50
C GLY I 230 58.87 -1.05 19.44
N LEU I 231 59.03 -0.54 18.21
CA LEU I 231 58.95 0.90 17.95
C LEU I 231 57.59 1.22 17.36
N ILE I 232 56.88 2.16 18.00
CA ILE I 232 55.49 2.42 17.65
C ILE I 232 55.39 3.23 16.37
N VAL I 233 55.98 4.42 16.36
CA VAL I 233 55.93 5.29 15.19
C VAL I 233 57.01 6.34 15.32
N TYR I 234 57.66 6.65 14.20
CA TYR I 234 58.69 7.67 14.15
C TYR I 234 58.45 8.58 12.96
N THR I 235 58.82 9.85 13.13
CA THR I 235 58.54 10.90 12.17
C THR I 235 59.84 11.42 11.57
N LYS I 236 59.78 11.74 10.27
CA LYS I 236 60.87 12.36 9.54
C LYS I 236 60.40 13.68 8.95
N GLY I 237 61.28 14.69 9.02
CA GLY I 237 60.95 16.00 8.50
C GLY I 237 62.20 16.72 8.05
N ARG I 238 62.00 17.87 7.40
CA ARG I 238 63.13 18.63 6.89
C ARG I 238 64.02 19.12 8.04
N ILE I 239 63.42 19.59 9.11
CA ILE I 239 64.17 20.08 10.26
C ILE I 239 64.49 18.91 11.18
N ALA I 240 65.72 18.90 11.69
CA ALA I 240 66.17 17.77 12.52
C ALA I 240 65.33 17.64 13.78
N ASN I 241 64.96 18.77 14.40
CA ASN I 241 64.20 18.71 15.64
C ASN I 241 62.88 17.97 15.45
N SER I 242 62.26 18.07 14.28
CA SER I 242 60.99 17.40 14.05
C SER I 242 61.13 15.89 14.17
N GLU I 243 62.30 15.35 13.85
CA GLU I 243 62.51 13.92 13.93
C GLU I 243 62.38 13.44 15.38
N LEU I 244 61.68 12.32 15.55
CA LEU I 244 61.46 11.78 16.90
C LEU I 244 61.01 10.34 16.77
N ARG I 245 61.69 9.43 17.44
CA ARG I 245 61.36 8.01 17.43
C ARG I 245 60.71 7.63 18.75
N PHE I 246 59.57 6.96 18.67
CA PHE I 246 58.82 6.53 19.84
C PHE I 246 58.83 5.01 19.90
N SER I 247 59.15 4.46 21.08
CA SER I 247 59.19 3.03 21.28
C SER I 247 58.26 2.65 22.43
N ALA I 248 57.54 1.55 22.24
CA ALA I 248 56.62 1.08 23.28
C ALA I 248 57.41 0.59 24.49
N ASP I 249 57.03 1.09 25.66
CA ASP I 249 57.67 0.66 26.89
C ASP I 249 57.19 -0.74 27.28
N PRO I 250 58.00 -1.51 28.01
CA PRO I 250 57.59 -2.86 28.37
C PRO I 250 56.32 -2.90 29.20
N ALA I 251 56.01 -1.86 29.95
CA ALA I 251 54.80 -1.84 30.75
C ALA I 251 53.58 -2.03 29.85
N ASP I 252 52.68 -2.91 30.26
CA ASP I 252 51.52 -3.24 29.45
C ASP I 252 50.38 -3.78 30.32
N PRO I 253 49.25 -3.05 30.43
CA PRO I 253 48.10 -3.59 31.17
C PRO I 253 47.16 -4.46 30.35
N SER I 254 47.29 -4.49 29.02
CA SER I 254 46.35 -5.23 28.20
C SER I 254 46.44 -6.74 28.42
N ASP I 255 47.55 -7.23 28.95
CA ASP I 255 47.72 -8.66 29.24
C ASP I 255 47.64 -9.51 27.98
N LYS I 256 48.05 -8.95 26.84
CA LYS I 256 48.11 -9.69 25.58
C LYS I 256 46.74 -10.24 25.18
N VAL I 257 45.68 -9.56 25.59
CA VAL I 257 44.33 -9.99 25.21
C VAL I 257 44.17 -9.87 23.70
N PRO I 258 43.45 -10.76 23.03
CA PRO I 258 43.22 -10.58 21.59
C PRO I 258 42.53 -9.25 21.32
N LEU I 259 42.92 -8.61 20.23
CA LEU I 259 42.50 -7.25 19.95
C LEU I 259 42.19 -7.06 18.48
N VAL I 260 41.00 -6.54 18.19
CA VAL I 260 40.58 -6.20 16.85
C VAL I 260 40.23 -4.72 16.83
N VAL I 261 40.80 -3.99 15.88
CA VAL I 261 40.60 -2.56 15.75
C VAL I 261 39.80 -2.30 14.48
N LEU I 262 38.77 -1.47 14.60
CA LEU I 262 38.00 -1.02 13.45
C LEU I 262 38.57 0.31 12.98
N ILE I 263 38.88 0.40 11.68
CA ILE I 263 39.31 1.65 11.07
C ILE I 263 38.36 1.96 9.93
N ASN I 264 37.70 3.11 10.03
CA ASN I 264 36.75 3.58 9.03
C ASN I 264 37.39 4.70 8.21
N GLY I 265 36.67 5.16 7.19
CA GLY I 265 37.19 6.23 6.37
C GLY I 265 37.49 7.49 7.15
N GLY I 266 36.78 7.70 8.26
CA GLY I 266 37.00 8.90 9.04
C GLY I 266 38.36 8.95 9.71
N SER I 267 38.78 7.85 10.31
CA SER I 267 40.04 7.82 11.05
C SER I 267 41.18 8.31 10.18
N ALA I 268 41.79 9.44 10.55
CA ALA I 268 42.70 10.14 9.64
C ALA I 268 44.12 10.22 10.16
N ALA I 269 44.37 10.81 11.33
CA ALA I 269 45.71 11.19 11.73
C ALA I 269 46.22 10.39 12.92
N ALA I 270 45.52 10.41 14.05
CA ALA I 270 46.00 9.71 15.24
C ALA I 270 45.46 8.29 15.34
N ALA I 271 44.15 8.13 15.10
CA ALA I 271 43.59 6.78 15.03
C ALA I 271 44.36 5.94 14.03
N GLU I 272 44.74 6.54 12.89
CA GLU I 272 45.55 5.81 11.92
C GLU I 272 46.92 5.49 12.45
N ILE I 273 47.49 6.36 13.30
CA ILE I 273 48.79 6.04 13.90
C ILE I 273 48.67 4.82 14.78
N VAL I 274 47.63 4.77 15.63
CA VAL I 274 47.43 3.61 16.49
C VAL I 274 47.22 2.36 15.65
N ALA I 275 46.40 2.47 14.60
CA ALA I 275 46.10 1.31 13.77
C ALA I 275 47.35 0.80 13.06
N GLY I 276 48.14 1.71 12.48
CA GLY I 276 49.37 1.30 11.83
C GLY I 276 50.36 0.68 12.79
N ALA I 277 50.48 1.26 13.99
CA ALA I 277 51.38 0.69 14.98
C ALA I 277 50.98 -0.73 15.34
N LEU I 278 49.69 -0.94 15.62
CA LEU I 278 49.24 -2.26 16.01
C LEU I 278 49.40 -3.26 14.87
N GLN I 279 49.05 -2.86 13.64
CA GLN I 279 49.08 -3.81 12.53
C GLN I 279 50.52 -4.14 12.13
N ASP I 280 51.43 -3.18 12.24
CA ASP I 280 52.79 -3.42 11.80
C ASP I 280 53.46 -4.51 12.63
N GLN I 281 53.19 -4.53 13.93
CA GLN I 281 53.82 -5.49 14.83
C GLN I 281 53.05 -6.80 14.93
N LYS I 282 51.97 -6.96 14.18
CA LYS I 282 51.16 -8.18 14.23
C LYS I 282 50.71 -8.49 15.65
N ARG I 283 50.28 -7.45 16.37
CA ARG I 283 49.76 -7.62 17.71
C ARG I 283 48.24 -7.49 17.78
N ALA I 284 47.59 -7.09 16.69
CA ALA I 284 46.14 -6.98 16.65
C ALA I 284 45.69 -7.04 15.20
N ILE I 285 44.40 -7.29 15.02
CA ILE I 285 43.82 -7.38 13.68
C ILE I 285 43.15 -6.05 13.35
N LEU I 286 43.05 -5.76 12.06
CA LEU I 286 42.40 -4.55 11.58
C LEU I 286 41.24 -4.92 10.66
N MET I 287 40.11 -4.25 10.85
CA MET I 287 38.95 -4.48 10.01
C MET I 287 38.23 -3.17 9.75
N GLY I 288 37.47 -3.13 8.65
CA GLY I 288 36.73 -1.96 8.25
C GLY I 288 37.06 -1.61 6.83
N THR I 289 36.86 -0.34 6.49
CA THR I 289 37.15 0.18 5.17
C THR I 289 38.47 0.92 5.18
N ASP I 290 39.00 1.19 3.98
CA ASP I 290 40.27 1.89 3.88
C ASP I 290 40.20 3.22 4.61
N SER I 291 41.27 3.54 5.34
CA SER I 291 41.30 4.72 6.18
C SER I 291 41.51 5.98 5.33
N PHE I 292 41.51 7.14 5.99
CA PHE I 292 41.75 8.39 5.29
C PHE I 292 43.11 8.38 4.60
N GLY I 293 44.11 7.80 5.25
CA GLY I 293 45.45 7.75 4.71
C GLY I 293 46.14 9.09 4.63
N LYS I 294 45.99 9.93 5.64
CA LYS I 294 46.71 11.19 5.73
C LYS I 294 47.85 11.04 6.70
N GLY I 295 49.05 11.47 6.27
CA GLY I 295 50.19 11.44 7.15
C GLY I 295 50.78 12.82 7.33
N SER I 296 50.65 13.36 8.53
CA SER I 296 51.18 14.69 8.81
C SER I 296 51.20 14.95 10.31
N VAL I 297 52.37 15.31 10.83
CA VAL I 297 52.51 15.79 12.20
C VAL I 297 52.81 17.28 12.12
N GLN I 298 51.91 18.08 12.67
CA GLN I 298 51.96 19.53 12.55
C GLN I 298 52.28 20.15 13.89
N THR I 299 53.08 21.21 13.88
CA THR I 299 53.44 21.96 15.07
C THR I 299 52.68 23.27 15.06
N VAL I 300 52.05 23.61 16.18
CA VAL I 300 51.37 24.90 16.34
C VAL I 300 52.41 25.84 16.94
N LEU I 301 53.22 26.44 16.08
CA LEU I 301 54.30 27.31 16.55
C LEU I 301 53.70 28.54 17.20
N PRO I 302 54.08 28.86 18.44
CA PRO I 302 53.55 30.08 19.06
C PRO I 302 54.04 31.32 18.36
N LEU I 303 53.25 32.39 18.46
CA LEU I 303 53.56 33.64 17.79
C LEU I 303 52.93 34.78 18.57
N ASN I 304 53.39 35.99 18.27
CA ASN I 304 52.89 37.17 18.97
C ASN I 304 51.41 37.41 18.61
N ASN I 305 50.74 38.14 19.49
CA ASN I 305 49.36 38.56 19.31
C ASN I 305 48.38 37.40 19.36
N ASP I 306 48.76 36.28 19.95
CA ASP I 306 47.91 35.12 20.21
C ASP I 306 47.57 34.33 18.96
N ARG I 307 48.04 34.74 17.78
CA ARG I 307 47.76 34.04 16.53
C ARG I 307 48.94 33.13 16.23
N ALA I 308 48.81 31.85 16.55
CA ALA I 308 49.87 30.88 16.37
C ALA I 308 49.57 30.03 15.14
N LEU I 309 50.47 30.03 14.17
CA LEU I 309 50.26 29.31 12.94
C LEU I 309 50.43 27.80 13.16
N LYS I 310 49.96 27.03 12.18
CA LYS I 310 50.02 25.57 12.22
C LYS I 310 50.53 25.09 10.86
N LEU I 311 51.67 24.40 10.88
CA LEU I 311 52.32 23.95 9.66
C LEU I 311 52.59 22.44 9.74
N THR I 312 52.58 21.79 8.58
CA THR I 312 52.84 20.36 8.48
C THR I 312 54.33 20.12 8.70
N THR I 313 54.72 20.15 9.98
CA THR I 313 56.13 20.10 10.33
C THR I 313 56.82 18.91 9.69
N ALA I 314 56.25 17.71 9.86
CA ALA I 314 56.94 16.50 9.41
C ALA I 314 55.92 15.45 9.00
N LEU I 315 56.41 14.41 8.33
CA LEU I 315 55.62 13.22 8.05
C LEU I 315 56.01 12.12 9.04
N TYR I 316 55.18 11.08 9.11
CA TYR I 316 55.48 9.93 9.95
C TYR I 316 55.56 8.68 9.09
N TYR I 317 56.09 7.62 9.69
CA TYR I 317 56.19 6.33 9.03
C TYR I 317 55.69 5.24 9.97
N THR I 318 55.09 4.21 9.38
CA THR I 318 54.79 3.02 10.15
C THR I 318 56.08 2.28 10.46
N PRO I 319 56.09 1.47 11.53
CA PRO I 319 57.36 0.86 11.95
C PRO I 319 58.10 0.14 10.83
N ASN I 320 57.37 -0.48 9.91
CA ASN I 320 58.02 -1.18 8.80
C ASN I 320 58.58 -0.23 7.75
N GLY I 321 58.26 1.06 7.82
CA GLY I 321 58.70 2.02 6.85
C GLY I 321 57.64 2.42 5.84
N ARG I 322 56.50 1.75 5.80
CA ARG I 322 55.44 2.13 4.90
C ARG I 322 54.93 3.52 5.24
N SER I 323 54.68 4.32 4.21
CA SER I 323 54.21 5.69 4.36
C SER I 323 52.69 5.71 4.22
N ILE I 324 52.00 6.05 5.30
CA ILE I 324 50.54 6.03 5.27
C ILE I 324 50.01 7.13 4.37
N GLN I 325 50.68 8.28 4.34
CA GLN I 325 50.14 9.46 3.67
C GLN I 325 49.80 9.15 2.22
N ALA I 326 48.61 9.58 1.79
CA ALA I 326 48.09 9.44 0.44
C ALA I 326 47.76 8.00 0.09
N GLN I 327 48.01 7.03 0.97
CA GLN I 327 47.73 5.63 0.71
C GLN I 327 46.74 5.05 1.70
N GLY I 328 47.00 5.19 2.99
CA GLY I 328 46.18 4.58 4.01
C GLY I 328 46.58 3.14 4.28
N ILE I 329 46.06 2.62 5.39
CA ILE I 329 46.37 1.26 5.83
C ILE I 329 45.17 0.39 5.49
N VAL I 330 45.36 -0.52 4.54
CA VAL I 330 44.27 -1.39 4.08
C VAL I 330 43.98 -2.41 5.17
N PRO I 331 42.75 -2.51 5.66
CA PRO I 331 42.46 -3.51 6.69
C PRO I 331 42.55 -4.92 6.13
N ASP I 332 42.93 -5.86 7.00
CA ASP I 332 43.04 -7.25 6.58
C ASP I 332 41.66 -7.85 6.32
N ILE I 333 40.73 -7.66 7.25
CA ILE I 333 39.43 -8.32 7.14
C ILE I 333 38.63 -7.76 5.97
N GLU I 334 38.66 -6.45 5.79
CA GLU I 334 37.93 -5.80 4.69
C GLU I 334 36.44 -6.10 4.79
N VAL I 335 35.83 -5.66 5.88
CA VAL I 335 34.41 -5.82 6.13
C VAL I 335 33.75 -4.47 5.95
N GLY I 336 32.93 -4.34 4.92
CA GLY I 336 32.22 -3.12 4.63
C GLY I 336 30.81 -3.15 5.21
N ARG I 337 30.34 -1.99 5.67
CA ARG I 337 29.05 -1.92 6.31
C ARG I 337 27.96 -2.40 5.34
N ALA I 338 27.06 -3.24 5.86
CA ALA I 338 26.00 -3.81 5.04
C ALA I 338 24.91 -4.32 5.99
N LYS I 339 23.83 -4.82 5.41
CA LYS I 339 22.69 -5.34 6.16
C LYS I 339 22.69 -6.86 6.07
N VAL I 340 22.55 -7.51 7.22
CA VAL I 340 22.56 -8.97 7.31
C VAL I 340 21.20 -9.41 7.84
N THR I 341 20.56 -10.33 7.12
CA THR I 341 19.24 -10.83 7.50
C THR I 341 19.22 -12.34 7.34
N GLN I 342 18.46 -12.99 8.21
CA GLN I 342 18.34 -14.45 8.19
C GLN I 342 17.08 -14.87 7.43
N GLN I 381 27.15 -4.69 19.21
CA GLN I 381 25.87 -5.38 19.37
C GLN I 381 25.32 -5.83 18.02
N ASP I 382 24.12 -6.38 18.04
CA ASP I 382 23.49 -6.85 16.80
C ASP I 382 23.20 -5.68 15.85
N SER I 383 22.79 -4.53 16.40
CA SER I 383 22.41 -3.41 15.55
C SER I 383 23.57 -2.95 14.68
N ASP I 384 24.76 -2.84 15.26
CA ASP I 384 25.95 -2.38 14.54
C ASP I 384 26.56 -3.58 13.82
N TYR I 385 26.38 -3.65 12.50
CA TYR I 385 26.86 -4.80 11.74
C TYR I 385 28.37 -4.95 11.86
N GLN I 386 29.10 -3.84 11.75
CA GLN I 386 30.55 -3.91 11.88
C GLN I 386 30.95 -4.46 13.23
N LEU I 387 30.34 -3.95 14.30
CA LEU I 387 30.68 -4.44 15.63
C LEU I 387 30.20 -5.88 15.82
N SER I 388 29.08 -6.26 15.22
CA SER I 388 28.64 -7.65 15.30
C SER I 388 29.67 -8.57 14.67
N GLN I 389 30.18 -8.20 13.49
CA GLN I 389 31.23 -8.99 12.85
C GLN I 389 32.46 -9.04 13.73
N ALA I 390 32.86 -7.91 14.30
CA ALA I 390 34.05 -7.89 15.15
C ALA I 390 33.89 -8.83 16.33
N LEU I 391 32.73 -8.77 16.98
CA LEU I 391 32.50 -9.62 18.15
C LEU I 391 32.48 -11.09 17.75
N SER I 392 31.82 -11.42 16.64
CA SER I 392 31.76 -12.81 16.21
C SER I 392 33.15 -13.34 15.90
N LEU I 393 33.94 -12.57 15.16
CA LEU I 393 35.30 -12.99 14.84
C LEU I 393 36.13 -13.16 16.09
N LEU I 394 36.01 -12.22 17.04
CA LEU I 394 36.82 -12.31 18.25
C LEU I 394 36.44 -13.53 19.07
N LYS I 395 35.14 -13.80 19.22
CA LYS I 395 34.73 -14.97 20.00
C LYS I 395 35.17 -16.25 19.31
N GLY I 396 35.05 -16.31 17.98
CA GLY I 396 35.52 -17.49 17.27
C GLY I 396 37.00 -17.71 17.45
N LEU I 397 37.79 -16.65 17.33
CA LEU I 397 39.24 -16.78 17.47
C LEU I 397 39.64 -17.07 18.91
N SER I 398 38.80 -16.69 19.88
CA SER I 398 39.08 -17.03 21.26
C SER I 398 38.75 -18.49 21.56
N VAL I 399 37.70 -19.02 20.94
CA VAL I 399 37.32 -20.40 21.22
C VAL I 399 38.20 -21.38 20.45
N THR I 400 38.65 -21.01 19.24
CA THR I 400 39.44 -21.96 18.44
C THR I 400 40.75 -22.31 19.14
N ARG I 401 41.39 -21.32 19.76
CA ARG I 401 42.66 -21.54 20.45
C ARG I 401 42.57 -20.99 21.86
N GLY I 402 43.41 -21.54 22.73
CA GLY I 402 43.40 -21.12 24.13
C GLY I 402 42.10 -21.40 24.84
N ASN I 403 41.52 -22.57 24.60
CA ASN I 403 40.27 -22.96 25.24
C ASN I 403 40.02 -24.45 25.09
N SER J 5 51.16 61.98 9.46
CA SER J 5 49.88 62.09 10.14
C SER J 5 49.62 60.88 11.03
N ALA J 6 49.81 59.70 10.46
CA ALA J 6 49.62 58.45 11.19
C ALA J 6 50.83 57.55 10.97
N PRO J 7 51.14 56.69 11.94
CA PRO J 7 52.31 55.82 11.79
C PRO J 7 52.06 54.72 10.76
N LEU J 8 53.15 54.26 10.15
CA LEU J 8 53.07 53.12 9.26
C LEU J 8 53.07 51.84 10.08
N PRO J 9 52.11 50.93 9.88
CA PRO J 9 52.08 49.71 10.70
C PRO J 9 53.22 48.78 10.35
N LEU J 10 54.44 49.20 10.67
CA LEU J 10 55.63 48.40 10.36
C LEU J 10 55.65 47.09 11.13
N ASP J 11 54.98 47.02 12.28
CA ASP J 11 54.94 45.77 13.03
C ASP J 11 54.26 44.68 12.21
N GLU J 12 53.23 45.04 11.45
CA GLU J 12 52.56 44.04 10.61
C GLU J 12 53.52 43.49 9.56
N LEU J 13 54.30 44.35 8.92
CA LEU J 13 55.26 43.88 7.94
C LEU J 13 56.34 43.03 8.59
N ARG J 14 56.77 43.41 9.79
CA ARG J 14 57.74 42.58 10.51
C ARG J 14 57.16 41.20 10.79
N THR J 15 55.90 41.15 11.21
CA THR J 15 55.24 39.87 11.45
C THR J 15 55.16 39.05 10.18
N PHE J 16 54.85 39.69 9.06
CA PHE J 16 54.79 38.96 7.80
C PHE J 16 56.15 38.39 7.43
N ALA J 17 57.21 39.18 7.58
CA ALA J 17 58.54 38.67 7.26
C ALA J 17 58.92 37.51 8.17
N GLU J 18 58.63 37.64 9.47
CA GLU J 18 58.91 36.57 10.41
C GLU J 18 58.17 35.30 10.00
N VAL J 19 56.90 35.43 9.64
CA VAL J 19 56.12 34.27 9.26
C VAL J 19 56.67 33.65 7.99
N LEU J 20 57.09 34.47 7.03
CA LEU J 20 57.66 33.92 5.80
C LEU J 20 58.91 33.11 6.11
N ASP J 21 59.83 33.67 6.90
CA ASP J 21 61.05 32.95 7.21
C ASP J 21 60.76 31.67 7.97
N ARG J 22 59.87 31.75 8.96
CA ARG J 22 59.55 30.57 9.77
C ARG J 22 58.92 29.48 8.91
N VAL J 23 58.02 29.85 8.00
CA VAL J 23 57.39 28.86 7.14
C VAL J 23 58.41 28.23 6.21
N LYS J 24 59.27 29.04 5.60
CA LYS J 24 60.29 28.46 4.72
C LYS J 24 61.25 27.57 5.50
N ALA J 25 61.41 27.81 6.79
CA ALA J 25 62.32 26.99 7.58
C ALA J 25 61.68 25.66 7.98
N ALA J 26 60.49 25.71 8.57
CA ALA J 26 59.89 24.54 9.21
C ALA J 26 59.11 23.64 8.25
N TYR J 27 58.91 24.07 7.01
CA TYR J 27 58.15 23.25 6.06
C TYR J 27 58.94 22.00 5.69
N VAL J 28 58.20 20.94 5.35
CA VAL J 28 58.82 19.65 5.08
C VAL J 28 59.65 19.70 3.80
N GLU J 29 59.11 20.27 2.77
CA GLU J 29 59.79 20.26 1.48
C GLU J 29 60.52 21.57 1.25
N PRO J 30 61.67 21.55 0.57
CA PRO J 30 62.31 22.83 0.21
C PRO J 30 61.39 23.66 -0.67
N VAL J 31 60.99 24.82 -0.15
CA VAL J 31 60.09 25.73 -0.85
C VAL J 31 60.85 27.03 -1.11
N ASP J 32 60.96 27.40 -2.39
CA ASP J 32 61.57 28.68 -2.74
C ASP J 32 60.62 29.81 -2.39
N ASP J 33 61.19 30.94 -1.93
CA ASP J 33 60.35 32.06 -1.53
C ASP J 33 59.50 32.57 -2.69
N LYS J 34 59.88 32.25 -3.93
CA LYS J 34 59.01 32.52 -5.07
C LYS J 34 57.62 31.94 -4.83
N THR J 35 57.57 30.65 -4.50
CA THR J 35 56.27 30.01 -4.26
C THR J 35 55.55 30.64 -3.08
N LEU J 36 56.28 30.96 -2.01
CA LEU J 36 55.64 31.54 -0.84
C LEU J 36 55.01 32.88 -1.16
N LEU J 37 55.73 33.74 -1.87
CA LEU J 37 55.17 35.06 -2.20
C LEU J 37 54.01 34.93 -3.17
N GLU J 38 54.13 34.02 -4.16
CA GLU J 38 53.01 33.84 -5.07
C GLU J 38 51.77 33.38 -4.32
N ASN J 39 51.92 32.44 -3.39
CA ASN J 39 50.78 31.97 -2.62
C ASN J 39 50.25 33.05 -1.69
N ALA J 40 51.12 33.89 -1.14
CA ALA J 40 50.66 35.00 -0.32
C ALA J 40 49.77 35.93 -1.14
N ILE J 41 50.21 36.29 -2.34
CA ILE J 41 49.41 37.16 -3.19
C ILE J 41 48.08 36.49 -3.52
N LYS J 42 48.15 35.23 -3.94
CA LYS J 42 46.94 34.51 -4.34
C LYS J 42 45.92 34.49 -3.21
N GLY J 43 46.35 34.08 -2.02
CA GLY J 43 45.42 33.98 -0.92
C GLY J 43 44.93 35.34 -0.45
N MET J 44 45.79 36.36 -0.49
CA MET J 44 45.34 37.69 -0.14
C MET J 44 44.18 38.11 -1.02
N LEU J 45 44.35 38.00 -2.34
CA LEU J 45 43.27 38.38 -3.24
C LEU J 45 42.04 37.52 -3.00
N SER J 46 42.22 36.20 -2.86
CA SER J 46 41.08 35.31 -2.73
C SER J 46 40.28 35.61 -1.47
N ASN J 47 40.97 35.81 -0.34
CA ASN J 47 40.28 36.06 0.91
C ASN J 47 39.60 37.43 0.91
N LEU J 48 40.26 38.44 0.34
CA LEU J 48 39.67 39.77 0.36
C LEU J 48 38.37 39.81 -0.44
N ASP J 49 38.36 39.21 -1.63
CA ASP J 49 37.21 39.23 -2.51
C ASP J 49 37.01 37.87 -3.18
N PRO J 50 35.91 37.16 -2.91
CA PRO J 50 35.79 35.80 -3.46
C PRO J 50 35.93 35.74 -4.97
N HIS J 51 35.45 36.74 -5.70
CA HIS J 51 35.48 36.68 -7.15
C HIS J 51 36.86 36.95 -7.73
N SER J 52 37.68 37.73 -7.04
CA SER J 52 38.93 38.18 -7.63
C SER J 52 39.92 37.03 -7.73
N ALA J 53 41.03 37.29 -8.44
CA ALA J 53 42.08 36.29 -8.59
C ALA J 53 43.30 36.95 -9.21
N TYR J 54 44.39 36.19 -9.24
CA TYR J 54 45.67 36.66 -9.77
C TYR J 54 46.02 35.81 -10.98
N LEU J 55 45.88 36.38 -12.17
CA LEU J 55 46.12 35.65 -13.42
C LEU J 55 47.60 35.75 -13.77
N GLY J 56 48.29 34.61 -13.76
CA GLY J 56 49.71 34.59 -14.05
C GLY J 56 49.99 34.95 -15.49
N PRO J 57 51.26 35.12 -15.84
CA PRO J 57 51.59 35.49 -17.23
C PRO J 57 51.13 34.44 -18.24
N GLU J 58 51.47 33.17 -18.00
CA GLU J 58 50.99 32.11 -18.89
C GLU J 58 49.46 32.03 -18.83
N ASP J 59 48.88 32.18 -17.64
CA ASP J 59 47.43 32.20 -17.53
C ASP J 59 46.84 33.40 -18.26
N PHE J 60 47.49 34.56 -18.14
CA PHE J 60 47.01 35.74 -18.84
C PHE J 60 47.01 35.52 -20.34
N ALA J 61 48.06 34.90 -20.88
CA ALA J 61 48.06 34.55 -22.29
C ALA J 61 46.94 33.57 -22.60
N GLU J 62 46.74 32.59 -21.72
CA GLU J 62 45.60 31.68 -21.87
C GLU J 62 44.28 32.42 -21.69
N LEU J 63 44.26 33.45 -20.85
CA LEU J 63 43.04 34.22 -20.63
C LEU J 63 42.58 34.90 -21.92
N GLN J 64 43.52 35.45 -22.69
CA GLN J 64 43.17 36.18 -23.90
C GLN J 64 42.80 35.27 -25.06
N GLU J 65 43.03 33.96 -24.95
CA GLU J 65 42.75 33.03 -26.02
C GLU J 65 41.79 31.95 -25.53
N SER J 66 40.77 31.65 -26.32
CA SER J 66 39.82 30.61 -25.97
C SER J 66 40.51 29.24 -26.00
N THR J 67 40.01 28.34 -25.14
CA THR J 67 40.59 27.00 -25.08
C THR J 67 40.47 26.28 -26.42
N SER J 68 39.32 26.39 -27.06
CA SER J 68 39.10 25.78 -28.36
C SER J 68 37.82 26.32 -28.96
N GLY J 69 37.80 26.40 -30.29
CA GLY J 69 36.61 26.91 -30.98
C GLY J 69 35.38 26.06 -30.73
N GLU J 70 35.56 24.73 -30.72
CA GLU J 70 34.47 23.80 -30.49
C GLU J 70 34.29 23.47 -29.01
N PHE J 71 35.03 24.14 -28.13
CA PHE J 71 34.96 23.83 -26.71
C PHE J 71 33.54 23.97 -26.20
N GLY J 72 33.12 23.00 -25.38
CA GLY J 72 31.79 22.99 -24.80
C GLY J 72 31.86 23.13 -23.29
N GLY J 73 30.81 23.72 -22.71
CA GLY J 73 30.75 23.92 -21.29
C GLY J 73 29.50 23.32 -20.70
N LEU J 74 29.56 23.03 -19.40
CA LEU J 74 28.43 22.41 -18.72
C LEU J 74 27.21 23.31 -18.74
N GLY J 75 27.40 24.62 -18.49
CA GLY J 75 26.33 25.59 -18.52
C GLY J 75 25.99 26.20 -17.18
N ILE J 76 26.36 25.54 -16.08
CA ILE J 76 26.09 26.08 -14.76
C ILE J 76 26.98 27.30 -14.51
N GLU J 77 26.41 28.33 -13.91
CA GLU J 77 27.16 29.52 -13.53
C GLU J 77 27.15 29.62 -12.01
N VAL J 78 28.35 29.66 -11.42
CA VAL J 78 28.52 29.57 -9.98
C VAL J 78 29.12 30.87 -9.46
N GLY J 79 29.01 31.05 -8.15
CA GLY J 79 29.57 32.19 -7.47
C GLY J 79 29.90 31.86 -6.03
N SER J 80 31.13 32.12 -5.61
CA SER J 80 31.58 31.70 -4.30
C SER J 80 30.71 32.32 -3.20
N GLU J 81 30.39 31.50 -2.20
CA GLU J 81 29.61 31.94 -1.05
C GLU J 81 30.23 31.36 0.21
N ASP J 82 30.51 32.24 1.19
CA ASP J 82 31.10 31.86 2.46
C ASP J 82 32.20 30.84 2.30
N GLY J 83 33.04 31.00 1.28
CA GLY J 83 34.13 30.07 1.06
C GLY J 83 33.71 28.74 0.48
N PHE J 84 32.46 28.60 0.06
CA PHE J 84 31.95 27.35 -0.48
C PHE J 84 31.22 27.64 -1.79
N ILE J 85 31.57 26.91 -2.84
CA ILE J 85 31.03 27.20 -4.16
C ILE J 85 29.51 27.06 -4.14
N LYS J 86 28.84 27.97 -4.85
CA LYS J 86 27.39 28.00 -4.93
C LYS J 86 26.96 28.15 -6.38
N VAL J 87 25.93 27.40 -6.78
CA VAL J 87 25.42 27.43 -8.14
C VAL J 87 24.47 28.61 -8.26
N VAL J 88 24.94 29.71 -8.85
CA VAL J 88 24.09 30.89 -9.00
C VAL J 88 22.91 30.58 -9.91
N SER J 89 23.17 29.94 -11.04
CA SER J 89 22.08 29.71 -11.97
C SER J 89 22.42 28.65 -13.02
N PRO J 90 21.51 27.71 -13.27
CA PRO J 90 21.65 26.82 -14.43
C PRO J 90 21.06 27.47 -15.67
N ILE J 91 21.93 27.78 -16.64
CA ILE J 91 21.45 28.38 -17.87
C ILE J 91 20.50 27.42 -18.56
N ASP J 92 19.41 27.96 -19.09
CA ASP J 92 18.38 27.12 -19.70
C ASP J 92 18.90 26.45 -20.96
N ASP J 93 18.35 25.27 -21.24
CA ASP J 93 18.67 24.52 -22.46
C ASP J 93 20.13 24.07 -22.48
N THR J 94 20.55 23.43 -21.39
CA THR J 94 21.88 22.88 -21.26
C THR J 94 21.77 21.55 -20.54
N PRO J 95 22.74 20.65 -20.73
CA PRO J 95 22.63 19.33 -20.07
C PRO J 95 22.46 19.42 -18.56
N ALA J 96 23.13 20.38 -17.92
CA ALA J 96 22.96 20.53 -16.47
C ALA J 96 21.53 20.92 -16.13
N ALA J 97 20.89 21.75 -16.96
CA ALA J 97 19.53 22.15 -16.71
C ALA J 97 18.59 20.94 -16.73
N ARG J 98 18.81 20.02 -17.67
CA ARG J 98 17.97 18.83 -17.74
C ARG J 98 18.00 18.07 -16.42
N ALA J 99 19.15 18.01 -15.78
CA ALA J 99 19.26 17.37 -14.48
C ALA J 99 18.54 18.22 -13.43
N GLY J 100 18.58 17.76 -12.18
CA GLY J 100 17.88 18.44 -11.11
C GLY J 100 18.69 19.57 -10.49
N ILE J 101 19.53 20.23 -11.28
CA ILE J 101 20.32 21.35 -10.80
C ILE J 101 19.43 22.58 -10.74
N GLN J 102 19.33 23.19 -9.56
CA GLN J 102 18.49 24.34 -9.32
C GLN J 102 19.29 25.44 -8.65
N PRO J 103 18.85 26.69 -8.76
CA PRO J 103 19.53 27.77 -8.04
C PRO J 103 19.52 27.52 -6.55
N GLY J 104 20.62 27.89 -5.89
CA GLY J 104 20.82 27.58 -4.50
C GLY J 104 21.52 26.28 -4.23
N ASP J 105 21.71 25.45 -5.26
CA ASP J 105 22.45 24.20 -5.09
C ASP J 105 23.90 24.49 -4.76
N LEU J 106 24.44 23.75 -3.80
CA LEU J 106 25.82 23.90 -3.36
C LEU J 106 26.65 22.75 -3.91
N ILE J 107 27.76 23.08 -4.55
CA ILE J 107 28.64 22.07 -5.13
C ILE J 107 29.72 21.74 -4.11
N VAL J 108 29.79 20.46 -3.71
CA VAL J 108 30.79 20.01 -2.76
C VAL J 108 32.03 19.49 -3.48
N GLN J 109 31.84 18.58 -4.43
CA GLN J 109 32.93 17.97 -5.17
C GLN J 109 32.62 17.99 -6.65
N ILE J 110 33.65 18.25 -7.46
CA ILE J 110 33.56 18.19 -8.91
C ILE J 110 34.59 17.17 -9.40
N ASP J 111 34.14 16.25 -10.25
CA ASP J 111 35.01 15.18 -10.75
C ASP J 111 35.62 14.39 -9.59
N GLY J 112 34.84 14.20 -8.54
CA GLY J 112 35.32 13.48 -7.38
C GLY J 112 36.41 14.19 -6.62
N LYS J 113 36.54 15.51 -6.79
CA LYS J 113 37.55 16.31 -6.14
C LYS J 113 36.90 17.39 -5.30
N PRO J 114 37.19 17.47 -4.00
CA PRO J 114 36.63 18.57 -3.20
C PRO J 114 37.06 19.92 -3.74
N THR J 115 36.15 20.88 -3.70
CA THR J 115 36.40 22.24 -4.17
C THR J 115 36.27 23.27 -3.07
N LYS J 116 36.20 22.84 -1.80
CA LYS J 116 36.02 23.79 -0.71
C LYS J 116 37.19 24.77 -0.65
N GLY J 117 38.41 24.27 -0.79
CA GLY J 117 39.59 25.11 -0.72
C GLY J 117 40.02 25.77 -2.03
N GLN J 118 39.38 25.41 -3.14
CA GLN J 118 39.78 25.94 -4.44
C GLN J 118 39.13 27.29 -4.71
N SER J 119 39.73 28.02 -5.65
CA SER J 119 39.20 29.32 -6.05
C SER J 119 38.09 29.14 -7.08
N MET J 120 37.24 30.16 -7.16
CA MET J 120 36.09 30.09 -8.06
C MET J 120 36.55 29.95 -9.51
N THR J 121 37.57 30.72 -9.91
CA THR J 121 38.07 30.62 -11.28
C THR J 121 38.62 29.22 -11.56
N GLU J 122 39.40 28.67 -10.61
CA GLU J 122 39.92 27.33 -10.81
C GLU J 122 38.81 26.29 -10.83
N ALA J 123 37.79 26.47 -9.99
CA ALA J 123 36.66 25.55 -10.00
C ALA J 123 35.94 25.58 -11.34
N VAL J 124 35.72 26.78 -11.88
CA VAL J 124 35.07 26.89 -13.19
C VAL J 124 35.92 26.24 -14.26
N ASP J 125 37.24 26.47 -14.23
CA ASP J 125 38.12 25.86 -15.21
C ASP J 125 38.06 24.34 -15.13
N SER J 126 38.05 23.80 -13.90
CA SER J 126 37.94 22.35 -13.74
C SER J 126 36.62 21.85 -14.28
N MET J 127 35.54 22.59 -14.06
CA MET J 127 34.24 22.20 -14.61
C MET J 127 34.29 22.15 -16.14
N ARG J 128 34.95 23.14 -16.75
CA ARG J 128 35.07 23.17 -18.20
C ARG J 128 35.79 21.93 -18.70
N GLY J 129 35.36 21.43 -19.85
CA GLY J 129 35.98 20.26 -20.44
C GLY J 129 35.61 20.12 -21.90
N LYS J 130 36.11 19.05 -22.51
CA LYS J 130 35.84 18.79 -23.91
C LYS J 130 34.36 18.49 -24.12
N ALA J 131 33.86 18.86 -25.30
CA ALA J 131 32.47 18.59 -25.64
C ALA J 131 32.21 17.09 -25.68
N GLY J 132 31.01 16.70 -25.26
CA GLY J 132 30.65 15.29 -25.24
C GLY J 132 31.51 14.47 -24.31
N SER J 133 31.78 14.97 -23.11
CA SER J 133 32.59 14.27 -22.13
C SER J 133 31.83 14.12 -20.82
N PRO J 134 31.87 12.95 -20.18
CA PRO J 134 31.17 12.79 -18.91
C PRO J 134 31.84 13.56 -17.78
N ILE J 135 31.03 13.91 -16.78
CA ILE J 135 31.52 14.61 -15.60
C ILE J 135 30.57 14.30 -14.44
N THR J 136 31.08 14.42 -13.23
CA THR J 136 30.31 14.11 -12.02
C THR J 136 30.40 15.26 -11.04
N LEU J 137 29.29 15.51 -10.33
CA LEU J 137 29.22 16.56 -9.33
C LEU J 137 28.53 16.00 -8.10
N THR J 138 28.82 16.61 -6.94
CA THR J 138 28.12 16.30 -5.70
C THR J 138 27.37 17.55 -5.27
N ILE J 139 26.06 17.41 -5.07
CA ILE J 139 25.16 18.53 -4.84
C ILE J 139 24.52 18.38 -3.46
N VAL J 140 24.37 19.52 -2.78
CA VAL J 140 23.72 19.60 -1.48
C VAL J 140 22.67 20.70 -1.55
N ARG J 141 21.43 20.37 -1.18
CA ARG J 141 20.33 21.31 -1.21
C ARG J 141 19.78 21.49 0.19
N ASP J 142 19.74 22.73 0.67
CA ASP J 142 19.14 23.06 1.96
C ASP J 142 19.69 22.17 3.06
N GLY J 143 21.01 21.95 3.04
CA GLY J 143 21.62 21.09 4.03
C GLY J 143 21.14 19.65 3.96
N GLY J 144 20.84 19.16 2.77
CA GLY J 144 20.40 17.79 2.59
C GLY J 144 21.56 16.83 2.53
N ARG J 145 21.25 15.59 2.18
CA ARG J 145 22.29 14.58 2.02
C ARG J 145 22.99 14.79 0.68
N PRO J 146 24.30 15.01 0.66
CA PRO J 146 24.99 15.22 -0.62
C PRO J 146 24.75 14.04 -1.54
N PHE J 147 24.37 14.34 -2.79
CA PHE J 147 24.07 13.30 -3.76
C PHE J 147 24.85 13.56 -5.04
N ASP J 148 25.24 12.48 -5.71
CA ASP J 148 26.04 12.56 -6.92
C ASP J 148 25.14 12.63 -8.14
N VAL J 149 25.55 13.45 -9.11
CA VAL J 149 24.84 13.60 -10.38
C VAL J 149 25.88 13.57 -11.48
N GLU J 150 25.61 12.80 -12.53
CA GLU J 150 26.51 12.69 -13.67
C GLU J 150 25.89 13.41 -14.87
N LEU J 151 26.68 14.25 -15.52
CA LEU J 151 26.25 15.01 -16.68
C LEU J 151 27.19 14.74 -17.85
N LYS J 152 26.72 15.12 -19.04
CA LYS J 152 27.49 14.98 -20.27
C LYS J 152 27.79 16.37 -20.81
N ARG J 153 29.07 16.68 -20.96
CA ARG J 153 29.46 17.98 -21.49
C ARG J 153 29.00 18.12 -22.93
N ALA J 154 28.62 19.35 -23.30
CA ALA J 154 28.17 19.62 -24.66
C ALA J 154 28.36 21.10 -24.94
N ILE J 155 28.53 21.42 -26.23
CA ILE J 155 28.61 22.81 -26.64
C ILE J 155 27.27 23.48 -26.37
N ILE J 156 27.32 24.64 -25.73
CA ILE J 156 26.12 25.33 -25.26
C ILE J 156 25.75 26.41 -26.28
N LYS J 157 24.52 26.33 -26.77
CA LYS J 157 23.94 27.37 -27.62
C LYS J 157 22.82 28.05 -26.85
N VAL J 158 22.94 29.37 -26.69
CA VAL J 158 22.01 30.09 -25.84
C VAL J 158 20.61 30.12 -26.46
N LYS J 159 20.53 30.28 -27.78
CA LYS J 159 19.30 30.51 -28.52
C LYS J 159 18.78 31.94 -28.33
N SER J 160 19.51 32.79 -27.60
CA SER J 160 19.14 34.19 -27.37
C SER J 160 17.80 34.21 -26.65
N VAL J 161 16.76 34.84 -27.20
CA VAL J 161 15.50 35.04 -26.48
C VAL J 161 14.42 34.17 -27.13
N LYS J 162 13.39 33.87 -26.34
CA LYS J 162 12.28 33.04 -26.75
C LYS J 162 10.99 33.85 -26.64
N SER J 163 10.16 33.78 -27.67
CA SER J 163 8.93 34.56 -27.74
C SER J 163 7.77 33.68 -28.16
N GLN J 164 6.58 34.04 -27.66
CA GLN J 164 5.35 33.35 -28.03
C GLN J 164 4.18 34.26 -27.67
N VAL J 165 3.01 33.94 -28.21
CA VAL J 165 1.79 34.69 -27.98
C VAL J 165 0.90 33.88 -27.05
N LEU J 166 0.53 34.49 -25.92
CA LEU J 166 -0.30 33.82 -24.92
C LEU J 166 -1.78 34.11 -25.12
N GLU J 167 -2.13 35.37 -25.30
CA GLU J 167 -3.51 35.79 -25.48
C GLU J 167 -3.54 36.87 -26.56
N PRO J 168 -4.72 37.14 -27.15
CA PRO J 168 -4.80 38.05 -28.30
C PRO J 168 -3.98 39.32 -28.14
N GLY J 169 -3.80 39.79 -26.90
CA GLY J 169 -3.03 41.00 -26.67
C GLY J 169 -2.02 40.86 -25.55
N TYR J 170 -1.79 39.65 -25.07
CA TYR J 170 -0.86 39.39 -23.98
C TYR J 170 0.24 38.47 -24.49
N ALA J 171 1.47 38.99 -24.48
CA ALA J 171 2.63 38.27 -24.99
C ALA J 171 3.61 37.97 -23.86
N TYR J 172 4.48 36.99 -24.11
CA TYR J 172 5.41 36.49 -23.09
C TYR J 172 6.76 36.29 -23.74
N LEU J 173 7.75 37.06 -23.29
CA LEU J 173 9.10 37.02 -23.85
C LEU J 173 10.08 36.70 -22.74
N ARG J 174 10.83 35.62 -22.90
CA ARG J 174 11.78 35.16 -21.89
C ARG J 174 13.21 35.39 -22.37
N ILE J 175 14.07 35.81 -21.44
CA ILE J 175 15.48 36.08 -21.74
C ILE J 175 16.29 34.98 -21.08
N THR J 176 16.72 34.00 -21.86
CA THR J 176 17.50 32.89 -21.31
C THR J 176 18.84 33.39 -20.78
N GLN J 177 19.57 34.15 -21.59
CA GLN J 177 20.89 34.62 -21.20
C GLN J 177 21.24 35.85 -22.03
N PHE J 178 22.09 36.71 -21.46
CA PHE J 178 22.45 37.98 -22.09
C PHE J 178 23.80 37.84 -22.78
N GLN J 179 23.77 37.42 -24.04
CA GLN J 179 24.99 37.42 -24.85
C GLN J 179 25.07 38.73 -25.63
N VAL J 180 25.98 38.79 -26.59
CA VAL J 180 26.20 40.05 -27.31
C VAL J 180 25.01 40.40 -28.19
N ASN J 181 24.48 39.42 -28.93
CA ASN J 181 23.49 39.73 -29.95
C ASN J 181 22.15 40.14 -29.35
N THR J 182 21.77 39.52 -28.23
CA THR J 182 20.42 39.70 -27.71
C THR J 182 20.06 41.17 -27.57
N GLY J 183 21.04 42.01 -27.23
CA GLY J 183 20.78 43.42 -27.02
C GLY J 183 19.90 44.03 -28.10
N GLU J 184 19.97 43.50 -29.32
CA GLU J 184 19.10 43.95 -30.40
C GLU J 184 18.04 42.94 -30.79
N GLU J 185 18.33 41.64 -30.66
CA GLU J 185 17.38 40.63 -31.11
C GLU J 185 16.00 40.85 -30.49
N VAL J 186 15.97 41.17 -29.20
CA VAL J 186 14.70 41.39 -28.51
C VAL J 186 13.83 42.34 -29.33
N VAL J 187 14.38 43.48 -29.74
CA VAL J 187 13.59 44.45 -30.48
C VAL J 187 12.99 43.78 -31.72
N LYS J 188 13.82 43.08 -32.49
CA LYS J 188 13.30 42.35 -33.63
C LYS J 188 12.17 41.43 -33.20
N ALA J 189 12.42 40.60 -32.19
CA ALA J 189 11.36 39.74 -31.68
C ALA J 189 10.13 40.56 -31.33
N LEU J 190 10.33 41.65 -30.58
CA LEU J 190 9.21 42.49 -30.21
C LEU J 190 8.44 42.94 -31.44
N ASN J 191 9.16 43.37 -32.48
CA ASN J 191 8.49 43.80 -33.70
C ASN J 191 7.53 42.73 -34.18
N GLN J 192 8.00 41.48 -34.25
CA GLN J 192 7.14 40.40 -34.70
C GLN J 192 5.85 40.36 -33.89
N LEU J 193 5.97 40.42 -32.56
CA LEU J 193 4.77 40.43 -31.73
C LEU J 193 3.91 41.64 -32.07
N ARG J 194 4.54 42.82 -32.17
CA ARG J 194 3.78 44.01 -32.53
C ARG J 194 3.11 43.84 -33.89
N LYS J 195 3.71 43.05 -34.77
CA LYS J 195 3.10 42.80 -36.07
C LYS J 195 1.93 41.83 -35.97
N ASP J 196 1.98 40.88 -35.04
CA ASP J 196 0.98 39.82 -34.96
C ASP J 196 -0.15 40.15 -33.99
N ASN J 197 -0.17 41.37 -33.45
CA ASN J 197 -1.24 41.80 -32.54
C ASN J 197 -1.77 43.17 -32.92
N LYS J 198 -1.77 43.48 -34.22
CA LYS J 198 -2.31 44.72 -34.73
C LYS J 198 -1.61 45.94 -34.14
N GLY J 199 -0.33 45.80 -33.82
CA GLY J 199 0.47 46.93 -33.37
C GLY J 199 0.34 47.26 -31.90
N ARG J 200 -0.62 46.68 -31.19
CA ARG J 200 -0.83 46.97 -29.78
C ARG J 200 -0.88 45.68 -29.00
N LEU J 201 -0.26 45.68 -27.83
CA LEU J 201 -0.25 44.54 -26.91
C LEU J 201 -0.92 44.95 -25.62
N LYS J 202 -1.85 44.11 -25.14
CA LYS J 202 -2.48 44.38 -23.86
C LYS J 202 -1.46 44.37 -22.73
N GLY J 203 -0.52 43.44 -22.79
CA GLY J 203 0.53 43.35 -21.79
C GLY J 203 1.62 42.38 -22.15
N LEU J 204 2.88 42.74 -21.88
CA LEU J 204 4.02 41.89 -22.16
C LEU J 204 4.61 41.43 -20.83
N VAL J 205 4.88 40.13 -20.73
CA VAL J 205 5.46 39.54 -19.54
C VAL J 205 6.91 39.19 -19.88
N LEU J 206 7.84 39.88 -19.25
CA LEU J 206 9.26 39.64 -19.44
C LEU J 206 9.72 38.61 -18.41
N ASP J 207 10.29 37.51 -18.89
CA ASP J 207 10.69 36.38 -18.05
C ASP J 207 12.20 36.44 -17.89
N LEU J 208 12.64 37.13 -16.83
CA LEU J 208 14.03 37.07 -16.38
C LEU J 208 14.12 36.11 -15.20
N ARG J 209 14.00 34.83 -15.52
CA ARG J 209 13.99 33.77 -14.51
C ARG J 209 15.10 32.78 -14.83
N ASN J 210 15.88 32.43 -13.81
CA ASN J 210 17.02 31.54 -13.98
C ASN J 210 17.94 32.05 -15.08
N ASN J 211 18.19 33.36 -15.07
CA ASN J 211 19.00 34.01 -16.08
C ASN J 211 20.32 34.46 -15.46
N PRO J 212 21.44 33.80 -15.73
CA PRO J 212 22.70 34.24 -15.11
C PRO J 212 23.04 35.68 -15.43
N GLY J 213 23.18 35.98 -16.72
CA GLY J 213 23.53 37.30 -17.19
C GLY J 213 24.70 37.24 -18.14
N GLY J 214 25.27 38.41 -18.42
CA GLY J 214 26.40 38.49 -19.32
C GLY J 214 26.82 39.91 -19.60
N VAL J 215 27.08 40.23 -20.87
CA VAL J 215 27.52 41.57 -21.24
C VAL J 215 26.48 42.58 -20.80
N LEU J 216 26.94 43.63 -20.11
CA LEU J 216 26.02 44.63 -19.60
C LEU J 216 25.41 45.46 -20.73
N GLN J 217 26.10 45.57 -21.87
CA GLN J 217 25.60 46.43 -22.95
C GLN J 217 24.28 45.90 -23.50
N SER J 218 24.18 44.58 -23.67
CA SER J 218 22.91 44.00 -24.09
C SER J 218 21.83 44.29 -23.07
N ALA J 219 22.17 44.23 -21.78
CA ALA J 219 21.22 44.56 -20.75
C ALA J 219 20.73 46.00 -20.90
N VAL J 220 21.64 46.92 -21.17
CA VAL J 220 21.26 48.32 -21.34
C VAL J 220 20.33 48.48 -22.53
N GLU J 221 20.66 47.81 -23.65
CA GLU J 221 19.81 47.94 -24.83
C GLU J 221 18.42 47.37 -24.57
N VAL J 222 18.35 46.23 -23.87
CA VAL J 222 17.05 45.66 -23.55
C VAL J 222 16.26 46.60 -22.65
N ALA J 223 16.92 47.17 -21.65
CA ALA J 223 16.23 48.10 -20.76
C ALA J 223 15.71 49.30 -21.53
N ASP J 224 16.50 49.78 -22.50
CA ASP J 224 16.04 50.91 -23.32
C ASP J 224 14.87 50.51 -24.19
N ALA J 225 14.81 49.26 -24.63
CA ALA J 225 13.70 48.82 -25.47
C ALA J 225 12.35 49.06 -24.81
N PHE J 226 12.29 49.09 -23.49
CA PHE J 226 11.05 49.37 -22.77
C PHE J 226 11.08 50.69 -22.02
N LEU J 227 12.23 51.35 -21.89
CA LEU J 227 12.35 52.61 -21.19
C LEU J 227 12.74 53.70 -22.19
N THR J 228 12.04 54.83 -22.14
CA THR J 228 12.29 55.92 -23.08
C THR J 228 13.32 56.92 -22.54
N LYS J 229 13.03 57.53 -21.40
CA LYS J 229 13.87 58.56 -20.83
C LYS J 229 14.36 58.14 -19.44
N GLY J 230 15.56 58.54 -19.12
CA GLY J 230 16.16 58.26 -17.83
C GLY J 230 17.44 57.44 -17.95
N LEU J 231 18.13 57.33 -16.83
CA LEU J 231 19.38 56.60 -16.74
C LEU J 231 19.10 55.17 -16.29
N ILE J 232 19.61 54.20 -17.05
CA ILE J 232 19.36 52.80 -16.73
C ILE J 232 20.15 52.40 -15.50
N VAL J 233 21.48 52.49 -15.58
CA VAL J 233 22.36 51.99 -14.53
C VAL J 233 23.63 52.82 -14.53
N TYR J 234 24.14 53.12 -13.34
CA TYR J 234 25.37 53.85 -13.18
C TYR J 234 26.26 53.15 -12.16
N THR J 235 27.55 53.07 -12.46
CA THR J 235 28.50 52.37 -11.61
C THR J 235 29.16 53.34 -10.64
N LYS J 236 29.65 52.80 -9.52
CA LYS J 236 30.27 53.57 -8.45
C LYS J 236 31.56 52.88 -8.03
N GLY J 237 32.66 53.23 -8.68
CA GLY J 237 33.96 52.66 -8.37
C GLY J 237 34.92 53.75 -7.89
N ARG J 238 35.81 53.36 -6.98
CA ARG J 238 36.69 54.35 -6.36
C ARG J 238 37.59 55.01 -7.40
N ILE J 239 38.18 54.21 -8.30
CA ILE J 239 39.04 54.78 -9.33
C ILE J 239 38.22 55.61 -10.29
N ALA J 240 38.86 56.63 -10.88
CA ALA J 240 38.13 57.58 -11.71
C ALA J 240 37.73 56.98 -13.06
N ASN J 241 38.47 55.98 -13.55
CA ASN J 241 38.18 55.44 -14.88
C ASN J 241 36.94 54.55 -14.89
N SER J 242 36.64 53.88 -13.78
CA SER J 242 35.56 52.90 -13.77
C SER J 242 34.18 53.54 -13.82
N GLU J 243 34.07 54.85 -13.65
CA GLU J 243 32.76 55.49 -13.64
C GLU J 243 32.08 55.32 -14.99
N LEU J 244 31.01 54.53 -15.02
CA LEU J 244 30.22 54.32 -16.23
C LEU J 244 28.81 54.84 -16.00
N ARG J 245 28.31 55.64 -16.94
CA ARG J 245 26.97 56.17 -16.90
C ARG J 245 26.23 55.74 -18.17
N PHE J 246 24.93 55.45 -18.02
CA PHE J 246 24.13 54.99 -19.14
C PHE J 246 22.78 55.68 -19.13
N SER J 247 22.29 56.02 -20.33
CA SER J 247 21.00 56.65 -20.50
C SER J 247 20.26 55.97 -21.63
N ALA J 248 18.93 56.01 -21.57
CA ALA J 248 18.08 55.32 -22.53
C ALA J 248 17.52 56.32 -23.53
N ASP J 249 17.63 55.98 -24.82
CA ASP J 249 17.07 56.82 -25.86
C ASP J 249 15.55 56.84 -25.75
N PRO J 250 14.90 57.97 -26.05
CA PRO J 250 13.43 58.00 -25.98
C PRO J 250 12.77 56.97 -26.89
N ALA J 251 13.38 56.62 -28.01
CA ALA J 251 12.78 55.67 -28.92
C ALA J 251 12.54 54.34 -28.23
N ASP J 252 11.37 53.74 -28.50
CA ASP J 252 11.03 52.44 -27.93
C ASP J 252 10.01 51.74 -28.83
N PRO J 253 10.37 50.61 -29.46
CA PRO J 253 9.37 49.86 -30.24
C PRO J 253 8.31 49.20 -29.38
N SER J 254 8.47 49.17 -28.06
CA SER J 254 7.47 48.55 -27.19
C SER J 254 6.16 49.30 -27.20
N ASP J 255 6.20 50.62 -27.31
CA ASP J 255 5.00 51.46 -27.36
C ASP J 255 4.23 51.40 -26.04
N LYS J 256 4.96 51.53 -24.94
CA LYS J 256 4.36 51.69 -23.62
C LYS J 256 3.43 50.53 -23.26
N VAL J 257 3.77 49.34 -23.74
CA VAL J 257 3.00 48.15 -23.35
C VAL J 257 3.22 47.90 -21.86
N PRO J 258 2.17 47.69 -21.06
CA PRO J 258 2.38 47.39 -19.64
C PRO J 258 3.25 46.15 -19.48
N LEU J 259 4.12 46.20 -18.47
CA LEU J 259 5.11 45.14 -18.25
C LEU J 259 4.98 44.61 -16.84
N VAL J 260 5.06 43.29 -16.71
CA VAL J 260 5.24 42.62 -15.43
C VAL J 260 6.38 41.64 -15.62
N VAL J 261 7.47 41.86 -14.87
CA VAL J 261 8.72 41.13 -15.07
C VAL J 261 8.87 40.14 -13.92
N LEU J 262 9.23 38.91 -14.25
CA LEU J 262 9.38 37.84 -13.29
C LEU J 262 10.84 37.69 -12.87
N ILE J 263 11.06 37.48 -11.58
CA ILE J 263 12.39 37.28 -11.02
C ILE J 263 12.36 35.99 -10.23
N ASN J 264 13.06 34.96 -10.71
CA ASN J 264 13.03 33.65 -10.10
C ASN J 264 14.01 33.50 -8.94
N GLY J 265 14.85 34.50 -8.69
CA GLY J 265 15.92 34.36 -7.71
C GLY J 265 17.18 33.75 -8.28
N GLY J 266 17.16 33.32 -9.54
CA GLY J 266 18.35 32.86 -10.22
C GLY J 266 18.86 33.89 -11.20
N SER J 267 18.44 35.13 -11.05
CA SER J 267 18.88 36.23 -11.88
C SER J 267 20.04 36.92 -11.18
N ALA J 268 21.22 36.88 -11.79
CA ALA J 268 22.44 37.30 -11.10
C ALA J 268 22.93 38.69 -11.51
N ALA J 269 23.31 38.88 -12.78
CA ALA J 269 24.10 40.04 -13.16
C ALA J 269 23.38 40.98 -14.12
N ALA J 270 22.97 40.50 -15.29
CA ALA J 270 22.30 41.35 -16.27
C ALA J 270 20.80 41.38 -16.06
N ALA J 271 20.20 40.23 -15.81
CA ALA J 271 18.78 40.19 -15.53
C ALA J 271 18.44 41.03 -14.30
N GLU J 272 19.28 40.94 -13.26
CA GLU J 272 19.03 41.70 -12.05
C GLU J 272 19.00 43.19 -12.34
N ILE J 273 19.98 43.67 -13.10
CA ILE J 273 20.07 45.11 -13.36
C ILE J 273 18.94 45.55 -14.29
N VAL J 274 18.57 44.72 -15.26
CA VAL J 274 17.46 45.08 -16.14
C VAL J 274 16.18 45.21 -15.32
N ALA J 275 15.91 44.25 -14.44
CA ALA J 275 14.72 44.32 -13.61
C ALA J 275 14.78 45.52 -12.69
N GLY J 276 15.94 45.81 -12.11
CA GLY J 276 16.06 46.96 -11.23
C GLY J 276 15.80 48.26 -11.96
N ALA J 277 16.36 48.42 -13.15
CA ALA J 277 16.15 49.63 -13.92
C ALA J 277 14.68 49.78 -14.31
N LEU J 278 14.04 48.69 -14.73
CA LEU J 278 12.63 48.77 -15.12
C LEU J 278 11.76 49.14 -13.92
N GLN J 279 12.05 48.56 -12.75
CA GLN J 279 11.23 48.84 -11.59
C GLN J 279 11.47 50.25 -11.06
N ASP J 280 12.72 50.73 -11.14
CA ASP J 280 13.06 52.00 -10.52
C ASP J 280 12.28 53.16 -11.13
N GLN J 281 12.16 53.17 -12.46
CA GLN J 281 11.48 54.26 -13.15
C GLN J 281 9.96 54.08 -13.19
N LYS J 282 9.41 53.21 -12.34
CA LYS J 282 7.97 52.94 -12.33
C LYS J 282 7.46 52.51 -13.69
N ARG J 283 8.34 51.99 -14.54
CA ARG J 283 7.95 51.56 -15.88
C ARG J 283 7.19 50.25 -15.86
N ALA J 284 7.34 49.44 -14.81
CA ALA J 284 6.71 48.13 -14.74
C ALA J 284 6.64 47.73 -13.27
N ILE J 285 6.34 46.46 -13.02
CA ILE J 285 6.35 45.90 -11.67
C ILE J 285 7.06 44.56 -11.72
N LEU J 286 7.57 44.13 -10.56
CA LEU J 286 8.26 42.87 -10.40
C LEU J 286 7.49 42.02 -9.40
N MET J 287 7.15 40.79 -9.80
CA MET J 287 6.34 39.92 -8.97
C MET J 287 6.87 38.50 -8.90
N GLY J 288 8.19 38.32 -8.97
CA GLY J 288 8.81 37.03 -8.74
C GLY J 288 9.25 36.87 -7.30
N THR J 289 10.35 36.14 -7.12
CA THR J 289 10.97 35.98 -5.82
C THR J 289 12.14 36.96 -5.68
N ASP J 290 12.70 37.01 -4.47
CA ASP J 290 13.85 37.88 -4.24
C ASP J 290 15.01 37.45 -5.12
N SER J 291 15.77 38.44 -5.60
CA SER J 291 16.82 38.17 -6.57
C SER J 291 18.07 37.65 -5.86
N PHE J 292 19.18 37.58 -6.57
CA PHE J 292 20.41 36.97 -6.07
C PHE J 292 21.29 38.00 -5.36
N GLY J 293 21.72 39.04 -6.09
CA GLY J 293 22.55 40.06 -5.51
C GLY J 293 24.00 40.02 -5.99
N LYS J 294 24.20 39.54 -7.22
CA LYS J 294 25.53 39.48 -7.82
C LYS J 294 25.65 40.64 -8.80
N GLY J 295 26.26 41.73 -8.33
CA GLY J 295 26.33 42.95 -9.12
C GLY J 295 27.74 43.43 -9.38
N SER J 296 28.72 42.96 -8.61
CA SER J 296 30.08 43.45 -8.76
C SER J 296 30.58 43.21 -10.18
N VAL J 297 31.28 44.21 -10.72
CA VAL J 297 31.88 44.13 -12.04
C VAL J 297 33.37 43.96 -11.87
N GLN J 298 33.92 42.87 -12.40
CA GLN J 298 35.32 42.53 -12.23
C GLN J 298 36.09 42.92 -13.48
N THR J 299 37.19 43.64 -13.29
CA THR J 299 38.05 44.09 -14.36
C THR J 299 39.41 43.43 -14.24
N VAL J 300 40.06 43.25 -15.39
CA VAL J 300 41.42 42.73 -15.47
C VAL J 300 42.37 43.92 -15.52
N LEU J 301 43.26 44.00 -14.55
CA LEU J 301 44.22 45.08 -14.46
C LEU J 301 45.61 44.56 -14.81
N PRO J 302 46.24 45.04 -15.88
CA PRO J 302 47.59 44.55 -16.20
C PRO J 302 48.60 44.92 -15.13
N LEU J 303 49.62 44.09 -15.01
CA LEU J 303 50.70 44.28 -14.06
C LEU J 303 51.98 44.62 -14.81
N ASN J 304 53.05 44.90 -14.05
CA ASN J 304 54.33 45.22 -14.67
C ASN J 304 54.76 44.12 -15.64
N ASN J 305 54.67 42.87 -15.21
CA ASN J 305 54.93 41.74 -16.08
C ASN J 305 53.63 41.36 -16.81
N ASP J 306 53.71 40.32 -17.64
CA ASP J 306 52.54 39.88 -18.38
C ASP J 306 51.38 39.49 -17.45
N ARG J 307 51.68 39.09 -16.22
CA ARG J 307 50.63 38.75 -15.27
C ARG J 307 49.72 39.95 -15.04
N ALA J 308 48.59 39.68 -14.38
CA ALA J 308 47.59 40.71 -14.15
C ALA J 308 46.69 40.28 -13.00
N LEU J 309 45.89 41.23 -12.53
CA LEU J 309 44.89 40.98 -11.50
C LEU J 309 43.51 40.93 -12.11
N LYS J 310 42.57 40.31 -11.40
CA LYS J 310 41.15 40.33 -11.75
C LYS J 310 40.42 40.71 -10.48
N LEU J 311 39.95 41.95 -10.41
CA LEU J 311 39.45 42.53 -9.17
C LEU J 311 38.11 43.21 -9.39
N THR J 312 37.28 43.20 -8.36
CA THR J 312 35.96 43.82 -8.45
C THR J 312 36.08 45.33 -8.43
N THR J 313 36.16 45.94 -9.62
CA THR J 313 36.41 47.37 -9.68
C THR J 313 35.23 48.19 -9.18
N ALA J 314 34.00 47.76 -9.50
CA ALA J 314 32.83 48.54 -9.16
C ALA J 314 31.64 47.61 -8.89
N LEU J 315 30.65 48.16 -8.19
CA LEU J 315 29.39 47.46 -7.95
C LEU J 315 28.26 48.32 -8.49
N TYR J 316 27.37 47.71 -9.26
CA TYR J 316 26.38 48.46 -10.02
C TYR J 316 25.46 49.23 -9.08
N TYR J 317 24.57 50.01 -9.68
CA TYR J 317 23.59 50.78 -8.92
C TYR J 317 22.38 51.03 -9.80
N THR J 318 21.19 50.73 -9.28
CA THR J 318 19.97 51.14 -9.94
C THR J 318 19.77 52.64 -9.77
N PRO J 319 18.95 53.27 -10.61
CA PRO J 319 18.83 54.74 -10.55
C PRO J 319 18.42 55.25 -9.19
N ASN J 320 17.81 54.42 -8.35
CA ASN J 320 17.51 54.80 -6.98
C ASN J 320 18.79 54.71 -6.16
N GLY J 321 18.68 54.93 -4.84
CA GLY J 321 19.84 54.84 -3.98
C GLY J 321 20.25 53.44 -3.59
N ARG J 322 19.38 52.45 -3.79
CA ARG J 322 19.70 51.10 -3.34
C ARG J 322 20.78 50.49 -4.21
N SER J 323 21.67 49.74 -3.58
CA SER J 323 22.78 49.09 -4.26
C SER J 323 22.37 47.68 -4.64
N ILE J 324 22.43 47.36 -5.93
CA ILE J 324 22.00 46.05 -6.42
C ILE J 324 22.86 44.92 -5.92
N GLN J 325 24.00 45.21 -5.30
CA GLN J 325 24.95 44.17 -4.91
C GLN J 325 24.53 43.50 -3.61
N ALA J 326 24.48 44.27 -2.52
CA ALA J 326 24.22 43.68 -1.21
C ALA J 326 22.73 43.44 -0.99
N GLN J 327 21.93 44.49 -1.16
CA GLN J 327 20.49 44.36 -0.95
C GLN J 327 19.86 43.41 -1.95
N GLY J 328 20.32 43.45 -3.20
CA GLY J 328 19.68 42.71 -4.25
C GLY J 328 18.41 43.39 -4.72
N ILE J 329 17.64 42.67 -5.52
CA ILE J 329 16.37 43.14 -6.04
C ILE J 329 15.26 42.41 -5.31
N VAL J 330 14.38 43.15 -4.68
CA VAL J 330 13.25 42.61 -3.93
C VAL J 330 11.98 42.91 -4.72
N PRO J 331 11.23 41.90 -5.16
CA PRO J 331 10.03 42.18 -5.95
C PRO J 331 8.95 42.86 -5.13
N ASP J 332 8.11 43.63 -5.82
CA ASP J 332 7.00 44.29 -5.15
C ASP J 332 5.96 43.28 -4.66
N ILE J 333 5.84 42.14 -5.36
CA ILE J 333 4.91 41.08 -4.99
C ILE J 333 5.69 39.76 -4.99
N GLU J 334 5.39 38.90 -4.02
CA GLU J 334 6.08 37.63 -3.87
C GLU J 334 5.10 36.50 -4.13
N VAL J 335 5.45 35.62 -5.07
CA VAL J 335 4.66 34.43 -5.37
C VAL J 335 5.64 33.31 -5.70
N GLY J 336 5.73 32.33 -4.81
CA GLY J 336 6.72 31.28 -4.96
C GLY J 336 6.43 30.37 -6.14
N ARG J 337 7.49 29.72 -6.60
CA ARG J 337 7.36 28.79 -7.71
C ARG J 337 6.39 27.67 -7.35
N ALA J 338 5.59 27.25 -8.32
CA ALA J 338 4.63 26.19 -8.12
C ALA J 338 4.04 25.80 -9.47
N LYS J 339 3.44 24.62 -9.52
CA LYS J 339 2.78 24.12 -10.72
C LYS J 339 1.29 23.95 -10.44
N VAL J 340 0.47 24.37 -11.39
CA VAL J 340 -0.98 24.27 -11.28
C VAL J 340 -1.43 23.15 -12.18
N THR J 341 -2.06 22.13 -11.60
CA THR J 341 -2.54 20.96 -12.34
C THR J 341 -4.00 21.17 -12.67
N GLN J 342 -4.27 21.53 -13.93
CA GLN J 342 -5.65 21.71 -14.37
C GLN J 342 -6.42 20.40 -14.27
N GLU J 343 -7.66 20.50 -13.80
CA GLU J 343 -8.51 19.34 -13.58
C GLU J 343 -9.73 19.40 -14.49
N ARG J 344 -10.23 18.23 -14.87
CA ARG J 344 -11.39 18.10 -15.72
C ARG J 344 -12.59 17.62 -14.90
N SER J 345 -13.79 17.94 -15.40
CA SER J 345 -15.03 17.55 -14.77
C SER J 345 -15.73 16.55 -15.68
N SER J 346 -16.07 15.38 -15.13
CA SER J 346 -16.71 14.34 -15.93
C SER J 346 -18.07 14.81 -16.44
N PHE J 347 -18.85 15.47 -15.59
CA PHE J 347 -20.16 15.99 -15.94
C PHE J 347 -20.12 17.52 -15.94
N GLU J 348 -20.50 18.11 -17.06
CA GLU J 348 -20.48 19.56 -17.23
C GLU J 348 -21.90 20.09 -17.28
N GLY J 349 -22.16 21.15 -16.53
CA GLY J 349 -23.48 21.75 -16.51
C GLY J 349 -23.93 22.21 -17.88
N PHE J 350 -25.08 21.72 -18.32
CA PHE J 350 -25.60 22.10 -19.63
C PHE J 350 -25.84 23.60 -19.70
N LYS J 351 -25.40 24.21 -20.79
CA LYS J 351 -25.66 25.62 -21.02
C LYS J 351 -27.04 25.81 -21.62
N GLU J 352 -27.50 27.07 -21.63
CA GLU J 352 -28.85 27.36 -22.10
C GLU J 352 -29.07 26.92 -23.54
N ALA J 353 -27.99 26.77 -24.31
CA ALA J 353 -28.15 26.30 -25.69
C ALA J 353 -28.54 24.83 -25.75
N ASP J 354 -28.28 24.05 -24.69
CA ASP J 354 -28.60 22.63 -24.73
C ASP J 354 -30.09 22.37 -24.60
N LEU J 355 -30.78 23.13 -23.73
CA LEU J 355 -32.19 22.88 -23.50
C LEU J 355 -32.96 22.96 -24.81
N GLN J 356 -33.85 22.00 -25.02
CA GLN J 356 -34.60 21.92 -26.27
C GLN J 356 -35.39 23.21 -26.50
N GLY J 357 -35.36 23.69 -27.73
CA GLY J 357 -36.10 24.90 -28.07
C GLY J 357 -35.63 26.13 -27.34
N HIS J 358 -34.32 26.29 -27.18
CA HIS J 358 -33.78 27.50 -26.56
C HIS J 358 -34.00 28.70 -27.46
N LEU J 359 -34.45 29.81 -26.87
CA LEU J 359 -34.72 31.00 -27.65
C LEU J 359 -33.45 31.53 -28.30
N ALA J 360 -33.61 32.10 -29.49
CA ALA J 360 -32.48 32.70 -30.19
C ALA J 360 -31.99 33.94 -29.46
N ASN J 361 -30.67 34.12 -29.45
CA ASN J 361 -30.09 35.28 -28.79
C ASN J 361 -30.52 36.56 -29.47
N GLY J 362 -30.65 37.62 -28.68
CA GLY J 362 -31.13 38.89 -29.22
C GLY J 362 -30.25 39.42 -30.34
N ASN J 363 -28.93 39.32 -30.16
CA ASN J 363 -28.01 39.81 -31.18
C ASN J 363 -28.01 38.96 -32.44
N GLY J 364 -28.47 37.71 -32.35
CA GLY J 364 -28.52 36.85 -33.51
C GLY J 364 -27.22 36.14 -33.83
N GLY J 365 -26.21 36.26 -32.97
CA GLY J 365 -24.94 35.61 -33.23
C GLY J 365 -24.99 34.11 -33.03
N ALA J 366 -23.88 33.46 -33.37
CA ALA J 366 -23.80 32.02 -33.23
C ALA J 366 -23.87 31.62 -31.77
N ASP J 367 -24.59 30.54 -31.49
CA ASP J 367 -24.76 30.05 -30.13
C ASP J 367 -23.49 29.35 -29.66
N ARG J 368 -23.43 29.10 -28.35
CA ARG J 368 -22.27 28.46 -27.73
C ARG J 368 -22.67 27.10 -27.15
N PRO J 369 -22.43 26.00 -27.86
CA PRO J 369 -22.77 24.68 -27.32
C PRO J 369 -21.74 24.21 -26.30
N THR J 370 -22.07 23.12 -25.63
CA THR J 370 -21.21 22.55 -24.59
C THR J 370 -20.24 21.52 -25.17
N GLY J 371 -19.50 21.91 -26.20
CA GLY J 371 -18.56 21.00 -26.82
C GLY J 371 -17.39 20.69 -25.90
N LYS J 372 -16.86 19.48 -26.06
CA LYS J 372 -15.72 19.06 -25.26
C LYS J 372 -14.47 19.85 -25.65
N ARG J 373 -13.69 20.24 -24.64
CA ARG J 373 -12.49 21.04 -24.84
C ARG J 373 -11.26 20.21 -24.55
N ALA J 374 -10.30 20.21 -25.49
CA ALA J 374 -9.04 19.50 -25.31
C ALA J 374 -7.99 20.25 -26.12
N ALA J 375 -7.20 21.08 -25.44
CA ALA J 375 -6.20 21.88 -26.14
C ALA J 375 -5.15 20.97 -26.76
N PRO J 376 -4.83 21.12 -28.05
CA PRO J 376 -3.79 20.26 -28.64
C PRO J 376 -2.45 20.41 -27.95
N SER J 377 -2.10 21.61 -27.50
CA SER J 377 -0.88 21.87 -26.75
C SER J 377 -1.22 22.73 -25.54
N GLU J 378 -0.67 22.35 -24.39
CA GLU J 378 -0.93 23.11 -23.17
C GLU J 378 -0.26 24.47 -23.25
N ARG J 379 -1.02 25.51 -22.95
CA ARG J 379 -0.45 26.86 -22.94
C ARG J 379 0.54 27.00 -21.77
N PRO J 380 1.62 27.76 -21.94
CA PRO J 380 2.60 27.87 -20.86
C PRO J 380 2.02 28.39 -19.56
N GLN J 381 1.06 29.31 -19.63
CA GLN J 381 0.54 29.92 -18.42
C GLN J 381 0.00 28.89 -17.45
N ASP J 382 -0.63 27.83 -17.97
CA ASP J 382 -1.18 26.80 -17.12
C ASP J 382 -0.12 26.01 -16.38
N SER J 383 1.13 26.05 -16.85
CA SER J 383 2.17 25.21 -16.29
C SER J 383 2.75 25.79 -15.00
N ASP J 384 3.34 26.98 -15.09
CA ASP J 384 4.04 27.58 -13.97
C ASP J 384 3.14 28.59 -13.26
N TYR J 385 3.11 28.51 -11.93
CA TYR J 385 2.21 29.35 -11.15
C TYR J 385 2.52 30.83 -11.34
N GLN J 386 3.81 31.19 -11.34
CA GLN J 386 4.18 32.59 -11.43
C GLN J 386 3.69 33.21 -12.72
N LEU J 387 3.87 32.51 -13.84
CA LEU J 387 3.44 33.06 -15.12
C LEU J 387 1.93 33.26 -15.14
N SER J 388 1.18 32.29 -14.60
CA SER J 388 -0.28 32.44 -14.56
C SER J 388 -0.68 33.63 -13.70
N GLN J 389 -0.04 33.80 -12.54
CA GLN J 389 -0.37 34.93 -11.68
C GLN J 389 -0.10 36.24 -12.40
N ALA J 390 1.06 36.35 -13.06
CA ALA J 390 1.39 37.58 -13.76
C ALA J 390 0.41 37.86 -14.89
N LEU J 391 0.06 36.83 -15.65
CA LEU J 391 -0.86 37.02 -16.76
C LEU J 391 -2.22 37.47 -16.26
N SER J 392 -2.71 36.84 -15.19
CA SER J 392 -4.00 37.26 -14.63
C SER J 392 -3.93 38.68 -14.11
N LEU J 393 -2.82 39.05 -13.46
CA LEU J 393 -2.69 40.42 -12.97
C LEU J 393 -2.71 41.42 -14.11
N LEU J 394 -2.02 41.11 -15.21
CA LEU J 394 -2.06 41.98 -16.36
C LEU J 394 -3.48 42.12 -16.90
N LYS J 395 -4.19 40.99 -17.02
CA LYS J 395 -5.55 41.05 -17.55
C LYS J 395 -6.43 41.92 -16.66
N GLY J 396 -6.35 41.73 -15.35
CA GLY J 396 -7.15 42.51 -14.44
C GLY J 396 -6.82 43.98 -14.50
N LEU J 397 -5.53 44.32 -14.53
CA LEU J 397 -5.13 45.72 -14.57
C LEU J 397 -5.62 46.37 -15.85
N SER J 398 -5.46 45.70 -16.99
CA SER J 398 -5.91 46.27 -18.25
C SER J 398 -7.42 46.46 -18.27
N VAL J 399 -8.17 45.48 -17.75
CA VAL J 399 -9.62 45.59 -17.76
C VAL J 399 -10.08 46.73 -16.87
N THR J 400 -9.59 46.78 -15.63
CA THR J 400 -10.10 47.77 -14.68
C THR J 400 -9.65 49.18 -15.07
N ARG J 401 -8.42 49.32 -15.58
CA ARG J 401 -7.93 50.64 -15.95
C ARG J 401 -8.74 51.25 -17.08
N GLY J 402 -9.47 50.43 -17.84
CA GLY J 402 -10.28 50.94 -18.93
C GLY J 402 -9.47 51.48 -20.09
N ASN J 403 -8.26 50.96 -20.30
CA ASN J 403 -7.39 51.42 -21.38
C ASN J 403 -7.11 52.91 -21.24
N LYS K 14 44.18 55.84 12.06
CA LYS K 14 44.92 55.05 13.04
C LYS K 14 46.29 54.66 12.48
N TYR K 15 46.27 53.95 11.36
CA TYR K 15 47.48 53.48 10.70
C TYR K 15 47.59 54.16 9.34
N GLY K 16 48.79 54.67 9.03
CA GLY K 16 49.02 55.25 7.73
C GLY K 16 49.11 54.21 6.64
N SER K 17 49.04 54.67 5.41
CA SER K 17 49.12 53.79 4.25
C SER K 17 50.57 53.56 3.86
N PHE K 18 50.88 52.32 3.48
CA PHE K 18 52.22 51.97 3.04
C PHE K 18 52.40 52.37 1.58
N SER K 19 53.34 53.27 1.31
CA SER K 19 53.66 53.61 -0.07
C SER K 19 54.37 52.42 -0.73
N GLU K 20 54.12 52.27 -2.03
CA GLU K 20 54.60 51.09 -2.74
C GLU K 20 56.12 50.94 -2.61
N ASP K 21 56.86 52.00 -2.95
CA ASP K 21 58.32 51.92 -2.89
C ASP K 21 58.78 51.69 -1.45
N SER K 22 58.18 52.43 -0.50
CA SER K 22 58.54 52.25 0.90
C SER K 22 58.20 50.84 1.37
N LEU K 23 57.05 50.32 0.94
CA LEU K 23 56.67 48.96 1.33
C LEU K 23 57.70 47.95 0.84
N TYR K 24 58.07 48.04 -0.44
CA TYR K 24 59.06 47.11 -0.98
C TYR K 24 60.39 47.24 -0.25
N SER K 25 60.82 48.47 0.01
CA SER K 25 62.09 48.70 0.69
C SER K 25 62.06 48.09 2.09
N LEU K 26 60.98 48.28 2.83
CA LEU K 26 60.91 47.74 4.18
C LEU K 26 60.86 46.21 4.15
N LEU K 27 60.13 45.63 3.20
CA LEU K 27 60.11 44.17 3.09
C LEU K 27 61.51 43.63 2.87
N VAL K 28 62.23 44.20 1.90
CA VAL K 28 63.57 43.70 1.61
C VAL K 28 64.48 43.94 2.81
N ALA K 29 64.30 45.05 3.51
CA ALA K 29 65.13 45.33 4.69
C ALA K 29 64.89 44.28 5.77
N GLU K 30 63.63 43.97 6.06
CA GLU K 30 63.34 42.97 7.08
C GLU K 30 63.88 41.61 6.69
N LEU K 31 63.70 41.22 5.43
CA LEU K 31 64.20 39.92 5.00
C LEU K 31 65.71 39.87 5.10
N ALA K 32 66.40 40.92 4.66
CA ALA K 32 67.86 40.95 4.76
C ALA K 32 68.30 40.86 6.22
N GLY K 33 67.62 41.60 7.11
CA GLY K 33 67.94 41.50 8.52
C GLY K 33 67.77 40.08 9.03
N GLN K 34 66.77 39.37 8.53
CA GLN K 34 66.64 37.95 8.86
C GLN K 34 67.83 37.15 8.36
N ARG K 35 68.28 37.40 7.14
CA ARG K 35 69.35 36.62 6.53
C ARG K 35 70.74 37.01 7.04
N ASN K 36 70.82 37.81 8.10
CA ASN K 36 72.06 38.22 8.75
C ASN K 36 72.81 39.29 7.97
N ARG K 37 72.36 39.67 6.78
CA ARG K 37 73.01 40.74 6.02
C ARG K 37 72.50 42.09 6.55
N PHE K 38 72.85 42.36 7.81
CA PHE K 38 72.31 43.52 8.50
C PHE K 38 72.73 44.84 7.85
N ASP K 39 73.78 44.85 7.03
CA ASP K 39 74.21 46.10 6.42
C ASP K 39 73.14 46.65 5.48
N ILE K 40 72.63 45.81 4.58
CA ILE K 40 71.58 46.24 3.67
C ILE K 40 70.35 46.65 4.45
N ALA K 41 70.00 45.89 5.48
CA ALA K 41 68.84 46.22 6.28
C ALA K 41 69.00 47.60 6.91
N LEU K 42 70.16 47.89 7.49
CA LEU K 42 70.37 49.17 8.13
C LEU K 42 70.32 50.30 7.11
N SER K 43 70.96 50.12 5.96
CA SER K 43 70.95 51.18 4.95
C SER K 43 69.53 51.46 4.48
N ASN K 44 68.77 50.41 4.17
CA ASN K 44 67.39 50.60 3.72
C ASN K 44 66.56 51.25 4.80
N TYR K 45 66.73 50.82 6.05
CA TYR K 45 65.94 51.39 7.14
C TYR K 45 66.22 52.87 7.31
N VAL K 46 67.50 53.27 7.29
CA VAL K 46 67.81 54.69 7.47
C VAL K 46 67.29 55.51 6.30
N VAL K 47 67.47 55.00 5.07
CA VAL K 47 67.00 55.74 3.91
C VAL K 47 65.49 55.92 3.98
N GLN K 48 64.77 54.85 4.32
CA GLN K 48 63.31 54.92 4.37
C GLN K 48 62.84 55.81 5.51
N ALA K 49 63.54 55.79 6.65
CA ALA K 49 63.18 56.67 7.75
C ALA K 49 63.35 58.12 7.35
N GLN K 50 64.44 58.44 6.65
CA GLN K 50 64.62 59.80 6.16
C GLN K 50 63.52 60.18 5.17
N LYS K 51 63.16 59.25 4.29
CA LYS K 51 62.16 59.56 3.27
C LYS K 51 60.75 59.65 3.85
N THR K 52 60.51 59.03 5.00
CA THR K 52 59.16 58.89 5.53
C THR K 52 58.93 59.66 6.82
N ARG K 53 59.98 60.05 7.55
CA ARG K 53 59.85 60.75 8.82
C ARG K 53 58.74 60.14 9.68
N ASP K 54 58.66 58.80 9.69
CA ASP K 54 57.65 58.10 10.47
C ASP K 54 58.25 57.68 11.80
N PRO K 55 57.67 58.05 12.95
CA PRO K 55 58.30 57.71 14.23
C PRO K 55 58.62 56.23 14.41
N GLY K 56 57.71 55.33 14.01
CA GLY K 56 57.97 53.92 14.22
C GLY K 56 59.15 53.43 13.40
N VAL K 57 59.19 53.78 12.12
CA VAL K 57 60.29 53.35 11.27
C VAL K 57 61.60 53.97 11.74
N SER K 58 61.56 55.24 12.13
CA SER K 58 62.77 55.90 12.62
C SER K 58 63.29 55.21 13.88
N GLU K 59 62.39 54.87 14.80
CA GLU K 59 62.82 54.19 16.02
C GLU K 59 63.41 52.82 15.70
N ARG K 60 62.77 52.07 14.78
CA ARG K 60 63.32 50.77 14.41
C ARG K 60 64.70 50.92 13.80
N ALA K 61 64.87 51.91 12.92
CA ALA K 61 66.18 52.13 12.31
C ALA K 61 67.21 52.52 13.37
N PHE K 62 66.81 53.35 14.34
CA PHE K 62 67.72 53.74 15.41
C PHE K 62 68.16 52.53 16.21
N ARG K 63 67.23 51.65 16.55
CA ARG K 63 67.59 50.44 17.29
C ARG K 63 68.52 49.56 16.47
N ILE K 64 68.26 49.43 15.17
CA ILE K 64 69.13 48.63 14.32
C ILE K 64 70.53 49.22 14.29
N ALA K 65 70.63 50.55 14.16
CA ALA K 65 71.93 51.20 14.14
C ALA K 65 72.65 50.99 15.46
N GLU K 66 71.94 51.12 16.58
CA GLU K 66 72.56 50.88 17.88
C GLU K 66 73.10 49.46 17.97
N TYR K 67 72.33 48.48 17.49
CA TYR K 67 72.80 47.10 17.51
C TYR K 67 74.04 46.94 16.64
N LEU K 68 74.06 47.59 15.47
CA LEU K 68 75.22 47.51 14.60
C LEU K 68 76.41 48.30 15.13
N GLY K 69 76.19 49.18 16.11
CA GLY K 69 77.25 49.97 16.68
C GLY K 69 77.62 51.22 15.90
N ALA K 70 76.98 51.48 14.78
CA ALA K 70 77.26 52.69 14.01
C ALA K 70 76.85 53.93 14.80
N ASP K 71 77.60 55.01 14.59
CA ASP K 71 77.38 56.25 15.34
C ASP K 71 76.69 57.32 14.48
N GLN K 72 77.26 57.67 13.33
CA GLN K 72 76.68 58.74 12.53
C GLN K 72 75.27 58.38 12.08
N GLU K 73 75.05 57.13 11.64
CA GLU K 73 73.70 56.70 11.34
C GLU K 73 72.84 56.73 12.59
N ALA K 74 73.41 56.34 13.74
CA ALA K 74 72.66 56.41 14.99
C ALA K 74 72.28 57.85 15.32
N LEU K 75 73.21 58.79 15.14
CA LEU K 75 72.89 60.19 15.38
C LEU K 75 71.77 60.66 14.47
N ASP K 76 71.86 60.34 13.19
CA ASP K 76 70.83 60.77 12.25
C ASP K 76 69.47 60.18 12.62
N THR K 77 69.44 58.89 12.94
CA THR K 77 68.18 58.25 13.29
C THR K 77 67.60 58.83 14.57
N SER K 78 68.45 59.09 15.57
CA SER K 78 67.96 59.67 16.82
C SER K 78 67.39 61.06 16.58
N LEU K 79 68.09 61.89 15.79
CA LEU K 79 67.57 63.22 15.50
C LEU K 79 66.24 63.13 14.76
N LEU K 80 66.14 62.24 13.78
CA LEU K 80 64.90 62.09 13.03
C LEU K 80 63.77 61.64 13.94
N TRP K 81 64.03 60.67 14.82
CA TRP K 81 63.01 60.20 15.73
C TRP K 81 62.55 61.29 16.68
N ALA K 82 63.50 62.05 17.23
CA ALA K 82 63.14 63.13 18.14
C ALA K 82 62.31 64.19 17.44
N ARG K 83 62.73 64.60 16.24
CA ARG K 83 61.98 65.61 15.51
C ARG K 83 60.59 65.11 15.13
N SER K 84 60.49 63.84 14.73
CA SER K 84 59.20 63.28 14.34
C SER K 84 58.32 63.00 15.54
N ALA K 85 58.90 62.59 16.67
CA ALA K 85 58.15 62.24 17.87
C ALA K 85 58.76 62.97 19.07
N PRO K 86 58.66 64.30 19.09
CA PRO K 86 59.13 65.04 20.27
C PRO K 86 58.37 64.70 21.53
N ASP K 87 57.11 64.27 21.41
CA ASP K 87 56.30 63.97 22.58
C ASP K 87 56.91 62.82 23.39
N ASN K 88 57.35 61.76 22.70
CA ASN K 88 57.89 60.61 23.40
C ASN K 88 59.14 60.99 24.19
N LEU K 89 59.17 60.60 25.46
CA LEU K 89 60.31 60.91 26.31
C LEU K 89 61.51 60.04 25.97
N ASP K 90 61.27 58.81 25.51
CA ASP K 90 62.37 57.95 25.09
C ASP K 90 63.14 58.59 23.94
N ALA K 91 62.42 59.17 22.98
CA ALA K 91 63.08 59.87 21.89
C ALA K 91 63.93 61.03 22.41
N GLN K 92 63.39 61.80 23.36
CA GLN K 92 64.14 62.92 23.91
C GLN K 92 65.42 62.43 24.58
N ARG K 93 65.32 61.37 25.38
CA ARG K 93 66.51 60.85 26.05
C ARG K 93 67.54 60.34 25.05
N ALA K 94 67.07 59.61 24.04
CA ALA K 94 68.00 59.08 23.03
C ALA K 94 68.70 60.21 22.29
N ALA K 95 67.95 61.23 21.88
CA ALA K 95 68.55 62.36 21.19
C ALA K 95 69.53 63.09 22.09
N ALA K 96 69.17 63.27 23.37
CA ALA K 96 70.06 63.96 24.29
C ALA K 96 71.38 63.22 24.44
N ILE K 97 71.33 61.91 24.64
CA ILE K 97 72.56 61.15 24.80
C ILE K 97 73.37 61.17 23.51
N GLN K 98 72.71 61.00 22.36
CA GLN K 98 73.42 60.98 21.09
C GLN K 98 74.12 62.31 20.82
N LEU K 99 73.44 63.42 21.12
CA LEU K 99 74.02 64.74 20.89
C LEU K 99 75.09 65.09 21.92
N ALA K 100 74.94 64.60 23.16
CA ALA K 100 76.02 64.76 24.13
C ALA K 100 77.26 64.02 23.67
N ARG K 101 77.08 62.83 23.09
CA ARG K 101 78.20 62.14 22.46
C ARG K 101 78.76 62.95 21.30
N ALA K 102 77.88 63.56 20.51
CA ALA K 102 78.33 64.34 19.35
C ALA K 102 79.12 65.56 19.80
N GLY K 103 78.57 66.34 20.72
CA GLY K 103 79.28 67.51 21.23
C GLY K 103 78.40 68.72 21.48
N ARG K 104 77.17 68.69 20.96
CA ARG K 104 76.24 69.81 21.13
C ARG K 104 75.34 69.54 22.33
N TYR K 105 75.15 70.56 23.16
CA TYR K 105 74.43 70.42 24.42
C TYR K 105 73.14 71.21 24.49
N GLU K 106 73.02 72.33 23.76
CA GLU K 106 71.86 73.19 23.93
C GLU K 106 70.57 72.44 23.59
N GLU K 107 70.56 71.69 22.49
CA GLU K 107 69.41 70.84 22.20
C GLU K 107 69.31 69.71 23.21
N SER K 108 70.44 69.20 23.68
CA SER K 108 70.40 68.25 24.77
C SER K 108 69.83 68.89 26.03
N MET K 109 70.14 70.16 26.27
CA MET K 109 69.57 70.87 27.41
C MET K 109 68.05 70.99 27.27
N VAL K 110 67.56 71.30 26.08
CA VAL K 110 66.12 71.37 25.87
C VAL K 110 65.48 70.01 26.08
N TYR K 111 66.14 68.94 25.61
CA TYR K 111 65.61 67.60 25.82
C TYR K 111 65.57 67.24 27.30
N MET K 112 66.60 67.62 28.05
CA MET K 112 66.58 67.39 29.50
C MET K 112 65.47 68.20 30.17
N GLU K 113 65.23 69.41 29.70
CA GLU K 113 64.11 70.19 30.24
C GLU K 113 62.78 69.50 29.96
N LYS K 114 62.62 68.97 28.76
CA LYS K 114 61.40 68.23 28.44
C LYS K 114 61.25 67.01 29.33
N VAL K 115 62.34 66.29 29.57
CA VAL K 115 62.31 65.14 30.46
C VAL K 115 61.90 65.58 31.86
N LEU K 116 62.44 66.70 32.32
CA LEU K 116 62.07 67.23 33.64
C LEU K 116 60.58 67.54 33.69
N ASN K 117 60.03 68.10 32.61
CA ASN K 117 58.59 68.33 32.55
C ASN K 117 57.83 67.04 32.79
N GLY K 118 58.31 65.93 32.24
CA GLY K 118 57.75 64.63 32.53
C GLY K 118 58.37 64.01 33.77
N GLN K 119 57.98 62.77 34.04
CA GLN K 119 58.48 62.03 35.20
C GLN K 119 59.75 61.29 34.79
N GLY K 120 60.84 62.05 34.70
CA GLY K 120 62.12 61.50 34.33
C GLY K 120 63.25 62.21 35.04
N ASP K 121 64.43 61.57 35.01
CA ASP K 121 65.61 62.11 35.67
C ASP K 121 65.95 63.50 35.12
N UNK L 1 53.10 22.82 22.98
CA UNK L 1 53.64 22.75 21.62
C UNK L 1 53.55 21.34 21.06
N UNK L 2 52.79 20.47 21.73
CA UNK L 2 52.64 19.11 21.27
C UNK L 2 52.07 19.08 19.86
N UNK L 3 52.65 18.24 19.01
CA UNK L 3 52.24 18.18 17.62
C UNK L 3 50.78 17.78 17.51
N UNK L 4 49.96 18.69 17.01
CA UNK L 4 48.53 18.48 16.85
C UNK L 4 48.26 18.15 15.38
N UNK L 5 47.63 16.99 15.14
CA UNK L 5 47.32 16.52 13.79
C UNK L 5 45.83 16.56 13.48
N UNK L 6 45.02 17.17 14.34
CA UNK L 6 43.58 17.22 14.10
C UNK L 6 43.29 17.99 12.82
N UNK L 7 42.33 17.48 12.05
CA UNK L 7 41.95 18.12 10.80
C UNK L 7 41.08 19.35 11.06
#